data_6CIQ
#
_entry.id   6CIQ
#
_cell.length_a   337.710
_cell.length_b   106.993
_cell.length_c   120.465
_cell.angle_alpha   90.00
_cell.angle_beta   109.85
_cell.angle_gamma   90.00
#
_symmetry.space_group_name_H-M   'C 1 2 1'
#
loop_
_entity.id
_entity.type
_entity.pdbx_description
1 polymer 'PYRUVATE-FERREDOXIN OXIDOREDUCTASE'
2 non-polymer 'IRON/SULFUR CLUSTER'
3 non-polymer 'THIAMINE DIPHOSPHATE'
4 non-polymer 'MAGNESIUM ION'
5 non-polymer 'COENZYME A'
6 water water
#
_entity_poly.entity_id   1
_entity_poly.type   'polypeptide(L)'
_entity_poly.pdbx_seq_one_letter_code
;MPKQTLDGNTAAAHVAYAMSEVATIYPITPSSPMAEIADEWAAHGRKNIFGKTLQVAEMQSEAGAAGAVHGSLAAGALTT
TFTASQGLLLMIPNMYKIAGELLPCVFHVAARALSTHALSIFGDHADVMAARQTGFAMLSSASVQEVMDLALVAHLATLK
ARVPFVHFFDGFRTSHEVQKIDVIEYEDMAKLVDWDAIRAFRQRALNPEHPHQRGTAQNPDIYFQSREAANPYYLATPGI
VAQVMEQVAGLTGRHYHLFDYAGAPDAERVIVSMGSSCEVIEETVNYLVEKGEKVGLIKVRLFRPFSAEHFLKVLPASVK
RIAVLDRTKEPGSLGEPLYEDVQTVLAEHGKNILVVGGRYGLGSKEFNPSMVKAVFDNLAATTPKNKFTVGITDDVTHTS
LEIKEHIDTSPKGTFRCKFFGLGSDGTVGANKNSIKIIGDHTDMYAQGYFVYDSKKSGGVTISHLRFGKQPIQSAYLIDQ
ADLIACHNPSYVGRYNLLEGIKPGGIFLLNSTWSAEEMDSRLPADMKRTIATKKLKFYNIDAVKIAQEIGLGSRINVIMQ
TAFFKIANVIPVDEAIKYIKDSIVKTYGKKGDKILNMNFAAVDRALEALEEIKYPASWADAVDEAAATVTEEPEFIQKVL
RPINALKGDELPVSTFTPDGVFPVGTTKYEKRGIAVNIPQWQPENCIQCNQCSLVCPHAAIRPYLAKPADLAGAPETFVT
KDAIGKEAAGLKFRIQVSPLDCTGCGNCADVCPAKVKALTMVPLEEVTAVEEANYNFAEQLPEVKVNFNPATVKGSQFRQ
PLLEFSGACAGCGETPYVKLVTQLFGDRMIIANATGCSSIWGGSAPACPYTVNRQGHGPAWASSLFEDNAEFGYGMALAV
AKRQDELATAISKALEAPVSAAFKAACEGWLAGKDDADRSREYGDRIKALLPGEISQASGEVKDLLLDIDRQKDYLTKKS
IWIIGGDGWAYDIGYGGLDHVLASGANVNVLVLDTEVYSNTGGQSSKATQTGAVARFAAGGKFTKKKDLGLMAMSYGYVY
VASVAMGASHSQLMKALIEAEKYDGPSLIIAYAPCINHGINMTYSQREAKKAVEAGYWPLYRYNPQLAQEGKNPFILDYK
TPTASFRDFLMGEIRYTSLKKQFPEKAEQLFAKAEADAKARLEQYKKLAEG
;
_entity_poly.pdbx_strand_id   A,B,C
#
loop_
_chem_comp.id
_chem_comp.type
_chem_comp.name
_chem_comp.formula
COA non-polymer 'COENZYME A' 'C21 H36 N7 O16 P3 S'
MG non-polymer 'MAGNESIUM ION' 'Mg 2'
SF4 non-polymer 'IRON/SULFUR CLUSTER' 'Fe4 S4'
TPP non-polymer 'THIAMINE DIPHOSPHATE' 'C12 H19 N4 O7 P2 S 1'
#
# COMPACT_ATOMS: atom_id res chain seq x y z
N PRO A 2 -16.16 4.74 11.72
CA PRO A 2 -16.46 5.22 10.37
C PRO A 2 -16.73 6.71 10.35
N LYS A 3 -16.72 7.33 9.18
CA LYS A 3 -17.07 8.74 9.04
C LYS A 3 -18.49 8.84 8.53
N GLN A 4 -19.33 9.55 9.27
CA GLN A 4 -20.71 9.82 8.86
C GLN A 4 -21.02 11.28 9.09
N THR A 5 -21.92 11.83 8.28
CA THR A 5 -22.34 13.22 8.43
C THR A 5 -23.59 13.22 9.31
N LEU A 6 -23.44 13.73 10.53
CA LEU A 6 -24.51 13.75 11.50
C LEU A 6 -24.69 15.16 12.02
N ASP A 7 -25.73 15.33 12.82
CA ASP A 7 -25.92 16.51 13.63
C ASP A 7 -25.64 16.18 15.09
N GLY A 8 -25.58 17.21 15.91
CA GLY A 8 -25.27 17.01 17.32
C GLY A 8 -26.26 16.09 18.00
N ASN A 9 -27.55 16.25 17.71
CA ASN A 9 -28.57 15.43 18.34
C ASN A 9 -28.36 13.96 18.04
N THR A 10 -28.13 13.63 16.77
CA THR A 10 -27.93 12.22 16.42
C THR A 10 -26.65 11.69 17.05
N ALA A 11 -25.60 12.51 17.08
CA ALA A 11 -24.36 12.10 17.72
C ALA A 11 -24.56 11.80 19.20
N ALA A 12 -25.37 12.61 19.88
CA ALA A 12 -25.68 12.34 21.29
C ALA A 12 -26.56 11.10 21.42
N ALA A 13 -27.61 11.02 20.59
CA ALA A 13 -28.50 9.86 20.64
C ALA A 13 -27.75 8.58 20.31
N HIS A 14 -26.77 8.66 19.41
CA HIS A 14 -25.96 7.49 19.08
C HIS A 14 -25.32 6.90 20.32
N VAL A 15 -24.63 7.73 21.11
CA VAL A 15 -23.97 7.22 22.30
C VAL A 15 -24.99 6.84 23.35
N ALA A 16 -26.02 7.68 23.54
CA ALA A 16 -27.00 7.44 24.59
C ALA A 16 -27.76 6.13 24.36
N TYR A 17 -28.10 5.82 23.11
CA TYR A 17 -28.80 4.57 22.82
C TYR A 17 -27.95 3.37 23.20
N ALA A 18 -26.64 3.44 22.93
CA ALA A 18 -25.76 2.31 23.20
C ALA A 18 -25.63 2.05 24.70
N MET A 19 -25.64 3.10 25.51
CA MET A 19 -25.29 2.98 26.92
C MET A 19 -26.48 2.88 27.86
N SER A 20 -27.71 2.94 27.33
CA SER A 20 -28.89 3.03 28.18
C SER A 20 -29.86 1.89 27.86
N GLU A 21 -30.58 1.45 28.89
CA GLU A 21 -31.62 0.43 28.74
C GLU A 21 -33.02 1.03 28.63
N VAL A 22 -33.29 2.09 29.39
CA VAL A 22 -34.57 2.78 29.36
C VAL A 22 -34.30 4.26 29.13
N ALA A 23 -35.20 4.91 28.39
CA ALA A 23 -35.10 6.35 28.14
C ALA A 23 -36.50 6.94 28.16
N THR A 24 -36.83 7.64 29.23
CA THR A 24 -38.11 8.34 29.32
C THR A 24 -37.94 9.75 28.78
N ILE A 25 -38.83 10.15 27.88
CA ILE A 25 -38.67 11.38 27.12
C ILE A 25 -39.98 12.16 27.08
N TYR A 26 -39.86 13.44 26.72
CA TYR A 26 -40.99 14.34 26.49
C TYR A 26 -40.47 15.35 25.49
N PRO A 27 -41.24 15.66 24.43
CA PRO A 27 -40.70 16.44 23.32
C PRO A 27 -40.58 17.93 23.63
N ILE A 28 -39.44 18.49 23.24
CA ILE A 28 -39.26 19.95 23.27
C ILE A 28 -38.12 20.31 22.33
N THR A 29 -38.36 21.27 21.44
CA THR A 29 -37.32 21.76 20.55
C THR A 29 -36.22 22.42 21.37
N PRO A 30 -34.94 22.25 21.01
CA PRO A 30 -34.43 21.44 19.90
C PRO A 30 -33.90 20.08 20.35
N SER A 31 -34.38 19.58 21.49
CA SER A 31 -33.88 18.30 22.00
C SER A 31 -34.73 17.12 21.54
N SER A 32 -35.96 17.35 21.11
CA SER A 32 -36.82 16.24 20.73
C SER A 32 -36.28 15.36 19.59
N PRO A 33 -35.51 15.86 18.60
CA PRO A 33 -34.92 14.95 17.61
C PRO A 33 -34.10 13.81 18.20
N MET A 34 -33.46 14.01 19.35
CA MET A 34 -32.74 12.91 19.99
C MET A 34 -33.69 11.77 20.33
N ALA A 35 -34.85 12.10 20.90
CA ALA A 35 -35.80 11.06 21.26
C ALA A 35 -36.51 10.52 20.04
N GLU A 36 -36.67 11.33 18.99
CA GLU A 36 -37.32 10.88 17.78
C GLU A 36 -36.51 9.78 17.10
N ILE A 37 -35.20 9.99 16.96
CA ILE A 37 -34.36 9.01 16.29
C ILE A 37 -34.12 7.80 17.19
N ALA A 38 -34.15 7.99 18.52
CA ALA A 38 -34.04 6.86 19.44
C ALA A 38 -35.29 5.99 19.38
N ASP A 39 -36.45 6.59 19.16
CA ASP A 39 -37.66 5.80 18.99
C ASP A 39 -37.63 5.01 17.68
N GLU A 40 -37.13 5.63 16.61
CA GLU A 40 -37.06 4.94 15.33
C GLU A 40 -36.10 3.76 15.37
N TRP A 41 -34.94 3.94 16.00
CA TRP A 41 -33.99 2.84 16.12
C TRP A 41 -34.59 1.65 16.87
N ALA A 42 -35.32 1.91 17.95
CA ALA A 42 -35.96 0.82 18.69
C ALA A 42 -36.97 0.10 17.83
N ALA A 43 -37.73 0.83 17.00
CA ALA A 43 -38.69 0.20 16.12
C ALA A 43 -38.02 -0.71 15.10
N HIS A 44 -36.80 -0.38 14.69
CA HIS A 44 -36.04 -1.20 13.76
C HIS A 44 -35.05 -2.12 14.45
N GLY A 45 -35.07 -2.18 15.78
CA GLY A 45 -34.38 -3.22 16.50
C GLY A 45 -32.89 -3.02 16.69
N ARG A 46 -32.42 -1.78 16.75
CA ARG A 46 -31.01 -1.54 17.05
C ARG A 46 -30.70 -2.03 18.45
N LYS A 47 -29.59 -2.75 18.59
CA LYS A 47 -29.18 -3.29 19.87
C LYS A 47 -28.15 -2.39 20.54
N ASN A 48 -28.28 -2.20 21.85
CA ASN A 48 -27.30 -1.46 22.63
C ASN A 48 -26.21 -2.41 23.10
N ILE A 49 -25.28 -1.92 23.93
CA ILE A 49 -24.20 -2.79 24.38
C ILE A 49 -24.68 -3.92 25.28
N PHE A 50 -25.97 -3.94 25.63
CA PHE A 50 -26.56 -5.04 26.39
C PHE A 50 -27.34 -6.00 25.51
N GLY A 51 -27.29 -5.83 24.19
CA GLY A 51 -27.92 -6.76 23.29
C GLY A 51 -29.42 -6.63 23.17
N LYS A 52 -30.01 -5.58 23.74
CA LYS A 52 -31.45 -5.40 23.73
C LYS A 52 -31.79 -4.07 23.06
N THR A 53 -33.07 -3.89 22.77
CA THR A 53 -33.54 -2.63 22.21
C THR A 53 -33.88 -1.66 23.34
N LEU A 54 -33.62 -0.37 23.09
CA LEU A 54 -33.93 0.65 24.08
C LEU A 54 -35.44 0.82 24.21
N GLN A 55 -35.91 0.89 25.45
CA GLN A 55 -37.33 1.11 25.72
C GLN A 55 -37.58 2.60 25.90
N VAL A 56 -38.38 3.16 25.00
CA VAL A 56 -38.70 4.59 25.00
C VAL A 56 -40.08 4.75 25.61
N ALA A 57 -40.16 5.58 26.66
CA ALA A 57 -41.42 5.85 27.34
C ALA A 57 -41.68 7.34 27.29
N GLU A 58 -42.79 7.72 26.67
CA GLU A 58 -43.21 9.12 26.63
C GLU A 58 -44.13 9.39 27.81
N MET A 59 -43.86 10.46 28.54
CA MET A 59 -44.64 10.82 29.71
C MET A 59 -45.57 11.99 29.40
N GLN A 60 -46.30 12.42 30.43
CA GLN A 60 -47.23 13.53 30.30
C GLN A 60 -46.53 14.88 30.44
N SER A 61 -45.27 14.89 30.86
CA SER A 61 -44.48 16.10 30.99
C SER A 61 -43.04 15.68 31.24
N GLU A 62 -42.14 16.68 31.24
CA GLU A 62 -40.76 16.40 31.63
C GLU A 62 -40.65 16.09 33.12
N ALA A 63 -41.56 16.66 33.93
CA ALA A 63 -41.60 16.31 35.34
C ALA A 63 -41.91 14.83 35.53
N GLY A 64 -42.85 14.30 34.74
CA GLY A 64 -43.10 12.86 34.76
C GLY A 64 -41.93 12.04 34.26
N ALA A 65 -41.21 12.56 33.27
CA ALA A 65 -40.03 11.88 32.77
C ALA A 65 -38.95 11.77 33.83
N ALA A 66 -38.69 12.87 34.55
CA ALA A 66 -37.65 12.87 35.58
C ALA A 66 -37.99 11.90 36.69
N GLY A 67 -39.25 11.86 37.12
CA GLY A 67 -39.64 10.91 38.15
C GLY A 67 -39.46 9.46 37.73
N ALA A 68 -39.77 9.16 36.46
CA ALA A 68 -39.61 7.80 35.95
C ALA A 68 -38.14 7.41 35.86
N VAL A 69 -37.27 8.34 35.47
CA VAL A 69 -35.84 8.08 35.49
C VAL A 69 -35.39 7.71 36.90
N HIS A 70 -35.83 8.50 37.90
CA HIS A 70 -35.46 8.24 39.27
C HIS A 70 -35.93 6.87 39.74
N GLY A 71 -37.17 6.52 39.42
CA GLY A 71 -37.67 5.20 39.77
C GLY A 71 -36.96 4.09 39.01
N SER A 72 -36.74 4.27 37.71
CA SER A 72 -36.07 3.25 36.91
C SER A 72 -34.64 3.05 37.38
N LEU A 73 -33.94 4.13 37.70
CA LEU A 73 -32.57 4.02 38.21
C LEU A 73 -32.56 3.31 39.57
N ALA A 74 -33.45 3.73 40.48
CA ALA A 74 -33.48 3.14 41.81
C ALA A 74 -33.90 1.67 41.76
N ALA A 75 -34.57 1.23 40.70
CA ALA A 75 -35.01 -0.14 40.59
C ALA A 75 -34.03 -1.02 39.84
N GLY A 76 -32.99 -0.45 39.26
CA GLY A 76 -31.89 -1.20 38.70
C GLY A 76 -31.72 -1.18 37.18
N ALA A 77 -32.22 -0.17 36.48
CA ALA A 77 -32.06 -0.06 35.04
C ALA A 77 -31.33 1.23 34.70
N LEU A 78 -30.29 1.13 33.88
CA LEU A 78 -29.58 2.32 33.43
C LEU A 78 -30.49 3.15 32.54
N THR A 79 -30.73 4.40 32.92
CA THR A 79 -31.72 5.24 32.28
C THR A 79 -31.12 6.58 31.91
N THR A 80 -31.60 7.12 30.78
CA THR A 80 -31.21 8.42 30.27
C THR A 80 -32.46 9.20 29.88
N THR A 81 -32.27 10.45 29.47
CA THR A 81 -33.37 11.26 28.97
C THR A 81 -32.81 12.41 28.15
N PHE A 82 -33.68 13.04 27.36
CA PHE A 82 -33.30 14.16 26.54
C PHE A 82 -34.32 15.27 26.76
N THR A 83 -33.84 16.49 26.95
CA THR A 83 -34.71 17.61 27.26
C THR A 83 -33.92 18.90 27.02
N ALA A 84 -34.56 20.03 27.34
CA ALA A 84 -33.95 21.35 27.17
C ALA A 84 -34.89 22.39 27.77
N SER A 85 -34.31 23.53 28.12
CA SER A 85 -35.04 24.79 28.37
C SER A 85 -36.13 24.56 29.42
N GLN A 86 -37.38 24.91 29.14
CA GLN A 86 -38.45 24.77 30.12
C GLN A 86 -38.58 23.33 30.60
N GLY A 87 -38.26 22.37 29.73
CA GLY A 87 -38.33 20.97 30.13
C GLY A 87 -37.31 20.64 31.19
N LEU A 88 -36.09 21.16 31.06
CA LEU A 88 -35.07 20.91 32.07
C LEU A 88 -35.47 21.49 33.42
N LEU A 89 -36.12 22.67 33.42
CA LEU A 89 -36.58 23.26 34.68
C LEU A 89 -37.54 22.34 35.41
N LEU A 90 -38.49 21.73 34.69
CA LEU A 90 -39.44 20.80 35.29
C LEU A 90 -38.78 19.52 35.78
N MET A 91 -37.55 19.24 35.38
CA MET A 91 -36.81 18.11 35.92
C MET A 91 -35.96 18.46 37.14
N ILE A 92 -35.77 19.75 37.41
CA ILE A 92 -34.85 20.16 38.48
C ILE A 92 -35.23 19.59 39.84
N PRO A 93 -36.52 19.53 40.25
CA PRO A 93 -36.81 18.93 41.56
C PRO A 93 -36.33 17.49 41.68
N ASN A 94 -36.51 16.68 40.63
CA ASN A 94 -36.03 15.29 40.67
C ASN A 94 -34.52 15.21 40.55
N MET A 95 -33.88 16.21 39.95
CA MET A 95 -32.43 16.19 39.81
C MET A 95 -31.75 16.24 41.17
N TYR A 96 -32.32 16.97 42.13
CA TYR A 96 -31.78 16.98 43.48
C TYR A 96 -31.79 15.59 44.09
N LYS A 97 -32.87 14.82 43.86
CA LYS A 97 -32.95 13.47 44.39
C LYS A 97 -31.97 12.55 43.68
N ILE A 98 -31.91 12.63 42.34
CA ILE A 98 -31.04 11.74 41.58
C ILE A 98 -29.58 11.99 41.93
N ALA A 99 -29.17 13.26 42.01
CA ALA A 99 -27.80 13.56 42.43
C ALA A 99 -27.59 13.23 43.90
N GLY A 100 -28.58 13.54 44.74
CA GLY A 100 -28.42 13.28 46.17
C GLY A 100 -28.30 11.81 46.52
N GLU A 101 -28.95 10.95 45.75
CA GLU A 101 -28.88 9.51 45.98
C GLU A 101 -27.75 8.84 45.21
N LEU A 102 -26.92 9.63 44.53
CA LEU A 102 -25.74 9.13 43.83
C LEU A 102 -26.11 8.00 42.85
N LEU A 103 -27.02 8.33 41.94
CA LEU A 103 -27.38 7.37 40.91
C LEU A 103 -26.70 7.72 39.62
N PRO A 104 -26.06 6.76 38.94
CA PRO A 104 -25.42 7.07 37.66
C PRO A 104 -26.47 7.34 36.59
N CYS A 105 -26.28 8.45 35.87
CA CYS A 105 -27.32 8.93 34.98
C CYS A 105 -26.71 9.99 34.08
N VAL A 106 -27.29 10.15 32.88
CA VAL A 106 -26.86 11.18 31.94
C VAL A 106 -28.10 11.87 31.38
N PHE A 107 -28.20 13.19 31.58
CA PHE A 107 -29.17 14.02 30.90
C PHE A 107 -28.47 14.68 29.71
N HIS A 108 -29.00 14.47 28.50
CA HIS A 108 -28.51 15.12 27.31
C HIS A 108 -29.38 16.34 27.02
N VAL A 109 -28.78 17.52 27.02
CA VAL A 109 -29.50 18.78 26.94
C VAL A 109 -29.05 19.53 25.69
N ALA A 110 -30.00 19.89 24.83
CA ALA A 110 -29.75 20.81 23.73
C ALA A 110 -30.05 22.22 24.24
N ALA A 111 -29.03 22.86 24.83
CA ALA A 111 -29.20 24.10 25.58
C ALA A 111 -30.00 25.14 24.82
N ARG A 112 -31.11 25.58 25.43
CA ARG A 112 -32.06 26.50 24.82
C ARG A 112 -32.47 27.57 25.81
N ALA A 113 -32.75 28.77 25.30
CA ALA A 113 -33.11 29.92 26.13
C ALA A 113 -34.37 29.64 26.94
N LEU A 114 -34.48 30.33 28.07
CA LEU A 114 -35.66 30.20 28.90
C LEU A 114 -36.66 31.29 28.57
N SER A 115 -37.94 30.97 28.78
CA SER A 115 -39.02 31.91 28.52
C SER A 115 -39.03 32.96 29.61
N THR A 116 -38.71 34.20 29.25
CA THR A 116 -38.64 35.29 30.21
C THR A 116 -39.63 36.36 29.76
N HIS A 117 -39.16 37.46 29.19
CA HIS A 117 -40.09 38.40 28.56
C HIS A 117 -40.77 37.79 27.34
N ALA A 118 -40.20 36.72 26.77
CA ALA A 118 -40.75 36.10 25.57
C ALA A 118 -40.18 34.69 25.43
N LEU A 119 -40.89 33.87 24.66
CA LEU A 119 -40.43 32.52 24.35
C LEU A 119 -39.36 32.58 23.26
N SER A 120 -38.36 31.71 23.39
CA SER A 120 -37.34 31.56 22.37
C SER A 120 -36.93 30.09 22.35
N ILE A 121 -37.13 29.43 21.20
CA ILE A 121 -36.73 28.03 21.05
C ILE A 121 -35.25 27.88 20.73
N PHE A 122 -34.50 28.97 20.71
CA PHE A 122 -33.13 28.97 20.25
C PHE A 122 -32.17 28.88 21.43
N GLY A 123 -30.88 28.79 21.12
CA GLY A 123 -29.91 28.23 22.04
C GLY A 123 -29.18 29.25 22.89
N ASP A 124 -29.10 28.95 24.19
CA ASP A 124 -28.12 29.53 25.10
C ASP A 124 -28.07 28.65 26.35
N HIS A 125 -27.28 29.08 27.34
CA HIS A 125 -26.99 28.29 28.52
C HIS A 125 -27.89 28.63 29.70
N ALA A 126 -29.00 29.32 29.47
CA ALA A 126 -29.90 29.67 30.57
C ALA A 126 -30.43 28.43 31.27
N ASP A 127 -30.76 27.38 30.50
CA ASP A 127 -31.33 26.17 31.08
C ASP A 127 -30.29 25.43 31.93
N VAL A 128 -29.08 25.26 31.39
CA VAL A 128 -28.06 24.52 32.13
C VAL A 128 -27.67 25.26 33.40
N MET A 129 -27.51 26.58 33.31
CA MET A 129 -27.12 27.34 34.50
C MET A 129 -28.18 27.29 35.59
N ALA A 130 -29.45 27.14 35.22
CA ALA A 130 -30.52 27.10 36.21
C ALA A 130 -30.51 25.83 37.06
N ALA A 131 -29.74 24.82 36.67
CA ALA A 131 -29.65 23.59 37.45
C ALA A 131 -28.24 23.34 37.98
N ARG A 132 -27.35 24.33 37.93
CA ARG A 132 -25.97 24.11 38.31
C ARG A 132 -25.80 23.84 39.80
N GLN A 133 -26.86 24.01 40.60
CA GLN A 133 -26.81 23.76 42.02
C GLN A 133 -27.48 22.45 42.41
N THR A 134 -27.87 21.61 41.44
CA THR A 134 -28.54 20.35 41.74
C THR A 134 -27.59 19.25 42.20
N GLY A 135 -26.29 19.40 41.96
CA GLY A 135 -25.34 18.35 42.23
C GLY A 135 -25.01 17.48 41.05
N PHE A 136 -25.62 17.72 39.89
CA PHE A 136 -25.21 17.05 38.68
C PHE A 136 -23.85 17.56 38.24
N ALA A 137 -23.05 16.66 37.66
CA ALA A 137 -21.91 17.13 36.91
C ALA A 137 -22.39 17.77 35.60
N MET A 138 -21.55 18.63 35.03
CA MET A 138 -21.94 19.34 33.81
C MET A 138 -20.77 19.34 32.82
N LEU A 139 -21.01 18.77 31.64
CA LEU A 139 -19.99 18.60 30.61
C LEU A 139 -20.49 19.21 29.32
N SER A 140 -19.66 20.04 28.70
CA SER A 140 -20.07 20.84 27.55
C SER A 140 -19.39 20.34 26.27
N SER A 141 -20.19 20.20 25.22
CA SER A 141 -19.69 19.85 23.90
C SER A 141 -19.73 21.10 23.03
N ALA A 142 -18.66 21.36 22.30
CA ALA A 142 -18.56 22.57 21.49
C ALA A 142 -18.75 22.33 20.01
N SER A 143 -18.63 21.08 19.54
CA SER A 143 -18.75 20.76 18.13
C SER A 143 -19.48 19.43 18.00
N VAL A 144 -19.89 19.12 16.76
CA VAL A 144 -20.59 17.86 16.52
C VAL A 144 -19.70 16.68 16.86
N GLN A 145 -18.40 16.81 16.57
CA GLN A 145 -17.46 15.77 16.95
C GLN A 145 -17.40 15.62 18.47
N GLU A 146 -17.41 16.74 19.19
CA GLU A 146 -17.31 16.68 20.64
C GLU A 146 -18.60 16.20 21.28
N VAL A 147 -19.75 16.42 20.64
CA VAL A 147 -20.98 15.81 21.13
C VAL A 147 -20.84 14.29 21.14
N MET A 148 -20.27 13.74 20.07
CA MET A 148 -20.02 12.30 20.00
C MET A 148 -19.07 11.84 21.11
N ASP A 149 -17.92 12.51 21.25
CA ASP A 149 -16.90 12.06 22.17
C ASP A 149 -17.31 12.29 23.63
N LEU A 150 -17.75 13.50 23.95
CA LEU A 150 -18.01 13.83 25.35
C LEU A 150 -19.28 13.19 25.88
N ALA A 151 -20.23 12.84 25.01
CA ALA A 151 -21.35 12.01 25.47
C ALA A 151 -20.87 10.66 25.97
N LEU A 152 -19.93 10.04 25.23
CA LEU A 152 -19.34 8.79 25.71
C LEU A 152 -18.57 8.99 27.00
N VAL A 153 -17.87 10.13 27.13
CA VAL A 153 -17.14 10.41 28.36
C VAL A 153 -18.10 10.50 29.55
N ALA A 154 -19.23 11.19 29.36
CA ALA A 154 -20.19 11.36 30.43
C ALA A 154 -20.81 10.02 30.85
N HIS A 155 -21.21 9.20 29.87
CA HIS A 155 -21.80 7.90 30.19
C HIS A 155 -20.80 6.98 30.87
N LEU A 156 -19.52 7.06 30.48
CA LEU A 156 -18.52 6.22 31.13
C LEU A 156 -18.18 6.74 32.52
N ALA A 157 -18.14 8.07 32.70
CA ALA A 157 -17.72 8.63 33.98
C ALA A 157 -18.79 8.46 35.05
N THR A 158 -20.07 8.57 34.67
CA THR A 158 -21.13 8.51 35.67
C THR A 158 -21.21 7.14 36.33
N LEU A 159 -20.82 6.07 35.63
CA LEU A 159 -20.76 4.76 36.26
C LEU A 159 -19.67 4.72 37.33
N LYS A 160 -18.53 5.37 37.06
CA LYS A 160 -17.44 5.33 38.02
C LYS A 160 -17.68 6.26 39.20
N ALA A 161 -18.17 7.47 38.96
CA ALA A 161 -18.26 8.45 40.04
C ALA A 161 -19.58 8.40 40.79
N ARG A 162 -20.60 7.74 40.25
CA ARG A 162 -21.97 7.73 40.78
C ARG A 162 -22.60 9.12 40.82
N VAL A 163 -21.96 10.10 40.20
CA VAL A 163 -22.48 11.46 40.14
C VAL A 163 -23.16 11.64 38.78
N PRO A 164 -24.43 12.05 38.75
CA PRO A 164 -25.12 12.17 37.47
C PRO A 164 -24.57 13.31 36.64
N PHE A 165 -24.63 13.15 35.32
CA PHE A 165 -24.04 14.08 34.38
C PHE A 165 -25.12 14.76 33.53
N VAL A 166 -24.95 16.06 33.34
CA VAL A 166 -25.66 16.79 32.29
C VAL A 166 -24.64 17.03 31.19
N HIS A 167 -24.84 16.37 30.06
CA HIS A 167 -24.05 16.59 28.87
C HIS A 167 -24.86 17.53 27.98
N PHE A 168 -24.39 18.77 27.83
CA PHE A 168 -25.16 19.77 27.11
C PHE A 168 -24.33 20.37 25.99
N PHE A 169 -25.00 20.67 24.87
CA PHE A 169 -24.40 21.32 23.72
C PHE A 169 -25.36 22.38 23.22
N ASP A 170 -24.82 23.38 22.51
CA ASP A 170 -25.61 24.53 22.13
C ASP A 170 -26.76 24.16 21.22
N GLY A 171 -27.97 24.59 21.60
CA GLY A 171 -29.14 24.27 20.81
C GLY A 171 -29.09 24.92 19.43
N PHE A 172 -29.47 24.15 18.41
CA PHE A 172 -29.45 24.53 17.01
C PHE A 172 -28.03 24.74 16.52
N ARG A 173 -27.28 25.65 17.16
CA ARG A 173 -25.91 25.92 16.72
C ARG A 173 -25.04 24.67 16.71
N THR A 174 -25.30 23.71 17.59
CA THR A 174 -24.59 22.43 17.56
C THR A 174 -25.51 21.24 17.41
N SER A 175 -26.69 21.27 18.03
CA SER A 175 -27.63 20.16 17.93
C SER A 175 -28.16 19.98 16.51
N HIS A 176 -28.22 21.06 15.73
CA HIS A 176 -28.74 21.01 14.37
C HIS A 176 -27.69 21.28 13.31
N GLU A 177 -26.43 21.48 13.69
CA GLU A 177 -25.37 21.61 12.72
C GLU A 177 -24.94 20.24 12.22
N VAL A 178 -24.95 20.04 10.91
CA VAL A 178 -24.52 18.78 10.32
C VAL A 178 -23.03 18.88 10.00
N GLN A 179 -22.27 17.87 10.41
CA GLN A 179 -20.83 17.82 10.19
C GLN A 179 -20.40 16.39 9.90
N LYS A 180 -19.35 16.25 9.11
CA LYS A 180 -18.73 14.94 8.90
C LYS A 180 -17.81 14.64 10.07
N ILE A 181 -18.16 13.64 10.87
CA ILE A 181 -17.43 13.34 12.10
C ILE A 181 -17.05 11.87 12.15
N ASP A 182 -16.12 11.57 13.05
CA ASP A 182 -15.75 10.19 13.35
C ASP A 182 -16.74 9.61 14.34
N VAL A 183 -17.44 8.55 13.95
CA VAL A 183 -18.43 7.90 14.78
C VAL A 183 -17.78 6.75 15.52
N ILE A 184 -18.04 6.66 16.82
CA ILE A 184 -17.44 5.63 17.66
C ILE A 184 -18.35 4.40 17.67
N GLU A 185 -17.78 3.25 17.36
CA GLU A 185 -18.52 2.00 17.27
C GLU A 185 -18.98 1.52 18.64
N TYR A 186 -20.15 0.87 18.66
CA TYR A 186 -20.69 0.34 19.91
C TYR A 186 -19.73 -0.69 20.51
N GLU A 187 -19.06 -1.47 19.67
CA GLU A 187 -18.16 -2.50 20.17
C GLU A 187 -17.01 -1.90 20.96
N ASP A 188 -16.54 -0.72 20.56
CA ASP A 188 -15.46 -0.06 21.29
C ASP A 188 -15.95 0.50 22.62
N MET A 189 -17.18 1.02 22.65
CA MET A 189 -17.72 1.53 23.90
C MET A 189 -17.80 0.44 24.96
N ALA A 190 -18.35 -0.72 24.60
CA ALA A 190 -18.45 -1.82 25.57
C ALA A 190 -17.09 -2.28 26.04
N LYS A 191 -16.06 -2.09 25.22
CA LYS A 191 -14.70 -2.40 25.65
C LYS A 191 -14.15 -1.39 26.64
N LEU A 192 -14.82 -0.25 26.80
CA LEU A 192 -14.40 0.77 27.74
C LEU A 192 -15.29 0.86 28.98
N VAL A 193 -16.44 0.18 28.97
CA VAL A 193 -17.38 0.26 30.07
C VAL A 193 -16.78 -0.41 31.31
N ASP A 194 -17.00 0.22 32.47
CA ASP A 194 -16.66 -0.37 33.76
C ASP A 194 -17.78 -1.34 34.12
N TRP A 195 -17.60 -2.61 33.76
CA TRP A 195 -18.64 -3.60 34.00
C TRP A 195 -18.79 -3.93 35.48
N ASP A 196 -17.70 -3.83 36.25
CA ASP A 196 -17.81 -3.98 37.70
C ASP A 196 -18.74 -2.93 38.29
N ALA A 197 -18.65 -1.69 37.79
CA ALA A 197 -19.50 -0.63 38.31
C ALA A 197 -20.97 -0.86 37.96
N ILE A 198 -21.26 -1.44 36.80
CA ILE A 198 -22.65 -1.69 36.42
C ILE A 198 -23.27 -2.74 37.34
N ARG A 199 -22.53 -3.83 37.58
CA ARG A 199 -23.07 -4.90 38.43
C ARG A 199 -23.28 -4.41 39.86
N ALA A 200 -22.39 -3.55 40.36
CA ALA A 200 -22.58 -2.99 41.70
C ALA A 200 -23.83 -2.12 41.77
N PHE A 201 -24.10 -1.39 40.69
CA PHE A 201 -25.31 -0.57 40.62
C PHE A 201 -26.58 -1.43 40.61
N ARG A 202 -26.49 -2.64 40.07
CA ARG A 202 -27.64 -3.55 40.10
C ARG A 202 -27.93 -4.02 41.52
N GLN A 203 -26.88 -4.17 42.34
CA GLN A 203 -27.02 -4.69 43.68
C GLN A 203 -27.73 -3.70 44.60
N ARG A 204 -27.61 -2.40 44.31
CA ARG A 204 -28.26 -1.36 45.09
C ARG A 204 -29.72 -1.15 44.71
N ALA A 205 -30.27 -1.97 43.82
CA ALA A 205 -31.63 -1.74 43.35
C ALA A 205 -32.64 -2.13 44.42
N LEU A 206 -33.81 -1.48 44.35
CA LEU A 206 -34.93 -1.84 45.20
C LEU A 206 -35.43 -3.24 44.83
N ASN A 207 -35.37 -4.17 45.78
CA ASN A 207 -35.76 -5.54 45.53
C ASN A 207 -36.27 -6.17 46.81
N PRO A 208 -37.43 -6.83 46.78
CA PRO A 208 -38.00 -7.37 48.03
C PRO A 208 -37.17 -8.47 48.65
N GLU A 209 -36.29 -9.13 47.90
CA GLU A 209 -35.49 -10.21 48.46
C GLU A 209 -34.24 -9.72 49.15
N HIS A 210 -33.91 -8.43 49.03
CA HIS A 210 -32.89 -7.79 49.88
C HIS A 210 -33.29 -6.33 50.07
N PRO A 211 -34.31 -6.07 50.89
CA PRO A 211 -34.92 -4.75 50.90
C PRO A 211 -34.12 -3.74 51.69
N HIS A 212 -34.40 -2.48 51.39
CA HIS A 212 -33.80 -1.34 52.07
C HIS A 212 -34.76 -0.18 51.97
N GLN A 213 -34.41 0.91 52.65
CA GLN A 213 -35.20 2.12 52.62
C GLN A 213 -34.33 3.26 52.12
N ARG A 214 -34.88 4.06 51.21
CA ARG A 214 -34.16 5.22 50.69
C ARG A 214 -35.09 6.41 50.64
N GLY A 215 -34.51 7.60 50.69
CA GLY A 215 -35.31 8.81 50.63
C GLY A 215 -36.12 9.12 51.87
N THR A 216 -35.53 8.93 53.05
CA THR A 216 -36.25 9.13 54.30
C THR A 216 -36.44 10.63 54.58
N ALA A 217 -37.16 10.92 55.65
CA ALA A 217 -37.29 12.28 56.18
C ALA A 217 -36.43 12.40 57.42
N GLN A 218 -35.63 13.47 57.49
CA GLN A 218 -34.62 13.62 58.53
C GLN A 218 -34.84 14.91 59.33
N ASN A 219 -34.51 14.84 60.61
CA ASN A 219 -34.58 15.99 61.51
C ASN A 219 -33.27 16.77 61.42
N PRO A 220 -33.19 17.95 62.06
CA PRO A 220 -31.94 18.72 62.00
C PRO A 220 -30.72 18.03 62.62
N ASP A 221 -30.89 16.94 63.37
CA ASP A 221 -29.74 16.38 64.06
C ASP A 221 -28.76 15.71 63.11
N ILE A 222 -29.23 15.16 61.99
CA ILE A 222 -28.37 14.34 61.12
C ILE A 222 -28.40 14.80 59.67
N TYR A 223 -29.26 15.75 59.32
CA TYR A 223 -29.39 16.12 57.91
C TYR A 223 -28.09 16.73 57.38
N PHE A 224 -27.48 17.65 58.14
CA PHE A 224 -26.24 18.27 57.70
C PHE A 224 -25.14 17.22 57.52
N GLN A 225 -24.93 16.36 58.53
CA GLN A 225 -23.88 15.34 58.41
C GLN A 225 -24.14 14.45 57.21
N SER A 226 -25.38 13.98 57.05
CA SER A 226 -25.72 13.11 55.92
C SER A 226 -25.49 13.81 54.59
N ARG A 227 -25.63 15.13 54.55
CA ARG A 227 -25.40 15.83 53.30
C ARG A 227 -23.92 15.93 52.96
N GLU A 228 -23.05 16.00 53.99
CA GLU A 228 -21.61 16.06 53.75
C GLU A 228 -20.99 14.70 53.53
N ALA A 229 -21.74 13.61 53.75
CA ALA A 229 -21.16 12.27 53.62
C ALA A 229 -20.88 11.90 52.17
N ALA A 230 -21.45 12.62 51.22
CA ALA A 230 -21.26 12.38 49.80
C ALA A 230 -20.07 13.16 49.23
N ASN A 231 -19.40 13.96 50.05
CA ASN A 231 -18.29 14.78 49.59
C ASN A 231 -17.16 14.00 48.89
N PRO A 232 -16.73 12.83 49.37
CA PRO A 232 -15.66 12.13 48.62
C PRO A 232 -16.01 11.84 47.18
N TYR A 233 -17.29 11.60 46.88
CA TYR A 233 -17.70 11.34 45.50
C TYR A 233 -17.51 12.57 44.62
N TYR A 234 -17.80 13.75 45.15
CA TYR A 234 -17.65 14.97 44.36
C TYR A 234 -16.19 15.40 44.31
N LEU A 235 -15.41 15.08 45.33
CA LEU A 235 -13.98 15.37 45.26
C LEU A 235 -13.28 14.52 44.23
N ALA A 236 -13.73 13.28 44.04
CA ALA A 236 -13.08 12.33 43.15
C ALA A 236 -13.54 12.44 41.70
N THR A 237 -14.66 13.12 41.44
CA THR A 237 -15.19 13.16 40.08
C THR A 237 -14.25 13.79 39.07
N PRO A 238 -13.61 14.95 39.34
CA PRO A 238 -12.71 15.52 38.32
C PRO A 238 -11.63 14.56 37.88
N GLY A 239 -11.02 13.84 38.82
CA GLY A 239 -10.01 12.85 38.46
C GLY A 239 -10.58 11.69 37.67
N ILE A 240 -11.83 11.31 37.93
CA ILE A 240 -12.44 10.23 37.17
C ILE A 240 -12.73 10.67 35.74
N VAL A 241 -13.26 11.89 35.57
CA VAL A 241 -13.50 12.39 34.23
C VAL A 241 -12.18 12.52 33.46
N ALA A 242 -11.12 12.94 34.14
CA ALA A 242 -9.82 13.08 33.49
C ALA A 242 -9.30 11.74 32.96
N GLN A 243 -9.40 10.69 33.78
CA GLN A 243 -8.94 9.38 33.32
C GLN A 243 -9.84 8.79 32.27
N VAL A 244 -11.15 9.04 32.34
CA VAL A 244 -12.04 8.59 31.28
C VAL A 244 -11.70 9.29 29.97
N MET A 245 -11.33 10.58 30.06
CA MET A 245 -10.95 11.33 28.86
C MET A 245 -9.70 10.77 28.22
N GLU A 246 -8.82 10.12 29.00
CA GLU A 246 -7.65 9.47 28.42
C GLU A 246 -8.01 8.16 27.74
N GLN A 247 -9.01 7.44 28.24
CA GLN A 247 -9.50 6.25 27.54
C GLN A 247 -10.03 6.61 26.16
N VAL A 248 -10.81 7.68 26.07
CA VAL A 248 -11.33 8.10 24.77
C VAL A 248 -10.18 8.51 23.86
N ALA A 249 -9.15 9.14 24.42
CA ALA A 249 -8.00 9.52 23.61
C ALA A 249 -7.30 8.30 23.02
N GLY A 250 -7.11 7.25 23.82
CA GLY A 250 -6.48 6.06 23.30
C GLY A 250 -7.29 5.40 22.19
N LEU A 251 -8.60 5.54 22.23
CA LEU A 251 -9.46 4.95 21.21
C LEU A 251 -9.59 5.87 19.99
N THR A 252 -9.74 7.17 20.21
CA THR A 252 -9.99 8.09 19.11
C THR A 252 -8.77 8.89 18.68
N GLY A 253 -7.75 8.99 19.53
CA GLY A 253 -6.64 9.85 19.23
C GLY A 253 -6.89 11.31 19.53
N ARG A 254 -8.09 11.66 19.98
CA ARG A 254 -8.47 13.02 20.31
C ARG A 254 -8.37 13.23 21.81
N HIS A 255 -7.58 14.22 22.22
CA HIS A 255 -7.29 14.46 23.62
C HIS A 255 -8.16 15.58 24.16
N TYR A 256 -9.00 15.25 25.14
CA TYR A 256 -9.79 16.23 25.88
C TYR A 256 -9.26 16.32 27.30
N HIS A 257 -9.43 17.49 27.90
CA HIS A 257 -9.11 17.70 29.31
C HIS A 257 -10.25 18.45 29.96
N LEU A 258 -10.25 18.52 31.30
CA LEU A 258 -11.29 19.24 32.02
C LEU A 258 -11.36 20.69 31.54
N PHE A 259 -10.20 21.32 31.36
CA PHE A 259 -10.08 22.63 30.73
C PHE A 259 -8.95 22.53 29.70
N ASP A 260 -9.24 22.92 28.46
CA ASP A 260 -8.31 22.84 27.35
C ASP A 260 -7.83 24.23 26.96
N TYR A 261 -6.56 24.33 26.57
CA TYR A 261 -5.98 25.61 26.17
C TYR A 261 -5.58 25.58 24.70
N ALA A 262 -5.75 26.72 24.04
CA ALA A 262 -5.34 26.90 22.65
C ALA A 262 -4.94 28.34 22.45
N GLY A 263 -3.81 28.57 21.80
CA GLY A 263 -3.33 29.90 21.51
C GLY A 263 -1.85 30.01 21.78
N ALA A 264 -1.38 31.26 21.87
CA ALA A 264 0.04 31.51 22.05
C ALA A 264 0.49 30.96 23.39
N PRO A 265 1.64 30.30 23.45
CA PRO A 265 2.16 29.82 24.74
C PRO A 265 2.51 30.94 25.69
N ASP A 266 2.84 32.13 25.17
CA ASP A 266 3.15 33.30 25.98
C ASP A 266 2.05 34.35 25.91
N ALA A 267 0.81 33.92 25.77
CA ALA A 267 -0.29 34.87 25.61
C ALA A 267 -0.47 35.69 26.88
N GLU A 268 -0.91 36.94 26.69
CA GLU A 268 -1.25 37.82 27.80
C GLU A 268 -2.74 38.09 27.92
N ARG A 269 -3.49 37.89 26.84
CA ARG A 269 -4.95 38.06 26.84
C ARG A 269 -5.57 36.73 26.47
N VAL A 270 -6.39 36.17 27.37
CA VAL A 270 -6.99 34.86 27.18
C VAL A 270 -8.49 34.99 27.38
N ILE A 271 -9.25 34.30 26.54
CA ILE A 271 -10.70 34.22 26.70
C ILE A 271 -11.05 32.88 27.34
N VAL A 272 -11.91 32.91 28.35
CA VAL A 272 -12.50 31.70 28.91
C VAL A 272 -13.93 31.63 28.42
N SER A 273 -14.31 30.49 27.85
CA SER A 273 -15.65 30.35 27.30
C SER A 273 -16.05 28.89 27.31
N MET A 274 -17.29 28.63 26.89
CA MET A 274 -17.90 27.32 27.01
C MET A 274 -18.88 27.14 25.87
N GLY A 275 -18.97 25.92 25.35
CA GLY A 275 -19.87 25.63 24.25
C GLY A 275 -19.28 25.93 22.88
N SER A 276 -20.18 26.06 21.90
CA SER A 276 -19.78 26.16 20.50
C SER A 276 -18.97 27.41 20.22
N SER A 277 -19.04 28.42 21.08
CA SER A 277 -18.23 29.63 20.88
C SER A 277 -16.74 29.29 20.85
N CYS A 278 -16.34 28.23 21.56
CA CYS A 278 -14.92 27.85 21.58
C CYS A 278 -14.39 27.57 20.18
N GLU A 279 -15.24 27.00 19.30
CA GLU A 279 -14.83 26.76 17.93
C GLU A 279 -14.55 28.09 17.23
N VAL A 280 -15.44 29.06 17.37
CA VAL A 280 -15.27 30.36 16.75
C VAL A 280 -14.05 31.08 17.33
N ILE A 281 -13.85 30.97 18.64
CA ILE A 281 -12.76 31.70 19.28
C ILE A 281 -11.41 31.10 18.88
N GLU A 282 -11.34 29.77 18.84
CA GLU A 282 -10.10 29.11 18.42
C GLU A 282 -9.77 29.44 16.97
N GLU A 283 -10.79 29.55 16.12
CA GLU A 283 -10.56 29.98 14.74
C GLU A 283 -9.97 31.38 14.71
N THR A 284 -10.48 32.28 15.55
CA THR A 284 -9.95 33.65 15.60
C THR A 284 -8.57 33.69 16.23
N VAL A 285 -8.35 32.87 17.25
CA VAL A 285 -7.05 32.84 17.91
C VAL A 285 -5.96 32.42 16.94
N ASN A 286 -6.21 31.38 16.13
CA ASN A 286 -5.25 30.99 15.10
C ASN A 286 -4.94 32.17 14.18
N TYR A 287 -5.97 32.90 13.76
CA TYR A 287 -5.77 34.04 12.87
C TYR A 287 -4.97 35.13 13.54
N LEU A 288 -5.25 35.40 14.83
CA LEU A 288 -4.57 36.49 15.53
C LEU A 288 -3.14 36.10 15.92
N VAL A 289 -2.92 34.84 16.31
CA VAL A 289 -1.58 34.41 16.71
C VAL A 289 -0.63 34.46 15.51
N GLU A 290 -1.11 34.02 14.35
CA GLU A 290 -0.28 34.06 13.14
C GLU A 290 0.09 35.50 12.76
N LYS A 291 -0.77 36.45 13.10
CA LYS A 291 -0.45 37.86 12.87
C LYS A 291 0.41 38.47 13.97
N GLY A 292 0.82 37.67 14.96
CA GLY A 292 1.74 38.12 16.00
C GLY A 292 1.10 38.44 17.34
N GLU A 293 -0.22 38.44 17.44
CA GLU A 293 -0.86 38.74 18.70
C GLU A 293 -0.66 37.59 19.69
N LYS A 294 -0.46 37.94 20.96
CA LYS A 294 -0.25 36.96 22.03
C LYS A 294 -1.58 36.74 22.75
N VAL A 295 -2.43 35.93 22.14
CA VAL A 295 -3.76 35.64 22.67
C VAL A 295 -3.93 34.13 22.78
N GLY A 296 -4.89 33.73 23.61
CA GLY A 296 -5.17 32.33 23.85
C GLY A 296 -6.62 32.13 24.23
N LEU A 297 -6.99 30.86 24.43
CA LEU A 297 -8.36 30.49 24.73
C LEU A 297 -8.36 29.32 25.70
N ILE A 298 -9.24 29.38 26.70
CA ILE A 298 -9.45 28.28 27.64
C ILE A 298 -10.84 27.74 27.41
N LYS A 299 -10.93 26.50 26.93
CA LYS A 299 -12.21 25.83 26.74
C LYS A 299 -12.61 25.15 28.05
N VAL A 300 -13.81 25.44 28.52
CA VAL A 300 -14.35 24.80 29.71
C VAL A 300 -15.14 23.56 29.27
N ARG A 301 -14.63 22.38 29.60
CA ARG A 301 -15.36 21.15 29.33
C ARG A 301 -16.17 20.71 30.55
N LEU A 302 -15.49 20.46 31.67
CA LEU A 302 -16.16 20.06 32.90
C LEU A 302 -16.47 21.31 33.71
N PHE A 303 -17.71 21.80 33.60
CA PHE A 303 -18.12 22.99 34.33
C PHE A 303 -18.42 22.67 35.80
N ARG A 304 -18.99 21.49 36.06
CA ARG A 304 -19.27 21.03 37.42
C ARG A 304 -18.93 19.54 37.48
N PRO A 305 -18.18 19.09 38.50
CA PRO A 305 -17.51 19.89 39.54
C PRO A 305 -16.39 20.74 38.97
N PHE A 306 -16.24 21.95 39.48
CA PHE A 306 -15.22 22.87 38.98
C PHE A 306 -13.89 22.56 39.67
N SER A 307 -12.96 21.96 38.93
CA SER A 307 -11.67 21.57 39.49
C SER A 307 -10.69 22.72 39.31
N ALA A 308 -10.39 23.40 40.42
CA ALA A 308 -9.46 24.53 40.37
C ALA A 308 -8.10 24.10 39.85
N GLU A 309 -7.66 22.88 40.20
CA GLU A 309 -6.35 22.40 39.79
C GLU A 309 -6.24 22.30 38.27
N HIS A 310 -7.24 21.68 37.62
CA HIS A 310 -7.17 21.48 36.18
C HIS A 310 -7.34 22.78 35.40
N PHE A 311 -7.96 23.80 36.00
CA PHE A 311 -8.07 25.09 35.32
C PHE A 311 -6.74 25.82 35.31
N LEU A 312 -6.12 25.96 36.49
CA LEU A 312 -4.83 26.63 36.58
C LEU A 312 -3.72 25.84 35.91
N LYS A 313 -3.93 24.54 35.72
CA LYS A 313 -2.91 23.70 35.07
C LYS A 313 -2.69 24.12 33.62
N VAL A 314 -3.71 24.66 32.96
CA VAL A 314 -3.65 25.03 31.55
C VAL A 314 -3.60 26.54 31.36
N LEU A 315 -3.41 27.31 32.42
CA LEU A 315 -3.33 28.76 32.29
C LEU A 315 -1.87 29.17 32.20
N PRO A 316 -1.42 29.74 31.07
CA PRO A 316 -0.02 30.15 30.95
C PRO A 316 0.35 31.16 32.04
N ALA A 317 1.60 31.07 32.52
CA ALA A 317 2.07 31.97 33.55
C ALA A 317 2.18 33.41 33.06
N SER A 318 2.12 33.64 31.76
CA SER A 318 2.25 34.96 31.17
C SER A 318 0.92 35.70 31.06
N VAL A 319 -0.20 35.07 31.39
CA VAL A 319 -1.51 35.68 31.18
C VAL A 319 -1.70 36.83 32.15
N LYS A 320 -2.04 38.00 31.60
CA LYS A 320 -2.30 39.18 32.43
C LYS A 320 -3.74 39.66 32.42
N ARG A 321 -4.51 39.38 31.37
CA ARG A 321 -5.90 39.83 31.34
C ARG A 321 -6.76 38.73 30.75
N ILE A 322 -7.92 38.51 31.35
CA ILE A 322 -8.84 37.45 30.95
C ILE A 322 -10.22 38.02 30.73
N ALA A 323 -10.87 37.63 29.66
CA ALA A 323 -12.27 37.93 29.41
C ALA A 323 -13.06 36.63 29.43
N VAL A 324 -14.05 36.54 30.32
CA VAL A 324 -14.89 35.36 30.45
C VAL A 324 -16.20 35.62 29.74
N LEU A 325 -16.62 34.68 28.88
CA LEU A 325 -17.82 34.83 28.08
C LEU A 325 -18.88 33.87 28.60
N ASP A 326 -20.05 34.42 28.92
CA ASP A 326 -21.19 33.64 29.41
C ASP A 326 -22.32 33.71 28.40
N ARG A 327 -22.81 32.55 27.97
CA ARG A 327 -23.95 32.49 27.08
C ARG A 327 -25.25 32.42 27.87
N THR A 328 -25.38 33.31 28.85
CA THR A 328 -26.58 33.37 29.68
C THR A 328 -26.64 34.77 30.29
N LYS A 329 -27.78 35.09 30.89
CA LYS A 329 -27.94 36.36 31.58
C LYS A 329 -28.68 36.13 32.89
N GLU A 330 -28.09 36.58 34.00
CA GLU A 330 -28.72 36.53 35.31
C GLU A 330 -28.98 37.96 35.78
N PRO A 331 -30.18 38.50 35.54
CA PRO A 331 -30.41 39.93 35.82
C PRO A 331 -30.14 40.29 37.27
N GLY A 332 -29.50 41.44 37.46
CA GLY A 332 -29.18 41.93 38.79
C GLY A 332 -28.00 41.28 39.47
N SER A 333 -27.54 40.15 38.97
CA SER A 333 -26.40 39.47 39.57
C SER A 333 -25.13 40.31 39.41
N LEU A 334 -24.17 40.06 40.29
CA LEU A 334 -22.89 40.74 40.18
C LEU A 334 -22.16 40.36 38.91
N GLY A 335 -22.32 39.12 38.48
CA GLY A 335 -21.75 38.65 37.23
C GLY A 335 -22.35 37.32 36.86
N GLU A 336 -22.10 36.90 35.63
CA GLU A 336 -22.65 35.67 35.13
C GLU A 336 -21.87 34.46 35.64
N PRO A 337 -22.47 33.26 35.63
CA PRO A 337 -21.92 32.15 36.44
C PRO A 337 -20.47 31.81 36.17
N LEU A 338 -20.08 31.59 34.91
CA LEU A 338 -18.69 31.23 34.64
C LEU A 338 -17.75 32.36 35.06
N TYR A 339 -18.18 33.61 34.91
CA TYR A 339 -17.35 34.75 35.28
C TYR A 339 -17.02 34.75 36.76
N GLU A 340 -18.01 34.45 37.62
CA GLU A 340 -17.73 34.41 39.05
C GLU A 340 -16.86 33.22 39.44
N ASP A 341 -16.92 32.12 38.68
CA ASP A 341 -16.05 30.98 38.97
C ASP A 341 -14.60 31.31 38.67
N VAL A 342 -14.34 31.88 37.50
CA VAL A 342 -12.96 32.24 37.14
C VAL A 342 -12.41 33.25 38.13
N GLN A 343 -13.23 34.25 38.49
CA GLN A 343 -12.78 35.29 39.39
C GLN A 343 -12.46 34.72 40.78
N THR A 344 -13.21 33.71 41.21
CA THR A 344 -13.01 33.13 42.54
C THR A 344 -11.71 32.32 42.60
N VAL A 345 -11.53 31.38 41.67
CA VAL A 345 -10.35 30.51 41.71
C VAL A 345 -9.08 31.35 41.54
N LEU A 346 -9.13 32.37 40.69
CA LEU A 346 -7.96 33.24 40.55
C LEU A 346 -7.69 34.02 41.82
N ALA A 347 -8.75 34.35 42.56
CA ALA A 347 -8.55 35.01 43.86
C ALA A 347 -8.03 34.01 44.88
N GLU A 348 -8.52 32.78 44.86
CA GLU A 348 -8.10 31.78 45.83
C GLU A 348 -6.62 31.43 45.73
N HIS A 349 -5.99 31.73 44.59
CA HIS A 349 -4.58 31.40 44.40
C HIS A 349 -3.71 32.64 44.20
N GLY A 350 -4.24 33.82 44.51
CA GLY A 350 -3.45 35.04 44.55
C GLY A 350 -2.91 35.50 43.21
N LYS A 351 -3.57 35.14 42.12
CA LYS A 351 -3.18 35.62 40.80
C LYS A 351 -3.68 37.04 40.60
N ASN A 352 -2.76 37.97 40.29
CA ASN A 352 -3.13 39.36 40.04
C ASN A 352 -3.38 39.55 38.55
N ILE A 353 -4.55 39.10 38.11
CA ILE A 353 -4.95 39.14 36.71
C ILE A 353 -6.28 39.88 36.61
N LEU A 354 -6.34 40.89 35.74
CA LEU A 354 -7.57 41.63 35.50
C LEU A 354 -8.55 40.77 34.71
N VAL A 355 -9.73 40.54 35.29
CA VAL A 355 -10.75 39.70 34.69
C VAL A 355 -11.99 40.55 34.39
N VAL A 356 -12.59 40.33 33.22
CA VAL A 356 -13.80 41.03 32.80
C VAL A 356 -14.73 40.02 32.16
N GLY A 357 -16.03 40.18 32.39
CA GLY A 357 -17.01 39.23 31.93
C GLY A 357 -17.97 39.86 30.94
N GLY A 358 -18.48 39.03 30.02
CA GLY A 358 -19.39 39.50 29.01
C GLY A 358 -20.46 38.46 28.69
N ARG A 359 -21.50 38.92 28.00
CA ARG A 359 -22.61 38.07 27.60
C ARG A 359 -22.70 38.05 26.07
N TYR A 360 -23.11 36.91 25.54
CA TYR A 360 -23.15 36.71 24.09
C TYR A 360 -24.22 35.69 23.76
N GLY A 361 -24.55 35.64 22.47
CA GLY A 361 -25.25 34.50 21.89
C GLY A 361 -26.57 34.12 22.51
N LEU A 362 -27.26 35.07 23.15
CA LEU A 362 -28.55 34.75 23.76
C LEU A 362 -29.58 34.46 22.68
N GLY A 363 -30.31 33.36 22.86
CA GLY A 363 -31.30 32.97 21.87
C GLY A 363 -30.73 32.73 20.50
N SER A 364 -29.55 32.11 20.42
CA SER A 364 -28.84 31.84 19.17
C SER A 364 -28.44 33.13 18.45
N LYS A 365 -28.15 34.19 19.19
CA LYS A 365 -27.58 35.39 18.58
C LYS A 365 -26.23 35.07 17.95
N GLU A 366 -25.95 35.70 16.82
CA GLU A 366 -24.73 35.40 16.09
C GLU A 366 -23.50 35.74 16.93
N PHE A 367 -22.49 34.88 16.82
CA PHE A 367 -21.21 35.07 17.49
C PHE A 367 -20.14 34.69 16.47
N ASN A 368 -19.58 35.70 15.81
CA ASN A 368 -18.64 35.46 14.70
C ASN A 368 -17.25 35.97 15.06
N PRO A 369 -16.21 35.64 14.28
CA PRO A 369 -14.85 36.03 14.66
C PRO A 369 -14.64 37.52 14.82
N SER A 370 -15.36 38.35 14.06
CA SER A 370 -15.22 39.79 14.24
C SER A 370 -15.59 40.19 15.67
N MET A 371 -16.56 39.50 16.27
CA MET A 371 -16.89 39.75 17.66
C MET A 371 -15.81 39.23 18.59
N VAL A 372 -15.21 38.09 18.26
CA VAL A 372 -14.15 37.54 19.11
C VAL A 372 -12.97 38.51 19.19
N LYS A 373 -12.65 39.18 18.08
CA LYS A 373 -11.58 40.18 18.14
C LYS A 373 -12.01 41.38 18.98
N ALA A 374 -13.28 41.78 18.89
CA ALA A 374 -13.76 42.89 19.72
C ALA A 374 -13.61 42.57 21.20
N VAL A 375 -13.76 41.29 21.57
CA VAL A 375 -13.50 40.89 22.95
C VAL A 375 -12.01 40.97 23.26
N PHE A 376 -11.17 40.47 22.36
CA PHE A 376 -9.73 40.53 22.55
C PHE A 376 -9.22 41.97 22.57
N ASP A 377 -9.76 42.81 21.70
CA ASP A 377 -9.32 44.20 21.65
C ASP A 377 -9.74 44.98 22.89
N ASN A 378 -10.88 44.64 23.48
CA ASN A 378 -11.27 45.28 24.74
C ASN A 378 -10.29 44.91 25.85
N LEU A 379 -9.77 43.69 25.83
CA LEU A 379 -8.75 43.30 26.79
C LEU A 379 -7.46 44.09 26.59
N ALA A 380 -7.21 44.57 25.38
CA ALA A 380 -6.01 45.34 25.08
C ALA A 380 -6.17 46.82 25.39
N ALA A 381 -7.38 47.27 25.70
CA ALA A 381 -7.62 48.68 25.98
C ALA A 381 -6.93 49.11 27.26
N THR A 382 -6.81 50.44 27.43
CA THR A 382 -6.23 50.98 28.65
C THR A 382 -7.06 50.59 29.87
N THR A 383 -8.38 50.72 29.77
CA THR A 383 -9.29 50.26 30.81
C THR A 383 -10.38 49.38 30.17
N PRO A 384 -10.23 48.06 30.24
CA PRO A 384 -11.23 47.18 29.63
C PRO A 384 -12.60 47.37 30.26
N LYS A 385 -13.63 47.43 29.42
CA LYS A 385 -15.00 47.48 29.92
C LYS A 385 -15.42 46.12 30.45
N ASN A 386 -16.00 46.11 31.64
CA ASN A 386 -16.50 44.91 32.28
C ASN A 386 -18.01 44.83 32.13
N LYS A 387 -18.55 43.63 32.33
CA LYS A 387 -19.99 43.39 32.28
C LYS A 387 -20.59 43.89 30.96
N PHE A 388 -19.98 43.42 29.87
CA PHE A 388 -20.30 43.89 28.53
C PHE A 388 -21.15 42.87 27.76
N THR A 389 -21.58 43.28 26.56
CA THR A 389 -22.29 42.40 25.65
C THR A 389 -21.67 42.51 24.27
N VAL A 390 -21.78 41.43 23.48
CA VAL A 390 -21.26 41.40 22.12
C VAL A 390 -22.34 40.84 21.21
N GLY A 391 -22.54 41.48 20.06
CA GLY A 391 -23.50 41.03 19.08
C GLY A 391 -24.76 41.86 18.99
N ILE A 392 -24.91 42.88 19.85
CA ILE A 392 -26.05 43.78 19.83
C ILE A 392 -25.51 45.21 19.91
N THR A 393 -26.39 46.17 19.69
CA THR A 393 -26.07 47.59 19.85
C THR A 393 -26.87 48.11 21.03
N ASP A 394 -26.24 48.17 22.20
CA ASP A 394 -26.92 48.59 23.42
C ASP A 394 -26.74 50.09 23.58
N ASP A 395 -27.66 50.86 22.99
CA ASP A 395 -27.62 52.30 23.10
C ASP A 395 -28.35 52.83 24.33
N VAL A 396 -28.80 51.94 25.21
CA VAL A 396 -29.51 52.34 26.43
C VAL A 396 -28.57 52.26 27.61
N THR A 397 -28.06 51.07 27.89
CA THR A 397 -27.17 50.86 29.03
C THR A 397 -25.70 50.81 28.64
N HIS A 398 -25.40 50.85 27.35
CA HIS A 398 -24.02 51.03 26.88
C HIS A 398 -23.11 49.90 27.39
N THR A 399 -23.58 48.67 27.24
CA THR A 399 -22.78 47.50 27.56
C THR A 399 -22.17 46.84 26.32
N SER A 400 -22.61 47.23 25.12
CA SER A 400 -22.18 46.53 23.92
C SER A 400 -20.79 46.97 23.49
N LEU A 401 -19.98 46.00 23.08
CA LEU A 401 -18.69 46.32 22.48
C LEU A 401 -18.90 46.68 21.02
N GLU A 402 -18.09 47.61 20.53
CA GLU A 402 -18.19 48.06 19.15
C GLU A 402 -17.39 47.12 18.26
N ILE A 403 -18.06 46.56 17.25
CA ILE A 403 -17.38 45.74 16.25
C ILE A 403 -16.76 46.71 15.25
N LYS A 404 -15.47 46.99 15.42
CA LYS A 404 -14.82 48.02 14.61
C LYS A 404 -14.61 47.55 13.19
N GLU A 405 -13.96 46.41 13.00
CA GLU A 405 -13.61 45.93 11.68
C GLU A 405 -14.09 44.49 11.51
N HIS A 406 -14.28 44.11 10.25
CA HIS A 406 -14.64 42.76 9.87
C HIS A 406 -13.39 42.03 9.39
N ILE A 407 -13.14 40.86 9.95
CA ILE A 407 -12.00 40.03 9.57
C ILE A 407 -12.55 38.72 9.03
N ASP A 408 -11.76 38.07 8.18
CA ASP A 408 -12.09 36.77 7.61
C ASP A 408 -11.05 35.78 8.12
N THR A 409 -11.44 34.96 9.08
CA THR A 409 -10.54 33.99 9.69
C THR A 409 -10.77 32.57 9.17
N SER A 410 -11.60 32.43 8.14
CA SER A 410 -11.86 31.11 7.59
C SER A 410 -10.56 30.55 6.97
N PRO A 411 -10.25 29.28 7.20
CA PRO A 411 -9.05 28.70 6.60
C PRO A 411 -9.13 28.75 5.08
N LYS A 412 -8.00 29.03 4.44
CA LYS A 412 -7.96 29.05 2.99
C LYS A 412 -8.25 27.65 2.47
N GLY A 413 -9.01 27.58 1.37
CA GLY A 413 -9.41 26.32 0.79
C GLY A 413 -10.79 25.84 1.21
N THR A 414 -11.49 26.58 2.05
CA THR A 414 -12.83 26.22 2.48
C THR A 414 -13.85 26.87 1.56
N PHE A 415 -14.65 26.05 0.88
CA PHE A 415 -15.71 26.54 0.01
C PHE A 415 -16.93 26.91 0.84
N ARG A 416 -17.61 28.00 0.46
CA ARG A 416 -18.73 28.51 1.22
C ARG A 416 -19.92 28.79 0.30
N CYS A 417 -21.11 28.39 0.74
CA CYS A 417 -22.32 28.43 -0.07
C CYS A 417 -23.51 28.90 0.74
N LYS A 418 -24.35 29.73 0.13
CA LYS A 418 -25.65 30.08 0.68
C LYS A 418 -26.72 29.68 -0.31
N PHE A 419 -27.85 29.20 0.19
CA PHE A 419 -28.96 28.77 -0.65
C PHE A 419 -30.26 29.37 -0.11
N PHE A 420 -30.92 30.19 -0.92
CA PHE A 420 -32.20 30.79 -0.57
C PHE A 420 -33.30 29.99 -1.24
N GLY A 421 -34.19 29.41 -0.44
CA GLY A 421 -35.26 28.59 -0.97
C GLY A 421 -36.58 28.87 -0.25
N LEU A 422 -37.65 28.40 -0.87
CA LEU A 422 -38.99 28.46 -0.29
C LEU A 422 -39.21 27.25 0.63
N GLY A 423 -40.32 27.29 1.36
CA GLY A 423 -40.72 26.11 2.11
C GLY A 423 -41.30 25.06 1.18
N SER A 424 -41.03 23.79 1.49
CA SER A 424 -41.57 22.63 0.78
C SER A 424 -41.08 22.54 -0.67
N ASP A 425 -40.00 23.24 -1.03
CA ASP A 425 -39.43 23.09 -2.36
C ASP A 425 -38.23 22.15 -2.40
N GLY A 426 -37.73 21.73 -1.24
CA GLY A 426 -36.65 20.75 -1.16
C GLY A 426 -35.25 21.31 -1.04
N THR A 427 -35.08 22.64 -0.98
CA THR A 427 -33.73 23.21 -0.93
C THR A 427 -32.96 22.70 0.28
N VAL A 428 -33.60 22.72 1.45
CA VAL A 428 -32.93 22.30 2.67
C VAL A 428 -32.62 20.80 2.62
N GLY A 429 -33.58 20.00 2.16
CA GLY A 429 -33.34 18.57 2.06
C GLY A 429 -32.23 18.24 1.08
N ALA A 430 -32.16 18.98 -0.03
CA ALA A 430 -31.11 18.76 -1.01
C ALA A 430 -29.72 19.06 -0.44
N ASN A 431 -29.61 20.13 0.35
CA ASN A 431 -28.31 20.49 0.90
C ASN A 431 -27.90 19.53 2.02
N LYS A 432 -28.88 18.92 2.68
CA LYS A 432 -28.55 17.84 3.60
C LYS A 432 -27.90 16.68 2.88
N ASN A 433 -28.41 16.33 1.69
CA ASN A 433 -27.83 15.24 0.92
C ASN A 433 -26.57 15.68 0.17
N SER A 434 -26.46 16.96 -0.17
CA SER A 434 -25.23 17.44 -0.78
C SER A 434 -24.06 17.29 0.18
N ILE A 435 -24.31 17.48 1.48
CA ILE A 435 -23.26 17.29 2.48
C ILE A 435 -22.92 15.81 2.59
N LYS A 436 -23.92 14.94 2.57
CA LYS A 436 -23.66 13.51 2.61
C LYS A 436 -22.89 13.06 1.38
N ILE A 437 -23.12 13.70 0.23
CA ILE A 437 -22.38 13.35 -0.98
C ILE A 437 -20.90 13.69 -0.81
N ILE A 438 -20.61 14.89 -0.33
CA ILE A 438 -19.22 15.34 -0.22
C ILE A 438 -18.50 14.60 0.90
N GLY A 439 -19.14 14.48 2.06
CA GLY A 439 -18.47 13.86 3.19
C GLY A 439 -18.22 12.38 2.99
N ASP A 440 -19.16 11.69 2.34
CA ASP A 440 -19.01 10.26 2.15
C ASP A 440 -18.08 9.88 1.00
N HIS A 441 -17.70 10.85 0.16
CA HIS A 441 -16.96 10.53 -1.06
C HIS A 441 -15.72 11.39 -1.28
N THR A 442 -15.34 12.23 -0.32
CA THR A 442 -14.11 13.02 -0.46
C THR A 442 -13.35 12.99 0.85
N ASP A 443 -12.10 13.45 0.77
CA ASP A 443 -11.30 13.66 1.97
C ASP A 443 -11.65 14.96 2.68
N MET A 444 -12.61 15.71 2.15
CA MET A 444 -12.96 17.01 2.71
C MET A 444 -13.91 16.89 3.89
N TYR A 445 -13.75 17.78 4.85
CA TYR A 445 -14.74 17.96 5.89
C TYR A 445 -15.92 18.72 5.31
N ALA A 446 -17.11 18.40 5.79
CA ALA A 446 -18.33 19.06 5.32
C ALA A 446 -19.14 19.56 6.51
N GLN A 447 -19.82 20.68 6.32
CA GLN A 447 -20.62 21.28 7.38
C GLN A 447 -21.83 21.99 6.79
N GLY A 448 -22.98 21.83 7.43
CA GLY A 448 -24.19 22.47 6.96
C GLY A 448 -25.12 22.92 8.08
N TYR A 449 -25.50 24.20 8.09
CA TYR A 449 -26.43 24.75 9.06
C TYR A 449 -27.61 25.37 8.34
N PHE A 450 -28.81 25.25 8.93
CA PHE A 450 -30.05 25.59 8.25
C PHE A 450 -30.90 26.56 9.04
N VAL A 451 -31.47 27.54 8.35
CA VAL A 451 -32.27 28.61 8.92
C VAL A 451 -33.68 28.49 8.38
N TYR A 452 -34.64 28.28 9.27
CA TYR A 452 -36.04 28.22 8.85
C TYR A 452 -36.79 29.41 9.40
N ASP A 453 -37.92 29.71 8.77
CA ASP A 453 -38.79 30.79 9.20
C ASP A 453 -39.68 30.35 10.36
N SER A 454 -40.25 31.34 11.05
CA SER A 454 -41.25 31.06 12.07
C SER A 454 -42.58 30.66 11.47
N LYS A 455 -42.83 31.01 10.21
CA LYS A 455 -44.07 30.61 9.55
C LYS A 455 -44.06 29.11 9.29
N LYS A 456 -45.26 28.54 9.24
CA LYS A 456 -45.39 27.09 9.15
C LYS A 456 -45.19 26.59 7.72
N SER A 457 -45.64 27.36 6.73
CA SER A 457 -45.48 26.96 5.34
C SER A 457 -45.33 28.20 4.47
N GLY A 458 -44.58 28.04 3.37
CA GLY A 458 -44.38 29.15 2.46
C GLY A 458 -43.34 30.14 2.88
N GLY A 459 -42.53 29.82 3.88
CA GLY A 459 -41.52 30.73 4.39
C GLY A 459 -40.14 30.52 3.80
N VAL A 460 -39.30 31.55 3.97
CA VAL A 460 -37.95 31.54 3.46
C VAL A 460 -37.08 30.61 4.29
N THR A 461 -36.17 29.89 3.63
CA THR A 461 -35.19 29.03 4.26
C THR A 461 -33.82 29.41 3.70
N ILE A 462 -32.82 29.49 4.57
CA ILE A 462 -31.47 29.84 4.16
C ILE A 462 -30.53 28.73 4.61
N SER A 463 -29.80 28.15 3.66
CA SER A 463 -28.89 27.05 3.93
C SER A 463 -27.44 27.53 3.80
N HIS A 464 -26.64 27.27 4.83
CA HIS A 464 -25.23 27.64 4.85
C HIS A 464 -24.40 26.36 4.83
N LEU A 465 -23.61 26.17 3.78
CA LEU A 465 -22.76 24.99 3.65
C LEU A 465 -21.29 25.40 3.54
N ARG A 466 -20.42 24.51 4.00
CA ARG A 466 -18.97 24.68 3.95
C ARG A 466 -18.31 23.33 3.72
N PHE A 467 -17.19 23.34 3.00
CA PHE A 467 -16.36 22.14 2.91
C PHE A 467 -14.96 22.53 2.49
N GLY A 468 -13.95 22.01 3.21
CA GLY A 468 -12.57 22.32 2.93
C GLY A 468 -11.69 21.18 3.40
N LYS A 469 -10.40 21.29 3.08
CA LYS A 469 -9.45 20.25 3.47
C LYS A 469 -9.14 20.29 4.96
N GLN A 470 -9.25 21.44 5.57
CA GLN A 470 -9.01 21.64 6.99
C GLN A 470 -10.30 21.47 7.78
N PRO A 471 -10.21 21.05 9.05
CA PRO A 471 -11.42 20.91 9.86
C PRO A 471 -12.15 22.24 9.99
N ILE A 472 -13.48 22.16 10.02
CA ILE A 472 -14.37 23.32 9.93
C ILE A 472 -14.77 23.71 11.34
N GLN A 473 -14.17 24.78 11.86
CA GLN A 473 -14.54 25.34 13.15
C GLN A 473 -15.42 26.56 13.02
N SER A 474 -15.79 26.94 11.80
CA SER A 474 -16.63 28.12 11.56
C SER A 474 -18.05 27.80 12.03
N ALA A 475 -18.27 27.94 13.33
CA ALA A 475 -19.61 27.75 13.92
C ALA A 475 -20.38 29.07 13.90
N TYR A 476 -20.51 29.61 12.69
CA TYR A 476 -21.22 30.87 12.45
C TYR A 476 -21.70 30.90 11.02
N LEU A 477 -22.59 31.86 10.73
CA LEU A 477 -23.15 31.98 9.39
C LEU A 477 -22.08 32.41 8.39
N ILE A 478 -22.39 32.24 7.11
CA ILE A 478 -21.40 32.45 6.06
C ILE A 478 -21.12 33.94 5.93
N ASP A 479 -19.86 34.33 6.13
CA ASP A 479 -19.47 35.73 5.99
C ASP A 479 -19.30 36.10 4.52
N GLN A 480 -18.32 35.48 3.84
CA GLN A 480 -18.03 35.72 2.44
C GLN A 480 -18.25 34.43 1.67
N ALA A 481 -19.22 34.44 0.77
CA ALA A 481 -19.67 33.22 0.08
C ALA A 481 -19.02 33.10 -1.29
N ASP A 482 -18.48 31.91 -1.59
CA ASP A 482 -17.96 31.58 -2.91
C ASP A 482 -19.06 31.32 -3.93
N LEU A 483 -20.25 30.93 -3.46
CA LEU A 483 -21.40 30.67 -4.33
C LEU A 483 -22.65 31.03 -3.56
N ILE A 484 -23.62 31.60 -4.27
CA ILE A 484 -24.93 31.92 -3.69
C ILE A 484 -25.98 31.48 -4.70
N ALA A 485 -26.99 30.75 -4.22
CA ALA A 485 -28.04 30.23 -5.07
C ALA A 485 -29.40 30.74 -4.59
N CYS A 486 -30.24 31.13 -5.54
CA CYS A 486 -31.59 31.60 -5.23
C CYS A 486 -32.58 30.68 -5.92
N HIS A 487 -33.32 29.92 -5.14
CA HIS A 487 -34.22 28.91 -5.68
C HIS A 487 -35.65 29.41 -5.82
N ASN A 488 -35.89 30.68 -5.52
CA ASN A 488 -37.20 31.27 -5.69
C ASN A 488 -37.03 32.69 -6.22
N PRO A 489 -37.47 32.98 -7.44
CA PRO A 489 -37.25 34.30 -8.03
C PRO A 489 -37.99 35.42 -7.31
N SER A 490 -39.00 35.09 -6.50
CA SER A 490 -39.71 36.12 -5.77
C SER A 490 -38.81 36.82 -4.75
N TYR A 491 -37.71 36.19 -4.34
CA TYR A 491 -36.81 36.84 -3.41
C TYR A 491 -36.02 37.96 -4.08
N VAL A 492 -35.94 37.94 -5.42
CA VAL A 492 -35.21 38.97 -6.14
C VAL A 492 -35.92 40.30 -5.93
N GLY A 493 -35.22 41.25 -5.32
CA GLY A 493 -35.80 42.53 -4.96
C GLY A 493 -36.28 42.63 -3.53
N ARG A 494 -36.42 41.50 -2.83
CA ARG A 494 -36.80 41.52 -1.41
C ARG A 494 -35.60 41.54 -0.47
N TYR A 495 -34.71 40.58 -0.62
CA TYR A 495 -33.61 40.37 0.31
C TYR A 495 -32.26 40.59 -0.38
N ASN A 496 -31.29 41.09 0.38
CA ASN A 496 -29.93 41.29 -0.11
C ASN A 496 -29.25 39.93 -0.27
N LEU A 497 -29.51 39.28 -1.41
CA LEU A 497 -29.02 37.91 -1.61
C LEU A 497 -27.51 37.87 -1.77
N LEU A 498 -26.93 38.87 -2.42
CA LEU A 498 -25.50 38.87 -2.73
C LEU A 498 -24.65 39.51 -1.64
N GLU A 499 -25.09 39.45 -0.38
CA GLU A 499 -24.31 40.06 0.69
C GLU A 499 -23.06 39.20 0.95
N GLY A 500 -21.90 39.83 0.88
CA GLY A 500 -20.64 39.15 1.12
C GLY A 500 -20.18 38.24 0.03
N ILE A 501 -20.74 38.34 -1.18
CA ILE A 501 -20.30 37.48 -2.26
C ILE A 501 -18.85 37.80 -2.59
N LYS A 502 -18.02 36.76 -2.73
CA LYS A 502 -16.61 36.97 -3.02
C LYS A 502 -16.44 37.42 -4.46
N PRO A 503 -15.42 38.22 -4.75
CA PRO A 503 -15.20 38.66 -6.14
C PRO A 503 -14.85 37.48 -7.03
N GLY A 504 -15.47 37.44 -8.20
CA GLY A 504 -15.32 36.29 -9.08
C GLY A 504 -16.07 35.07 -8.62
N GLY A 505 -17.08 35.24 -7.76
CA GLY A 505 -17.85 34.14 -7.25
C GLY A 505 -19.02 33.77 -8.15
N ILE A 506 -19.64 32.66 -7.81
CA ILE A 506 -20.72 32.10 -8.60
C ILE A 506 -22.05 32.56 -8.03
N PHE A 507 -22.99 32.90 -8.91
CA PHE A 507 -24.35 33.23 -8.53
C PHE A 507 -25.30 32.36 -9.35
N LEU A 508 -26.15 31.60 -8.66
CA LEU A 508 -27.06 30.66 -9.30
C LEU A 508 -28.50 31.10 -9.07
N LEU A 509 -29.28 31.19 -10.14
CA LEU A 509 -30.64 31.71 -10.07
C LEU A 509 -31.62 30.79 -10.79
N ASN A 510 -32.83 30.72 -10.25
CA ASN A 510 -33.95 30.02 -10.87
C ASN A 510 -34.98 31.06 -11.29
N SER A 511 -35.29 31.09 -12.59
CA SER A 511 -36.25 32.06 -13.11
C SER A 511 -36.60 31.67 -14.54
N THR A 512 -37.66 32.29 -15.06
CA THR A 512 -38.04 32.16 -16.46
C THR A 512 -37.56 33.33 -17.30
N TRP A 513 -36.63 34.12 -16.77
CA TRP A 513 -36.17 35.32 -17.43
C TRP A 513 -35.05 35.02 -18.41
N SER A 514 -35.14 35.62 -19.60
CA SER A 514 -34.10 35.51 -20.60
C SER A 514 -32.92 36.41 -20.25
N ALA A 515 -31.79 36.17 -20.92
CA ALA A 515 -30.60 36.99 -20.66
C ALA A 515 -30.87 38.46 -20.96
N GLU A 516 -31.82 38.74 -21.86
CA GLU A 516 -32.20 40.12 -22.17
C GLU A 516 -33.16 40.67 -21.11
N GLU A 517 -34.13 39.87 -20.69
CA GLU A 517 -35.09 40.28 -19.67
C GLU A 517 -34.44 40.49 -18.32
N MET A 518 -33.18 40.06 -18.15
CA MET A 518 -32.50 40.28 -16.88
C MET A 518 -32.26 41.76 -16.60
N ASP A 519 -32.02 42.55 -17.65
CA ASP A 519 -31.81 43.98 -17.43
C ASP A 519 -33.01 44.66 -16.79
N SER A 520 -34.22 44.21 -17.11
CA SER A 520 -35.41 44.82 -16.53
C SER A 520 -35.86 44.17 -15.22
N ARG A 521 -35.79 42.84 -15.12
CA ARG A 521 -36.30 42.17 -13.92
C ARG A 521 -35.34 42.25 -12.73
N LEU A 522 -34.06 42.49 -12.97
CA LEU A 522 -33.16 42.52 -11.83
C LEU A 522 -33.01 43.95 -11.31
N PRO A 523 -32.95 44.12 -10.00
CA PRO A 523 -32.71 45.46 -9.43
C PRO A 523 -31.33 45.98 -9.81
N ALA A 524 -31.21 47.30 -9.76
CA ALA A 524 -29.96 47.95 -10.17
C ALA A 524 -28.81 47.58 -9.25
N ASP A 525 -29.06 47.54 -7.93
CA ASP A 525 -28.00 47.20 -7.00
C ASP A 525 -27.54 45.75 -7.20
N MET A 526 -28.45 44.86 -7.61
CA MET A 526 -28.06 43.49 -7.88
C MET A 526 -27.20 43.42 -9.13
N LYS A 527 -27.64 44.10 -10.20
CA LYS A 527 -26.85 44.15 -11.43
C LYS A 527 -25.52 44.84 -11.20
N ARG A 528 -25.47 45.80 -10.28
CA ARG A 528 -24.20 46.46 -9.95
C ARG A 528 -23.22 45.47 -9.32
N THR A 529 -23.70 44.69 -8.34
CA THR A 529 -22.80 43.73 -7.68
C THR A 529 -22.33 42.66 -8.64
N ILE A 530 -23.20 42.21 -9.55
CA ILE A 530 -22.79 41.17 -10.50
C ILE A 530 -21.65 41.66 -11.37
N ALA A 531 -21.77 42.88 -11.91
CA ALA A 531 -20.76 43.38 -12.82
C ALA A 531 -19.51 43.87 -12.10
N THR A 532 -19.68 44.52 -10.95
CA THR A 532 -18.53 45.09 -10.26
C THR A 532 -17.61 44.01 -9.73
N LYS A 533 -18.17 43.02 -9.04
CA LYS A 533 -17.38 41.92 -8.50
C LYS A 533 -17.04 40.87 -9.55
N LYS A 534 -17.47 41.07 -10.80
CA LYS A 534 -17.15 40.16 -11.91
C LYS A 534 -17.59 38.73 -11.60
N LEU A 535 -18.86 38.58 -11.22
CA LEU A 535 -19.38 37.28 -10.81
C LEU A 535 -19.78 36.46 -12.02
N LYS A 536 -19.62 35.14 -11.90
CA LYS A 536 -20.15 34.21 -12.89
C LYS A 536 -21.63 34.00 -12.61
N PHE A 537 -22.49 34.51 -13.49
CA PHE A 537 -23.93 34.52 -13.28
C PHE A 537 -24.56 33.43 -14.12
N TYR A 538 -25.25 32.50 -13.47
CA TYR A 538 -25.94 31.40 -14.12
C TYR A 538 -27.43 31.47 -13.83
N ASN A 539 -28.21 30.82 -14.68
CA ASN A 539 -29.66 30.84 -14.55
C ASN A 539 -30.24 29.58 -15.18
N ILE A 540 -31.28 29.04 -14.54
CA ILE A 540 -31.97 27.85 -15.05
C ILE A 540 -33.47 27.99 -14.78
N ASP A 541 -34.28 27.63 -15.78
CA ASP A 541 -35.73 27.62 -15.65
C ASP A 541 -36.19 26.31 -14.98
N ALA A 542 -35.89 26.21 -13.69
CA ALA A 542 -36.20 24.99 -12.96
C ALA A 542 -37.71 24.72 -12.93
N VAL A 543 -38.53 25.77 -13.03
CA VAL A 543 -39.98 25.59 -12.96
C VAL A 543 -40.48 24.84 -14.18
N LYS A 544 -40.00 25.23 -15.36
CA LYS A 544 -40.48 24.60 -16.60
C LYS A 544 -40.03 23.14 -16.67
N ILE A 545 -38.80 22.86 -16.23
CA ILE A 545 -38.32 21.48 -16.25
C ILE A 545 -39.18 20.60 -15.35
N ALA A 546 -39.63 21.16 -14.22
CA ALA A 546 -40.42 20.38 -13.27
C ALA A 546 -41.81 20.08 -13.81
N GLN A 547 -42.39 21.02 -14.56
CA GLN A 547 -43.74 20.81 -15.07
C GLN A 547 -43.76 19.90 -16.30
N GLU A 548 -42.65 19.83 -17.06
CA GLU A 548 -42.64 18.98 -18.23
C GLU A 548 -42.55 17.50 -17.85
N ILE A 549 -41.89 17.21 -16.72
CA ILE A 549 -41.80 15.83 -16.25
C ILE A 549 -42.89 15.49 -15.24
N GLY A 550 -43.61 16.49 -14.73
CA GLY A 550 -44.69 16.25 -13.79
C GLY A 550 -44.31 16.26 -12.33
N LEU A 551 -43.09 16.70 -11.99
CA LEU A 551 -42.67 16.75 -10.59
C LEU A 551 -43.39 17.83 -9.80
N GLY A 552 -44.01 18.80 -10.47
CA GLY A 552 -44.73 19.85 -9.76
C GLY A 552 -43.82 20.97 -9.33
N SER A 553 -43.90 21.33 -8.05
CA SER A 553 -43.11 22.42 -7.49
C SER A 553 -41.74 21.97 -7.00
N ARG A 554 -41.46 20.67 -7.01
CA ARG A 554 -40.18 20.16 -6.53
C ARG A 554 -39.09 20.49 -7.54
N ILE A 555 -38.21 21.42 -7.18
CA ILE A 555 -37.13 21.84 -8.06
C ILE A 555 -35.75 21.61 -7.45
N ASN A 556 -35.67 20.98 -6.28
CA ASN A 556 -34.37 20.83 -5.62
C ASN A 556 -33.41 20.00 -6.46
N VAL A 557 -33.88 18.88 -7.00
CA VAL A 557 -33.02 18.01 -7.79
C VAL A 557 -32.52 18.74 -9.03
N ILE A 558 -33.35 19.62 -9.60
CA ILE A 558 -32.90 20.43 -10.72
C ILE A 558 -31.81 21.40 -10.28
N MET A 559 -32.00 22.05 -9.13
CA MET A 559 -31.03 23.01 -8.64
C MET A 559 -29.81 22.35 -8.03
N GLN A 560 -29.98 21.19 -7.38
CA GLN A 560 -28.83 20.50 -6.82
C GLN A 560 -27.88 20.06 -7.92
N THR A 561 -28.43 19.52 -9.01
CA THR A 561 -27.62 19.12 -10.15
C THR A 561 -26.84 20.30 -10.70
N ALA A 562 -27.52 21.45 -10.85
CA ALA A 562 -26.87 22.66 -11.34
C ALA A 562 -25.76 23.11 -10.41
N PHE A 563 -25.90 22.85 -9.11
CA PHE A 563 -24.88 23.29 -8.15
C PHE A 563 -23.56 22.56 -8.39
N PHE A 564 -23.58 21.23 -8.34
CA PHE A 564 -22.36 20.47 -8.54
C PHE A 564 -21.77 20.72 -9.93
N LYS A 565 -22.61 21.17 -10.87
CA LYS A 565 -22.13 21.47 -12.21
C LYS A 565 -21.23 22.70 -12.23
N ILE A 566 -21.55 23.72 -11.43
CA ILE A 566 -20.78 24.97 -11.46
C ILE A 566 -19.75 25.03 -10.33
N ALA A 567 -20.02 24.36 -9.22
CA ALA A 567 -19.12 24.45 -8.08
C ALA A 567 -17.81 23.69 -8.30
N ASN A 568 -17.81 22.69 -9.18
CA ASN A 568 -16.61 21.87 -9.44
C ASN A 568 -16.01 21.33 -8.15
N VAL A 569 -16.86 20.98 -7.19
CA VAL A 569 -16.36 20.40 -5.95
C VAL A 569 -15.81 19.01 -6.21
N ILE A 570 -16.56 18.19 -6.94
CA ILE A 570 -16.10 16.88 -7.40
C ILE A 570 -16.38 16.88 -8.89
N PRO A 571 -15.59 16.15 -9.69
CA PRO A 571 -15.88 16.06 -11.13
C PRO A 571 -17.35 15.74 -11.40
N VAL A 572 -17.91 16.40 -12.40
CA VAL A 572 -19.35 16.36 -12.63
C VAL A 572 -19.81 14.95 -12.99
N ASP A 573 -18.94 14.18 -13.65
CA ASP A 573 -19.30 12.82 -13.99
C ASP A 573 -19.61 11.99 -12.75
N GLU A 574 -18.78 12.10 -11.72
CA GLU A 574 -18.99 11.37 -10.47
C GLU A 574 -20.13 11.98 -9.65
N ALA A 575 -20.29 13.30 -9.71
CA ALA A 575 -21.30 13.98 -8.90
C ALA A 575 -22.71 13.56 -9.28
N ILE A 576 -22.97 13.41 -10.58
CA ILE A 576 -24.31 13.07 -11.05
C ILE A 576 -24.70 11.67 -10.59
N LYS A 577 -23.74 10.73 -10.55
CA LYS A 577 -24.01 9.40 -10.02
C LYS A 577 -24.47 9.46 -8.57
N TYR A 578 -23.82 10.29 -7.77
CA TYR A 578 -24.18 10.40 -6.36
C TYR A 578 -25.55 11.05 -6.18
N ILE A 579 -25.95 11.93 -7.10
CA ILE A 579 -27.24 12.58 -7.00
C ILE A 579 -28.37 11.60 -7.31
N LYS A 580 -28.16 10.73 -8.30
CA LYS A 580 -29.16 9.72 -8.61
C LYS A 580 -29.30 8.73 -7.45
N ASP A 581 -28.21 8.44 -6.74
CA ASP A 581 -28.27 7.51 -5.61
C ASP A 581 -29.04 8.10 -4.44
N SER A 582 -28.88 9.40 -4.18
CA SER A 582 -29.60 10.03 -3.08
C SER A 582 -31.09 10.12 -3.36
N ILE A 583 -31.50 10.11 -4.63
CA ILE A 583 -32.92 10.11 -4.96
C ILE A 583 -33.59 8.85 -4.41
N VAL A 584 -32.93 7.70 -4.58
CA VAL A 584 -33.49 6.45 -4.08
C VAL A 584 -33.48 6.42 -2.56
N LYS A 585 -32.37 6.85 -1.96
CA LYS A 585 -32.22 6.78 -0.51
C LYS A 585 -33.08 7.81 0.22
N THR A 586 -33.46 8.90 -0.45
CA THR A 586 -34.29 9.93 0.17
C THR A 586 -35.74 9.87 -0.31
N TYR A 587 -35.97 9.82 -1.62
CA TYR A 587 -37.31 9.85 -2.19
C TYR A 587 -37.78 8.48 -2.65
N GLY A 588 -37.15 7.41 -2.16
CA GLY A 588 -37.55 6.08 -2.57
C GLY A 588 -38.95 5.71 -2.13
N LYS A 589 -39.34 6.15 -0.92
CA LYS A 589 -40.63 5.77 -0.33
C LYS A 589 -41.82 6.43 -1.02
N LYS A 590 -41.60 7.14 -2.12
CA LYS A 590 -42.72 7.80 -2.77
C LYS A 590 -43.28 7.03 -3.95
N GLY A 591 -42.46 6.30 -4.67
CA GLY A 591 -42.93 5.58 -5.84
C GLY A 591 -41.80 5.15 -6.73
N ASP A 592 -42.09 4.15 -7.57
CA ASP A 592 -41.10 3.75 -8.57
C ASP A 592 -41.15 4.66 -9.80
N LYS A 593 -42.34 5.17 -10.12
CA LYS A 593 -42.48 6.11 -11.23
C LYS A 593 -41.94 7.49 -10.87
N ILE A 594 -42.03 7.87 -9.59
CA ILE A 594 -41.56 9.18 -9.16
C ILE A 594 -40.04 9.28 -9.26
N LEU A 595 -39.33 8.15 -9.12
CA LEU A 595 -37.87 8.20 -9.19
C LEU A 595 -37.41 8.43 -10.63
N ASN A 596 -38.01 7.72 -11.60
CA ASN A 596 -37.64 7.96 -12.99
C ASN A 596 -37.99 9.37 -13.44
N MET A 597 -39.02 9.97 -12.85
CA MET A 597 -39.33 11.37 -13.15
C MET A 597 -38.31 12.33 -12.53
N ASN A 598 -37.73 11.96 -11.39
CA ASN A 598 -36.63 12.75 -10.83
C ASN A 598 -35.30 12.46 -11.51
N PHE A 599 -35.12 11.24 -12.02
CA PHE A 599 -33.90 10.92 -12.75
C PHE A 599 -33.81 11.73 -14.03
N ALA A 600 -34.91 11.79 -14.80
CA ALA A 600 -34.95 12.60 -16.00
C ALA A 600 -34.79 14.09 -15.69
N ALA A 601 -35.11 14.51 -14.47
CA ALA A 601 -34.93 15.91 -14.11
C ALA A 601 -33.46 16.27 -14.00
N VAL A 602 -32.63 15.31 -13.59
CA VAL A 602 -31.19 15.55 -13.48
C VAL A 602 -30.59 15.82 -14.85
N ASP A 603 -31.02 15.05 -15.86
CA ASP A 603 -30.42 15.18 -17.18
C ASP A 603 -30.85 16.48 -17.86
N ARG A 604 -32.14 16.81 -17.78
CA ARG A 604 -32.62 18.03 -18.39
C ARG A 604 -32.13 19.27 -17.65
N ALA A 605 -31.64 19.11 -16.42
CA ALA A 605 -31.14 20.25 -15.66
C ALA A 605 -29.77 20.69 -16.15
N LEU A 606 -28.92 19.73 -16.53
CA LEU A 606 -27.59 20.07 -17.03
C LEU A 606 -27.69 20.82 -18.35
N GLU A 607 -28.63 20.42 -19.20
CA GLU A 607 -28.75 20.99 -20.53
C GLU A 607 -29.43 22.35 -20.54
N ALA A 608 -30.14 22.69 -19.47
CA ALA A 608 -30.89 23.93 -19.41
C ALA A 608 -30.20 24.97 -18.54
N LEU A 609 -28.98 24.69 -18.09
CA LEU A 609 -28.24 25.67 -17.32
C LEU A 609 -27.60 26.65 -18.29
N GLU A 610 -27.75 27.94 -18.00
CA GLU A 610 -27.34 29.01 -18.91
C GLU A 610 -26.47 30.00 -18.17
N GLU A 611 -25.25 30.22 -18.66
CA GLU A 611 -24.42 31.27 -18.11
C GLU A 611 -24.78 32.58 -18.78
N ILE A 612 -25.05 33.59 -17.97
CA ILE A 612 -25.57 34.86 -18.47
C ILE A 612 -24.39 35.80 -18.68
N LYS A 613 -24.24 36.28 -19.92
CA LYS A 613 -23.22 37.25 -20.24
C LYS A 613 -23.83 38.64 -20.11
N TYR A 614 -23.40 39.35 -19.16
CA TYR A 614 -24.01 40.63 -18.85
C TYR A 614 -23.15 41.76 -19.36
N PRO A 615 -23.76 42.88 -19.76
CA PRO A 615 -22.97 44.04 -20.15
C PRO A 615 -22.21 44.60 -18.97
N ALA A 616 -20.93 44.94 -19.21
CA ALA A 616 -20.11 45.51 -18.14
C ALA A 616 -20.64 46.86 -17.70
N SER A 617 -21.52 47.47 -18.50
CA SER A 617 -22.18 48.71 -18.10
C SER A 617 -23.16 48.50 -16.94
N TRP A 618 -23.46 47.25 -16.58
CA TRP A 618 -24.31 47.00 -15.42
C TRP A 618 -23.70 47.56 -14.14
N ALA A 619 -22.39 47.79 -14.12
CA ALA A 619 -21.73 48.34 -12.95
C ALA A 619 -22.22 49.75 -12.64
N ASP A 620 -22.75 50.46 -13.64
CA ASP A 620 -23.20 51.83 -13.49
C ASP A 620 -24.72 51.96 -13.48
N ALA A 621 -25.43 50.88 -13.19
CA ALA A 621 -26.88 50.91 -13.11
C ALA A 621 -27.32 51.73 -11.90
N VAL A 622 -28.46 52.40 -12.04
CA VAL A 622 -28.94 53.37 -11.06
C VAL A 622 -30.20 52.84 -10.41
N ASP A 623 -30.26 52.97 -9.07
CA ASP A 623 -31.41 52.54 -8.30
C ASP A 623 -32.69 53.14 -8.86
N GLU A 624 -33.77 52.38 -8.76
CA GLU A 624 -35.07 52.83 -9.24
C GLU A 624 -35.54 54.03 -8.42
N ALA A 625 -36.43 54.81 -9.01
CA ALA A 625 -37.04 55.91 -8.29
C ALA A 625 -38.06 55.37 -7.30
N ALA A 626 -37.92 55.75 -6.04
CA ALA A 626 -38.84 55.29 -5.01
C ALA A 626 -40.23 55.86 -5.25
N ALA A 627 -41.21 54.96 -5.32
CA ALA A 627 -42.60 55.39 -5.45
C ALA A 627 -43.01 56.21 -4.22
N THR A 628 -44.13 56.91 -4.35
CA THR A 628 -44.64 57.77 -3.28
C THR A 628 -44.73 56.99 -1.96
N VAL A 629 -43.90 57.37 -0.99
CA VAL A 629 -43.86 56.64 0.27
C VAL A 629 -45.19 56.73 0.99
N THR A 630 -45.43 55.77 1.88
CA THR A 630 -46.66 55.69 2.64
C THR A 630 -46.39 56.02 4.11
N GLU A 631 -47.39 56.59 4.77
CA GLU A 631 -47.29 56.98 6.17
C GLU A 631 -47.81 55.83 7.02
N GLU A 632 -46.93 54.90 7.36
CA GLU A 632 -47.25 53.76 8.20
C GLU A 632 -46.93 54.05 9.66
N PRO A 633 -47.57 53.33 10.58
CA PRO A 633 -47.28 53.54 12.01
C PRO A 633 -45.80 53.35 12.34
N GLU A 634 -45.39 53.95 13.45
CA GLU A 634 -43.98 53.91 13.83
C GLU A 634 -43.52 52.48 14.04
N PHE A 635 -44.35 51.65 14.67
CA PHE A 635 -43.95 50.26 14.93
C PHE A 635 -43.79 49.48 13.62
N ILE A 636 -44.72 49.65 12.69
CA ILE A 636 -44.61 48.97 11.40
C ILE A 636 -43.36 49.42 10.68
N GLN A 637 -43.05 50.71 10.75
CA GLN A 637 -41.93 51.26 10.00
C GLN A 637 -40.58 50.90 10.61
N LYS A 638 -40.45 50.99 11.93
CA LYS A 638 -39.16 50.77 12.58
C LYS A 638 -38.93 49.33 13.02
N VAL A 639 -39.98 48.53 13.20
CA VAL A 639 -39.82 47.20 13.77
C VAL A 639 -40.25 46.11 12.79
N LEU A 640 -41.53 46.15 12.37
CA LEU A 640 -42.07 45.03 11.58
C LEU A 640 -41.41 44.95 10.21
N ARG A 641 -41.28 46.07 9.51
CA ARG A 641 -40.64 46.03 8.20
C ARG A 641 -39.18 45.61 8.26
N PRO A 642 -38.32 46.18 9.11
CA PRO A 642 -36.93 45.73 9.12
C PRO A 642 -36.76 44.26 9.48
N ILE A 643 -37.59 43.72 10.37
CA ILE A 643 -37.46 42.30 10.74
C ILE A 643 -37.84 41.42 9.57
N ASN A 644 -38.96 41.73 8.90
CA ASN A 644 -39.36 40.95 7.74
C ASN A 644 -38.35 41.06 6.61
N ALA A 645 -37.64 42.18 6.53
CA ALA A 645 -36.59 42.37 5.54
C ALA A 645 -35.27 41.73 5.95
N LEU A 646 -35.29 40.89 6.99
CA LEU A 646 -34.10 40.16 7.45
C LEU A 646 -32.98 41.12 7.87
N LYS A 647 -33.35 42.21 8.55
CA LYS A 647 -32.37 43.14 9.10
C LYS A 647 -32.63 43.40 10.58
N GLY A 648 -33.34 42.49 11.26
CA GLY A 648 -33.70 42.72 12.65
C GLY A 648 -32.50 42.82 13.57
N ASP A 649 -31.41 42.15 13.22
CA ASP A 649 -30.21 42.20 14.05
C ASP A 649 -29.57 43.59 14.07
N GLU A 650 -29.92 44.46 13.13
CA GLU A 650 -29.39 45.82 13.18
C GLU A 650 -30.12 46.71 14.19
N LEU A 651 -31.28 46.28 14.68
CA LEU A 651 -32.06 47.11 15.58
C LEU A 651 -31.37 47.21 16.95
N PRO A 652 -31.24 48.41 17.51
CA PRO A 652 -30.62 48.55 18.83
C PRO A 652 -31.59 48.22 19.96
N VAL A 653 -31.04 48.20 21.17
CA VAL A 653 -31.81 47.85 22.36
C VAL A 653 -32.95 48.82 22.59
N SER A 654 -32.75 50.10 22.24
CA SER A 654 -33.76 51.12 22.45
C SER A 654 -35.02 50.88 21.61
N THR A 655 -35.00 49.90 20.71
CA THR A 655 -36.17 49.69 19.86
C THR A 655 -37.31 49.03 20.62
N PHE A 656 -37.00 48.27 21.67
CA PHE A 656 -37.93 47.33 22.25
C PHE A 656 -38.41 47.73 23.63
N THR A 657 -39.63 47.33 23.95
CA THR A 657 -40.19 47.51 25.27
C THR A 657 -39.50 46.57 26.27
N PRO A 658 -39.42 46.95 27.54
CA PRO A 658 -38.72 46.11 28.52
C PRO A 658 -39.50 44.89 28.98
N ASP A 659 -40.77 44.76 28.59
CA ASP A 659 -41.61 43.66 29.08
C ASP A 659 -42.22 42.84 27.95
N GLY A 660 -41.69 42.95 26.73
CA GLY A 660 -42.17 42.11 25.65
C GLY A 660 -43.61 42.35 25.25
N VAL A 661 -44.08 43.59 25.35
CA VAL A 661 -45.44 43.93 24.97
C VAL A 661 -45.44 44.40 23.52
N PHE A 662 -46.39 43.89 22.74
CA PHE A 662 -46.47 44.17 21.31
C PHE A 662 -47.86 44.69 20.96
N PRO A 663 -47.96 45.47 19.89
CA PRO A 663 -49.27 45.97 19.47
C PRO A 663 -50.10 44.88 18.80
N VAL A 664 -51.40 45.14 18.70
CA VAL A 664 -52.32 44.22 18.06
C VAL A 664 -52.64 44.72 16.66
N GLY A 665 -53.16 43.83 15.82
CA GLY A 665 -53.55 44.19 14.48
C GLY A 665 -52.41 44.65 13.59
N THR A 666 -51.33 43.86 13.51
CA THR A 666 -50.18 44.18 12.69
C THR A 666 -49.96 43.23 11.53
N THR A 667 -50.68 42.10 11.48
CA THR A 667 -50.52 41.17 10.37
C THR A 667 -51.14 41.69 9.08
N LYS A 668 -52.05 42.66 9.17
CA LYS A 668 -52.63 43.23 7.97
C LYS A 668 -51.61 44.00 7.15
N TYR A 669 -50.45 44.31 7.72
CA TYR A 669 -49.38 45.02 7.03
C TYR A 669 -48.40 44.08 6.33
N GLU A 670 -48.61 42.77 6.43
CA GLU A 670 -47.67 41.84 5.81
C GLU A 670 -47.92 41.70 4.31
N LYS A 671 -49.14 41.32 3.93
CA LYS A 671 -49.52 41.15 2.53
C LYS A 671 -48.51 40.26 1.80
N ARG A 672 -48.41 39.01 2.28
CA ARG A 672 -47.38 38.11 1.78
C ARG A 672 -47.62 37.73 0.33
N GLY A 673 -48.87 37.49 -0.04
CA GLY A 673 -49.21 37.13 -1.41
C GLY A 673 -48.56 35.83 -1.85
N ILE A 674 -48.73 34.78 -1.04
CA ILE A 674 -48.09 33.49 -1.31
C ILE A 674 -49.02 32.51 -1.99
N ALA A 675 -50.24 32.93 -2.32
CA ALA A 675 -51.20 32.00 -2.88
C ALA A 675 -50.89 31.70 -4.34
N VAL A 676 -51.08 30.44 -4.72
CA VAL A 676 -51.00 30.08 -6.13
C VAL A 676 -52.33 30.35 -6.83
N ASN A 677 -53.43 30.05 -6.15
CA ASN A 677 -54.77 30.33 -6.63
C ASN A 677 -55.56 31.03 -5.55
N ILE A 678 -56.49 31.89 -5.96
CA ILE A 678 -57.36 32.57 -5.01
C ILE A 678 -58.79 32.40 -5.49
N PRO A 679 -59.78 32.39 -4.60
CA PRO A 679 -61.17 32.22 -5.05
C PRO A 679 -61.67 33.45 -5.77
N GLN A 680 -62.36 33.22 -6.87
CA GLN A 680 -63.02 34.28 -7.63
C GLN A 680 -64.53 34.14 -7.47
N TRP A 681 -65.19 35.23 -7.09
CA TRP A 681 -66.60 35.16 -6.74
C TRP A 681 -67.47 35.27 -7.99
N GLN A 682 -68.46 34.37 -8.07
CA GLN A 682 -69.45 34.37 -9.15
C GLN A 682 -70.74 34.96 -8.60
N PRO A 683 -71.06 36.23 -8.87
CA PRO A 683 -72.24 36.84 -8.24
C PRO A 683 -73.55 36.17 -8.62
N GLU A 684 -73.63 35.55 -9.80
CA GLU A 684 -74.86 34.92 -10.25
C GLU A 684 -75.14 33.60 -9.54
N ASN A 685 -74.12 32.96 -8.98
CA ASN A 685 -74.27 31.66 -8.34
C ASN A 685 -74.36 31.75 -6.82
N CYS A 686 -74.21 32.94 -6.24
CA CYS A 686 -74.12 33.08 -4.80
C CYS A 686 -75.51 33.18 -4.18
N ILE A 687 -75.76 32.36 -3.15
CA ILE A 687 -77.01 32.39 -2.41
C ILE A 687 -76.92 33.26 -1.16
N GLN A 688 -75.78 33.92 -0.93
CA GLN A 688 -75.58 34.82 0.20
C GLN A 688 -75.77 34.09 1.53
N CYS A 689 -74.90 33.10 1.77
CA CYS A 689 -74.93 32.31 2.99
C CYS A 689 -73.73 32.55 3.90
N ASN A 690 -72.67 33.17 3.39
CA ASN A 690 -71.49 33.57 4.16
C ASN A 690 -70.73 32.38 4.74
N GLN A 691 -70.94 31.17 4.21
CA GLN A 691 -70.18 30.02 4.68
C GLN A 691 -68.71 30.10 4.28
N CYS A 692 -68.39 30.80 3.19
CA CYS A 692 -66.99 30.91 2.78
C CYS A 692 -66.19 31.74 3.77
N SER A 693 -66.80 32.79 4.33
CA SER A 693 -66.10 33.59 5.35
C SER A 693 -65.90 32.80 6.64
N LEU A 694 -66.79 31.84 6.91
CA LEU A 694 -66.72 31.10 8.17
C LEU A 694 -65.53 30.15 8.20
N VAL A 695 -65.25 29.46 7.09
CA VAL A 695 -64.25 28.40 7.08
C VAL A 695 -62.86 28.89 6.69
N CYS A 696 -62.71 30.16 6.35
CA CYS A 696 -61.43 30.69 5.90
C CYS A 696 -60.44 30.70 7.06
N PRO A 697 -59.33 29.97 6.98
CA PRO A 697 -58.38 29.94 8.11
C PRO A 697 -57.57 31.23 8.28
N HIS A 698 -57.77 32.24 7.43
CA HIS A 698 -56.99 33.47 7.52
C HIS A 698 -57.85 34.73 7.40
N ALA A 699 -59.18 34.58 7.40
CA ALA A 699 -60.09 35.72 7.28
C ALA A 699 -59.80 36.53 6.02
N ALA A 700 -59.41 35.83 4.95
CA ALA A 700 -59.07 36.46 3.69
C ALA A 700 -60.27 36.63 2.77
N ILE A 701 -61.42 36.07 3.13
CA ILE A 701 -62.65 36.18 2.35
C ILE A 701 -63.79 36.51 3.29
N ARG A 702 -64.50 37.60 3.00
CA ARG A 702 -65.52 38.14 3.88
C ARG A 702 -66.70 38.66 3.06
N PRO A 703 -67.90 38.70 3.63
CA PRO A 703 -69.02 39.39 2.98
C PRO A 703 -69.07 40.86 3.36
N TYR A 704 -69.50 41.67 2.41
CA TYR A 704 -69.54 43.12 2.57
C TYR A 704 -70.93 43.63 2.21
N LEU A 705 -71.51 44.44 3.09
CA LEU A 705 -72.77 45.11 2.83
C LEU A 705 -72.52 46.61 2.65
N ALA A 706 -73.29 47.22 1.75
CA ALA A 706 -73.08 48.62 1.45
C ALA A 706 -74.36 49.22 0.88
N LYS A 707 -74.68 50.43 1.34
CA LYS A 707 -75.75 51.20 0.73
C LYS A 707 -75.35 51.57 -0.70
N PRO A 708 -76.34 51.75 -1.59
CA PRO A 708 -75.99 52.03 -3.00
C PRO A 708 -75.17 53.31 -3.19
N ALA A 709 -75.25 54.26 -2.26
CA ALA A 709 -74.45 55.48 -2.37
C ALA A 709 -72.97 55.21 -2.13
N ASP A 710 -72.65 54.23 -1.29
CA ASP A 710 -71.27 53.93 -0.94
C ASP A 710 -70.50 53.25 -2.06
N LEU A 711 -71.17 52.89 -3.16
CA LEU A 711 -70.50 52.29 -4.32
C LEU A 711 -70.09 53.32 -5.36
N ALA A 712 -69.80 54.55 -4.94
CA ALA A 712 -69.46 55.61 -5.88
C ALA A 712 -68.12 55.35 -6.56
N GLY A 713 -67.04 55.33 -5.78
CA GLY A 713 -65.71 55.12 -6.32
C GLY A 713 -65.33 53.67 -6.50
N ALA A 714 -66.32 52.80 -6.62
CA ALA A 714 -66.05 51.37 -6.77
C ALA A 714 -65.44 51.09 -8.13
N PRO A 715 -64.48 50.16 -8.21
CA PRO A 715 -63.94 49.76 -9.51
C PRO A 715 -65.00 49.06 -10.35
N GLU A 716 -64.70 48.94 -11.65
CA GLU A 716 -65.65 48.30 -12.56
C GLU A 716 -65.88 46.84 -12.22
N THR A 717 -64.90 46.19 -11.58
CA THR A 717 -64.99 44.78 -11.23
C THR A 717 -65.67 44.53 -9.89
N PHE A 718 -66.06 45.58 -9.15
CA PHE A 718 -66.72 45.42 -7.86
C PHE A 718 -68.22 45.19 -8.06
N VAL A 719 -68.53 44.12 -8.78
CA VAL A 719 -69.93 43.80 -9.11
C VAL A 719 -70.66 43.37 -7.86
N THR A 720 -71.84 43.94 -7.65
CA THR A 720 -72.64 43.67 -6.46
C THR A 720 -73.98 43.04 -6.84
N LYS A 721 -74.67 42.56 -5.81
CA LYS A 721 -75.99 41.97 -5.93
C LYS A 721 -76.85 42.49 -4.79
N ASP A 722 -78.17 42.51 -5.02
CA ASP A 722 -79.07 42.93 -3.96
C ASP A 722 -78.99 41.98 -2.77
N ALA A 723 -79.03 42.54 -1.56
CA ALA A 723 -78.82 41.75 -0.36
C ALA A 723 -80.11 41.03 0.01
N ILE A 724 -80.00 39.73 0.28
CA ILE A 724 -81.14 38.91 0.66
C ILE A 724 -81.35 39.01 2.17
N GLY A 725 -82.60 39.16 2.58
CA GLY A 725 -82.94 39.25 3.98
C GLY A 725 -83.60 40.56 4.35
N LYS A 726 -84.59 40.50 5.25
CA LYS A 726 -85.30 41.71 5.65
C LYS A 726 -84.43 42.67 6.43
N GLU A 727 -83.35 42.19 7.06
CA GLU A 727 -82.47 43.08 7.80
C GLU A 727 -81.65 43.96 6.85
N ALA A 728 -81.21 43.40 5.73
CA ALA A 728 -80.36 44.10 4.77
C ALA A 728 -81.12 44.50 3.52
N ALA A 729 -82.40 44.84 3.66
CA ALA A 729 -83.19 45.26 2.51
C ALA A 729 -82.65 46.57 1.95
N GLY A 730 -82.64 46.66 0.62
CA GLY A 730 -82.14 47.86 -0.03
C GLY A 730 -80.64 48.03 0.02
N LEU A 731 -79.89 46.99 0.36
CA LEU A 731 -78.44 47.04 0.45
C LEU A 731 -77.81 46.14 -0.60
N LYS A 732 -76.53 46.38 -0.86
CA LYS A 732 -75.76 45.56 -1.78
C LYS A 732 -74.89 44.56 -1.03
N PHE A 733 -74.64 43.43 -1.69
CA PHE A 733 -73.89 42.31 -1.13
C PHE A 733 -72.79 41.89 -2.08
N ARG A 734 -71.64 41.51 -1.53
CA ARG A 734 -70.53 41.02 -2.33
C ARG A 734 -69.61 40.19 -1.47
N ILE A 735 -69.16 39.07 -2.01
CA ILE A 735 -68.13 38.25 -1.38
C ILE A 735 -66.78 38.69 -1.97
N GLN A 736 -65.93 39.29 -1.16
CA GLN A 736 -64.65 39.82 -1.61
C GLN A 736 -63.51 39.11 -0.89
N VAL A 737 -62.47 38.76 -1.65
CA VAL A 737 -61.32 38.06 -1.12
C VAL A 737 -60.14 39.04 -1.09
N SER A 738 -59.26 38.86 -0.10
CA SER A 738 -58.03 39.62 -0.02
C SER A 738 -56.94 38.84 -0.73
N PRO A 739 -56.51 39.25 -1.93
CA PRO A 739 -55.56 38.41 -2.68
C PRO A 739 -54.20 38.28 -2.01
N LEU A 740 -53.70 39.35 -1.40
CA LEU A 740 -52.36 39.31 -0.84
C LEU A 740 -52.28 38.57 0.49
N ASP A 741 -53.41 38.36 1.16
CA ASP A 741 -53.43 37.61 2.41
C ASP A 741 -53.95 36.19 2.27
N CYS A 742 -54.55 35.86 1.12
CA CYS A 742 -55.06 34.50 0.92
C CYS A 742 -53.89 33.53 0.77
N THR A 743 -54.13 32.28 1.18
CA THR A 743 -53.12 31.23 1.11
C THR A 743 -53.36 30.23 0.01
N GLY A 744 -54.49 30.32 -0.70
CA GLY A 744 -54.75 29.38 -1.78
C GLY A 744 -55.13 27.99 -1.35
N CYS A 745 -55.64 27.83 -0.12
CA CYS A 745 -55.92 26.49 0.38
C CYS A 745 -57.12 25.87 -0.34
N GLY A 746 -58.12 26.67 -0.67
CA GLY A 746 -59.29 26.17 -1.38
C GLY A 746 -60.41 25.65 -0.51
N ASN A 747 -60.39 25.92 0.80
CA ASN A 747 -61.45 25.44 1.67
C ASN A 747 -62.77 26.18 1.41
N CYS A 748 -62.71 27.47 1.08
CA CYS A 748 -63.94 28.22 0.90
C CYS A 748 -64.72 27.72 -0.32
N ALA A 749 -64.03 27.32 -1.38
CA ALA A 749 -64.72 26.81 -2.57
C ALA A 749 -65.33 25.43 -2.32
N ASP A 750 -64.74 24.63 -1.44
CA ASP A 750 -65.27 23.29 -1.19
C ASP A 750 -66.54 23.34 -0.36
N VAL A 751 -66.66 24.33 0.51
CA VAL A 751 -67.82 24.43 1.40
C VAL A 751 -69.01 25.09 0.71
N CYS A 752 -68.78 25.88 -0.35
CA CYS A 752 -69.81 26.64 -1.04
C CYS A 752 -70.95 25.71 -1.46
N PRO A 753 -72.13 25.86 -0.85
CA PRO A 753 -73.23 24.91 -1.08
C PRO A 753 -74.17 25.28 -2.21
N ALA A 754 -73.85 26.30 -3.00
CA ALA A 754 -74.74 26.72 -4.08
C ALA A 754 -74.87 25.62 -5.14
N LYS A 755 -75.95 25.70 -5.91
CA LYS A 755 -76.17 24.77 -7.01
C LYS A 755 -74.99 24.79 -7.97
N VAL A 756 -74.70 25.96 -8.52
CA VAL A 756 -73.47 26.20 -9.28
C VAL A 756 -72.47 26.86 -8.35
N LYS A 757 -71.23 26.39 -8.37
CA LYS A 757 -70.21 26.92 -7.48
C LYS A 757 -70.02 28.41 -7.72
N ALA A 758 -70.25 29.21 -6.68
CA ALA A 758 -70.05 30.65 -6.77
C ALA A 758 -68.59 31.05 -6.58
N LEU A 759 -67.72 30.08 -6.29
CA LEU A 759 -66.30 30.33 -6.12
C LEU A 759 -65.53 29.35 -7.00
N THR A 760 -64.64 29.89 -7.83
CA THR A 760 -63.79 29.07 -8.69
C THR A 760 -62.34 29.47 -8.48
N MET A 761 -61.45 28.49 -8.44
CA MET A 761 -60.04 28.73 -8.21
C MET A 761 -59.37 29.21 -9.49
N VAL A 762 -58.85 30.43 -9.47
CA VAL A 762 -58.13 30.99 -10.61
C VAL A 762 -56.72 31.31 -10.15
N PRO A 763 -55.73 31.29 -11.05
CA PRO A 763 -54.35 31.64 -10.64
C PRO A 763 -54.27 33.07 -10.12
N LEU A 764 -53.40 33.26 -9.12
CA LEU A 764 -53.30 34.56 -8.47
C LEU A 764 -52.81 35.63 -9.45
N GLU A 765 -51.75 35.32 -10.21
CA GLU A 765 -51.13 36.34 -11.04
C GLU A 765 -52.08 36.90 -12.10
N GLU A 766 -53.08 36.10 -12.49
CA GLU A 766 -54.02 36.57 -13.52
C GLU A 766 -54.97 37.62 -12.97
N VAL A 767 -55.36 37.52 -11.70
CA VAL A 767 -56.38 38.39 -11.14
C VAL A 767 -55.86 39.20 -9.95
N THR A 768 -54.54 39.20 -9.72
CA THR A 768 -54.02 39.92 -8.56
C THR A 768 -54.19 41.42 -8.70
N ALA A 769 -53.93 41.97 -9.89
CA ALA A 769 -54.10 43.41 -10.09
C ALA A 769 -55.56 43.81 -9.95
N VAL A 770 -56.47 42.96 -10.41
CA VAL A 770 -57.89 43.26 -10.33
C VAL A 770 -58.39 43.15 -8.89
N GLU A 771 -58.16 41.99 -8.26
CA GLU A 771 -58.72 41.73 -6.94
C GLU A 771 -58.07 42.60 -5.85
N GLU A 772 -56.87 43.13 -6.09
CA GLU A 772 -56.29 44.06 -5.13
C GLU A 772 -57.10 45.35 -5.07
N ALA A 773 -57.47 45.90 -6.23
CA ALA A 773 -58.29 47.10 -6.24
C ALA A 773 -59.67 46.85 -5.65
N ASN A 774 -60.21 45.64 -5.85
CA ASN A 774 -61.51 45.30 -5.28
C ASN A 774 -61.44 45.26 -3.76
N TYR A 775 -60.43 44.57 -3.21
CA TYR A 775 -60.31 44.47 -1.76
C TYR A 775 -60.03 45.84 -1.14
N ASN A 776 -59.20 46.65 -1.79
CA ASN A 776 -58.86 47.95 -1.23
C ASN A 776 -60.09 48.84 -1.12
N PHE A 777 -61.06 48.68 -2.02
CA PHE A 777 -62.31 49.43 -1.89
C PHE A 777 -63.22 48.80 -0.85
N ALA A 778 -63.32 47.47 -0.83
CA ALA A 778 -64.17 46.80 0.14
C ALA A 778 -63.69 47.03 1.57
N GLU A 779 -62.37 47.13 1.76
CA GLU A 779 -61.84 47.35 3.10
C GLU A 779 -62.20 48.73 3.63
N GLN A 780 -62.38 49.71 2.76
CA GLN A 780 -62.68 51.07 3.19
C GLN A 780 -64.18 51.36 3.25
N LEU A 781 -65.03 50.36 3.08
CA LEU A 781 -66.46 50.60 3.20
C LEU A 781 -66.82 50.91 4.65
N PRO A 782 -67.75 51.83 4.89
CA PRO A 782 -68.13 52.16 6.26
C PRO A 782 -68.90 51.00 6.90
N GLU A 783 -68.93 51.01 8.23
CA GLU A 783 -69.66 49.99 8.97
C GLU A 783 -71.15 50.15 8.73
N VAL A 784 -71.85 49.02 8.65
CA VAL A 784 -73.29 48.99 8.39
C VAL A 784 -73.94 48.24 9.53
N LYS A 785 -74.73 48.94 10.33
CA LYS A 785 -75.48 48.29 11.41
C LYS A 785 -76.58 47.42 10.81
N VAL A 786 -76.55 46.12 11.12
CA VAL A 786 -77.52 45.16 10.62
C VAL A 786 -78.02 44.34 11.79
N ASN A 787 -79.28 43.91 11.70
CA ASN A 787 -79.92 43.13 12.76
C ASN A 787 -80.00 41.65 12.44
N PHE A 788 -79.03 41.13 11.69
CA PHE A 788 -78.95 39.68 11.48
C PHE A 788 -78.61 38.98 12.80
N ASN A 789 -79.25 37.85 13.03
CA ASN A 789 -79.06 37.10 14.27
C ASN A 789 -77.64 36.57 14.34
N PRO A 790 -76.83 36.95 15.34
CA PRO A 790 -75.46 36.45 15.42
C PRO A 790 -75.37 34.96 15.73
N ALA A 791 -76.46 34.32 16.16
CA ALA A 791 -76.43 32.89 16.47
C ALA A 791 -76.41 32.00 15.25
N THR A 792 -76.62 32.55 14.04
CA THR A 792 -76.56 31.78 12.81
C THR A 792 -75.23 32.00 12.11
N VAL A 793 -74.94 31.10 11.16
CA VAL A 793 -73.69 31.19 10.42
C VAL A 793 -73.67 32.45 9.58
N LYS A 794 -74.77 32.74 8.88
CA LYS A 794 -74.83 33.94 8.05
C LYS A 794 -74.73 35.20 8.91
N GLY A 795 -75.40 35.22 10.06
CA GLY A 795 -75.37 36.40 10.90
C GLY A 795 -74.03 36.63 11.57
N SER A 796 -73.32 35.54 11.91
CA SER A 796 -72.05 35.68 12.60
C SER A 796 -70.97 36.26 11.70
N GLN A 797 -71.02 35.96 10.40
CA GLN A 797 -69.98 36.39 9.49
C GLN A 797 -70.11 37.86 9.08
N PHE A 798 -71.26 38.49 9.34
CA PHE A 798 -71.37 39.92 9.15
C PHE A 798 -70.65 40.71 10.24
N ARG A 799 -70.25 40.05 11.32
CA ARG A 799 -69.41 40.68 12.34
C ARG A 799 -67.95 40.68 11.89
N GLN A 800 -67.24 41.75 12.25
CA GLN A 800 -65.84 41.89 11.82
C GLN A 800 -64.95 40.83 12.48
N PRO A 801 -64.15 40.10 11.72
CA PRO A 801 -63.21 39.15 12.34
C PRO A 801 -62.07 39.89 13.03
N LEU A 802 -61.74 39.43 14.24
CA LEU A 802 -60.64 39.98 15.02
C LEU A 802 -59.43 39.05 15.09
N LEU A 803 -59.38 38.04 14.22
CA LEU A 803 -58.19 37.21 14.05
C LEU A 803 -57.96 37.06 12.55
N GLU A 804 -56.90 37.67 12.03
CA GLU A 804 -56.70 37.76 10.60
C GLU A 804 -55.23 37.54 10.23
N PHE A 805 -55.02 36.78 9.16
CA PHE A 805 -53.74 36.73 8.44
C PHE A 805 -52.62 36.15 9.31
N SER A 806 -52.93 35.11 10.07
CA SER A 806 -51.97 34.50 10.98
C SER A 806 -50.96 33.66 10.19
N GLY A 807 -49.98 33.13 10.91
CA GLY A 807 -48.96 32.27 10.36
C GLY A 807 -49.29 30.80 10.32
N ALA A 808 -50.56 30.42 10.52
CA ALA A 808 -50.93 29.02 10.47
C ALA A 808 -50.80 28.47 9.04
N CYS A 809 -50.79 27.15 8.94
CA CYS A 809 -50.68 26.49 7.64
C CYS A 809 -51.89 26.80 6.76
N ALA A 810 -51.71 26.57 5.47
CA ALA A 810 -52.82 26.70 4.54
C ALA A 810 -53.87 25.65 4.85
N GLY A 811 -55.08 26.10 5.15
CA GLY A 811 -56.14 25.18 5.52
C GLY A 811 -56.07 24.64 6.92
N CYS A 812 -55.46 25.38 7.85
CA CYS A 812 -55.34 24.91 9.23
C CYS A 812 -56.71 24.68 9.86
N GLY A 813 -56.81 23.62 10.65
CA GLY A 813 -58.05 23.32 11.33
C GLY A 813 -58.25 24.03 12.65
N GLU A 814 -57.29 24.86 13.08
CA GLU A 814 -57.37 25.57 14.35
C GLU A 814 -57.93 26.97 14.23
N THR A 815 -57.37 27.79 13.33
CA THR A 815 -57.74 29.20 13.29
C THR A 815 -59.21 29.48 12.99
N PRO A 816 -59.94 28.69 12.20
CA PRO A 816 -61.38 28.98 12.02
C PRO A 816 -62.17 29.02 13.31
N TYR A 817 -61.78 28.23 14.31
CA TYR A 817 -62.50 28.24 15.58
C TYR A 817 -62.33 29.56 16.32
N VAL A 818 -61.07 30.01 16.49
CA VAL A 818 -60.82 31.25 17.22
C VAL A 818 -61.42 32.44 16.48
N LYS A 819 -61.36 32.43 15.15
CA LYS A 819 -61.93 33.53 14.37
C LYS A 819 -63.41 33.71 14.64
N LEU A 820 -64.16 32.61 14.75
CA LEU A 820 -65.58 32.71 15.05
C LEU A 820 -65.82 33.27 16.45
N VAL A 821 -64.96 32.91 17.40
CA VAL A 821 -65.12 33.42 18.76
C VAL A 821 -64.88 34.92 18.79
N THR A 822 -63.91 35.42 18.02
CA THR A 822 -63.66 36.85 18.00
C THR A 822 -64.82 37.61 17.35
N GLN A 823 -65.51 36.98 16.40
CA GLN A 823 -66.64 37.65 15.77
C GLN A 823 -67.86 37.72 16.69
N LEU A 824 -67.93 36.85 17.70
CA LEU A 824 -69.05 36.83 18.63
C LEU A 824 -68.78 37.63 19.90
N PHE A 825 -67.64 37.40 20.55
CA PHE A 825 -67.34 38.01 21.84
C PHE A 825 -65.99 38.72 21.85
N GLY A 826 -65.34 38.91 20.69
CA GLY A 826 -64.04 39.55 20.65
C GLY A 826 -64.03 40.97 21.20
N ASP A 827 -65.21 41.62 21.22
CA ASP A 827 -65.31 42.97 21.74
C ASP A 827 -64.88 43.06 23.19
N ARG A 828 -64.97 41.95 23.94
CA ARG A 828 -64.82 42.02 25.39
C ARG A 828 -64.16 40.76 25.95
N MET A 829 -63.23 40.15 25.22
CA MET A 829 -62.62 38.90 25.67
C MET A 829 -61.11 39.06 25.88
N ILE A 830 -60.59 38.25 26.81
CA ILE A 830 -59.17 38.16 27.10
C ILE A 830 -58.75 36.70 26.94
N ILE A 831 -57.62 36.47 26.25
CA ILE A 831 -57.19 35.13 25.86
C ILE A 831 -55.95 34.75 26.66
N ALA A 832 -56.00 33.57 27.28
CA ALA A 832 -54.84 32.92 27.87
C ALA A 832 -54.50 31.72 26.99
N ASN A 833 -53.44 31.85 26.20
CA ASN A 833 -53.11 30.88 25.16
C ASN A 833 -51.92 30.05 25.59
N ALA A 834 -52.05 28.73 25.50
CA ALA A 834 -50.95 27.84 25.83
C ALA A 834 -49.90 27.88 24.73
N THR A 835 -48.68 27.48 25.09
CA THR A 835 -47.64 27.34 24.08
C THR A 835 -48.02 26.20 23.13
N GLY A 836 -47.78 26.43 21.85
CA GLY A 836 -48.18 25.49 20.83
C GLY A 836 -48.36 26.22 19.51
N CYS A 837 -48.99 25.53 18.57
CA CYS A 837 -49.29 26.16 17.28
C CYS A 837 -50.09 27.44 17.48
N SER A 838 -51.13 27.37 18.32
CA SER A 838 -51.96 28.55 18.58
C SER A 838 -51.18 29.71 19.16
N SER A 839 -50.04 29.45 19.80
CA SER A 839 -49.18 30.53 20.26
C SER A 839 -48.15 30.94 19.22
N ILE A 840 -47.84 30.08 18.26
CA ILE A 840 -46.85 30.43 17.25
C ILE A 840 -47.47 31.22 16.11
N TRP A 841 -48.62 30.77 15.60
CA TRP A 841 -49.33 31.62 14.64
C TRP A 841 -50.12 32.72 15.32
N GLY A 842 -50.33 32.63 16.62
CA GLY A 842 -51.09 33.62 17.35
C GLY A 842 -50.23 34.73 17.95
N GLY A 843 -48.96 34.43 18.21
CA GLY A 843 -48.12 35.41 18.86
C GLY A 843 -46.64 35.27 18.60
N SER A 844 -46.23 35.31 17.34
CA SER A 844 -44.82 35.35 16.98
C SER A 844 -44.46 36.78 16.60
N ALA A 845 -43.51 37.36 17.33
CA ALA A 845 -43.07 38.72 17.05
C ALA A 845 -42.54 38.83 15.62
N PRO A 846 -42.69 39.99 14.98
CA PRO A 846 -43.33 41.20 15.50
C PRO A 846 -44.79 41.34 15.04
N ALA A 847 -45.34 40.28 14.45
CA ALA A 847 -46.68 40.33 13.87
C ALA A 847 -47.70 39.74 14.84
N CYS A 848 -48.81 40.46 15.04
CA CYS A 848 -49.90 40.00 15.88
C CYS A 848 -51.15 39.79 15.04
N PRO A 849 -51.70 38.57 14.95
CA PRO A 849 -52.90 38.37 14.13
C PRO A 849 -54.20 38.85 14.76
N TYR A 850 -54.26 39.02 16.08
CA TYR A 850 -55.45 39.56 16.70
C TYR A 850 -55.50 41.06 16.52
N THR A 851 -56.65 41.55 16.05
CA THR A 851 -56.81 42.96 15.71
C THR A 851 -58.03 43.51 16.45
N VAL A 852 -58.34 44.78 16.19
CA VAL A 852 -59.42 45.49 16.86
C VAL A 852 -60.47 45.85 15.83
N ASN A 853 -61.63 46.28 16.31
CA ASN A 853 -62.70 46.73 15.43
C ASN A 853 -62.57 48.24 15.20
N ARG A 854 -63.59 48.85 14.59
CA ARG A 854 -63.54 50.28 14.31
C ARG A 854 -63.56 51.11 15.59
N GLN A 855 -64.11 50.57 16.67
CA GLN A 855 -64.11 51.25 17.96
C GLN A 855 -62.81 51.08 18.72
N GLY A 856 -61.84 50.35 18.19
CA GLY A 856 -60.55 50.19 18.85
C GLY A 856 -60.50 49.09 19.90
N HIS A 857 -61.56 48.32 20.05
CA HIS A 857 -61.63 47.25 21.03
C HIS A 857 -61.33 45.92 20.36
N GLY A 858 -60.63 45.04 21.08
CA GLY A 858 -60.29 43.73 20.57
C GLY A 858 -59.74 42.82 21.66
N PRO A 859 -59.58 41.54 21.34
CA PRO A 859 -59.10 40.59 22.35
C PRO A 859 -57.68 40.91 22.79
N ALA A 860 -57.47 40.85 24.11
CA ALA A 860 -56.13 40.93 24.69
C ALA A 860 -55.58 39.52 24.82
N TRP A 861 -54.34 39.32 24.36
CA TRP A 861 -53.77 38.00 24.19
C TRP A 861 -52.50 37.87 25.00
N ALA A 862 -52.36 36.74 25.69
CA ALA A 862 -51.20 36.49 26.53
C ALA A 862 -50.93 34.99 26.60
N SER A 863 -49.65 34.62 26.52
CA SER A 863 -49.20 33.25 26.67
C SER A 863 -48.11 33.19 27.72
N SER A 864 -48.35 32.43 28.78
CA SER A 864 -47.35 32.28 29.84
C SER A 864 -46.44 31.10 29.56
N LEU A 865 -46.86 29.90 29.93
CA LEU A 865 -46.07 28.70 29.72
C LEU A 865 -46.93 27.61 29.10
N PHE A 866 -46.30 26.47 28.82
CA PHE A 866 -47.01 25.33 28.25
C PHE A 866 -47.87 24.61 29.28
N GLU A 867 -47.41 24.53 30.54
CA GLU A 867 -48.05 23.68 31.52
C GLU A 867 -49.03 24.42 32.43
N ASP A 868 -49.04 25.75 32.41
CA ASP A 868 -49.80 26.52 33.39
C ASP A 868 -50.94 27.31 32.77
N ASN A 869 -51.32 27.01 31.52
CA ASN A 869 -52.21 27.91 30.81
C ASN A 869 -53.58 28.00 31.47
N ALA A 870 -54.07 26.90 32.03
CA ALA A 870 -55.37 26.93 32.70
C ALA A 870 -55.34 27.80 33.95
N GLU A 871 -54.34 27.60 34.81
CA GLU A 871 -54.20 28.42 36.01
C GLU A 871 -53.84 29.86 35.66
N PHE A 872 -53.14 30.06 34.55
CA PHE A 872 -52.84 31.41 34.07
C PHE A 872 -54.14 32.16 33.78
N GLY A 873 -55.05 31.54 33.04
CA GLY A 873 -56.32 32.17 32.75
C GLY A 873 -57.22 32.26 33.96
N TYR A 874 -57.13 31.28 34.87
CA TYR A 874 -57.88 31.36 36.12
C TYR A 874 -57.49 32.59 36.92
N GLY A 875 -56.18 32.89 36.98
CA GLY A 875 -55.73 34.09 37.67
C GLY A 875 -56.28 35.36 37.05
N MET A 876 -56.40 35.40 35.73
CA MET A 876 -56.97 36.57 35.08
C MET A 876 -58.42 36.79 35.52
N ALA A 877 -59.20 35.70 35.60
CA ALA A 877 -60.59 35.81 36.01
C ALA A 877 -60.72 36.36 37.42
N LEU A 878 -59.81 35.98 38.31
CA LEU A 878 -59.80 36.55 39.66
C LEU A 878 -59.56 38.06 39.61
N ALA A 879 -58.58 38.48 38.81
CA ALA A 879 -58.22 39.89 38.76
C ALA A 879 -59.34 40.72 38.13
N VAL A 880 -59.88 40.26 37.01
CA VAL A 880 -60.93 41.00 36.32
C VAL A 880 -62.13 41.20 37.23
N ALA A 881 -62.47 40.17 38.01
CA ALA A 881 -63.54 40.31 39.00
C ALA A 881 -63.17 41.35 40.05
N LYS A 882 -61.89 41.40 40.43
CA LYS A 882 -61.43 42.39 41.40
C LYS A 882 -61.52 43.80 40.83
N ARG A 883 -61.22 43.98 39.55
CA ARG A 883 -61.29 45.31 38.98
C ARG A 883 -62.73 45.78 38.86
N GLN A 884 -63.65 44.86 38.54
CA GLN A 884 -65.06 45.22 38.49
C GLN A 884 -65.60 45.54 39.89
N ASP A 885 -65.06 44.88 40.91
CA ASP A 885 -65.49 45.14 42.28
C ASP A 885 -65.11 46.54 42.73
N GLU A 886 -63.93 47.01 42.31
CA GLU A 886 -63.52 48.38 42.63
C GLU A 886 -64.40 49.40 41.93
N LEU A 887 -64.83 49.09 40.71
CA LEU A 887 -65.70 49.99 39.97
C LEU A 887 -67.09 50.04 40.60
N ALA A 888 -67.64 48.88 40.98
CA ALA A 888 -68.96 48.84 41.60
C ALA A 888 -68.99 49.63 42.91
N THR A 889 -67.87 49.65 43.64
CA THR A 889 -67.80 50.47 44.84
C THR A 889 -67.85 51.94 44.50
N ALA A 890 -67.14 52.36 43.45
CA ALA A 890 -67.19 53.76 43.03
C ALA A 890 -68.55 54.14 42.47
N ILE A 891 -69.26 53.17 41.87
CA ILE A 891 -70.59 53.46 41.35
C ILE A 891 -71.61 53.56 42.48
N SER A 892 -71.51 52.68 43.47
CA SER A 892 -72.43 52.74 44.61
C SER A 892 -72.26 54.04 45.38
N LYS A 893 -71.03 54.53 45.49
CA LYS A 893 -70.79 55.82 46.14
C LYS A 893 -71.33 56.96 45.29
N ALA A 894 -71.38 56.80 43.97
CA ALA A 894 -71.91 57.85 43.11
C ALA A 894 -73.41 58.03 43.31
N LEU A 895 -74.12 56.99 43.75
CA LEU A 895 -75.54 57.13 44.03
C LEU A 895 -75.80 58.11 45.16
N GLU A 896 -74.90 58.19 46.13
CA GLU A 896 -75.04 59.07 47.28
C GLU A 896 -74.55 60.49 47.02
N ALA A 897 -74.07 60.76 45.83
CA ALA A 897 -73.51 62.07 45.51
C ALA A 897 -74.50 62.91 44.71
N PRO A 898 -74.43 64.24 44.85
CA PRO A 898 -75.30 65.10 44.04
C PRO A 898 -74.91 65.10 42.57
N VAL A 899 -75.41 64.10 41.83
CA VAL A 899 -75.17 63.97 40.40
C VAL A 899 -76.52 63.92 39.69
N SER A 900 -76.47 63.98 38.36
CA SER A 900 -77.68 64.08 37.56
C SER A 900 -78.58 62.86 37.76
N ALA A 901 -79.87 63.07 37.55
CA ALA A 901 -80.83 61.98 37.70
C ALA A 901 -80.63 60.92 36.62
N ALA A 902 -80.27 61.35 35.41
CA ALA A 902 -80.00 60.39 34.34
C ALA A 902 -78.78 59.55 34.64
N PHE A 903 -77.77 60.14 35.29
CA PHE A 903 -76.58 59.37 35.68
C PHE A 903 -76.92 58.34 36.74
N LYS A 904 -77.76 58.71 37.71
CA LYS A 904 -78.17 57.77 38.75
C LYS A 904 -78.98 56.62 38.17
N ALA A 905 -79.77 56.89 37.11
CA ALA A 905 -80.57 55.84 36.50
C ALA A 905 -79.71 54.77 35.86
N ALA A 906 -78.66 55.18 35.15
CA ALA A 906 -77.78 54.21 34.50
C ALA A 906 -76.94 53.44 35.49
N CYS A 907 -76.58 54.07 36.61
CA CYS A 907 -75.75 53.38 37.60
C CYS A 907 -76.54 52.26 38.28
N GLU A 908 -77.80 52.53 38.63
CA GLU A 908 -78.64 51.50 39.24
C GLU A 908 -78.89 50.35 38.28
N GLY A 909 -79.05 50.66 36.99
CA GLY A 909 -79.23 49.63 35.99
C GLY A 909 -78.00 48.76 35.78
N TRP A 910 -76.81 49.36 35.89
CA TRP A 910 -75.58 48.59 35.71
C TRP A 910 -75.31 47.67 36.90
N LEU A 911 -75.53 48.16 38.12
CA LEU A 911 -75.28 47.34 39.30
C LEU A 911 -76.13 46.08 39.33
N ALA A 912 -77.34 46.14 38.77
CA ALA A 912 -78.21 44.96 38.75
C ALA A 912 -77.80 43.96 37.67
N GLY A 913 -77.15 44.42 36.61
CA GLY A 913 -76.78 43.54 35.52
C GLY A 913 -75.30 43.61 35.17
N LYS A 914 -74.46 43.90 36.17
CA LYS A 914 -73.03 43.97 35.93
C LYS A 914 -72.44 42.62 35.53
N ASP A 915 -73.09 41.52 35.86
CA ASP A 915 -72.64 40.18 35.51
C ASP A 915 -73.37 39.63 34.29
N ASP A 916 -74.15 40.44 33.59
CA ASP A 916 -74.82 40.05 32.36
C ASP A 916 -74.10 40.73 31.20
N ALA A 917 -73.79 39.95 30.16
CA ALA A 917 -73.00 40.47 29.04
C ALA A 917 -73.74 41.59 28.32
N ASP A 918 -75.03 41.37 28.00
CA ASP A 918 -75.76 42.37 27.24
C ASP A 918 -76.14 43.57 28.10
N ARG A 919 -76.60 43.32 29.33
CA ARG A 919 -77.07 44.41 30.19
C ARG A 919 -75.92 45.30 30.64
N SER A 920 -74.77 44.71 30.95
CA SER A 920 -73.62 45.51 31.37
C SER A 920 -73.11 46.38 30.23
N ARG A 921 -73.23 45.91 28.99
CA ARG A 921 -72.89 46.75 27.85
C ARG A 921 -73.94 47.85 27.65
N GLU A 922 -75.21 47.53 27.88
CA GLU A 922 -76.29 48.49 27.68
C GLU A 922 -76.15 49.68 28.65
N TYR A 923 -76.20 49.40 29.95
CA TYR A 923 -76.12 50.48 30.93
C TYR A 923 -74.72 51.05 31.04
N GLY A 924 -73.70 50.26 30.72
CA GLY A 924 -72.34 50.78 30.74
C GLY A 924 -72.13 51.88 29.70
N ASP A 925 -72.66 51.67 28.49
CA ASP A 925 -72.50 52.68 27.45
C ASP A 925 -73.24 53.96 27.78
N ARG A 926 -74.37 53.86 28.50
CA ARG A 926 -75.05 55.07 28.95
C ARG A 926 -74.19 55.81 29.97
N ILE A 927 -73.52 55.08 30.86
CA ILE A 927 -72.61 55.71 31.82
C ILE A 927 -71.44 56.37 31.08
N LYS A 928 -70.87 55.66 30.10
CA LYS A 928 -69.75 56.23 29.35
C LYS A 928 -70.17 57.48 28.58
N ALA A 929 -71.43 57.53 28.13
CA ALA A 929 -71.90 58.69 27.37
C ALA A 929 -72.19 59.88 28.29
N LEU A 930 -72.63 59.65 29.52
CA LEU A 930 -72.98 60.73 30.42
C LEU A 930 -71.80 61.24 31.23
N LEU A 931 -70.71 60.49 31.30
CA LEU A 931 -69.58 60.87 32.15
C LEU A 931 -68.97 62.22 31.81
N PRO A 932 -68.62 62.52 30.55
CA PRO A 932 -67.94 63.81 30.28
C PRO A 932 -68.75 65.03 30.66
N GLY A 933 -70.06 65.01 30.40
CA GLY A 933 -70.90 66.14 30.80
C GLY A 933 -71.08 66.20 32.31
N GLU A 934 -71.11 65.04 32.96
CA GLU A 934 -71.27 65.00 34.41
C GLU A 934 -70.03 65.55 35.11
N ILE A 935 -68.85 65.20 34.60
CA ILE A 935 -67.60 65.68 35.21
C ILE A 935 -67.48 67.19 35.07
N SER A 936 -67.93 67.74 33.94
CA SER A 936 -67.87 69.18 33.75
C SER A 936 -68.76 69.93 34.75
N GLN A 937 -69.85 69.31 35.18
CA GLN A 937 -70.81 69.94 36.08
C GLN A 937 -70.53 69.65 37.56
N ALA A 938 -69.43 68.98 37.88
CA ALA A 938 -69.10 68.63 39.25
C ALA A 938 -67.85 69.37 39.71
N SER A 939 -67.61 69.32 41.02
CA SER A 939 -66.47 70.00 41.61
C SER A 939 -66.16 69.39 42.96
N GLY A 940 -64.91 69.55 43.40
CA GLY A 940 -64.52 69.07 44.71
C GLY A 940 -64.39 67.56 44.74
N GLU A 941 -64.80 66.97 45.87
CA GLU A 941 -64.69 65.53 46.03
C GLU A 941 -65.71 64.78 45.17
N VAL A 942 -66.82 65.42 44.84
CA VAL A 942 -67.77 64.79 43.92
C VAL A 942 -67.14 64.60 42.55
N LYS A 943 -66.38 65.60 42.08
CA LYS A 943 -65.69 65.46 40.81
C LYS A 943 -64.64 64.36 40.87
N ASP A 944 -63.97 64.21 42.01
CA ASP A 944 -62.99 63.14 42.14
C ASP A 944 -63.65 61.77 42.09
N LEU A 945 -64.86 61.64 42.62
CA LEU A 945 -65.56 60.36 42.55
C LEU A 945 -65.92 60.01 41.12
N LEU A 946 -66.37 61.01 40.34
CA LEU A 946 -66.68 60.77 38.94
C LEU A 946 -65.41 60.50 38.14
N LEU A 947 -64.32 61.18 38.49
CA LEU A 947 -63.04 60.93 37.81
C LEU A 947 -62.51 59.54 38.11
N ASP A 948 -62.80 58.99 39.30
CA ASP A 948 -62.37 57.63 39.59
C ASP A 948 -63.20 56.62 38.80
N ILE A 949 -64.47 56.91 38.56
CA ILE A 949 -65.29 56.05 37.72
C ILE A 949 -64.79 56.10 36.27
N ASP A 950 -64.44 57.29 35.79
CA ASP A 950 -63.93 57.41 34.42
C ASP A 950 -62.62 56.64 34.25
N ARG A 951 -61.81 56.56 35.31
CA ARG A 951 -60.56 55.80 35.24
C ARG A 951 -60.82 54.31 35.10
N GLN A 952 -61.97 53.83 35.57
CA GLN A 952 -62.28 52.41 35.55
C GLN A 952 -63.42 52.05 34.59
N LYS A 953 -63.77 52.96 33.68
CA LYS A 953 -64.90 52.70 32.80
C LYS A 953 -64.68 51.52 31.86
N ASP A 954 -63.44 51.04 31.73
CA ASP A 954 -63.16 49.88 30.90
C ASP A 954 -63.55 48.57 31.55
N TYR A 955 -64.11 48.60 32.77
CA TYR A 955 -64.58 47.40 33.43
C TYR A 955 -66.08 47.44 33.67
N LEU A 956 -66.79 48.35 33.02
CA LEU A 956 -68.25 48.31 33.03
C LEU A 956 -68.76 47.10 32.26
N THR A 957 -68.27 46.91 31.03
CA THR A 957 -68.67 45.77 30.22
C THR A 957 -68.03 44.51 30.77
N LYS A 958 -68.84 43.48 30.96
CA LYS A 958 -68.35 42.22 31.47
C LYS A 958 -67.40 41.57 30.48
N LYS A 959 -66.28 41.07 30.97
CA LYS A 959 -65.29 40.46 30.11
C LYS A 959 -65.58 38.97 29.96
N SER A 960 -64.92 38.36 28.97
CA SER A 960 -65.08 36.93 28.70
C SER A 960 -63.70 36.30 28.64
N ILE A 961 -63.35 35.54 29.68
CA ILE A 961 -62.03 34.91 29.74
C ILE A 961 -62.05 33.61 28.93
N TRP A 962 -61.13 33.50 27.99
CA TRP A 962 -61.01 32.33 27.12
C TRP A 962 -59.62 31.74 27.25
N ILE A 963 -59.55 30.45 27.55
CA ILE A 963 -58.31 29.73 27.73
C ILE A 963 -58.16 28.79 26.53
N ILE A 964 -57.27 29.13 25.62
CA ILE A 964 -57.09 28.41 24.37
C ILE A 964 -55.78 27.63 24.41
N GLY A 965 -55.82 26.39 23.94
CA GLY A 965 -54.63 25.55 23.90
C GLY A 965 -54.89 24.32 23.06
N GLY A 966 -53.80 23.59 22.77
CA GLY A 966 -53.89 22.39 21.99
C GLY A 966 -54.21 21.18 22.85
N ASP A 967 -54.37 20.03 22.18
CA ASP A 967 -54.68 18.81 22.90
C ASP A 967 -53.49 18.34 23.73
N GLY A 968 -52.27 18.62 23.26
CA GLY A 968 -51.10 18.26 24.04
C GLY A 968 -51.09 18.94 25.39
N TRP A 969 -51.52 20.21 25.43
CA TRP A 969 -51.63 20.92 26.70
C TRP A 969 -52.79 20.36 27.53
N ALA A 970 -53.94 20.15 26.91
CA ALA A 970 -55.15 19.78 27.66
C ALA A 970 -55.15 18.33 28.11
N TYR A 971 -54.59 17.43 27.30
CA TYR A 971 -54.63 16.00 27.62
C TYR A 971 -53.43 15.54 28.45
N ASP A 972 -52.32 16.26 28.42
CA ASP A 972 -51.10 15.79 29.07
C ASP A 972 -50.59 16.75 30.13
N ILE A 973 -49.72 17.68 29.73
CA ILE A 973 -48.91 18.43 30.68
C ILE A 973 -49.76 19.40 31.49
N GLY A 974 -50.82 19.96 30.92
CA GLY A 974 -51.67 20.90 31.61
C GLY A 974 -52.99 20.34 32.09
N TYR A 975 -53.20 19.03 32.00
CA TYR A 975 -54.47 18.44 32.42
C TYR A 975 -54.70 18.57 33.92
N GLY A 976 -53.64 18.38 34.72
CA GLY A 976 -53.77 18.57 36.15
C GLY A 976 -54.19 19.97 36.52
N GLY A 977 -53.62 20.97 35.84
CA GLY A 977 -54.04 22.34 36.09
C GLY A 977 -55.42 22.63 35.54
N LEU A 978 -55.73 22.08 34.36
CA LEU A 978 -57.05 22.28 33.77
C LEU A 978 -58.13 21.62 34.63
N ASP A 979 -57.86 20.41 35.13
CA ASP A 979 -58.81 19.74 36.01
C ASP A 979 -59.13 20.58 37.23
N HIS A 980 -58.12 21.24 37.81
CA HIS A 980 -58.36 22.06 38.99
C HIS A 980 -59.16 23.31 38.65
N VAL A 981 -58.87 23.94 37.50
CA VAL A 981 -59.59 25.15 37.12
C VAL A 981 -61.05 24.85 36.81
N LEU A 982 -61.31 23.77 36.09
CA LEU A 982 -62.69 23.40 35.80
C LEU A 982 -63.45 23.02 37.06
N ALA A 983 -62.79 22.29 37.97
CA ALA A 983 -63.42 21.90 39.23
C ALA A 983 -63.69 23.09 40.14
N SER A 984 -62.92 24.17 39.99
CA SER A 984 -63.08 25.33 40.87
C SER A 984 -64.42 26.02 40.65
N GLY A 985 -64.97 25.95 39.45
CA GLY A 985 -66.23 26.59 39.15
C GLY A 985 -66.13 28.01 38.62
N ALA A 986 -64.92 28.51 38.37
CA ALA A 986 -64.75 29.86 37.88
C ALA A 986 -65.46 30.05 36.55
N ASN A 987 -65.83 31.29 36.25
CA ASN A 987 -66.49 31.61 34.98
C ASN A 987 -65.41 31.84 33.93
N VAL A 988 -64.88 30.73 33.41
CA VAL A 988 -63.90 30.74 32.33
C VAL A 988 -64.37 29.82 31.21
N ASN A 989 -63.86 30.07 30.01
CA ASN A 989 -64.20 29.28 28.82
C ASN A 989 -62.93 28.66 28.27
N VAL A 990 -62.81 27.34 28.38
CA VAL A 990 -61.65 26.60 27.92
C VAL A 990 -61.96 26.02 26.55
N LEU A 991 -61.12 26.37 25.55
CA LEU A 991 -61.27 25.88 24.18
C LEU A 991 -60.07 25.01 23.85
N VAL A 992 -60.30 23.72 23.66
CA VAL A 992 -59.24 22.76 23.36
C VAL A 992 -59.23 22.50 21.87
N LEU A 993 -58.16 22.93 21.19
CA LEU A 993 -57.99 22.67 19.76
C LEU A 993 -57.30 21.32 19.61
N ASP A 994 -58.11 20.27 19.40
CA ASP A 994 -57.61 18.90 19.41
C ASP A 994 -57.10 18.54 18.02
N THR A 995 -55.78 18.48 17.86
CA THR A 995 -55.17 17.96 16.65
C THR A 995 -54.62 16.55 16.81
N GLU A 996 -54.82 15.94 17.98
CA GLU A 996 -54.44 14.56 18.28
C GLU A 996 -52.93 14.31 18.13
N VAL A 997 -52.13 15.36 18.02
CA VAL A 997 -50.67 15.26 17.98
C VAL A 997 -50.10 16.56 18.56
N TYR A 998 -48.78 16.55 18.78
CA TYR A 998 -48.06 17.78 19.13
C TYR A 998 -47.66 18.45 17.81
N SER A 999 -48.57 19.28 17.30
CA SER A 999 -48.42 19.78 15.94
C SER A 999 -47.23 20.71 15.79
N ASN A 1000 -46.98 21.57 16.78
CA ASN A 1000 -45.89 22.53 16.68
C ASN A 1000 -44.54 21.83 16.57
N THR A 1001 -44.32 20.83 17.42
CA THR A 1001 -43.02 20.19 17.54
C THR A 1001 -42.79 19.07 16.53
N GLY A 1002 -43.64 18.92 15.52
CA GLY A 1002 -43.43 17.96 14.47
C GLY A 1002 -44.43 16.83 14.39
N GLY A 1003 -45.31 16.69 15.37
CA GLY A 1003 -46.33 15.66 15.31
C GLY A 1003 -46.03 14.44 16.15
N GLN A 1004 -45.91 14.63 17.47
CA GLN A 1004 -45.61 13.56 18.39
C GLN A 1004 -46.87 13.00 19.03
N SER A 1005 -46.73 11.84 19.66
CA SER A 1005 -47.87 11.15 20.25
C SER A 1005 -48.40 11.90 21.46
N SER A 1006 -49.70 11.78 21.68
CA SER A 1006 -50.40 12.44 22.76
C SER A 1006 -51.47 11.48 23.29
N LYS A 1007 -52.01 11.79 24.47
CA LYS A 1007 -53.14 11.03 24.95
C LYS A 1007 -54.39 11.25 24.10
N ALA A 1008 -54.43 12.32 23.32
CA ALA A 1008 -55.52 12.56 22.40
C ALA A 1008 -55.40 11.77 21.10
N THR A 1009 -54.26 11.15 20.84
CA THR A 1009 -54.10 10.33 19.65
C THR A 1009 -54.98 9.08 19.76
N GLN A 1010 -55.65 8.75 18.66
CA GLN A 1010 -56.59 7.63 18.66
C GLN A 1010 -55.84 6.30 18.50
N THR A 1011 -56.60 5.21 18.60
CA THR A 1011 -56.02 3.88 18.47
C THR A 1011 -55.51 3.64 17.06
N GLY A 1012 -54.33 3.03 16.97
CA GLY A 1012 -53.76 2.64 15.70
C GLY A 1012 -53.04 3.74 14.94
N ALA A 1013 -53.27 5.00 15.28
CA ALA A 1013 -52.60 6.10 14.60
C ALA A 1013 -51.11 6.06 14.88
N VAL A 1014 -50.31 6.33 13.85
CA VAL A 1014 -48.85 6.35 13.95
C VAL A 1014 -48.41 7.80 14.04
N ALA A 1015 -47.63 8.11 15.08
CA ALA A 1015 -47.03 9.43 15.25
C ALA A 1015 -45.65 9.24 15.87
N ARG A 1016 -44.91 10.34 15.99
CA ARG A 1016 -43.59 10.27 16.60
C ARG A 1016 -43.72 9.88 18.07
N PHE A 1017 -42.78 9.06 18.54
CA PHE A 1017 -42.81 8.38 19.83
C PHE A 1017 -43.87 7.29 19.87
N ALA A 1018 -44.47 6.96 18.73
CA ALA A 1018 -45.39 5.86 18.59
C ALA A 1018 -45.16 5.22 17.22
N ALA A 1019 -43.94 4.73 17.00
CA ALA A 1019 -43.55 4.24 15.69
C ALA A 1019 -44.38 3.02 15.29
N GLY A 1020 -44.68 2.15 16.24
CA GLY A 1020 -45.51 1.00 15.97
C GLY A 1020 -46.99 1.26 16.11
N GLY A 1021 -47.41 2.51 16.22
CA GLY A 1021 -48.81 2.81 16.43
C GLY A 1021 -49.18 2.86 17.90
N LYS A 1022 -50.14 3.71 18.22
CA LYS A 1022 -50.60 3.86 19.60
C LYS A 1022 -51.54 2.73 19.94
N PHE A 1023 -51.18 1.94 20.96
CA PHE A 1023 -52.01 0.81 21.37
C PHE A 1023 -53.19 1.26 22.21
N THR A 1024 -52.93 2.06 23.24
CA THR A 1024 -53.98 2.52 24.13
C THR A 1024 -54.96 3.43 23.38
N LYS A 1025 -56.23 3.36 23.77
CA LYS A 1025 -57.23 4.14 23.08
C LYS A 1025 -57.15 5.60 23.52
N LYS A 1026 -57.91 6.45 22.82
CA LYS A 1026 -57.87 7.87 23.09
C LYS A 1026 -58.49 8.17 24.46
N LYS A 1027 -57.79 9.00 25.23
CA LYS A 1027 -58.33 9.46 26.51
C LYS A 1027 -59.55 10.35 26.28
N ASP A 1028 -60.63 10.06 26.99
CA ASP A 1028 -61.88 10.82 26.84
C ASP A 1028 -61.85 12.00 27.80
N LEU A 1029 -61.34 13.13 27.33
CA LEU A 1029 -61.29 14.33 28.16
C LEU A 1029 -62.70 14.84 28.46
N GLY A 1030 -63.59 14.80 27.47
CA GLY A 1030 -64.94 15.31 27.69
C GLY A 1030 -65.73 14.52 28.71
N LEU A 1031 -65.52 13.20 28.76
CA LEU A 1031 -66.28 12.37 29.69
C LEU A 1031 -65.85 12.62 31.13
N MET A 1032 -64.56 12.83 31.37
CA MET A 1032 -64.08 13.05 32.74
C MET A 1032 -64.56 14.39 33.29
N ALA A 1033 -64.57 15.43 32.46
CA ALA A 1033 -65.04 16.74 32.90
C ALA A 1033 -66.53 16.75 33.19
N MET A 1034 -67.29 15.83 32.59
CA MET A 1034 -68.71 15.72 32.90
C MET A 1034 -68.96 15.11 34.27
N SER A 1035 -67.96 14.43 34.85
CA SER A 1035 -68.17 13.79 36.14
C SER A 1035 -68.41 14.80 37.24
N TYR A 1036 -67.95 16.04 37.07
CA TYR A 1036 -68.19 17.06 38.09
C TYR A 1036 -69.66 17.46 38.13
N GLY A 1037 -70.35 17.43 36.98
CA GLY A 1037 -71.75 17.78 36.91
C GLY A 1037 -72.02 19.25 36.69
N TYR A 1038 -71.16 20.13 37.21
CA TYR A 1038 -71.34 21.57 37.06
C TYR A 1038 -70.41 22.17 36.02
N VAL A 1039 -69.77 21.35 35.20
CA VAL A 1039 -68.87 21.82 34.15
C VAL A 1039 -69.56 21.56 32.80
N TYR A 1040 -69.75 22.63 32.04
CA TYR A 1040 -70.31 22.50 30.70
C TYR A 1040 -69.25 21.92 29.76
N VAL A 1041 -69.58 20.80 29.12
CA VAL A 1041 -68.67 20.13 28.19
C VAL A 1041 -69.38 19.95 26.87
N ALA A 1042 -68.68 20.23 25.77
CA ALA A 1042 -69.24 20.07 24.44
C ALA A 1042 -68.14 19.66 23.47
N SER A 1043 -68.48 18.74 22.58
CA SER A 1043 -67.59 18.26 21.53
C SER A 1043 -68.13 18.77 20.20
N VAL A 1044 -67.30 19.51 19.46
CA VAL A 1044 -67.74 20.18 18.25
C VAL A 1044 -66.81 19.82 17.09
N ALA A 1045 -67.28 20.10 15.88
CA ALA A 1045 -66.47 19.95 14.67
C ALA A 1045 -67.09 20.82 13.60
N MET A 1046 -66.36 21.86 13.17
CA MET A 1046 -66.94 22.83 12.26
C MET A 1046 -67.28 22.20 10.91
N GLY A 1047 -66.39 21.35 10.39
CA GLY A 1047 -66.63 20.70 9.11
C GLY A 1047 -67.82 19.77 9.11
N ALA A 1048 -68.21 19.25 10.27
CA ALA A 1048 -69.31 18.29 10.37
C ALA A 1048 -70.67 18.98 10.46
N SER A 1049 -70.79 20.01 11.29
CA SER A 1049 -72.07 20.70 11.49
C SER A 1049 -71.81 22.14 11.86
N HIS A 1050 -72.23 23.06 11.00
CA HIS A 1050 -72.11 24.49 11.32
C HIS A 1050 -73.07 24.88 12.44
N SER A 1051 -74.31 24.39 12.39
CA SER A 1051 -75.30 24.79 13.38
C SER A 1051 -74.97 24.25 14.76
N GLN A 1052 -74.39 23.06 14.86
CA GLN A 1052 -74.05 22.51 16.16
C GLN A 1052 -72.90 23.27 16.81
N LEU A 1053 -71.96 23.78 16.02
CA LEU A 1053 -70.87 24.56 16.61
C LEU A 1053 -71.38 25.88 17.17
N MET A 1054 -72.29 26.55 16.46
CA MET A 1054 -72.81 27.83 16.93
C MET A 1054 -73.52 27.69 18.28
N LYS A 1055 -74.36 26.66 18.42
CA LYS A 1055 -75.13 26.49 19.65
C LYS A 1055 -74.21 26.19 20.84
N ALA A 1056 -73.22 25.32 20.65
CA ALA A 1056 -72.33 24.96 21.76
C ALA A 1056 -71.49 26.14 22.21
N LEU A 1057 -71.05 26.98 21.26
CA LEU A 1057 -70.21 28.12 21.63
C LEU A 1057 -71.01 29.15 22.43
N ILE A 1058 -72.24 29.44 22.01
CA ILE A 1058 -73.03 30.47 22.69
C ILE A 1058 -73.51 29.96 24.04
N GLU A 1059 -73.91 28.69 24.12
CA GLU A 1059 -74.36 28.12 25.39
C GLU A 1059 -73.23 28.05 26.41
N ALA A 1060 -72.03 27.70 25.97
CA ALA A 1060 -70.90 27.59 26.90
C ALA A 1060 -70.48 28.94 27.43
N GLU A 1061 -70.51 29.98 26.59
CA GLU A 1061 -70.08 31.31 27.03
C GLU A 1061 -71.10 31.93 27.97
N LYS A 1062 -72.40 31.75 27.69
CA LYS A 1062 -73.43 32.31 28.56
C LYS A 1062 -73.51 31.57 29.88
N TYR A 1063 -72.98 30.35 29.97
CA TYR A 1063 -73.02 29.59 31.21
C TYR A 1063 -72.17 30.29 32.27
N ASP A 1064 -72.78 30.60 33.41
CA ASP A 1064 -72.08 31.26 34.50
C ASP A 1064 -71.30 30.21 35.30
N GLY A 1065 -70.23 29.72 34.68
CA GLY A 1065 -69.40 28.69 35.27
C GLY A 1065 -68.38 28.16 34.29
N PRO A 1066 -67.71 27.07 34.65
CA PRO A 1066 -66.67 26.52 33.77
C PRO A 1066 -67.27 25.85 32.55
N SER A 1067 -66.71 26.14 31.38
CA SER A 1067 -67.15 25.55 30.12
C SER A 1067 -65.94 24.99 29.38
N LEU A 1068 -66.11 23.80 28.80
CA LEU A 1068 -65.03 23.10 28.11
C LEU A 1068 -65.50 22.75 26.70
N ILE A 1069 -64.78 23.24 25.70
CA ILE A 1069 -65.09 23.00 24.30
C ILE A 1069 -63.92 22.24 23.68
N ILE A 1070 -64.16 21.00 23.27
CA ILE A 1070 -63.16 20.18 22.60
C ILE A 1070 -63.49 20.20 21.11
N ALA A 1071 -62.66 20.89 20.32
CA ALA A 1071 -62.90 21.08 18.90
C ALA A 1071 -61.94 20.21 18.09
N TYR A 1072 -62.48 19.52 17.09
CA TYR A 1072 -61.64 18.73 16.17
C TYR A 1072 -61.00 19.66 15.16
N ALA A 1073 -59.67 19.65 15.09
CA ALA A 1073 -58.92 20.53 14.22
C ALA A 1073 -58.06 19.70 13.27
N PRO A 1074 -58.42 19.58 12.00
CA PRO A 1074 -57.56 18.86 11.05
C PRO A 1074 -56.20 19.53 10.92
N CYS A 1075 -55.17 18.70 10.73
CA CYS A 1075 -53.80 19.17 10.73
C CYS A 1075 -53.01 18.47 9.64
N ILE A 1076 -51.91 19.11 9.22
CA ILE A 1076 -51.09 18.51 8.17
C ILE A 1076 -50.40 17.24 8.65
N ASN A 1077 -50.16 17.13 9.96
CA ASN A 1077 -49.56 15.93 10.50
C ASN A 1077 -50.48 14.72 10.43
N HIS A 1078 -51.74 14.90 10.03
CA HIS A 1078 -52.60 13.75 9.76
C HIS A 1078 -52.22 13.06 8.45
N GLY A 1079 -51.64 13.81 7.50
CA GLY A 1079 -51.32 13.29 6.19
C GLY A 1079 -52.49 13.27 5.25
N ILE A 1080 -53.10 14.44 5.02
CA ILE A 1080 -54.24 14.59 4.13
C ILE A 1080 -54.05 15.84 3.29
N ASN A 1081 -54.84 15.93 2.22
CA ASN A 1081 -54.87 17.11 1.36
C ASN A 1081 -55.63 18.23 2.05
N MET A 1082 -54.94 19.31 2.40
CA MET A 1082 -55.55 20.39 3.16
C MET A 1082 -56.63 21.14 2.39
N THR A 1083 -56.73 20.95 1.07
CA THR A 1083 -57.83 21.56 0.34
C THR A 1083 -59.18 21.06 0.86
N TYR A 1084 -59.24 19.79 1.27
CA TYR A 1084 -60.45 19.21 1.83
C TYR A 1084 -60.33 19.07 3.34
N SER A 1085 -59.81 20.10 4.01
CA SER A 1085 -59.70 20.04 5.46
C SER A 1085 -61.06 20.03 6.12
N GLN A 1086 -61.98 20.88 5.64
CA GLN A 1086 -63.33 20.90 6.17
C GLN A 1086 -64.05 19.59 5.91
N ARG A 1087 -63.82 18.98 4.75
CA ARG A 1087 -64.48 17.72 4.42
C ARG A 1087 -64.00 16.59 5.34
N GLU A 1088 -62.74 16.65 5.79
CA GLU A 1088 -62.21 15.58 6.64
C GLU A 1088 -62.89 15.57 8.00
N ALA A 1089 -63.28 16.73 8.51
CA ALA A 1089 -64.00 16.77 9.79
C ALA A 1089 -65.40 16.21 9.67
N LYS A 1090 -66.05 16.39 8.51
CA LYS A 1090 -67.38 15.81 8.32
C LYS A 1090 -67.30 14.30 8.26
N LYS A 1091 -66.31 13.76 7.55
CA LYS A 1091 -66.12 12.31 7.52
C LYS A 1091 -65.75 11.75 8.89
N ALA A 1092 -65.13 12.57 9.74
CA ALA A 1092 -64.74 12.09 11.06
C ALA A 1092 -65.96 11.82 11.92
N VAL A 1093 -66.95 12.71 11.89
CA VAL A 1093 -68.16 12.50 12.68
C VAL A 1093 -69.05 11.44 12.05
N GLU A 1094 -69.12 11.42 10.71
CA GLU A 1094 -70.00 10.47 10.01
C GLU A 1094 -69.54 9.02 10.15
N ALA A 1095 -68.26 8.79 10.45
CA ALA A 1095 -67.73 7.44 10.59
C ALA A 1095 -67.63 6.99 12.03
N GLY A 1096 -68.15 7.76 12.98
CA GLY A 1096 -68.01 7.43 14.38
C GLY A 1096 -66.64 7.69 14.95
N TYR A 1097 -65.80 8.44 14.25
CA TYR A 1097 -64.44 8.71 14.71
C TYR A 1097 -64.39 9.85 15.72
N TRP A 1098 -65.27 10.85 15.56
CA TRP A 1098 -65.32 12.00 16.46
C TRP A 1098 -66.77 12.23 16.91
N PRO A 1099 -67.02 12.33 18.21
CA PRO A 1099 -68.40 12.53 18.69
C PRO A 1099 -68.79 14.01 18.72
N LEU A 1100 -70.09 14.24 18.63
CA LEU A 1100 -70.68 15.57 18.79
C LEU A 1100 -71.70 15.50 19.92
N TYR A 1101 -71.38 16.12 21.05
CA TYR A 1101 -72.27 16.13 22.20
C TYR A 1101 -72.16 17.46 22.93
N ARG A 1102 -73.10 17.68 23.84
CA ARG A 1102 -73.13 18.88 24.69
C ARG A 1102 -73.66 18.50 26.05
N TYR A 1103 -72.92 18.84 27.10
CA TYR A 1103 -73.33 18.61 28.48
C TYR A 1103 -73.62 19.97 29.11
N ASN A 1104 -74.90 20.23 29.41
CA ASN A 1104 -75.31 21.50 29.98
C ASN A 1104 -75.76 21.30 31.42
N PRO A 1105 -74.99 21.75 32.41
CA PRO A 1105 -75.46 21.63 33.80
C PRO A 1105 -76.73 22.40 34.08
N GLN A 1106 -77.03 23.45 33.31
CA GLN A 1106 -78.25 24.21 33.51
C GLN A 1106 -79.49 23.38 33.20
N LEU A 1107 -79.36 22.41 32.28
CA LEU A 1107 -80.47 21.51 32.01
C LEU A 1107 -80.77 20.61 33.20
N ALA A 1108 -79.76 20.30 34.02
CA ALA A 1108 -80.00 19.49 35.22
C ALA A 1108 -80.79 20.27 36.26
N GLN A 1109 -80.55 21.58 36.38
CA GLN A 1109 -81.30 22.40 37.32
C GLN A 1109 -82.77 22.55 36.91
N GLU A 1110 -83.08 22.33 35.64
CA GLU A 1110 -84.45 22.37 35.16
C GLU A 1110 -85.13 21.01 35.20
N GLY A 1111 -84.54 20.04 35.88
CA GLY A 1111 -85.10 18.70 35.95
C GLY A 1111 -84.91 17.86 34.72
N LYS A 1112 -84.14 18.33 33.74
CA LYS A 1112 -83.95 17.64 32.48
C LYS A 1112 -82.60 16.92 32.45
N ASN A 1113 -82.39 16.16 31.38
CA ASN A 1113 -81.13 15.45 31.19
C ASN A 1113 -80.08 16.42 30.66
N PRO A 1114 -78.94 16.56 31.32
CA PRO A 1114 -77.93 17.53 30.85
C PRO A 1114 -77.21 17.10 29.58
N PHE A 1115 -77.13 15.81 29.28
CA PHE A 1115 -76.36 15.30 28.15
C PHE A 1115 -77.25 15.17 26.92
N ILE A 1116 -76.82 15.77 25.82
CA ILE A 1116 -77.50 15.68 24.53
C ILE A 1116 -76.53 15.09 23.52
N LEU A 1117 -76.91 13.97 22.91
CA LEU A 1117 -76.11 13.32 21.87
C LEU A 1117 -76.56 13.84 20.51
N ASP A 1118 -75.75 14.69 19.87
CA ASP A 1118 -76.16 15.34 18.64
C ASP A 1118 -76.00 14.48 17.39
N TYR A 1119 -75.24 13.38 17.47
CA TYR A 1119 -75.09 12.47 16.35
C TYR A 1119 -75.12 11.04 16.88
N LYS A 1120 -76.23 10.33 16.63
CA LYS A 1120 -76.47 9.02 17.21
C LYS A 1120 -76.05 7.88 16.30
N THR A 1121 -76.41 7.94 15.01
CA THR A 1121 -76.17 6.82 14.10
C THR A 1121 -75.17 7.23 13.03
N PRO A 1122 -73.96 6.67 13.03
CA PRO A 1122 -73.02 6.95 11.95
C PRO A 1122 -73.42 6.24 10.66
N THR A 1123 -73.09 6.86 9.53
CA THR A 1123 -73.48 6.34 8.23
C THR A 1123 -72.31 5.89 7.37
N ALA A 1124 -71.09 6.29 7.70
CA ALA A 1124 -69.93 5.96 6.89
C ALA A 1124 -69.13 4.82 7.52
N SER A 1125 -68.26 4.22 6.71
CA SER A 1125 -67.43 3.13 7.17
C SER A 1125 -66.25 3.66 7.96
N PHE A 1126 -65.97 3.04 9.11
CA PHE A 1126 -64.89 3.50 9.96
C PHE A 1126 -63.53 3.17 9.35
N ARG A 1127 -63.40 1.99 8.74
CA ARG A 1127 -62.12 1.60 8.17
C ARG A 1127 -61.77 2.46 6.96
N ASP A 1128 -62.77 2.89 6.20
CA ASP A 1128 -62.51 3.73 5.04
C ASP A 1128 -62.01 5.13 5.43
N PHE A 1129 -62.46 5.65 6.57
CA PHE A 1129 -62.00 6.97 6.99
C PHE A 1129 -60.55 6.94 7.42
N LEU A 1130 -60.12 5.87 8.09
CA LEU A 1130 -58.73 5.78 8.54
C LEU A 1130 -57.78 5.72 7.35
N MET A 1131 -58.17 5.02 6.29
CA MET A 1131 -57.31 4.89 5.11
C MET A 1131 -57.24 6.18 4.29
N GLY A 1132 -58.05 7.18 4.62
CA GLY A 1132 -57.96 8.46 3.96
C GLY A 1132 -56.93 9.39 4.55
N GLU A 1133 -56.21 8.95 5.58
CA GLU A 1133 -55.18 9.75 6.24
C GLU A 1133 -53.90 8.95 6.35
N ILE A 1134 -52.77 9.61 6.08
CA ILE A 1134 -51.47 8.92 6.07
C ILE A 1134 -51.12 8.40 7.45
N ARG A 1135 -51.54 9.11 8.51
CA ARG A 1135 -51.20 8.70 9.86
C ARG A 1135 -51.75 7.32 10.23
N TYR A 1136 -52.63 6.74 9.42
CA TYR A 1136 -53.09 5.37 9.61
C TYR A 1136 -52.60 4.43 8.52
N THR A 1137 -52.40 4.91 7.30
CA THR A 1137 -51.93 4.04 6.22
C THR A 1137 -50.45 3.72 6.37
N SER A 1138 -49.66 4.60 6.98
CA SER A 1138 -48.24 4.30 7.18
C SER A 1138 -48.03 3.14 8.13
N LEU A 1139 -49.05 2.78 8.91
CA LEU A 1139 -48.94 1.60 9.78
C LEU A 1139 -48.89 0.33 8.95
N LYS A 1140 -49.65 0.28 7.85
CA LYS A 1140 -49.61 -0.88 6.98
C LYS A 1140 -48.28 -0.98 6.25
N LYS A 1141 -47.64 0.17 6.00
CA LYS A 1141 -46.35 0.18 5.31
C LYS A 1141 -45.17 -0.08 6.26
N GLN A 1142 -45.33 0.24 7.55
CA GLN A 1142 -44.25 0.02 8.52
C GLN A 1142 -44.36 -1.36 9.17
N PHE A 1143 -45.44 -1.61 9.90
CA PHE A 1143 -45.67 -2.89 10.57
C PHE A 1143 -46.94 -3.50 9.97
N PRO A 1144 -46.80 -4.27 8.88
CA PRO A 1144 -48.02 -4.78 8.22
C PRO A 1144 -48.76 -5.86 8.98
N GLU A 1145 -48.04 -6.73 9.71
CA GLU A 1145 -48.73 -7.84 10.38
C GLU A 1145 -49.52 -7.36 11.59
N LYS A 1146 -49.00 -6.37 12.32
CA LYS A 1146 -49.72 -5.84 13.47
C LYS A 1146 -50.78 -4.82 13.09
N ALA A 1147 -50.76 -4.33 11.84
CA ALA A 1147 -51.66 -3.24 11.45
C ALA A 1147 -53.12 -3.68 11.44
N GLU A 1148 -53.41 -4.87 10.91
CA GLU A 1148 -54.80 -5.32 10.84
C GLU A 1148 -55.40 -5.54 12.22
N GLN A 1149 -54.58 -5.87 13.21
CA GLN A 1149 -55.09 -6.04 14.57
C GLN A 1149 -55.58 -4.72 15.17
N LEU A 1150 -54.86 -3.62 14.91
CA LEU A 1150 -55.19 -2.35 15.52
C LEU A 1150 -56.44 -1.71 14.90
N PHE A 1151 -56.68 -1.94 13.60
CA PHE A 1151 -57.87 -1.37 12.97
C PHE A 1151 -59.15 -1.93 13.58
N ALA A 1152 -59.14 -3.22 13.94
CA ALA A 1152 -60.31 -3.82 14.56
C ALA A 1152 -60.55 -3.26 15.96
N LYS A 1153 -59.47 -2.96 16.68
CA LYS A 1153 -59.61 -2.38 18.01
C LYS A 1153 -60.14 -0.96 17.95
N ALA A 1154 -59.71 -0.18 16.96
CA ALA A 1154 -60.16 1.21 16.85
C ALA A 1154 -61.65 1.29 16.53
N GLU A 1155 -62.14 0.40 15.66
CA GLU A 1155 -63.56 0.43 15.31
C GLU A 1155 -64.43 -0.08 16.46
N ALA A 1156 -63.94 -1.05 17.21
CA ALA A 1156 -64.69 -1.54 18.37
C ALA A 1156 -64.75 -0.50 19.48
N ASP A 1157 -63.66 0.27 19.66
CA ASP A 1157 -63.66 1.32 20.68
C ASP A 1157 -64.61 2.46 20.33
N ALA A 1158 -64.79 2.75 19.04
CA ALA A 1158 -65.70 3.81 18.65
C ALA A 1158 -67.16 3.42 18.88
N LYS A 1159 -67.48 2.13 18.73
CA LYS A 1159 -68.85 1.67 18.99
C LYS A 1159 -69.13 1.63 20.49
N ALA A 1160 -68.15 1.21 21.29
CA ALA A 1160 -68.33 1.19 22.74
C ALA A 1160 -68.45 2.61 23.29
N ARG A 1161 -67.76 3.57 22.68
CA ARG A 1161 -67.91 4.96 23.09
C ARG A 1161 -69.26 5.51 22.66
N LEU A 1162 -69.73 5.13 21.47
CA LEU A 1162 -71.02 5.61 20.99
C LEU A 1162 -72.17 5.06 21.81
N GLU A 1163 -72.15 3.76 22.12
CA GLU A 1163 -73.20 3.17 22.95
C GLU A 1163 -73.18 3.72 24.36
N GLN A 1164 -72.00 4.15 24.84
CA GLN A 1164 -71.94 4.76 26.16
C GLN A 1164 -72.59 6.14 26.16
N TYR A 1165 -72.49 6.88 25.05
CA TYR A 1165 -73.19 8.15 24.95
C TYR A 1165 -74.69 7.94 24.76
N LYS A 1166 -75.09 6.79 24.21
CA LYS A 1166 -76.51 6.48 24.06
C LYS A 1166 -77.14 6.15 25.40
N LYS A 1167 -76.40 5.51 26.30
CA LYS A 1167 -76.94 5.21 27.63
C LYS A 1167 -77.16 6.49 28.43
N LEU A 1168 -76.23 7.45 28.32
CA LEU A 1168 -76.41 8.72 29.02
C LEU A 1168 -77.54 9.54 28.41
N ALA A 1169 -77.83 9.35 27.13
CA ALA A 1169 -78.91 10.10 26.49
C ALA A 1169 -80.26 9.43 26.70
N GLU A 1170 -80.31 8.11 26.75
CA GLU A 1170 -81.58 7.40 26.95
C GLU A 1170 -82.01 7.44 28.40
N PRO B 2 -6.68 3.42 16.30
CA PRO B 2 -5.98 4.34 17.19
C PRO B 2 -4.91 5.13 16.46
N LYS B 3 -4.43 6.21 17.06
CA LYS B 3 -3.35 7.01 16.49
C LYS B 3 -2.04 6.61 17.17
N GLN B 4 -1.06 6.22 16.37
CA GLN B 4 0.27 5.86 16.86
C GLN B 4 1.31 6.55 16.01
N THR B 5 2.46 6.82 16.60
CA THR B 5 3.58 7.42 15.89
C THR B 5 4.52 6.31 15.43
N LEU B 6 4.56 6.07 14.12
CA LEU B 6 5.35 5.02 13.50
C LEU B 6 6.20 5.60 12.39
N ASP B 7 7.05 4.75 11.84
CA ASP B 7 7.76 5.01 10.59
C ASP B 7 7.18 4.14 9.48
N GLY B 8 7.61 4.42 8.25
CA GLY B 8 7.06 3.72 7.10
C GLY B 8 7.24 2.21 7.19
N ASN B 9 8.41 1.76 7.65
CA ASN B 9 8.67 0.32 7.75
C ASN B 9 7.67 -0.33 8.69
N THR B 10 7.47 0.27 9.87
CA THR B 10 6.60 -0.33 10.88
C THR B 10 5.16 -0.39 10.43
N ALA B 11 4.67 0.69 9.80
CA ALA B 11 3.30 0.67 9.28
C ALA B 11 3.14 -0.42 8.23
N ALA B 12 4.16 -0.61 7.39
CA ALA B 12 4.11 -1.67 6.39
C ALA B 12 4.15 -3.05 7.02
N ALA B 13 5.09 -3.25 7.96
CA ALA B 13 5.17 -4.54 8.65
C ALA B 13 3.89 -4.82 9.41
N HIS B 14 3.28 -3.78 9.99
CA HIS B 14 2.02 -3.94 10.71
C HIS B 14 0.97 -4.62 9.83
N VAL B 15 0.79 -4.11 8.61
CA VAL B 15 -0.21 -4.67 7.71
C VAL B 15 0.22 -6.04 7.21
N ALA B 16 1.50 -6.18 6.86
CA ALA B 16 1.99 -7.43 6.29
C ALA B 16 1.89 -8.58 7.28
N TYR B 17 2.14 -8.31 8.57
CA TYR B 17 2.06 -9.36 9.58
C TYR B 17 0.65 -9.93 9.70
N ALA B 18 -0.36 -9.06 9.64
CA ALA B 18 -1.74 -9.52 9.80
C ALA B 18 -2.19 -10.40 8.64
N MET B 19 -1.72 -10.12 7.43
CA MET B 19 -2.26 -10.71 6.22
C MET B 19 -1.48 -11.93 5.74
N SER B 20 -0.37 -12.27 6.41
CA SER B 20 0.53 -13.28 5.91
C SER B 20 0.74 -14.39 6.93
N GLU B 21 0.94 -15.60 6.41
CA GLU B 21 1.29 -16.76 7.22
C GLU B 21 2.79 -17.02 7.25
N VAL B 22 3.47 -16.80 6.13
CA VAL B 22 4.91 -16.99 6.03
C VAL B 22 5.54 -15.70 5.53
N ALA B 23 6.76 -15.42 6.00
CA ALA B 23 7.53 -14.29 5.53
C ALA B 23 8.99 -14.75 5.45
N THR B 24 9.48 -15.00 4.24
CA THR B 24 10.88 -15.30 4.05
C THR B 24 11.61 -14.00 3.78
N ILE B 25 12.69 -13.76 4.52
CA ILE B 25 13.35 -12.46 4.51
C ILE B 25 14.86 -12.64 4.42
N TYR B 26 15.52 -11.53 4.07
CA TYR B 26 16.97 -11.44 4.04
C TYR B 26 17.23 -9.96 4.29
N PRO B 27 18.18 -9.62 5.15
CA PRO B 27 18.35 -8.23 5.56
C PRO B 27 19.01 -7.39 4.49
N ILE B 28 18.48 -6.18 4.29
CA ILE B 28 19.16 -5.18 3.48
C ILE B 28 18.62 -3.80 3.82
N THR B 29 19.51 -2.86 4.08
CA THR B 29 19.12 -1.49 4.35
C THR B 29 18.47 -0.91 3.08
N PRO B 30 17.37 -0.15 3.22
CA PRO B 30 16.64 0.18 4.44
C PRO B 30 15.39 -0.66 4.68
N SER B 31 15.32 -1.88 4.15
CA SER B 31 14.11 -2.68 4.30
C SER B 31 14.14 -3.62 5.48
N SER B 32 15.33 -3.97 5.99
CA SER B 32 15.41 -4.95 7.07
C SER B 32 14.64 -4.58 8.33
N PRO B 33 14.48 -3.31 8.72
CA PRO B 33 13.61 -3.02 9.88
C PRO B 33 12.22 -3.62 9.77
N MET B 34 11.68 -3.77 8.57
CA MET B 34 10.38 -4.42 8.43
C MET B 34 10.42 -5.85 8.95
N ALA B 35 11.46 -6.59 8.58
CA ALA B 35 11.55 -7.99 8.99
C ALA B 35 11.99 -8.14 10.44
N GLU B 36 12.77 -7.19 10.95
CA GLU B 36 13.22 -7.28 12.33
C GLU B 36 12.04 -7.18 13.29
N ILE B 37 11.17 -6.19 13.07
CA ILE B 37 10.02 -6.01 13.95
C ILE B 37 8.98 -7.08 13.67
N ALA B 38 8.94 -7.63 12.45
CA ALA B 38 8.06 -8.75 12.19
C ALA B 38 8.51 -10.00 12.94
N ASP B 39 9.83 -10.17 13.09
CA ASP B 39 10.35 -11.28 13.86
C ASP B 39 10.07 -11.11 15.35
N GLU B 40 10.21 -9.89 15.87
CA GLU B 40 9.96 -9.65 17.29
C GLU B 40 8.49 -9.84 17.64
N TRP B 41 7.58 -9.36 16.81
CA TRP B 41 6.15 -9.60 17.07
C TRP B 41 5.85 -11.08 17.11
N ALA B 42 6.45 -11.85 16.19
CA ALA B 42 6.28 -13.30 16.21
C ALA B 42 6.86 -13.89 17.48
N ALA B 43 8.00 -13.37 17.93
CA ALA B 43 8.63 -13.85 19.15
C ALA B 43 7.74 -13.59 20.37
N HIS B 44 6.96 -12.52 20.33
CA HIS B 44 6.05 -12.19 21.42
C HIS B 44 4.63 -12.68 21.15
N GLY B 45 4.43 -13.45 20.09
CA GLY B 45 3.18 -14.17 19.93
C GLY B 45 2.03 -13.38 19.36
N ARG B 46 2.30 -12.37 18.55
CA ARG B 46 1.23 -11.63 17.89
C ARG B 46 0.51 -12.54 16.89
N LYS B 47 -0.83 -12.48 16.90
CA LYS B 47 -1.65 -13.26 15.98
C LYS B 47 -2.02 -12.43 14.76
N ASN B 48 -1.99 -13.06 13.59
CA ASN B 48 -2.44 -12.44 12.35
C ASN B 48 -3.95 -12.68 12.21
N ILE B 49 -4.52 -12.30 11.06
CA ILE B 49 -5.95 -12.47 10.86
C ILE B 49 -6.36 -13.93 10.82
N PHE B 50 -5.41 -14.86 10.84
CA PHE B 50 -5.68 -16.29 10.87
C PHE B 50 -5.51 -16.85 12.27
N GLY B 51 -5.31 -15.99 13.27
CA GLY B 51 -5.22 -16.42 14.64
C GLY B 51 -3.91 -17.05 15.04
N LYS B 52 -2.91 -17.02 14.18
CA LYS B 52 -1.61 -17.61 14.48
C LYS B 52 -0.50 -16.58 14.30
N THR B 53 0.69 -16.92 14.78
CA THR B 53 1.85 -16.04 14.65
C THR B 53 2.52 -16.23 13.31
N LEU B 54 3.07 -15.13 12.79
CA LEU B 54 3.77 -15.18 11.52
C LEU B 54 5.07 -15.96 11.65
N GLN B 55 5.33 -16.83 10.67
CA GLN B 55 6.57 -17.59 10.61
C GLN B 55 7.57 -16.81 9.76
N VAL B 56 8.66 -16.36 10.37
CA VAL B 56 9.70 -15.62 9.69
C VAL B 56 10.87 -16.57 9.43
N ALA B 57 11.25 -16.72 8.15
CA ALA B 57 12.33 -17.62 7.75
C ALA B 57 13.39 -16.81 7.00
N GLU B 58 14.62 -16.84 7.52
CA GLU B 58 15.72 -16.14 6.87
C GLU B 58 16.44 -17.09 5.91
N MET B 59 16.70 -16.62 4.69
CA MET B 59 17.36 -17.41 3.68
C MET B 59 18.81 -16.94 3.51
N GLN B 60 19.53 -17.59 2.60
CA GLN B 60 20.93 -17.24 2.37
C GLN B 60 21.09 -16.05 1.43
N SER B 61 20.01 -15.62 0.77
CA SER B 61 20.05 -14.45 -0.10
C SER B 61 18.61 -14.08 -0.44
N GLU B 62 18.44 -12.94 -1.08
CA GLU B 62 17.12 -12.57 -1.56
C GLU B 62 16.68 -13.48 -2.68
N ALA B 63 17.64 -14.02 -3.45
CA ALA B 63 17.30 -15.04 -4.44
C ALA B 63 16.74 -16.27 -3.76
N GLY B 64 17.34 -16.70 -2.66
CA GLY B 64 16.77 -17.79 -1.88
C GLY B 64 15.45 -17.41 -1.25
N ALA B 65 15.32 -16.15 -0.82
CA ALA B 65 14.05 -15.69 -0.27
C ALA B 65 12.95 -15.71 -1.33
N ALA B 66 13.24 -15.21 -2.53
CA ALA B 66 12.23 -15.16 -3.59
C ALA B 66 11.79 -16.56 -3.99
N GLY B 67 12.74 -17.49 -4.16
CA GLY B 67 12.37 -18.84 -4.49
C GLY B 67 11.55 -19.49 -3.39
N ALA B 68 11.89 -19.22 -2.13
CA ALA B 68 11.14 -19.76 -1.01
C ALA B 68 9.73 -19.19 -0.96
N VAL B 69 9.56 -17.91 -1.33
CA VAL B 69 8.23 -17.33 -1.48
C VAL B 69 7.42 -18.12 -2.49
N HIS B 70 8.02 -18.41 -3.64
CA HIS B 70 7.33 -19.13 -4.70
C HIS B 70 6.93 -20.53 -4.24
N GLY B 71 7.83 -21.24 -3.54
CA GLY B 71 7.48 -22.55 -3.05
C GLY B 71 6.35 -22.53 -2.04
N SER B 72 6.40 -21.57 -1.10
CA SER B 72 5.35 -21.46 -0.11
C SER B 72 4.01 -21.05 -0.75
N LEU B 73 4.05 -20.16 -1.74
CA LEU B 73 2.82 -19.77 -2.42
C LEU B 73 2.23 -20.95 -3.18
N ALA B 74 3.07 -21.68 -3.93
CA ALA B 74 2.58 -22.79 -4.71
C ALA B 74 2.05 -23.92 -3.84
N ALA B 75 2.46 -23.98 -2.57
CA ALA B 75 2.02 -25.05 -1.69
C ALA B 75 0.81 -24.68 -0.85
N GLY B 76 0.38 -23.42 -0.86
CA GLY B 76 -0.87 -23.03 -0.27
C GLY B 76 -0.83 -22.15 0.98
N ALA B 77 0.25 -21.41 1.20
CA ALA B 77 0.36 -20.51 2.35
C ALA B 77 0.57 -19.09 1.84
N LEU B 78 -0.21 -18.16 2.37
CA LEU B 78 -0.03 -16.75 2.03
C LEU B 78 1.31 -16.27 2.56
N THR B 79 2.17 -15.80 1.67
CA THR B 79 3.55 -15.49 1.99
C THR B 79 3.90 -14.10 1.51
N THR B 80 4.75 -13.41 2.27
CA THR B 80 5.21 -12.07 1.91
C THR B 80 6.71 -12.00 2.09
N THR B 81 7.28 -10.84 1.77
CA THR B 81 8.70 -10.58 1.97
C THR B 81 8.94 -9.07 1.96
N PHE B 82 10.13 -8.68 2.41
CA PHE B 82 10.56 -7.30 2.43
C PHE B 82 11.97 -7.24 1.85
N THR B 83 12.22 -6.28 0.97
CA THR B 83 13.52 -6.20 0.32
C THR B 83 13.67 -4.81 -0.30
N ALA B 84 14.81 -4.60 -0.98
CA ALA B 84 15.12 -3.34 -1.63
C ALA B 84 16.39 -3.49 -2.45
N SER B 85 16.54 -2.64 -3.45
CA SER B 85 17.82 -2.37 -4.14
C SER B 85 18.39 -3.69 -4.68
N GLN B 86 19.65 -4.03 -4.37
CA GLN B 86 20.26 -5.25 -4.89
C GLN B 86 19.44 -6.47 -4.53
N GLY B 87 18.75 -6.43 -3.40
CA GLY B 87 17.91 -7.56 -3.01
C GLY B 87 16.75 -7.76 -3.95
N LEU B 88 16.10 -6.67 -4.37
CA LEU B 88 15.00 -6.78 -5.30
C LEU B 88 15.48 -7.33 -6.65
N LEU B 89 16.68 -6.93 -7.08
CA LEU B 89 17.21 -7.45 -8.33
C LEU B 89 17.33 -8.97 -8.29
N LEU B 90 17.87 -9.51 -7.19
CA LEU B 90 18.05 -10.96 -7.09
C LEU B 90 16.74 -11.72 -6.98
N MET B 91 15.63 -11.02 -6.72
CA MET B 91 14.32 -11.64 -6.71
C MET B 91 13.61 -11.59 -8.05
N ILE B 92 14.14 -10.80 -9.00
CA ILE B 92 13.43 -10.59 -10.26
C ILE B 92 13.18 -11.89 -11.01
N PRO B 93 14.14 -12.83 -11.14
CA PRO B 93 13.84 -14.08 -11.88
C PRO B 93 12.66 -14.86 -11.32
N ASN B 94 12.53 -14.93 -9.99
CA ASN B 94 11.35 -15.58 -9.42
C ASN B 94 10.11 -14.74 -9.63
N MET B 95 10.25 -13.42 -9.75
CA MET B 95 9.09 -12.57 -9.92
C MET B 95 8.37 -12.88 -11.23
N TYR B 96 9.14 -13.18 -12.29
CA TYR B 96 8.51 -13.60 -13.54
C TYR B 96 7.70 -14.88 -13.34
N LYS B 97 8.23 -15.81 -12.53
CA LYS B 97 7.50 -17.04 -12.26
C LYS B 97 6.28 -16.79 -11.39
N ILE B 98 6.45 -16.01 -10.33
CA ILE B 98 5.34 -15.77 -9.40
C ILE B 98 4.21 -15.02 -10.11
N ALA B 99 4.55 -14.01 -10.91
CA ALA B 99 3.52 -13.34 -11.70
C ALA B 99 2.98 -14.26 -12.78
N GLY B 100 3.86 -15.00 -13.45
CA GLY B 100 3.45 -15.89 -14.53
C GLY B 100 2.52 -17.01 -14.07
N GLU B 101 2.66 -17.45 -12.83
CA GLU B 101 1.79 -18.47 -12.27
C GLU B 101 0.57 -17.87 -11.57
N LEU B 102 0.42 -16.55 -11.61
CA LEU B 102 -0.76 -15.85 -11.10
C LEU B 102 -1.07 -16.22 -9.65
N LEU B 103 -0.05 -16.01 -8.79
CA LEU B 103 -0.11 -16.28 -7.36
C LEU B 103 -0.30 -14.99 -6.59
N PRO B 104 -1.23 -14.93 -5.63
CA PRO B 104 -1.42 -13.70 -4.85
C PRO B 104 -0.24 -13.47 -3.91
N CYS B 105 0.29 -12.26 -3.93
CA CYS B 105 1.52 -11.98 -3.22
C CYS B 105 1.76 -10.48 -3.12
N VAL B 106 2.47 -10.07 -2.07
CA VAL B 106 2.85 -8.68 -1.87
C VAL B 106 4.32 -8.62 -1.45
N PHE B 107 5.15 -7.96 -2.25
CA PHE B 107 6.51 -7.60 -1.86
C PHE B 107 6.48 -6.16 -1.33
N HIS B 108 6.92 -5.95 -0.11
CA HIS B 108 7.04 -4.60 0.45
C HIS B 108 8.46 -4.11 0.27
N VAL B 109 8.64 -3.02 -0.47
CA VAL B 109 9.96 -2.56 -0.90
C VAL B 109 10.21 -1.17 -0.36
N ALA B 110 11.33 -1.00 0.34
CA ALA B 110 11.83 0.31 0.73
C ALA B 110 12.76 0.79 -0.38
N ALA B 111 12.19 1.43 -1.39
CA ALA B 111 12.88 1.74 -2.64
C ALA B 111 14.24 2.41 -2.40
N ARG B 112 15.30 1.78 -2.90
CA ARG B 112 16.66 2.24 -2.67
C ARG B 112 17.44 2.19 -3.98
N ALA B 113 18.39 3.11 -4.11
CA ALA B 113 19.20 3.21 -5.32
C ALA B 113 19.97 1.92 -5.57
N LEU B 114 20.31 1.70 -6.84
CA LEU B 114 21.11 0.55 -7.21
C LEU B 114 22.59 0.92 -7.26
N SER B 115 23.43 -0.07 -7.01
CA SER B 115 24.87 0.14 -7.03
C SER B 115 25.33 0.23 -8.49
N THR B 116 25.80 1.40 -8.90
CA THR B 116 26.22 1.64 -10.27
C THR B 116 27.69 2.02 -10.23
N HIS B 117 28.01 3.31 -10.41
CA HIS B 117 29.37 3.79 -10.20
C HIS B 117 29.78 3.71 -8.73
N ALA B 118 28.81 3.58 -7.83
CA ALA B 118 29.07 3.54 -6.40
C ALA B 118 27.86 2.93 -5.69
N LEU B 119 28.10 2.48 -4.46
CA LEU B 119 27.03 1.97 -3.61
C LEU B 119 26.24 3.13 -3.04
N SER B 120 24.93 2.92 -2.90
CA SER B 120 24.06 3.91 -2.27
C SER B 120 23.00 3.16 -1.48
N ILE B 121 22.97 3.36 -0.15
CA ILE B 121 21.93 2.75 0.67
C ILE B 121 20.67 3.58 0.71
N PHE B 122 20.64 4.71 0.01
CA PHE B 122 19.56 5.67 0.13
C PHE B 122 18.56 5.48 -1.01
N GLY B 123 17.46 6.25 -0.94
CA GLY B 123 16.24 5.90 -1.64
C GLY B 123 16.07 6.56 -2.99
N ASP B 124 15.69 5.74 -3.97
CA ASP B 124 15.06 6.18 -5.21
C ASP B 124 14.41 4.96 -5.85
N HIS B 125 13.85 5.15 -7.04
CA HIS B 125 13.04 4.12 -7.69
C HIS B 125 13.83 3.28 -8.68
N ALA B 126 15.16 3.32 -8.63
CA ALA B 126 15.96 2.54 -9.59
C ALA B 126 15.66 1.05 -9.49
N ASP B 127 15.53 0.52 -8.26
CA ASP B 127 15.30 -0.90 -8.12
C ASP B 127 13.91 -1.30 -8.60
N VAL B 128 12.88 -0.55 -8.18
CA VAL B 128 11.52 -0.92 -8.54
C VAL B 128 11.32 -0.84 -10.05
N MET B 129 11.89 0.19 -10.69
CA MET B 129 11.76 0.32 -12.14
C MET B 129 12.44 -0.84 -12.85
N ALA B 130 13.48 -1.41 -12.24
CA ALA B 130 14.18 -2.53 -12.86
C ALA B 130 13.36 -3.80 -12.89
N ALA B 131 12.24 -3.85 -12.17
CA ALA B 131 11.35 -5.01 -12.17
C ALA B 131 9.98 -4.71 -12.75
N ARG B 132 9.82 -3.57 -13.43
CA ARG B 132 8.50 -3.17 -13.91
C ARG B 132 7.99 -4.04 -15.05
N GLN B 133 8.85 -4.88 -15.63
CA GLN B 133 8.46 -5.73 -16.75
C GLN B 133 8.25 -7.18 -16.34
N THR B 134 8.23 -7.46 -15.04
CA THR B 134 8.06 -8.81 -14.54
C THR B 134 6.62 -9.29 -14.58
N GLY B 135 5.66 -8.37 -14.70
CA GLY B 135 4.27 -8.74 -14.60
C GLY B 135 3.69 -8.53 -13.21
N PHE B 136 4.49 -8.08 -12.25
CA PHE B 136 3.96 -7.69 -10.96
C PHE B 136 3.16 -6.40 -11.09
N ALA B 137 2.09 -6.30 -10.29
CA ALA B 137 1.48 -4.99 -10.10
C ALA B 137 2.39 -4.13 -9.24
N MET B 138 2.24 -2.82 -9.34
CA MET B 138 3.09 -1.90 -8.58
C MET B 138 2.26 -0.76 -8.00
N LEU B 139 2.28 -0.65 -6.67
CA LEU B 139 1.48 0.33 -5.96
C LEU B 139 2.40 1.14 -5.06
N SER B 140 2.33 2.47 -5.18
CA SER B 140 3.26 3.38 -4.51
C SER B 140 2.56 4.17 -3.43
N SER B 141 3.16 4.24 -2.24
CA SER B 141 2.69 5.07 -1.14
C SER B 141 3.64 6.25 -0.93
N ALA B 142 3.07 7.43 -0.69
CA ALA B 142 3.86 8.67 -0.59
C ALA B 142 4.11 9.14 0.83
N SER B 143 3.38 8.63 1.82
CA SER B 143 3.53 9.04 3.21
C SER B 143 3.37 7.83 4.10
N VAL B 144 3.72 7.99 5.38
CA VAL B 144 3.61 6.88 6.33
C VAL B 144 2.15 6.45 6.47
N GLN B 145 1.22 7.41 6.41
CA GLN B 145 -0.19 7.07 6.41
C GLN B 145 -0.56 6.23 5.19
N GLU B 146 -0.02 6.57 4.03
CA GLU B 146 -0.35 5.81 2.83
C GLU B 146 0.32 4.44 2.82
N VAL B 147 1.49 4.32 3.44
CA VAL B 147 2.08 2.99 3.61
C VAL B 147 1.12 2.09 4.38
N MET B 148 0.51 2.63 5.44
CA MET B 148 -0.48 1.88 6.19
C MET B 148 -1.66 1.48 5.31
N ASP B 149 -2.25 2.46 4.62
CA ASP B 149 -3.46 2.21 3.85
C ASP B 149 -3.18 1.38 2.61
N LEU B 150 -2.16 1.75 1.84
CA LEU B 150 -1.93 1.09 0.58
C LEU B 150 -1.31 -0.30 0.75
N ALA B 151 -0.66 -0.57 1.88
CA ALA B 151 -0.25 -1.95 2.15
C ALA B 151 -1.48 -2.85 2.30
N LEU B 152 -2.49 -2.39 3.03
CA LEU B 152 -3.73 -3.17 3.14
C LEU B 152 -4.40 -3.31 1.78
N VAL B 153 -4.35 -2.26 0.96
CA VAL B 153 -4.94 -2.33 -0.39
C VAL B 153 -4.25 -3.39 -1.22
N ALA B 154 -2.92 -3.45 -1.16
CA ALA B 154 -2.18 -4.43 -1.97
C ALA B 154 -2.52 -5.85 -1.55
N HIS B 155 -2.54 -6.11 -0.23
CA HIS B 155 -2.84 -7.45 0.25
C HIS B 155 -4.27 -7.86 -0.06
N LEU B 156 -5.21 -6.92 0.02
CA LEU B 156 -6.60 -7.27 -0.28
C LEU B 156 -6.81 -7.47 -1.77
N ALA B 157 -6.16 -6.63 -2.60
CA ALA B 157 -6.39 -6.70 -4.04
C ALA B 157 -5.72 -7.91 -4.66
N THR B 158 -4.54 -8.26 -4.16
CA THR B 158 -3.80 -9.37 -4.77
C THR B 158 -4.55 -10.68 -4.63
N LEU B 159 -5.35 -10.83 -3.58
CA LEU B 159 -6.19 -12.02 -3.45
C LEU B 159 -7.28 -12.03 -4.52
N LYS B 160 -7.83 -10.87 -4.84
CA LYS B 160 -8.90 -10.80 -5.82
C LYS B 160 -8.37 -10.89 -7.25
N ALA B 161 -7.23 -10.24 -7.54
CA ALA B 161 -6.75 -10.11 -8.90
C ALA B 161 -5.84 -11.24 -9.35
N ARG B 162 -5.32 -12.05 -8.42
CA ARG B 162 -4.32 -13.09 -8.65
C ARG B 162 -3.01 -12.56 -9.21
N VAL B 163 -2.83 -11.25 -9.28
CA VAL B 163 -1.61 -10.63 -9.77
C VAL B 163 -0.76 -10.22 -8.58
N PRO B 164 0.50 -10.63 -8.50
CA PRO B 164 1.33 -10.25 -7.36
C PRO B 164 1.66 -8.77 -7.38
N PHE B 165 1.78 -8.19 -6.19
CA PHE B 165 1.94 -6.75 -6.01
C PHE B 165 3.28 -6.42 -5.40
N VAL B 166 3.91 -5.37 -5.90
CA VAL B 166 5.02 -4.72 -5.21
C VAL B 166 4.48 -3.43 -4.63
N HIS B 167 4.40 -3.37 -3.31
CA HIS B 167 4.03 -2.14 -2.60
C HIS B 167 5.34 -1.49 -2.17
N PHE B 168 5.66 -0.34 -2.77
CA PHE B 168 6.94 0.31 -2.54
C PHE B 168 6.74 1.74 -2.04
N PHE B 169 7.64 2.15 -1.14
CA PHE B 169 7.68 3.51 -0.64
C PHE B 169 9.14 3.95 -0.60
N ASP B 170 9.36 5.26 -0.64
CA ASP B 170 10.71 5.77 -0.79
C ASP B 170 11.57 5.40 0.42
N GLY B 171 12.75 4.85 0.13
CA GLY B 171 13.65 4.46 1.20
C GLY B 171 14.15 5.67 1.98
N PHE B 172 14.19 5.51 3.30
CA PHE B 172 14.58 6.54 4.27
C PHE B 172 13.59 7.71 4.28
N ARG B 173 13.38 8.37 3.14
CA ARG B 173 12.47 9.51 3.11
C ARG B 173 11.08 9.13 3.60
N THR B 174 10.65 7.89 3.40
CA THR B 174 9.38 7.41 3.92
C THR B 174 9.52 6.23 4.87
N SER B 175 10.46 5.32 4.59
CA SER B 175 10.63 4.16 5.46
C SER B 175 11.11 4.54 6.85
N HIS B 176 11.85 5.64 6.97
CA HIS B 176 12.41 6.06 8.24
C HIS B 176 11.83 7.38 8.76
N GLU B 177 10.87 7.97 8.07
CA GLU B 177 10.18 9.14 8.59
C GLU B 177 9.16 8.68 9.61
N VAL B 178 9.24 9.23 10.82
CA VAL B 178 8.28 8.92 11.88
C VAL B 178 7.15 9.94 11.84
N GLN B 179 5.91 9.46 11.82
CA GLN B 179 4.74 10.33 11.75
C GLN B 179 3.60 9.72 12.57
N LYS B 180 2.76 10.59 13.11
CA LYS B 180 1.54 10.17 13.79
C LYS B 180 0.49 9.88 12.74
N ILE B 181 0.08 8.61 12.63
CA ILE B 181 -0.83 8.16 11.60
C ILE B 181 -1.97 7.38 12.24
N ASP B 182 -3.02 7.16 11.45
CA ASP B 182 -4.09 6.26 11.85
C ASP B 182 -3.69 4.82 11.57
N VAL B 183 -3.67 4.00 12.62
CA VAL B 183 -3.31 2.58 12.51
C VAL B 183 -4.59 1.77 12.38
N ILE B 184 -4.60 0.82 11.44
CA ILE B 184 -5.76 0.00 11.15
C ILE B 184 -5.74 -1.24 12.01
N GLU B 185 -6.84 -1.51 12.70
CA GLU B 185 -6.93 -2.68 13.57
C GLU B 185 -7.00 -3.94 12.74
N TYR B 186 -6.40 -5.02 13.25
CA TYR B 186 -6.42 -6.30 12.55
C TYR B 186 -7.85 -6.79 12.37
N GLU B 187 -8.71 -6.54 13.36
CA GLU B 187 -10.08 -7.04 13.28
C GLU B 187 -10.82 -6.40 12.11
N ASP B 188 -10.50 -5.14 11.79
CA ASP B 188 -11.14 -4.48 10.66
C ASP B 188 -10.65 -5.05 9.33
N MET B 189 -9.37 -5.41 9.26
CA MET B 189 -8.85 -6.01 8.04
C MET B 189 -9.58 -7.30 7.73
N ALA B 190 -9.69 -8.19 8.72
CA ALA B 190 -10.36 -9.47 8.50
C ALA B 190 -11.82 -9.29 8.10
N LYS B 191 -12.43 -8.15 8.45
CA LYS B 191 -13.78 -7.87 7.97
C LYS B 191 -13.82 -7.48 6.50
N LEU B 192 -12.67 -7.20 5.89
CA LEU B 192 -12.62 -6.80 4.49
C LEU B 192 -12.03 -7.84 3.55
N VAL B 193 -11.41 -8.90 4.07
CA VAL B 193 -10.73 -9.87 3.22
C VAL B 193 -11.75 -10.67 2.42
N ASP B 194 -11.42 -10.94 1.16
CA ASP B 194 -12.22 -11.84 0.32
C ASP B 194 -11.83 -13.26 0.70
N TRP B 195 -12.58 -13.83 1.64
CA TRP B 195 -12.26 -15.17 2.11
C TRP B 195 -12.55 -16.23 1.06
N ASP B 196 -13.51 -15.96 0.16
CA ASP B 196 -13.71 -16.85 -0.97
C ASP B 196 -12.44 -16.95 -1.80
N ALA B 197 -11.75 -15.83 -2.00
CA ALA B 197 -10.51 -15.84 -2.75
C ALA B 197 -9.41 -16.60 -2.02
N ILE B 198 -9.39 -16.52 -0.69
CA ILE B 198 -8.39 -17.26 0.06
C ILE B 198 -8.66 -18.76 0.00
N ARG B 199 -9.92 -19.15 0.19
CA ARG B 199 -10.25 -20.58 0.15
C ARG B 199 -10.02 -21.14 -1.25
N ALA B 200 -10.29 -20.36 -2.29
CA ALA B 200 -9.99 -20.80 -3.64
C ALA B 200 -8.47 -20.93 -3.87
N PHE B 201 -7.69 -20.05 -3.24
CA PHE B 201 -6.23 -20.15 -3.33
C PHE B 201 -5.71 -21.42 -2.69
N ARG B 202 -6.37 -21.90 -1.63
CA ARG B 202 -5.96 -23.15 -1.01
C ARG B 202 -6.17 -24.33 -1.94
N GLN B 203 -7.22 -24.29 -2.75
CA GLN B 203 -7.54 -25.42 -3.63
C GLN B 203 -6.50 -25.55 -4.76
N ARG B 204 -5.87 -24.46 -5.15
CA ARG B 204 -4.86 -24.48 -6.20
C ARG B 204 -3.50 -24.93 -5.70
N ALA B 205 -3.38 -25.34 -4.44
CA ALA B 205 -2.09 -25.72 -3.88
C ALA B 205 -1.62 -27.07 -4.40
N LEU B 206 -0.30 -27.26 -4.44
CA LEU B 206 0.27 -28.56 -4.76
C LEU B 206 -0.13 -29.56 -3.68
N ASN B 207 -0.82 -30.62 -4.07
CA ASN B 207 -1.27 -31.57 -3.08
C ASN B 207 -1.37 -32.97 -3.68
N PRO B 208 -0.78 -33.98 -3.04
CA PRO B 208 -0.78 -35.32 -3.62
C PRO B 208 -2.16 -35.95 -3.74
N GLU B 209 -3.14 -35.47 -2.98
CA GLU B 209 -4.47 -36.04 -3.03
C GLU B 209 -5.32 -35.44 -4.14
N HIS B 210 -4.88 -34.35 -4.75
CA HIS B 210 -5.45 -33.84 -5.99
C HIS B 210 -4.34 -33.16 -6.78
N PRO B 211 -3.46 -33.95 -7.40
CA PRO B 211 -2.22 -33.40 -7.94
C PRO B 211 -2.40 -32.72 -9.30
N HIS B 212 -1.42 -31.88 -9.61
CA HIS B 212 -1.34 -31.19 -10.89
C HIS B 212 0.12 -30.94 -11.19
N GLN B 213 0.38 -30.42 -12.38
CA GLN B 213 1.73 -30.08 -12.81
C GLN B 213 1.79 -28.60 -13.14
N ARG B 214 2.83 -27.92 -12.67
CA ARG B 214 3.02 -26.50 -12.96
C ARG B 214 4.48 -26.25 -13.28
N GLY B 215 4.73 -25.17 -14.01
CA GLY B 215 6.08 -24.79 -14.36
C GLY B 215 6.70 -25.67 -15.43
N THR B 216 5.92 -26.03 -16.45
CA THR B 216 6.38 -26.92 -17.51
C THR B 216 7.32 -26.18 -18.47
N ALA B 217 7.89 -26.94 -19.40
CA ALA B 217 8.64 -26.40 -20.52
C ALA B 217 7.80 -26.53 -21.78
N GLN B 218 7.70 -25.44 -22.54
CA GLN B 218 6.77 -25.38 -23.67
C GLN B 218 7.52 -25.04 -24.95
N ASN B 219 7.01 -25.58 -26.05
CA ASN B 219 7.54 -25.38 -27.40
C ASN B 219 6.98 -24.10 -28.01
N PRO B 220 7.50 -23.69 -29.18
CA PRO B 220 6.96 -22.49 -29.84
C PRO B 220 5.52 -22.62 -30.27
N ASP B 221 4.95 -23.83 -30.25
CA ASP B 221 3.60 -24.02 -30.77
C ASP B 221 2.54 -23.44 -29.84
N ILE B 222 2.77 -23.43 -28.53
CA ILE B 222 1.73 -23.05 -27.58
C ILE B 222 2.19 -21.98 -26.59
N TYR B 223 3.49 -21.64 -26.62
CA TYR B 223 4.01 -20.70 -25.63
C TYR B 223 3.40 -19.31 -25.78
N PHE B 224 3.28 -18.82 -27.01
CA PHE B 224 2.73 -17.49 -27.23
C PHE B 224 1.28 -17.40 -26.73
N GLN B 225 0.44 -18.35 -27.14
CA GLN B 225 -0.97 -18.33 -26.73
C GLN B 225 -1.11 -18.37 -25.22
N SER B 226 -0.42 -19.30 -24.55
CA SER B 226 -0.51 -19.40 -23.10
C SER B 226 -0.01 -18.15 -22.41
N ARG B 227 0.93 -17.44 -23.03
CA ARG B 227 1.43 -16.20 -22.43
C ARG B 227 0.39 -15.08 -22.55
N GLU B 228 -0.40 -15.09 -23.62
CA GLU B 228 -1.48 -14.13 -23.76
C GLU B 228 -2.74 -14.56 -23.03
N ALA B 229 -2.78 -15.79 -22.50
CA ALA B 229 -3.99 -16.28 -21.86
C ALA B 229 -4.27 -15.60 -20.52
N ALA B 230 -3.26 -14.98 -19.93
CA ALA B 230 -3.41 -14.30 -18.65
C ALA B 230 -3.86 -12.85 -18.79
N ASN B 231 -4.05 -12.40 -20.02
CA ASN B 231 -4.44 -11.00 -20.26
C ASN B 231 -5.71 -10.58 -19.50
N PRO B 232 -6.78 -11.38 -19.42
CA PRO B 232 -7.94 -10.93 -18.65
C PRO B 232 -7.62 -10.60 -17.20
N TYR B 233 -6.66 -11.31 -16.60
CA TYR B 233 -6.30 -11.03 -15.21
C TYR B 233 -5.66 -9.66 -15.06
N TYR B 234 -4.84 -9.26 -16.03
CA TYR B 234 -4.23 -7.94 -15.96
C TYR B 234 -5.17 -6.83 -16.39
N LEU B 235 -6.11 -7.12 -17.28
CA LEU B 235 -7.10 -6.12 -17.65
C LEU B 235 -8.04 -5.81 -16.48
N ALA B 236 -8.30 -6.80 -15.63
CA ALA B 236 -9.24 -6.63 -14.52
C ALA B 236 -8.59 -6.03 -13.28
N THR B 237 -7.26 -6.03 -13.20
CA THR B 237 -6.58 -5.53 -12.01
C THR B 237 -6.87 -4.07 -11.71
N PRO B 238 -6.87 -3.13 -12.68
CA PRO B 238 -7.18 -1.74 -12.33
C PRO B 238 -8.54 -1.59 -11.65
N GLY B 239 -9.56 -2.26 -12.16
CA GLY B 239 -10.87 -2.22 -11.54
C GLY B 239 -10.91 -2.86 -10.16
N ILE B 240 -10.09 -3.89 -9.94
CA ILE B 240 -10.07 -4.55 -8.65
C ILE B 240 -9.43 -3.65 -7.60
N VAL B 241 -8.33 -2.99 -7.94
CA VAL B 241 -7.68 -2.07 -7.02
C VAL B 241 -8.62 -0.91 -6.69
N ALA B 242 -9.37 -0.43 -7.68
CA ALA B 242 -10.31 0.65 -7.44
C ALA B 242 -11.37 0.26 -6.44
N GLN B 243 -11.90 -0.97 -6.55
CA GLN B 243 -12.94 -1.42 -5.64
C GLN B 243 -12.38 -1.63 -4.24
N VAL B 244 -11.15 -2.12 -4.13
CA VAL B 244 -10.52 -2.29 -2.83
C VAL B 244 -10.26 -0.93 -2.19
N MET B 245 -9.87 0.06 -2.98
CA MET B 245 -9.63 1.40 -2.45
C MET B 245 -10.90 2.04 -1.90
N GLU B 246 -12.07 1.64 -2.41
CA GLU B 246 -13.32 2.13 -1.86
C GLU B 246 -13.67 1.44 -0.54
N GLN B 247 -13.32 0.17 -0.40
CA GLN B 247 -13.50 -0.52 0.87
C GLN B 247 -12.69 0.17 1.97
N VAL B 248 -11.43 0.50 1.67
CA VAL B 248 -10.59 1.20 2.62
C VAL B 248 -11.14 2.60 2.89
N ALA B 249 -11.70 3.25 1.86
CA ALA B 249 -12.30 4.56 2.06
C ALA B 249 -13.49 4.49 3.00
N GLY B 250 -14.34 3.48 2.83
CA GLY B 250 -15.45 3.31 3.75
C GLY B 250 -15.00 3.01 5.17
N LEU B 251 -13.84 2.39 5.32
CA LEU B 251 -13.33 2.05 6.64
C LEU B 251 -12.60 3.22 7.29
N THR B 252 -11.75 3.92 6.53
CA THR B 252 -10.90 4.96 7.10
C THR B 252 -11.37 6.36 6.80
N GLY B 253 -12.22 6.55 5.79
CA GLY B 253 -12.56 7.88 5.36
C GLY B 253 -11.55 8.51 4.43
N ARG B 254 -10.44 7.84 4.16
CA ARG B 254 -9.40 8.35 3.27
C ARG B 254 -9.59 7.74 1.89
N HIS B 255 -9.80 8.59 0.89
CA HIS B 255 -10.15 8.11 -0.45
C HIS B 255 -8.90 8.12 -1.32
N TYR B 256 -8.53 6.96 -1.82
CA TYR B 256 -7.47 6.83 -2.81
C TYR B 256 -8.07 6.39 -4.14
N HIS B 257 -7.39 6.76 -5.22
CA HIS B 257 -7.72 6.29 -6.55
C HIS B 257 -6.42 5.84 -7.21
N LEU B 258 -6.54 5.13 -8.34
CA LEU B 258 -5.35 4.69 -9.07
C LEU B 258 -4.48 5.89 -9.45
N PHE B 259 -5.09 6.99 -9.84
CA PHE B 259 -4.43 8.27 -10.01
C PHE B 259 -5.26 9.33 -9.29
N ASP B 260 -4.62 10.10 -8.41
CA ASP B 260 -5.29 11.15 -7.66
C ASP B 260 -4.85 12.52 -8.16
N TYR B 261 -5.77 13.47 -8.20
CA TYR B 261 -5.47 14.82 -8.64
C TYR B 261 -5.64 15.79 -7.50
N ALA B 262 -4.77 16.80 -7.46
CA ALA B 262 -4.83 17.87 -6.48
C ALA B 262 -4.30 19.14 -7.11
N GLY B 263 -5.03 20.24 -6.94
CA GLY B 263 -4.61 21.52 -7.48
C GLY B 263 -5.77 22.25 -8.13
N ALA B 264 -5.43 23.24 -8.95
CA ALA B 264 -6.44 24.07 -9.58
C ALA B 264 -7.29 23.22 -10.54
N PRO B 265 -8.62 23.37 -10.51
CA PRO B 265 -9.44 22.65 -11.49
C PRO B 265 -9.23 23.14 -12.91
N ASP B 266 -8.79 24.39 -13.08
CA ASP B 266 -8.51 24.96 -14.38
C ASP B 266 -7.02 25.16 -14.60
N ALA B 267 -6.21 24.27 -14.02
CA ALA B 267 -4.76 24.39 -14.15
C ALA B 267 -4.32 24.17 -15.59
N GLU B 268 -3.22 24.83 -15.97
CA GLU B 268 -2.60 24.64 -17.26
C GLU B 268 -1.24 23.96 -17.19
N ARG B 269 -0.58 23.99 -16.03
CA ARG B 269 0.70 23.31 -15.83
C ARG B 269 0.52 22.27 -14.74
N VAL B 270 0.75 21.00 -15.08
CA VAL B 270 0.51 19.89 -14.17
C VAL B 270 1.77 19.03 -14.09
N ILE B 271 2.13 18.63 -12.88
CA ILE B 271 3.23 17.72 -12.64
C ILE B 271 2.67 16.34 -12.35
N VAL B 272 3.21 15.33 -13.04
CA VAL B 272 2.92 13.93 -12.73
C VAL B 272 4.12 13.37 -11.98
N SER B 273 3.89 12.75 -10.84
CA SER B 273 4.98 12.22 -10.03
C SER B 273 4.48 11.04 -9.20
N MET B 274 5.43 10.41 -8.50
CA MET B 274 5.21 9.14 -7.84
C MET B 274 6.09 9.09 -6.59
N GLY B 275 5.57 8.47 -5.54
CA GLY B 275 6.33 8.39 -4.30
C GLY B 275 6.17 9.63 -3.43
N SER B 276 7.12 9.78 -2.51
CA SER B 276 7.02 10.84 -1.49
C SER B 276 7.03 12.23 -2.08
N SER B 277 7.54 12.40 -3.30
CA SER B 277 7.54 13.73 -3.91
C SER B 277 6.14 14.31 -4.03
N CYS B 278 5.13 13.45 -4.15
CA CYS B 278 3.75 13.94 -4.24
C CYS B 278 3.36 14.74 -3.00
N GLU B 279 3.86 14.37 -1.83
CA GLU B 279 3.59 15.15 -0.63
C GLU B 279 4.20 16.55 -0.74
N VAL B 280 5.47 16.62 -1.15
CA VAL B 280 6.12 17.91 -1.30
C VAL B 280 5.46 18.74 -2.40
N ILE B 281 5.06 18.10 -3.49
CA ILE B 281 4.47 18.84 -4.60
C ILE B 281 3.09 19.37 -4.22
N GLU B 282 2.29 18.54 -3.55
CA GLU B 282 0.96 19.01 -3.13
C GLU B 282 1.08 20.16 -2.14
N GLU B 283 2.08 20.13 -1.27
CA GLU B 283 2.33 21.27 -0.39
C GLU B 283 2.69 22.52 -1.20
N THR B 284 3.49 22.36 -2.25
CA THR B 284 3.84 23.53 -3.07
C THR B 284 2.64 24.00 -3.88
N VAL B 285 1.84 23.06 -4.39
CA VAL B 285 0.67 23.40 -5.19
C VAL B 285 -0.32 24.22 -4.36
N ASN B 286 -0.58 23.78 -3.12
CA ASN B 286 -1.44 24.54 -2.23
C ASN B 286 -0.96 25.97 -2.10
N TYR B 287 0.36 26.16 -1.94
CA TYR B 287 0.94 27.49 -1.83
C TYR B 287 0.76 28.29 -3.12
N LEU B 288 0.98 27.65 -4.26
CA LEU B 288 0.89 28.38 -5.53
C LEU B 288 -0.57 28.63 -5.93
N VAL B 289 -1.46 27.66 -5.68
CA VAL B 289 -2.85 27.85 -6.04
C VAL B 289 -3.47 28.97 -5.22
N GLU B 290 -3.15 29.03 -3.93
CA GLU B 290 -3.65 30.12 -3.10
C GLU B 290 -3.09 31.46 -3.56
N LYS B 291 -1.90 31.46 -4.16
CA LYS B 291 -1.32 32.66 -4.73
C LYS B 291 -1.85 33.00 -6.12
N GLY B 292 -2.78 32.22 -6.66
CA GLY B 292 -3.43 32.54 -7.91
C GLY B 292 -2.91 31.78 -9.11
N GLU B 293 -1.83 31.03 -8.96
CA GLU B 293 -1.27 30.28 -10.09
C GLU B 293 -2.17 29.11 -10.44
N LYS B 294 -2.25 28.81 -11.74
CA LYS B 294 -3.06 27.69 -12.22
C LYS B 294 -2.17 26.46 -12.41
N VAL B 295 -1.87 25.80 -11.30
CA VAL B 295 -1.01 24.63 -11.29
C VAL B 295 -1.74 23.48 -10.61
N GLY B 296 -1.32 22.26 -10.92
CA GLY B 296 -1.92 21.06 -10.40
C GLY B 296 -0.92 19.92 -10.37
N LEU B 297 -1.37 18.79 -9.81
CA LEU B 297 -0.50 17.63 -9.62
C LEU B 297 -1.31 16.34 -9.80
N ILE B 298 -0.71 15.37 -10.48
CA ILE B 298 -1.28 14.04 -10.64
C ILE B 298 -0.39 13.05 -9.88
N LYS B 299 -0.94 12.45 -8.83
CA LYS B 299 -0.25 11.42 -8.07
C LYS B 299 -0.49 10.05 -8.70
N VAL B 300 0.59 9.35 -9.00
CA VAL B 300 0.50 7.99 -9.53
C VAL B 300 0.58 7.02 -8.35
N ARG B 301 -0.52 6.31 -8.10
CA ARG B 301 -0.54 5.27 -7.08
C ARG B 301 -0.26 3.91 -7.72
N LEU B 302 -1.10 3.50 -8.66
CA LEU B 302 -0.94 2.23 -9.34
C LEU B 302 -0.11 2.46 -10.60
N PHE B 303 1.18 2.18 -10.51
CA PHE B 303 2.08 2.34 -11.65
C PHE B 303 1.93 1.19 -12.64
N ARG B 304 1.70 -0.03 -12.14
CA ARG B 304 1.47 -1.22 -12.97
C ARG B 304 0.35 -2.02 -12.32
N PRO B 305 -0.66 -2.46 -13.09
CA PRO B 305 -0.90 -2.16 -14.50
C PRO B 305 -1.28 -0.70 -14.73
N PHE B 306 -0.81 -0.10 -15.83
CA PHE B 306 -1.11 1.31 -16.12
C PHE B 306 -2.46 1.41 -16.80
N SER B 307 -3.45 1.95 -16.11
CA SER B 307 -4.80 2.08 -16.64
C SER B 307 -4.92 3.43 -17.33
N ALA B 308 -4.95 3.40 -18.67
CA ALA B 308 -5.04 4.64 -19.43
C ALA B 308 -6.30 5.43 -19.07
N GLU B 309 -7.41 4.71 -18.84
CA GLU B 309 -8.67 5.38 -18.53
C GLU B 309 -8.57 6.19 -17.25
N HIS B 310 -8.05 5.59 -16.18
CA HIS B 310 -8.02 6.25 -14.89
C HIS B 310 -7.06 7.44 -14.86
N PHE B 311 -6.06 7.46 -15.73
CA PHE B 311 -5.17 8.62 -15.80
C PHE B 311 -5.86 9.77 -16.50
N LEU B 312 -6.45 9.51 -17.67
CA LEU B 312 -7.17 10.55 -18.39
C LEU B 312 -8.44 10.97 -17.64
N LYS B 313 -8.96 10.10 -16.79
CA LYS B 313 -10.16 10.42 -16.03
C LYS B 313 -9.93 11.56 -15.04
N VAL B 314 -8.71 11.71 -14.54
CA VAL B 314 -8.37 12.71 -13.54
C VAL B 314 -7.53 13.83 -14.11
N LEU B 315 -7.38 13.90 -15.43
CA LEU B 315 -6.60 14.96 -16.05
C LEU B 315 -7.53 16.11 -16.43
N PRO B 316 -7.39 17.30 -15.84
CA PRO B 316 -8.29 18.41 -16.18
C PRO B 316 -8.21 18.75 -17.66
N ALA B 317 -9.35 19.13 -18.22
CA ALA B 317 -9.42 19.48 -19.63
C ALA B 317 -8.63 20.74 -19.96
N SER B 318 -8.23 21.52 -18.94
CA SER B 318 -7.51 22.76 -19.14
C SER B 318 -6.01 22.59 -19.21
N VAL B 319 -5.50 21.36 -19.03
CA VAL B 319 -4.07 21.13 -18.95
C VAL B 319 -3.42 21.32 -20.32
N LYS B 320 -2.41 22.18 -20.36
CA LYS B 320 -1.67 22.49 -21.59
C LYS B 320 -0.25 22.00 -21.57
N ARG B 321 0.37 21.88 -20.39
CA ARG B 321 1.75 21.42 -20.28
C ARG B 321 1.88 20.52 -19.07
N ILE B 322 2.65 19.45 -19.23
CA ILE B 322 2.84 18.44 -18.19
C ILE B 322 4.34 18.23 -18.02
N ALA B 323 4.79 18.20 -16.76
CA ALA B 323 6.16 17.83 -16.44
C ALA B 323 6.13 16.54 -15.65
N VAL B 324 6.83 15.51 -16.14
CA VAL B 324 6.87 14.22 -15.48
C VAL B 324 8.22 14.05 -14.78
N LEU B 325 8.17 13.68 -13.51
CA LEU B 325 9.35 13.49 -12.68
C LEU B 325 9.56 12.00 -12.41
N ASP B 326 10.75 11.51 -12.72
CA ASP B 326 11.14 10.13 -12.44
C ASP B 326 12.26 10.12 -11.42
N ARG B 327 12.08 9.34 -10.36
CA ARG B 327 13.12 9.20 -9.35
C ARG B 327 14.07 8.05 -9.68
N THR B 328 14.54 8.04 -10.93
CA THR B 328 15.45 7.02 -11.41
C THR B 328 16.21 7.58 -12.59
N LYS B 329 17.24 6.87 -13.01
CA LYS B 329 18.01 7.23 -14.19
C LYS B 329 18.30 5.98 -14.98
N GLU B 330 17.93 5.98 -16.26
CA GLU B 330 18.22 4.90 -17.19
C GLU B 330 19.16 5.46 -18.25
N PRO B 331 20.47 5.35 -18.05
CA PRO B 331 21.42 6.01 -18.97
C PRO B 331 21.25 5.50 -20.39
N GLY B 332 21.32 6.44 -21.34
CA GLY B 332 21.17 6.13 -22.74
C GLY B 332 19.73 5.96 -23.21
N SER B 333 18.78 5.78 -22.30
CA SER B 333 17.39 5.67 -22.70
C SER B 333 16.90 7.00 -23.26
N LEU B 334 15.86 6.92 -24.10
CA LEU B 334 15.26 8.13 -24.64
C LEU B 334 14.61 8.96 -23.54
N GLY B 335 14.08 8.30 -22.52
CA GLY B 335 13.53 8.98 -21.35
C GLY B 335 13.31 7.97 -20.25
N GLU B 336 13.04 8.50 -19.06
CA GLU B 336 12.84 7.64 -17.90
C GLU B 336 11.43 7.04 -17.92
N PRO B 337 11.21 5.96 -17.17
CA PRO B 337 10.00 5.13 -17.42
C PRO B 337 8.68 5.88 -17.36
N LEU B 338 8.43 6.62 -16.28
CA LEU B 338 7.14 7.30 -16.14
C LEU B 338 6.93 8.34 -17.24
N TYR B 339 8.00 9.04 -17.64
CA TYR B 339 7.87 10.05 -18.68
C TYR B 339 7.41 9.44 -20.00
N GLU B 340 7.98 8.29 -20.38
CA GLU B 340 7.58 7.65 -21.64
C GLU B 340 6.18 7.08 -21.56
N ASP B 341 5.72 6.70 -20.36
CA ASP B 341 4.36 6.20 -20.21
C ASP B 341 3.34 7.32 -20.41
N VAL B 342 3.55 8.46 -19.74
CA VAL B 342 2.66 9.61 -19.89
C VAL B 342 2.67 10.10 -21.34
N GLN B 343 3.85 10.16 -21.94
CA GLN B 343 3.95 10.64 -23.32
C GLN B 343 3.17 9.73 -24.27
N THR B 344 3.16 8.42 -24.00
CA THR B 344 2.45 7.47 -24.86
C THR B 344 0.94 7.60 -24.73
N VAL B 345 0.43 7.53 -23.49
CA VAL B 345 -1.01 7.50 -23.28
C VAL B 345 -1.65 8.78 -23.83
N LEU B 346 -0.97 9.91 -23.69
CA LEU B 346 -1.48 11.15 -24.26
C LEU B 346 -1.45 11.12 -25.78
N ALA B 347 -0.46 10.42 -26.36
CA ALA B 347 -0.43 10.28 -27.80
C ALA B 347 -1.52 9.33 -28.29
N GLU B 348 -1.78 8.26 -27.55
CA GLU B 348 -2.79 7.28 -27.96
C GLU B 348 -4.19 7.88 -28.02
N HIS B 349 -4.43 9.01 -27.34
CA HIS B 349 -5.75 9.62 -27.31
C HIS B 349 -5.75 11.01 -27.95
N GLY B 350 -4.70 11.35 -28.69
CA GLY B 350 -4.67 12.58 -29.47
C GLY B 350 -4.67 13.86 -28.67
N LYS B 351 -4.18 13.82 -27.44
CA LYS B 351 -4.07 15.04 -26.63
C LYS B 351 -2.85 15.82 -27.09
N ASN B 352 -3.07 17.08 -27.48
CA ASN B 352 -1.98 17.96 -27.92
C ASN B 352 -1.47 18.72 -26.70
N ILE B 353 -0.69 18.02 -25.88
CA ILE B 353 -0.17 18.53 -24.62
C ILE B 353 1.34 18.41 -24.64
N LEU B 354 2.02 19.52 -24.32
CA LEU B 354 3.48 19.49 -24.21
C LEU B 354 3.91 18.79 -22.93
N VAL B 355 4.67 17.71 -23.08
CA VAL B 355 5.15 16.90 -21.95
C VAL B 355 6.67 16.98 -21.90
N VAL B 356 7.21 17.11 -20.70
CA VAL B 356 8.66 17.16 -20.48
C VAL B 356 8.99 16.30 -19.28
N GLY B 357 10.13 15.61 -19.34
CA GLY B 357 10.53 14.68 -18.31
C GLY B 357 11.77 15.14 -17.58
N GLY B 358 11.85 14.79 -16.30
CA GLY B 358 12.98 15.17 -15.48
C GLY B 358 13.30 14.10 -14.46
N ARG B 359 14.49 14.23 -13.87
CA ARG B 359 14.98 13.31 -12.85
C ARG B 359 15.26 14.07 -11.57
N TYR B 360 15.04 13.41 -10.43
CA TYR B 360 15.17 14.05 -9.13
C TYR B 360 15.53 13.01 -8.08
N GLY B 361 15.97 13.53 -6.92
CA GLY B 361 16.03 12.77 -5.69
C GLY B 361 16.80 11.47 -5.72
N LEU B 362 17.79 11.35 -6.60
CA LEU B 362 18.56 10.11 -6.69
C LEU B 362 19.42 9.93 -5.45
N GLY B 363 19.35 8.73 -4.88
CA GLY B 363 20.09 8.45 -3.65
C GLY B 363 19.68 9.35 -2.50
N SER B 364 18.38 9.60 -2.35
CA SER B 364 17.82 10.46 -1.30
C SER B 364 18.33 11.90 -1.42
N LYS B 365 18.57 12.37 -2.64
CA LYS B 365 18.84 13.78 -2.84
C LYS B 365 17.62 14.59 -2.40
N GLU B 366 17.88 15.74 -1.78
CA GLU B 366 16.78 16.54 -1.26
C GLU B 366 15.88 17.04 -2.38
N PHE B 367 14.57 17.04 -2.12
CA PHE B 367 13.58 17.53 -3.08
C PHE B 367 12.57 18.37 -2.28
N ASN B 368 12.79 19.67 -2.29
CA ASN B 368 12.05 20.61 -1.47
C ASN B 368 11.19 21.55 -2.33
N PRO B 369 10.27 22.32 -1.72
CA PRO B 369 9.34 23.12 -2.53
C PRO B 369 9.99 24.10 -3.48
N SER B 370 11.16 24.65 -3.14
CA SER B 370 11.82 25.56 -4.07
C SER B 370 12.11 24.87 -5.40
N MET B 371 12.43 23.58 -5.35
CA MET B 371 12.63 22.81 -6.57
C MET B 371 11.33 22.58 -7.31
N VAL B 372 10.24 22.31 -6.57
CA VAL B 372 8.96 22.09 -7.21
C VAL B 372 8.53 23.33 -7.98
N LYS B 373 8.82 24.51 -7.44
CA LYS B 373 8.51 25.73 -8.17
C LYS B 373 9.38 25.86 -9.40
N ALA B 374 10.65 25.47 -9.30
CA ALA B 374 11.53 25.48 -10.46
C ALA B 374 11.01 24.57 -11.57
N VAL B 375 10.38 23.46 -11.20
CA VAL B 375 9.77 22.58 -12.20
C VAL B 375 8.56 23.26 -12.82
N PHE B 376 7.71 23.88 -11.99
CA PHE B 376 6.57 24.61 -12.53
C PHE B 376 7.01 25.80 -13.37
N ASP B 377 8.08 26.48 -12.96
CA ASP B 377 8.59 27.60 -13.73
C ASP B 377 9.17 27.16 -15.06
N ASN B 378 9.76 25.96 -15.11
CA ASN B 378 10.22 25.42 -16.38
C ASN B 378 9.07 25.18 -17.34
N LEU B 379 7.93 24.72 -16.80
CA LEU B 379 6.74 24.58 -17.63
C LEU B 379 6.22 25.93 -18.09
N ALA B 380 6.50 26.99 -17.32
CA ALA B 380 6.03 28.32 -17.67
C ALA B 380 6.95 29.04 -18.64
N ALA B 381 8.13 28.49 -18.92
CA ALA B 381 9.06 29.14 -19.83
C ALA B 381 8.52 29.11 -21.26
N THR B 382 9.09 29.96 -22.10
CA THR B 382 8.70 30.00 -23.52
C THR B 382 8.99 28.67 -24.20
N THR B 383 10.18 28.10 -23.96
CA THR B 383 10.54 26.77 -24.45
C THR B 383 11.03 25.94 -23.27
N PRO B 384 10.17 25.10 -22.70
CA PRO B 384 10.58 24.30 -21.54
C PRO B 384 11.72 23.36 -21.89
N LYS B 385 12.69 23.29 -20.98
CA LYS B 385 13.81 22.37 -21.14
C LYS B 385 13.34 20.94 -20.86
N ASN B 386 13.69 20.02 -21.75
CA ASN B 386 13.34 18.62 -21.59
C ASN B 386 14.56 17.82 -21.14
N LYS B 387 14.29 16.62 -20.60
CA LYS B 387 15.33 15.72 -20.10
C LYS B 387 16.21 16.43 -19.06
N PHE B 388 15.56 17.00 -18.05
CA PHE B 388 16.23 17.86 -17.08
C PHE B 388 16.43 17.14 -15.75
N THR B 389 17.16 17.81 -14.86
CA THR B 389 17.36 17.36 -13.49
C THR B 389 17.12 18.53 -12.54
N VAL B 390 16.72 18.20 -11.31
CA VAL B 390 16.47 19.19 -10.26
C VAL B 390 17.19 18.75 -9.00
N GLY B 391 17.87 19.69 -8.34
CA GLY B 391 18.57 19.39 -7.11
C GLY B 391 20.08 19.30 -7.23
N ILE B 392 20.64 19.46 -8.42
CA ILE B 392 22.08 19.42 -8.64
C ILE B 392 22.48 20.61 -9.51
N THR B 393 23.79 20.81 -9.65
CA THR B 393 24.34 21.81 -10.55
C THR B 393 25.05 21.06 -11.67
N ASP B 394 24.35 20.88 -12.80
CA ASP B 394 24.89 20.12 -13.92
C ASP B 394 25.54 21.09 -14.89
N ASP B 395 26.81 21.41 -14.65
CA ASP B 395 27.58 22.28 -15.50
C ASP B 395 28.30 21.53 -16.62
N VAL B 396 27.99 20.25 -16.80
CA VAL B 396 28.62 19.45 -17.84
C VAL B 396 27.67 19.30 -19.02
N THR B 397 26.51 18.69 -18.78
CA THR B 397 25.51 18.47 -19.82
C THR B 397 24.35 19.46 -19.74
N HIS B 398 24.32 20.32 -18.72
CA HIS B 398 23.38 21.45 -18.64
C HIS B 398 21.93 20.99 -18.68
N THR B 399 21.61 19.99 -17.87
CA THR B 399 20.23 19.54 -17.68
C THR B 399 19.59 20.11 -16.42
N SER B 400 20.38 20.71 -15.53
CA SER B 400 19.85 21.14 -14.25
C SER B 400 19.04 22.42 -14.38
N LEU B 401 17.91 22.47 -13.68
CA LEU B 401 17.12 23.69 -13.62
C LEU B 401 17.72 24.65 -12.60
N GLU B 402 17.56 25.94 -12.86
CA GLU B 402 18.09 26.97 -11.98
C GLU B 402 17.07 27.23 -10.86
N ILE B 403 17.51 27.10 -9.61
CA ILE B 403 16.68 27.44 -8.46
C ILE B 403 16.74 28.95 -8.29
N LYS B 404 15.72 29.65 -8.80
CA LYS B 404 15.76 31.10 -8.82
C LYS B 404 15.54 31.70 -7.44
N GLU B 405 14.43 31.34 -6.78
CA GLU B 405 14.10 31.92 -5.49
C GLU B 405 13.82 30.83 -4.47
N HIS B 406 13.96 31.20 -3.20
CA HIS B 406 13.68 30.33 -2.07
C HIS B 406 12.28 30.65 -1.57
N ILE B 407 11.42 29.62 -1.50
CA ILE B 407 10.07 29.82 -0.99
C ILE B 407 9.87 28.94 0.23
N ASP B 408 8.97 29.38 1.11
CA ASP B 408 8.61 28.63 2.31
C ASP B 408 7.13 28.28 2.19
N THR B 409 6.85 27.01 1.88
CA THR B 409 5.47 26.54 1.72
C THR B 409 4.98 25.74 2.92
N SER B 410 5.74 25.70 4.01
CA SER B 410 5.31 24.99 5.20
C SER B 410 4.09 25.67 5.79
N PRO B 411 3.07 24.91 6.20
CA PRO B 411 1.88 25.54 6.79
C PRO B 411 2.26 26.32 8.03
N LYS B 412 1.67 27.50 8.16
CA LYS B 412 1.95 28.37 9.29
C LYS B 412 1.42 27.75 10.58
N GLY B 413 2.17 27.92 11.66
CA GLY B 413 1.81 27.34 12.94
C GLY B 413 2.46 26.01 13.27
N THR B 414 3.29 25.47 12.39
CA THR B 414 4.00 24.23 12.64
C THR B 414 5.37 24.53 13.22
N PHE B 415 5.64 23.99 14.40
CA PHE B 415 6.92 24.16 15.07
C PHE B 415 7.95 23.22 14.46
N ARG B 416 9.18 23.72 14.31
CA ARG B 416 10.24 22.99 13.62
C ARG B 416 11.52 23.04 14.45
N CYS B 417 12.18 21.89 14.58
CA CYS B 417 13.32 21.77 15.46
C CYS B 417 14.42 20.97 14.78
N LYS B 418 15.66 21.43 14.94
CA LYS B 418 16.83 20.72 14.48
C LYS B 418 17.72 20.40 15.67
N PHE B 419 18.34 19.22 15.65
CA PHE B 419 19.16 18.75 16.75
C PHE B 419 20.50 18.24 16.21
N PHE B 420 21.59 18.90 16.62
CA PHE B 420 22.94 18.47 16.27
C PHE B 420 23.53 17.75 17.47
N GLY B 421 23.86 16.48 17.29
CA GLY B 421 24.38 15.68 18.37
C GLY B 421 25.52 14.82 17.92
N LEU B 422 26.24 14.28 18.91
CA LEU B 422 27.33 13.35 18.66
C LEU B 422 26.77 11.94 18.47
N GLY B 423 27.64 11.03 18.02
CA GLY B 423 27.23 9.64 17.95
C GLY B 423 27.22 9.02 19.33
N SER B 424 26.24 8.14 19.55
CA SER B 424 26.12 7.35 20.78
C SER B 424 25.88 8.22 22.01
N ASP B 425 25.42 9.46 21.84
CA ASP B 425 25.07 10.30 22.98
C ASP B 425 23.58 10.26 23.31
N GLY B 426 22.77 9.63 22.45
CA GLY B 426 21.36 9.47 22.70
C GLY B 426 20.48 10.53 22.07
N THR B 427 21.06 11.46 21.32
CA THR B 427 20.26 12.56 20.77
C THR B 427 19.16 12.04 19.85
N VAL B 428 19.53 11.14 18.92
CA VAL B 428 18.53 10.61 17.99
C VAL B 428 17.52 9.74 18.71
N GLY B 429 17.99 8.87 19.62
CA GLY B 429 17.08 8.00 20.35
C GLY B 429 16.09 8.78 21.21
N ALA B 430 16.56 9.87 21.82
CA ALA B 430 15.67 10.70 22.64
C ALA B 430 14.62 11.39 21.77
N ASN B 431 15.03 11.87 20.59
CA ASN B 431 14.09 12.61 19.74
C ASN B 431 13.07 11.71 19.08
N LYS B 432 13.41 10.44 18.85
CA LYS B 432 12.39 9.50 18.40
C LYS B 432 11.31 9.34 19.46
N ASN B 433 11.71 9.29 20.73
CA ASN B 433 10.72 9.16 21.79
C ASN B 433 10.05 10.48 22.12
N SER B 434 10.72 11.61 21.88
CA SER B 434 10.07 12.90 22.08
C SER B 434 8.89 13.06 21.13
N ILE B 435 9.03 12.54 19.90
CA ILE B 435 7.94 12.59 18.94
C ILE B 435 6.80 11.67 19.36
N LYS B 436 7.14 10.48 19.86
CA LYS B 436 6.11 9.57 20.36
C LYS B 436 5.37 10.16 21.56
N ILE B 437 6.07 10.96 22.38
CA ILE B 437 5.39 11.63 23.49
C ILE B 437 4.37 12.62 22.98
N ILE B 438 4.75 13.44 22.00
CA ILE B 438 3.89 14.52 21.52
C ILE B 438 2.70 13.95 20.77
N GLY B 439 2.94 13.03 19.84
CA GLY B 439 1.84 12.51 19.04
C GLY B 439 0.86 11.69 19.86
N ASP B 440 1.36 10.91 20.81
CA ASP B 440 0.51 10.04 21.61
C ASP B 440 -0.23 10.78 22.73
N HIS B 441 0.13 12.03 23.01
CA HIS B 441 -0.45 12.75 24.15
C HIS B 441 -0.95 14.15 23.79
N THR B 442 -0.97 14.51 22.51
CA THR B 442 -1.53 15.79 22.10
C THR B 442 -2.40 15.57 20.87
N ASP B 443 -3.15 16.61 20.51
CA ASP B 443 -3.91 16.63 19.27
C ASP B 443 -3.06 16.97 18.05
N MET B 444 -1.76 17.18 18.26
CA MET B 444 -0.90 17.63 17.17
C MET B 444 -0.43 16.48 16.30
N TYR B 445 -0.23 16.77 15.02
CA TYR B 445 0.51 15.86 14.16
C TYR B 445 1.99 15.99 14.47
N ALA B 446 2.70 14.87 14.39
CA ALA B 446 4.13 14.86 14.70
C ALA B 446 4.88 14.17 13.57
N GLN B 447 6.11 14.65 13.34
CA GLN B 447 6.95 14.12 12.26
C GLN B 447 8.40 14.17 12.69
N GLY B 448 9.13 13.10 12.38
CA GLY B 448 10.55 13.07 12.68
C GLY B 448 11.37 12.34 11.63
N TYR B 449 12.37 13.02 11.07
CA TYR B 449 13.30 12.43 10.13
C TYR B 449 14.71 12.64 10.68
N PHE B 450 15.58 11.66 10.49
CA PHE B 450 16.89 11.68 11.14
C PHE B 450 18.01 11.42 10.14
N VAL B 451 19.08 12.20 10.27
CA VAL B 451 20.21 12.14 9.35
C VAL B 451 21.43 11.68 10.13
N TYR B 452 21.90 10.47 9.84
CA TYR B 452 23.14 9.94 10.38
C TYR B 452 24.06 9.58 9.21
N ASP B 453 25.32 9.35 9.55
CA ASP B 453 26.28 8.89 8.56
C ASP B 453 26.06 7.42 8.26
N SER B 454 26.64 6.95 7.15
CA SER B 454 26.60 5.53 6.83
C SER B 454 27.47 4.71 7.78
N LYS B 455 28.44 5.35 8.43
CA LYS B 455 29.27 4.68 9.41
C LYS B 455 28.45 4.34 10.66
N LYS B 456 28.91 3.33 11.39
CA LYS B 456 28.09 2.73 12.43
C LYS B 456 28.03 3.55 13.73
N SER B 457 29.13 4.18 14.14
CA SER B 457 29.11 4.91 15.39
C SER B 457 30.10 6.07 15.39
N GLY B 458 29.80 7.08 16.21
CA GLY B 458 30.66 8.24 16.38
C GLY B 458 30.50 9.35 15.36
N GLY B 459 29.45 9.32 14.53
CA GLY B 459 29.23 10.32 13.53
C GLY B 459 28.28 11.42 13.96
N VAL B 460 28.29 12.51 13.20
CA VAL B 460 27.40 13.64 13.47
C VAL B 460 25.98 13.24 13.11
N THR B 461 25.02 13.71 13.90
CA THR B 461 23.61 13.40 13.67
C THR B 461 22.80 14.68 13.65
N ILE B 462 21.84 14.73 12.73
CA ILE B 462 20.93 15.86 12.58
C ILE B 462 19.51 15.31 12.71
N SER B 463 18.76 15.85 13.66
CA SER B 463 17.38 15.41 13.91
C SER B 463 16.44 16.53 13.47
N HIS B 464 15.48 16.19 12.63
CA HIS B 464 14.49 17.15 12.14
C HIS B 464 13.13 16.75 12.70
N LEU B 465 12.55 17.62 13.53
CA LEU B 465 11.26 17.36 14.16
C LEU B 465 10.27 18.45 13.76
N ARG B 466 8.99 18.07 13.69
CA ARG B 466 7.92 19.00 13.37
C ARG B 466 6.67 18.59 14.13
N PHE B 467 5.90 19.59 14.59
CA PHE B 467 4.58 19.31 15.17
C PHE B 467 3.72 20.56 15.13
N GLY B 468 2.50 20.41 14.63
CA GLY B 468 1.53 21.48 14.52
C GLY B 468 0.13 20.93 14.39
N LYS B 469 -0.84 21.84 14.37
CA LYS B 469 -2.23 21.43 14.18
C LYS B 469 -2.52 21.00 12.74
N GLN B 470 -1.70 21.46 11.75
CA GLN B 470 -1.94 21.05 10.38
C GLN B 470 -1.20 19.75 10.08
N PRO B 471 -1.75 18.92 9.19
CA PRO B 471 -1.04 17.70 8.79
C PRO B 471 0.29 18.04 8.12
N ILE B 472 1.29 17.18 8.37
CA ILE B 472 2.67 17.47 7.97
C ILE B 472 2.95 16.70 6.68
N GLN B 473 2.95 17.42 5.57
CA GLN B 473 3.35 16.89 4.26
C GLN B 473 4.76 17.32 3.88
N SER B 474 5.48 18.02 4.75
CA SER B 474 6.83 18.49 4.47
C SER B 474 7.79 17.31 4.52
N ALA B 475 7.85 16.58 3.42
CA ALA B 475 8.78 15.45 3.28
C ALA B 475 10.14 15.93 2.79
N TYR B 476 10.70 16.88 3.54
CA TYR B 476 12.01 17.44 3.22
C TYR B 476 12.63 17.95 4.51
N LEU B 477 13.92 18.27 4.45
CA LEU B 477 14.62 18.72 5.64
C LEU B 477 14.11 20.11 6.05
N ILE B 478 14.39 20.48 7.30
CA ILE B 478 13.83 21.70 7.87
C ILE B 478 14.50 22.91 7.24
N ASP B 479 13.71 23.77 6.62
CA ASP B 479 14.22 25.00 5.99
C ASP B 479 14.52 26.07 7.04
N GLN B 480 13.47 26.58 7.70
CA GLN B 480 13.63 27.62 8.71
C GLN B 480 13.15 27.08 10.05
N ALA B 481 14.08 26.95 10.99
CA ALA B 481 13.82 26.23 12.22
C ALA B 481 13.38 27.18 13.34
N ASP B 482 12.30 26.80 14.03
CA ASP B 482 11.85 27.55 15.18
C ASP B 482 12.77 27.35 16.39
N LEU B 483 13.50 26.25 16.42
CA LEU B 483 14.42 25.94 17.51
C LEU B 483 15.58 25.14 16.94
N ILE B 484 16.79 25.40 17.44
CA ILE B 484 17.99 24.65 17.05
C ILE B 484 18.78 24.36 18.32
N ALA B 485 19.18 23.10 18.48
CA ALA B 485 19.94 22.67 19.64
C ALA B 485 21.25 22.03 19.21
N CYS B 486 22.33 22.34 19.92
CA CYS B 486 23.65 21.80 19.67
C CYS B 486 24.10 21.02 20.89
N HIS B 487 24.24 19.70 20.73
CA HIS B 487 24.54 18.81 21.85
C HIS B 487 26.04 18.51 21.97
N ASN B 488 26.87 19.09 21.13
CA ASN B 488 28.31 18.86 21.23
C ASN B 488 29.06 20.16 20.96
N PRO B 489 29.84 20.67 21.91
CA PRO B 489 30.50 21.97 21.70
C PRO B 489 31.52 21.96 20.58
N SER B 490 32.00 20.79 20.15
CA SER B 490 32.96 20.71 19.06
C SER B 490 32.38 21.22 17.74
N TYR B 491 31.06 21.20 17.59
CA TYR B 491 30.44 21.69 16.35
C TYR B 491 30.45 23.21 16.25
N VAL B 492 30.63 23.92 17.35
CA VAL B 492 30.64 25.39 17.31
C VAL B 492 31.88 25.84 16.55
N GLY B 493 31.67 26.53 15.42
CA GLY B 493 32.74 26.97 14.57
C GLY B 493 33.04 26.06 13.39
N ARG B 494 32.55 24.81 13.43
CA ARG B 494 32.74 23.87 12.33
C ARG B 494 31.60 23.97 11.32
N TYR B 495 30.36 23.85 11.79
CA TYR B 495 29.19 23.81 10.93
C TYR B 495 28.33 25.03 11.22
N ASN B 496 27.67 25.55 10.19
CA ASN B 496 26.78 26.69 10.35
C ASN B 496 25.50 26.17 11.02
N LEU B 497 25.57 26.07 12.35
CA LEU B 497 24.46 25.49 13.11
C LEU B 497 23.22 26.37 13.05
N LEU B 498 23.39 27.70 12.98
CA LEU B 498 22.28 28.63 12.96
C LEU B 498 21.76 28.90 11.55
N GLU B 499 21.89 27.94 10.64
CA GLU B 499 21.45 28.14 9.27
C GLU B 499 19.92 28.14 9.20
N GLY B 500 19.35 29.27 8.82
CA GLY B 500 17.91 29.38 8.66
C GLY B 500 17.12 29.52 9.94
N ILE B 501 17.76 29.84 11.05
CA ILE B 501 17.03 30.00 12.30
C ILE B 501 16.03 31.15 12.17
N LYS B 502 14.81 30.92 12.64
CA LYS B 502 13.77 31.92 12.51
C LYS B 502 14.04 33.11 13.43
N PRO B 503 13.63 34.32 13.03
CA PRO B 503 13.83 35.49 13.90
C PRO B 503 12.99 35.36 15.17
N GLY B 504 13.62 35.66 16.31
CA GLY B 504 12.97 35.44 17.58
C GLY B 504 12.89 33.98 17.95
N GLY B 505 13.70 33.14 17.31
CA GLY B 505 13.70 31.72 17.60
C GLY B 505 14.64 31.35 18.72
N ILE B 506 14.53 30.10 19.15
CA ILE B 506 15.28 29.59 20.29
C ILE B 506 16.52 28.88 19.80
N PHE B 507 17.64 29.10 20.49
CA PHE B 507 18.88 28.38 20.26
C PHE B 507 19.36 27.82 21.59
N LEU B 508 19.56 26.51 21.64
CA LEU B 508 19.98 25.81 22.84
C LEU B 508 21.37 25.23 22.61
N LEU B 509 22.27 25.45 23.55
CA LEU B 509 23.65 25.04 23.40
C LEU B 509 24.09 24.27 24.64
N ASN B 510 24.96 23.29 24.43
CA ASN B 510 25.57 22.53 25.51
C ASN B 510 27.05 22.88 25.57
N SER B 511 27.49 23.40 26.71
CA SER B 511 28.88 23.79 26.92
C SER B 511 29.07 24.10 28.40
N THR B 512 30.33 24.21 28.81
CA THR B 512 30.70 24.67 30.14
C THR B 512 31.08 26.14 30.16
N TRP B 513 30.69 26.89 29.13
CA TRP B 513 31.11 28.28 29.00
C TRP B 513 30.23 29.22 29.80
N SER B 514 30.86 30.14 30.52
CA SER B 514 30.17 31.18 31.24
C SER B 514 29.65 32.24 30.26
N ALA B 515 28.70 33.05 30.75
CA ALA B 515 28.14 34.10 29.90
C ALA B 515 29.21 35.09 29.44
N GLU B 516 30.29 35.24 30.22
CA GLU B 516 31.36 36.13 29.81
C GLU B 516 32.30 35.47 28.82
N GLU B 517 32.77 34.25 29.11
CA GLU B 517 33.67 33.58 28.20
C GLU B 517 32.97 33.08 26.93
N MET B 518 31.64 33.02 26.93
CA MET B 518 30.92 32.63 25.73
C MET B 518 31.08 33.66 24.62
N ASP B 519 31.20 34.94 24.98
CA ASP B 519 31.44 35.98 23.99
C ASP B 519 32.75 35.73 23.24
N SER B 520 33.72 35.10 23.90
CA SER B 520 35.00 34.76 23.29
C SER B 520 34.95 33.43 22.54
N ARG B 521 34.21 32.45 23.08
CA ARG B 521 34.18 31.12 22.48
C ARG B 521 33.30 31.04 21.24
N LEU B 522 32.38 31.98 21.05
CA LEU B 522 31.52 31.91 19.88
C LEU B 522 32.13 32.67 18.71
N PRO B 523 31.99 32.15 17.49
CA PRO B 523 32.50 32.86 16.32
C PRO B 523 31.78 34.19 16.10
N ALA B 524 32.48 35.10 15.42
CA ALA B 524 31.94 36.44 15.22
C ALA B 524 30.70 36.41 14.32
N ASP B 525 30.73 35.62 13.26
CA ASP B 525 29.56 35.50 12.39
C ASP B 525 28.40 34.83 13.11
N MET B 526 28.69 33.90 14.02
CA MET B 526 27.63 33.26 14.80
C MET B 526 27.01 34.23 15.78
N LYS B 527 27.84 35.02 16.47
CA LYS B 527 27.31 36.03 17.38
C LYS B 527 26.46 37.06 16.63
N ARG B 528 26.80 37.32 15.37
CA ARG B 528 26.00 38.23 14.56
C ARG B 528 24.60 37.66 14.32
N THR B 529 24.52 36.37 13.97
CA THR B 529 23.22 35.75 13.74
C THR B 529 22.38 35.76 15.01
N ILE B 530 23.02 35.58 16.16
CA ILE B 530 22.29 35.62 17.43
C ILE B 530 21.66 37.00 17.63
N ALA B 531 22.46 38.06 17.42
CA ALA B 531 21.98 39.42 17.69
C ALA B 531 21.10 39.95 16.57
N THR B 532 21.45 39.66 15.31
CA THR B 532 20.69 40.22 14.19
C THR B 532 19.28 39.65 14.15
N LYS B 533 19.16 38.33 14.27
CA LYS B 533 17.85 37.68 14.25
C LYS B 533 17.11 37.82 15.58
N LYS B 534 17.71 38.47 16.58
CA LYS B 534 17.08 38.71 17.88
C LYS B 534 16.61 37.39 18.50
N LEU B 535 17.53 36.44 18.60
CA LEU B 535 17.19 35.09 19.01
C LEU B 535 17.07 34.99 20.53
N LYS B 536 16.14 34.16 20.98
CA LYS B 536 16.04 33.80 22.39
C LYS B 536 17.08 32.73 22.67
N PHE B 537 18.13 33.10 23.38
CA PHE B 537 19.30 32.24 23.54
C PHE B 537 19.29 31.60 24.92
N TYR B 538 19.31 30.27 24.97
CA TYR B 538 19.36 29.51 26.21
C TYR B 538 20.64 28.66 26.22
N ASN B 539 21.03 28.25 27.41
CA ASN B 539 22.26 27.48 27.59
C ASN B 539 22.15 26.60 28.83
N ILE B 540 22.68 25.38 28.73
CA ILE B 540 22.70 24.44 29.83
C ILE B 540 24.02 23.68 29.82
N ASP B 541 24.62 23.53 31.00
CA ASP B 541 25.86 22.77 31.17
C ASP B 541 25.56 21.28 31.31
N ALA B 542 25.13 20.70 30.19
CA ALA B 542 24.76 19.28 30.19
C ALA B 542 25.95 18.39 30.52
N VAL B 543 27.16 18.84 30.22
CA VAL B 543 28.35 18.01 30.46
C VAL B 543 28.63 17.87 31.95
N LYS B 544 28.53 18.98 32.70
CA LYS B 544 28.87 18.94 34.13
C LYS B 544 27.88 18.09 34.92
N ILE B 545 26.58 18.21 34.64
CA ILE B 545 25.60 17.40 35.35
C ILE B 545 25.79 15.92 35.02
N ALA B 546 26.20 15.61 33.79
CA ALA B 546 26.34 14.21 33.39
C ALA B 546 27.47 13.51 34.14
N GLN B 547 28.55 14.22 34.47
CA GLN B 547 29.62 13.63 35.26
C GLN B 547 29.28 13.57 36.74
N GLU B 548 28.40 14.44 37.22
CA GLU B 548 28.02 14.42 38.63
C GLU B 548 27.10 13.25 38.96
N ILE B 549 26.24 12.85 38.01
CA ILE B 549 25.34 11.71 38.22
C ILE B 549 25.93 10.40 37.70
N GLY B 550 27.05 10.45 36.97
CA GLY B 550 27.69 9.26 36.46
C GLY B 550 27.23 8.82 35.10
N LEU B 551 26.47 9.65 34.39
CA LEU B 551 26.03 9.30 33.04
C LEU B 551 27.18 9.30 32.04
N GLY B 552 28.27 9.98 32.34
CA GLY B 552 29.38 10.04 31.40
C GLY B 552 29.10 11.06 30.32
N SER B 553 29.21 10.63 29.07
CA SER B 553 28.94 11.50 27.92
C SER B 553 27.47 11.49 27.50
N ARG B 554 26.64 10.64 28.11
CA ARG B 554 25.22 10.56 27.75
C ARG B 554 24.52 11.80 28.29
N ILE B 555 24.12 12.69 27.38
CA ILE B 555 23.47 13.94 27.74
C ILE B 555 22.09 14.08 27.11
N ASN B 556 21.56 13.01 26.52
CA ASN B 556 20.29 13.13 25.79
C ASN B 556 19.16 13.54 26.73
N VAL B 557 19.06 12.90 27.88
CA VAL B 557 17.98 13.22 28.82
C VAL B 557 18.12 14.64 29.35
N ILE B 558 19.36 15.10 29.55
CA ILE B 558 19.58 16.48 30.01
C ILE B 558 19.14 17.48 28.95
N MET B 559 19.49 17.24 27.69
CA MET B 559 19.12 18.18 26.63
C MET B 559 17.66 18.06 26.27
N GLN B 560 17.09 16.85 26.35
CA GLN B 560 15.67 16.68 26.06
C GLN B 560 14.80 17.46 27.04
N THR B 561 15.14 17.40 28.33
CA THR B 561 14.38 18.13 29.33
C THR B 561 14.42 19.64 29.05
N ALA B 562 15.61 20.16 28.73
CA ALA B 562 15.73 21.59 28.44
C ALA B 562 14.89 21.99 27.23
N PHE B 563 14.68 21.08 26.29
CA PHE B 563 13.89 21.40 25.10
C PHE B 563 12.44 21.66 25.46
N PHE B 564 11.79 20.71 26.15
CA PHE B 564 10.37 20.87 26.46
C PHE B 564 10.12 22.11 27.32
N LYS B 565 11.12 22.53 28.10
CA LYS B 565 10.94 23.70 28.96
C LYS B 565 10.88 24.99 28.15
N ILE B 566 11.63 25.09 27.06
CA ILE B 566 11.64 26.33 26.29
C ILE B 566 10.62 26.31 25.16
N ALA B 567 10.30 25.13 24.62
CA ALA B 567 9.40 25.07 23.48
C ALA B 567 7.95 25.34 23.87
N ASN B 568 7.59 25.10 25.13
CA ASN B 568 6.21 25.24 25.60
C ASN B 568 5.26 24.46 24.69
N VAL B 569 5.73 23.31 24.19
CA VAL B 569 4.91 22.47 23.34
C VAL B 569 3.80 21.81 24.14
N ILE B 570 4.14 21.24 25.29
CA ILE B 570 3.16 20.64 26.18
C ILE B 570 3.39 21.25 27.57
N PRO B 571 2.33 21.45 28.36
CA PRO B 571 2.52 21.95 29.73
C PRO B 571 3.57 21.15 30.50
N VAL B 572 4.42 21.87 31.24
CA VAL B 572 5.55 21.24 31.90
C VAL B 572 5.08 20.24 32.94
N ASP B 573 3.91 20.47 33.55
CA ASP B 573 3.38 19.54 34.54
C ASP B 573 3.20 18.15 33.95
N GLU B 574 2.55 18.08 32.78
CA GLU B 574 2.35 16.79 32.11
C GLU B 574 3.59 16.31 31.37
N ALA B 575 4.39 17.24 30.83
CA ALA B 575 5.52 16.85 30.01
C ALA B 575 6.55 16.05 30.80
N ILE B 576 6.86 16.49 32.02
CA ILE B 576 7.84 15.78 32.82
C ILE B 576 7.31 14.40 33.21
N LYS B 577 6.01 14.28 33.45
CA LYS B 577 5.42 12.96 33.69
C LYS B 577 5.61 12.06 32.47
N TYR B 578 5.35 12.58 31.27
CA TYR B 578 5.54 11.80 30.06
C TYR B 578 7.02 11.57 29.75
N ILE B 579 7.89 12.48 30.17
CA ILE B 579 9.31 12.28 29.93
C ILE B 579 9.85 11.16 30.82
N LYS B 580 9.41 11.14 32.09
CA LYS B 580 9.83 10.09 33.01
C LYS B 580 9.32 8.73 32.56
N ASP B 581 8.09 8.70 32.03
CA ASP B 581 7.51 7.44 31.58
C ASP B 581 8.20 6.93 30.32
N SER B 582 8.57 7.84 29.41
CA SER B 582 9.26 7.43 28.19
C SER B 582 10.66 6.91 28.49
N ILE B 583 11.28 7.38 29.57
CA ILE B 583 12.60 6.88 29.96
C ILE B 583 12.52 5.41 30.34
N VAL B 584 11.47 5.02 31.07
CA VAL B 584 11.36 3.64 31.54
C VAL B 584 11.11 2.68 30.37
N LYS B 585 10.17 3.03 29.49
CA LYS B 585 9.78 2.10 28.43
C LYS B 585 10.84 1.99 27.33
N THR B 586 11.73 2.96 27.18
CA THR B 586 12.74 2.92 26.13
C THR B 586 14.10 2.46 26.62
N TYR B 587 14.61 3.08 27.69
CA TYR B 587 15.94 2.77 28.20
C TYR B 587 15.91 1.91 29.45
N GLY B 588 14.83 1.14 29.67
CA GLY B 588 14.80 0.26 30.81
C GLY B 588 15.90 -0.79 30.73
N LYS B 589 16.13 -1.32 29.52
CA LYS B 589 17.23 -2.24 29.24
C LYS B 589 17.27 -3.46 30.16
N LYS B 590 18.30 -3.54 31.00
CA LYS B 590 18.53 -4.70 31.87
C LYS B 590 18.75 -4.35 33.33
N GLY B 591 19.07 -3.10 33.66
CA GLY B 591 19.35 -2.74 35.03
C GLY B 591 18.47 -1.60 35.50
N ASP B 592 18.30 -1.56 36.81
CA ASP B 592 17.57 -0.53 37.54
C ASP B 592 18.44 0.69 37.89
N LYS B 593 19.75 0.50 38.07
CA LYS B 593 20.62 1.62 38.44
C LYS B 593 20.79 2.63 37.31
N ILE B 594 20.75 2.19 36.07
CA ILE B 594 20.92 3.10 34.93
C ILE B 594 19.73 4.05 34.81
N LEU B 595 18.55 3.63 35.28
CA LEU B 595 17.36 4.47 35.15
C LEU B 595 17.41 5.67 36.09
N ASN B 596 17.78 5.45 37.35
CA ASN B 596 17.83 6.54 38.32
C ASN B 596 18.87 7.60 37.93
N MET B 597 19.92 7.20 37.21
CA MET B 597 20.87 8.19 36.73
C MET B 597 20.25 9.07 35.65
N ASN B 598 19.30 8.54 34.90
CA ASN B 598 18.53 9.37 33.96
C ASN B 598 17.42 10.15 34.66
N PHE B 599 16.86 9.60 35.74
CA PHE B 599 15.82 10.32 36.49
C PHE B 599 16.39 11.54 37.21
N ALA B 600 17.50 11.36 37.94
CA ALA B 600 18.14 12.48 38.60
C ALA B 600 18.63 13.53 37.60
N ALA B 601 18.86 13.14 36.36
CA ALA B 601 19.31 14.09 35.34
C ALA B 601 18.20 15.06 34.95
N VAL B 602 16.94 14.60 34.96
CA VAL B 602 15.84 15.48 34.57
C VAL B 602 15.66 16.62 35.56
N ASP B 603 15.73 16.31 36.86
CA ASP B 603 15.40 17.32 37.87
C ASP B 603 16.51 18.36 38.00
N ARG B 604 17.77 17.92 38.04
CA ARG B 604 18.88 18.87 38.14
C ARG B 604 19.07 19.67 36.85
N ALA B 605 18.45 19.26 35.75
CA ALA B 605 18.59 19.97 34.49
C ALA B 605 17.75 21.25 34.45
N LEU B 606 16.57 21.23 35.05
CA LEU B 606 15.69 22.41 35.03
C LEU B 606 16.35 23.60 35.71
N GLU B 607 17.10 23.35 36.79
CA GLU B 607 17.71 24.44 37.54
C GLU B 607 18.96 25.00 36.85
N ALA B 608 19.52 24.28 35.89
CA ALA B 608 20.78 24.67 35.27
C ALA B 608 20.61 25.27 33.88
N LEU B 609 19.38 25.54 33.45
CA LEU B 609 19.17 26.23 32.18
C LEU B 609 19.33 27.72 32.40
N GLU B 610 20.08 28.37 31.51
CA GLU B 610 20.42 29.78 31.67
C GLU B 610 20.09 30.50 30.37
N GLU B 611 19.22 31.51 30.46
CA GLU B 611 18.97 32.35 29.30
C GLU B 611 20.03 33.43 29.28
N ILE B 612 20.74 33.54 28.16
CA ILE B 612 21.90 34.40 28.05
C ILE B 612 21.46 35.70 27.38
N LYS B 613 21.67 36.81 28.08
CA LYS B 613 21.42 38.14 27.53
C LYS B 613 22.72 38.64 26.92
N TYR B 614 22.71 38.83 25.63
CA TYR B 614 23.90 39.14 24.86
C TYR B 614 23.97 40.64 24.58
N PRO B 615 25.18 41.19 24.45
CA PRO B 615 25.30 42.61 24.13
C PRO B 615 24.72 42.91 22.75
N ALA B 616 23.95 43.99 22.67
CA ALA B 616 23.37 44.40 21.40
C ALA B 616 24.44 44.83 20.40
N SER B 617 25.66 45.11 20.88
CA SER B 617 26.76 45.43 19.98
C SER B 617 27.19 44.25 19.13
N TRP B 618 26.73 43.03 19.43
CA TRP B 618 27.03 41.88 18.58
C TRP B 618 26.45 42.05 17.18
N ALA B 619 25.40 42.88 17.03
CA ALA B 619 24.82 43.11 15.72
C ALA B 619 25.81 43.81 14.79
N ASP B 620 26.75 44.57 15.37
CA ASP B 620 27.77 45.28 14.62
C ASP B 620 29.14 44.65 14.82
N ALA B 621 29.18 43.42 15.33
CA ALA B 621 30.44 42.71 15.52
C ALA B 621 31.01 42.32 14.17
N VAL B 622 32.33 42.38 14.05
CA VAL B 622 32.99 42.16 12.77
C VAL B 622 33.78 40.87 12.84
N ASP B 623 33.96 40.25 11.67
CA ASP B 623 34.55 38.93 11.61
C ASP B 623 35.99 38.96 12.11
N GLU B 624 36.49 37.77 12.46
CA GLU B 624 37.85 37.64 12.96
C GLU B 624 38.81 37.28 11.83
N THR B 628 44.34 30.90 5.48
CA THR B 628 45.71 30.58 5.86
C THR B 628 45.95 29.07 5.79
N VAL B 629 45.54 28.46 4.68
CA VAL B 629 45.67 27.02 4.49
C VAL B 629 47.05 26.70 3.94
N THR B 630 47.29 25.42 3.66
CA THR B 630 48.56 24.95 3.10
C THR B 630 48.30 24.26 1.76
N GLU B 631 49.40 23.95 1.06
CA GLU B 631 49.29 23.36 -0.27
C GLU B 631 48.88 21.89 -0.18
N GLU B 632 47.58 21.63 -0.13
CA GLU B 632 47.01 20.30 -0.11
C GLU B 632 46.67 19.86 -1.52
N PRO B 633 46.55 18.55 -1.76
CA PRO B 633 46.16 18.09 -3.10
C PRO B 633 44.83 18.69 -3.52
N GLU B 634 44.64 18.74 -4.84
CA GLU B 634 43.43 19.37 -5.39
C GLU B 634 42.17 18.65 -4.92
N PHE B 635 42.24 17.32 -4.80
CA PHE B 635 41.07 16.56 -4.39
C PHE B 635 40.66 16.88 -2.96
N ILE B 636 41.62 16.95 -2.04
CA ILE B 636 41.30 17.23 -0.64
C ILE B 636 40.65 18.59 -0.48
N GLN B 637 41.15 19.59 -1.23
CA GLN B 637 40.65 20.95 -1.06
C GLN B 637 39.26 21.12 -1.69
N LYS B 638 39.02 20.49 -2.84
CA LYS B 638 37.75 20.67 -3.54
C LYS B 638 36.66 19.70 -3.14
N VAL B 639 37.00 18.54 -2.60
CA VAL B 639 36.01 17.49 -2.37
C VAL B 639 35.92 17.13 -0.90
N LEU B 640 37.03 16.68 -0.32
CA LEU B 640 37.00 16.14 1.04
C LEU B 640 36.65 17.21 2.06
N ARG B 641 37.28 18.38 1.95
CA ARG B 641 36.99 19.47 2.88
C ARG B 641 35.55 19.96 2.78
N PRO B 642 35.00 20.26 1.60
CA PRO B 642 33.59 20.70 1.56
C PRO B 642 32.59 19.66 2.03
N ILE B 643 32.87 18.37 1.80
CA ILE B 643 31.94 17.34 2.26
C ILE B 643 31.95 17.23 3.77
N ASN B 644 33.14 17.23 4.39
CA ASN B 644 33.22 17.15 5.84
C ASN B 644 32.57 18.35 6.51
N ALA B 645 32.54 19.50 5.83
CA ALA B 645 31.86 20.69 6.34
C ALA B 645 30.36 20.66 6.10
N LEU B 646 29.81 19.49 5.72
CA LEU B 646 28.38 19.32 5.49
C LEU B 646 27.88 20.25 4.39
N LYS B 647 28.69 20.43 3.35
CA LYS B 647 28.34 21.24 2.18
C LYS B 647 28.53 20.47 0.88
N GLY B 648 28.52 19.14 0.94
CA GLY B 648 28.79 18.35 -0.26
C GLY B 648 27.76 18.55 -1.36
N ASP B 649 26.51 18.88 -1.00
CA ASP B 649 25.47 19.06 -2.00
C ASP B 649 25.72 20.25 -2.92
N GLU B 650 26.61 21.16 -2.53
CA GLU B 650 26.92 22.30 -3.40
C GLU B 650 27.88 21.94 -4.52
N LEU B 651 28.54 20.79 -4.48
CA LEU B 651 29.51 20.45 -5.50
C LEU B 651 28.80 20.18 -6.82
N PRO B 652 29.25 20.77 -7.92
CA PRO B 652 28.61 20.53 -9.21
C PRO B 652 29.09 19.21 -9.81
N VAL B 653 28.50 18.87 -10.96
CA VAL B 653 28.80 17.60 -11.61
C VAL B 653 30.26 17.55 -12.06
N SER B 654 30.83 18.70 -12.43
CA SER B 654 32.21 18.76 -12.90
C SER B 654 33.22 18.38 -11.83
N THR B 655 32.80 18.21 -10.58
CA THR B 655 33.73 17.88 -9.51
C THR B 655 34.15 16.42 -9.56
N PHE B 656 33.33 15.55 -10.12
CA PHE B 656 33.47 14.11 -9.94
C PHE B 656 33.88 13.43 -11.26
N THR B 657 34.63 12.34 -11.11
CA THR B 657 34.99 11.51 -12.24
C THR B 657 33.76 10.74 -12.73
N PRO B 658 33.74 10.38 -14.02
CA PRO B 658 32.55 9.69 -14.56
C PRO B 658 32.41 8.23 -14.15
N ASP B 659 33.40 7.63 -13.49
CA ASP B 659 33.36 6.22 -13.15
C ASP B 659 33.54 5.96 -11.66
N GLY B 660 33.37 6.98 -10.82
CA GLY B 660 33.41 6.78 -9.38
C GLY B 660 34.75 6.33 -8.83
N VAL B 661 35.85 6.73 -9.45
CA VAL B 661 37.20 6.36 -9.01
C VAL B 661 37.72 7.43 -8.07
N PHE B 662 38.29 7.00 -6.94
CA PHE B 662 38.74 7.90 -5.89
C PHE B 662 40.22 7.68 -5.57
N PRO B 663 40.90 8.71 -5.06
CA PRO B 663 42.30 8.53 -4.67
C PRO B 663 42.41 7.74 -3.37
N VAL B 664 43.62 7.25 -3.12
CA VAL B 664 43.89 6.50 -1.90
C VAL B 664 44.60 7.43 -0.93
N GLY B 665 44.63 7.02 0.34
CA GLY B 665 45.32 7.78 1.36
C GLY B 665 44.72 9.15 1.63
N THR B 666 43.41 9.20 1.90
CA THR B 666 42.73 10.45 2.18
C THR B 666 42.24 10.57 3.61
N THR B 667 42.27 9.49 4.38
CA THR B 667 41.85 9.56 5.77
C THR B 667 42.87 10.28 6.65
N LYS B 668 44.12 10.40 6.20
CA LYS B 668 45.11 11.14 6.97
C LYS B 668 44.80 12.62 7.02
N TYR B 669 43.92 13.12 6.16
CA TYR B 669 43.54 14.52 6.14
C TYR B 669 42.34 14.83 7.03
N GLU B 670 41.78 13.83 7.71
CA GLU B 670 40.60 14.07 8.53
C GLU B 670 40.98 14.69 9.87
N LYS B 671 41.82 14.00 10.64
CA LYS B 671 42.24 14.46 11.97
C LYS B 671 41.02 14.83 12.82
N ARG B 672 40.17 13.82 13.04
CA ARG B 672 38.87 14.06 13.67
C ARG B 672 39.03 14.48 15.13
N GLY B 673 39.97 13.87 15.85
CA GLY B 673 40.20 14.21 17.25
C GLY B 673 38.99 13.91 18.11
N ILE B 674 38.46 12.69 18.01
CA ILE B 674 37.26 12.31 18.73
C ILE B 674 37.56 11.53 19.99
N ALA B 675 38.83 11.33 20.33
CA ALA B 675 39.18 10.51 21.49
C ALA B 675 38.97 11.27 22.78
N VAL B 676 38.49 10.55 23.80
CA VAL B 676 38.40 11.12 25.14
C VAL B 676 39.73 10.97 25.87
N ASN B 677 40.41 9.83 25.70
CA ASN B 677 41.70 9.58 26.30
C ASN B 677 42.66 9.08 25.22
N ILE B 678 43.95 9.38 25.38
CA ILE B 678 44.96 8.91 24.45
C ILE B 678 46.10 8.28 25.23
N PRO B 679 46.82 7.30 24.67
CA PRO B 679 47.91 6.67 25.42
C PRO B 679 49.11 7.58 25.56
N GLN B 680 49.69 7.57 26.76
CA GLN B 680 50.93 8.28 27.06
C GLN B 680 52.03 7.26 27.27
N TRP B 681 53.13 7.40 26.53
CA TRP B 681 54.20 6.41 26.51
C TRP B 681 55.17 6.65 27.66
N GLN B 682 55.52 5.57 28.37
CA GLN B 682 56.51 5.62 29.44
C GLN B 682 57.81 5.02 28.92
N PRO B 683 58.79 5.84 28.52
CA PRO B 683 60.00 5.28 27.88
C PRO B 683 60.80 4.36 28.78
N GLU B 684 60.73 4.56 30.09
CA GLU B 684 61.50 3.74 31.02
C GLU B 684 60.92 2.35 31.21
N ASN B 685 59.62 2.17 30.93
CA ASN B 685 58.94 0.89 31.13
C ASN B 685 58.79 0.09 29.84
N CYS B 686 59.20 0.64 28.70
CA CYS B 686 58.93 0.00 27.42
C CYS B 686 60.01 -1.02 27.09
N ILE B 687 59.59 -2.24 26.74
CA ILE B 687 60.50 -3.30 26.35
C ILE B 687 60.69 -3.39 24.84
N GLN B 688 60.07 -2.47 24.08
CA GLN B 688 60.20 -2.41 22.62
C GLN B 688 59.74 -3.72 21.98
N CYS B 689 58.44 -4.02 22.15
CA CYS B 689 57.84 -5.22 21.60
C CYS B 689 56.87 -4.94 20.46
N ASN B 690 56.43 -3.68 20.30
CA ASN B 690 55.59 -3.24 19.19
C ASN B 690 54.23 -3.92 19.16
N GLN B 691 53.81 -4.52 20.28
CA GLN B 691 52.48 -5.12 20.30
C GLN B 691 51.38 -4.05 20.30
N CYS B 692 51.69 -2.85 20.80
CA CYS B 692 50.69 -1.78 20.79
C CYS B 692 50.40 -1.32 19.37
N SER B 693 51.43 -1.29 18.52
CA SER B 693 51.20 -0.93 17.12
C SER B 693 50.40 -1.98 16.37
N LEU B 694 50.51 -3.25 16.78
CA LEU B 694 49.84 -4.32 16.07
C LEU B 694 48.34 -4.29 16.29
N VAL B 695 47.90 -4.01 17.51
CA VAL B 695 46.49 -4.16 17.88
C VAL B 695 45.69 -2.88 17.69
N CYS B 696 46.31 -1.77 17.31
CA CYS B 696 45.57 -0.53 17.15
C CYS B 696 44.66 -0.64 15.93
N PRO B 697 43.34 -0.55 16.10
CA PRO B 697 42.43 -0.70 14.96
C PRO B 697 42.43 0.47 14.00
N HIS B 698 43.23 1.51 14.26
CA HIS B 698 43.26 2.69 13.40
C HIS B 698 44.67 3.13 13.03
N ALA B 699 45.69 2.32 13.36
CA ALA B 699 47.09 2.64 13.06
C ALA B 699 47.48 4.00 13.61
N ALA B 700 46.92 4.35 14.76
CA ALA B 700 47.18 5.64 15.39
C ALA B 700 48.39 5.64 16.31
N ILE B 701 48.98 4.48 16.57
CA ILE B 701 50.16 4.36 17.43
C ILE B 701 51.15 3.44 16.74
N ARG B 702 52.37 3.94 16.54
CA ARG B 702 53.37 3.23 15.76
C ARG B 702 54.75 3.40 16.40
N PRO B 703 55.65 2.44 16.17
CA PRO B 703 57.04 2.62 16.59
C PRO B 703 57.86 3.33 15.51
N TYR B 704 58.81 4.14 15.96
CA TYR B 704 59.63 4.94 15.06
C TYR B 704 61.10 4.75 15.39
N LEU B 705 61.90 4.45 14.37
CA LEU B 705 63.34 4.37 14.50
C LEU B 705 63.98 5.54 13.76
N ALA B 706 65.06 6.07 14.31
CA ALA B 706 65.72 7.22 13.71
C ALA B 706 67.17 7.27 14.17
N LYS B 707 68.07 7.57 13.24
CA LYS B 707 69.45 7.84 13.61
C LYS B 707 69.52 9.11 14.45
N PRO B 708 70.49 9.21 15.36
CA PRO B 708 70.55 10.38 16.25
C PRO B 708 70.77 11.70 15.52
N ALA B 709 71.35 11.69 14.31
CA ALA B 709 71.55 12.94 13.60
C ALA B 709 70.25 13.54 13.08
N ASP B 710 69.29 12.69 12.69
CA ASP B 710 68.02 13.19 12.17
C ASP B 710 67.09 13.73 13.25
N LEU B 711 67.44 13.58 14.53
CA LEU B 711 66.66 14.13 15.63
C LEU B 711 67.13 15.53 16.02
N ALA B 712 67.66 16.30 15.07
CA ALA B 712 68.19 17.63 15.39
C ALA B 712 67.09 18.57 15.82
N GLY B 713 66.14 18.85 14.93
CA GLY B 713 65.06 19.77 15.22
C GLY B 713 63.92 19.11 15.97
N ALA B 714 64.20 18.00 16.64
CA ALA B 714 63.17 17.30 17.38
C ALA B 714 62.75 18.12 18.60
N PRO B 715 61.46 18.11 18.96
CA PRO B 715 61.04 18.80 20.18
C PRO B 715 61.62 18.13 21.42
N GLU B 716 61.60 18.88 22.53
CA GLU B 716 62.13 18.37 23.78
C GLU B 716 61.30 17.21 24.32
N THR B 717 60.03 17.11 23.92
CA THR B 717 59.16 16.03 24.38
C THR B 717 59.31 14.77 23.54
N PHE B 718 60.12 14.80 22.49
CA PHE B 718 60.34 13.64 21.62
C PHE B 718 61.39 12.71 22.26
N VAL B 719 61.06 12.24 23.46
CA VAL B 719 61.98 11.40 24.22
C VAL B 719 62.14 10.06 23.53
N THR B 720 63.38 9.63 23.37
CA THR B 720 63.71 8.37 22.72
C THR B 720 64.43 7.45 23.70
N LYS B 721 64.57 6.20 23.30
CA LYS B 721 65.29 5.19 24.08
C LYS B 721 66.19 4.40 23.15
N ASP B 722 67.25 3.83 23.71
CA ASP B 722 68.14 3.01 22.93
C ASP B 722 67.40 1.77 22.43
N ALA B 723 67.62 1.43 21.16
CA ALA B 723 66.89 0.34 20.54
C ALA B 723 67.51 -1.01 20.88
N ILE B 724 66.67 -1.95 21.29
CA ILE B 724 67.11 -3.30 21.63
C ILE B 724 67.13 -4.14 20.37
N GLY B 725 68.20 -4.94 20.20
CA GLY B 725 68.34 -5.79 19.04
C GLY B 725 69.58 -5.47 18.25
N LYS B 726 70.25 -6.50 17.73
CA LYS B 726 71.49 -6.28 16.97
C LYS B 726 71.26 -5.54 15.67
N GLU B 727 70.05 -5.57 15.12
CA GLU B 727 69.78 -4.83 13.89
C GLU B 727 69.73 -3.34 14.15
N ALA B 728 69.13 -2.92 15.27
CA ALA B 728 68.98 -1.52 15.62
C ALA B 728 69.88 -1.13 16.78
N ALA B 729 71.09 -1.71 16.83
CA ALA B 729 72.02 -1.38 17.91
C ALA B 729 72.47 0.07 17.88
N GLY B 730 72.32 0.76 16.76
CA GLY B 730 72.76 2.14 16.65
C GLY B 730 71.64 3.12 16.39
N LEU B 731 70.41 2.69 16.60
CA LEU B 731 69.23 3.49 16.33
C LEU B 731 68.49 3.84 17.62
N LYS B 732 67.67 4.86 17.53
CA LYS B 732 66.81 5.30 18.62
C LYS B 732 65.39 4.79 18.40
N PHE B 733 64.67 4.59 19.50
CA PHE B 733 63.33 4.00 19.45
C PHE B 733 62.35 4.87 20.22
N ARG B 734 61.13 4.97 19.69
CA ARG B 734 60.08 5.76 20.32
C ARG B 734 58.71 5.29 19.84
N ILE B 735 57.77 5.19 20.78
CA ILE B 735 56.36 4.92 20.49
C ILE B 735 55.62 6.25 20.46
N GLN B 736 55.12 6.64 19.29
CA GLN B 736 54.44 7.91 19.12
C GLN B 736 53.00 7.67 18.68
N VAL B 737 52.07 8.41 19.28
CA VAL B 737 50.64 8.30 18.99
C VAL B 737 50.18 9.54 18.25
N SER B 738 49.20 9.35 17.35
CA SER B 738 48.54 10.46 16.67
C SER B 738 47.29 10.84 17.44
N PRO B 739 47.28 11.97 18.15
CA PRO B 739 46.10 12.27 18.99
C PRO B 739 44.82 12.51 18.22
N LEU B 740 44.92 13.17 17.06
CA LEU B 740 43.72 13.54 16.32
C LEU B 740 43.07 12.36 15.60
N ASP B 741 43.80 11.28 15.40
CA ASP B 741 43.25 10.09 14.75
C ASP B 741 42.94 8.96 15.73
N CYS B 742 43.41 9.06 16.97
CA CYS B 742 43.12 8.04 17.97
C CYS B 742 41.65 8.09 18.37
N THR B 743 41.12 6.93 18.76
CA THR B 743 39.73 6.82 19.18
C THR B 743 39.55 6.68 20.68
N GLY B 744 40.64 6.56 21.43
CA GLY B 744 40.53 6.41 22.87
C GLY B 744 40.02 5.06 23.32
N CYS B 745 40.15 4.04 22.48
CA CYS B 745 39.58 2.74 22.81
C CYS B 745 40.40 2.06 23.91
N GLY B 746 41.72 2.23 23.90
CA GLY B 746 42.55 1.64 24.93
C GLY B 746 43.07 0.25 24.66
N ASN B 747 43.00 -0.24 23.42
CA ASN B 747 43.52 -1.57 23.14
C ASN B 747 45.03 -1.64 23.30
N CYS B 748 45.73 -0.56 22.94
CA CYS B 748 47.19 -0.56 23.00
C CYS B 748 47.69 -0.67 24.44
N ALA B 749 47.01 -0.03 25.38
CA ALA B 749 47.42 -0.13 26.78
C ALA B 749 47.14 -1.50 27.36
N ASP B 750 46.09 -2.18 26.88
CA ASP B 750 45.74 -3.48 27.42
C ASP B 750 46.72 -4.57 26.98
N VAL B 751 47.30 -4.44 25.79
CA VAL B 751 48.20 -5.46 25.27
C VAL B 751 49.61 -5.32 25.82
N CYS B 752 49.99 -4.12 26.30
CA CYS B 752 51.34 -3.84 26.76
C CYS B 752 51.78 -4.86 27.80
N PRO B 753 52.74 -5.72 27.45
CA PRO B 753 53.12 -6.82 28.34
C PRO B 753 54.25 -6.51 29.32
N ALA B 754 54.67 -5.25 29.44
CA ALA B 754 55.75 -4.89 30.33
C ALA B 754 55.34 -5.09 31.78
N LYS B 755 56.36 -5.22 32.65
CA LYS B 755 56.11 -5.35 34.08
C LYS B 755 55.30 -4.19 34.61
N VAL B 756 55.80 -2.97 34.42
CA VAL B 756 55.05 -1.75 34.68
C VAL B 756 54.45 -1.28 33.37
N LYS B 757 53.17 -0.92 33.40
CA LYS B 757 52.48 -0.53 32.17
C LYS B 757 53.17 0.68 31.55
N ALA B 758 53.67 0.51 30.32
CA ALA B 758 54.34 1.58 29.59
C ALA B 758 53.37 2.51 28.88
N LEU B 759 52.08 2.22 28.89
CA LEU B 759 51.08 3.08 28.27
C LEU B 759 49.98 3.36 29.27
N THR B 760 49.70 4.63 29.52
CA THR B 760 48.65 5.03 30.44
C THR B 760 47.70 5.99 29.74
N MET B 761 46.40 5.78 29.94
CA MET B 761 45.41 6.62 29.30
C MET B 761 45.26 7.93 30.07
N VAL B 762 45.57 9.03 29.41
CA VAL B 762 45.48 10.36 30.01
C VAL B 762 44.47 11.17 29.20
N PRO B 763 43.82 12.18 29.78
CA PRO B 763 42.85 12.96 29.01
C PRO B 763 43.51 13.64 27.82
N LEU B 764 42.76 13.72 26.72
CA LEU B 764 43.29 14.28 25.48
C LEU B 764 43.64 15.75 25.64
N GLU B 765 42.74 16.53 26.25
CA GLU B 765 42.90 17.97 26.30
C GLU B 765 44.16 18.39 27.06
N GLU B 766 44.62 17.56 27.99
CA GLU B 766 45.80 17.93 28.78
C GLU B 766 47.07 17.83 27.97
N VAL B 767 47.17 16.85 27.06
CA VAL B 767 48.39 16.56 26.33
C VAL B 767 48.22 16.70 24.83
N THR B 768 47.11 17.31 24.38
CA THR B 768 46.88 17.43 22.95
C THR B 768 47.89 18.35 22.28
N ALA B 769 48.23 19.47 22.92
CA ALA B 769 49.19 20.39 22.33
C ALA B 769 50.57 19.75 22.21
N VAL B 770 50.95 18.92 23.19
CA VAL B 770 52.25 18.28 23.17
C VAL B 770 52.28 17.18 22.11
N GLU B 771 51.34 16.23 22.19
CA GLU B 771 51.39 15.07 21.29
C GLU B 771 51.12 15.43 19.84
N GLU B 772 50.46 16.57 19.57
CA GLU B 772 50.31 17.02 18.20
C GLU B 772 51.66 17.40 17.60
N ALA B 773 52.47 18.16 18.34
CA ALA B 773 53.80 18.51 17.86
C ALA B 773 54.71 17.29 17.79
N ASN B 774 54.53 16.32 18.70
CA ASN B 774 55.34 15.11 18.68
C ASN B 774 55.05 14.26 17.45
N TYR B 775 53.77 14.03 17.15
CA TYR B 775 53.42 13.20 16.00
C TYR B 775 53.85 13.84 14.69
N ASN B 776 53.69 15.15 14.57
CA ASN B 776 54.05 15.83 13.32
C ASN B 776 55.53 15.68 13.02
N PHE B 777 56.37 15.61 14.04
CA PHE B 777 57.79 15.35 13.80
C PHE B 777 58.05 13.87 13.53
N ALA B 778 57.38 12.98 14.27
CA ALA B 778 57.58 11.55 14.08
C ALA B 778 57.13 11.12 12.69
N GLU B 779 56.10 11.76 12.15
CA GLU B 779 55.63 11.41 10.82
C GLU B 779 56.64 11.80 9.74
N GLN B 780 57.46 12.80 10.01
CA GLN B 780 58.45 13.30 9.04
C GLN B 780 59.80 12.63 9.16
N LEU B 781 59.94 11.60 10.00
CA LEU B 781 61.20 10.89 10.10
C LEU B 781 61.44 10.09 8.81
N PRO B 782 62.68 10.03 8.33
CA PRO B 782 62.95 9.27 7.11
C PRO B 782 62.80 7.78 7.34
N GLU B 783 62.60 7.06 6.24
CA GLU B 783 62.47 5.61 6.32
C GLU B 783 63.80 4.99 6.75
N VAL B 784 63.72 3.96 7.59
CA VAL B 784 64.91 3.32 8.14
C VAL B 784 64.84 1.82 7.84
N LYS B 785 65.70 1.36 6.92
CA LYS B 785 65.85 -0.07 6.69
C LYS B 785 66.59 -0.68 7.88
N VAL B 786 65.99 -1.69 8.51
CA VAL B 786 66.59 -2.27 9.70
C VAL B 786 66.69 -3.79 9.56
N ASN B 787 65.99 -4.35 8.57
CA ASN B 787 66.01 -5.78 8.29
C ASN B 787 65.56 -6.64 9.47
N PHE B 788 64.67 -6.10 10.32
CA PHE B 788 64.04 -6.94 11.33
C PHE B 788 63.13 -7.94 10.63
N ASN B 789 63.11 -9.17 11.13
CA ASN B 789 62.33 -10.22 10.49
C ASN B 789 60.84 -9.91 10.61
N PRO B 790 60.13 -9.71 9.49
CA PRO B 790 58.69 -9.40 9.57
C PRO B 790 57.86 -10.57 10.08
N ALA B 791 58.41 -11.78 10.13
CA ALA B 791 57.66 -12.94 10.61
C ALA B 791 57.46 -12.92 12.12
N THR B 792 58.09 -11.99 12.82
CA THR B 792 57.90 -11.81 14.26
C THR B 792 56.92 -10.67 14.52
N VAL B 793 56.44 -10.60 15.75
CA VAL B 793 55.50 -9.55 16.13
C VAL B 793 56.18 -8.19 16.05
N LYS B 794 57.39 -8.08 16.62
CA LYS B 794 58.12 -6.82 16.63
C LYS B 794 58.49 -6.38 15.22
N GLY B 795 58.92 -7.32 14.38
CA GLY B 795 59.40 -6.96 13.05
C GLY B 795 58.32 -6.46 12.11
N SER B 796 57.10 -6.97 12.23
CA SER B 796 56.04 -6.57 11.31
C SER B 796 55.62 -5.11 11.53
N GLN B 797 55.70 -4.63 12.77
CA GLN B 797 55.22 -3.29 13.09
C GLN B 797 56.19 -2.20 12.68
N PHE B 798 57.44 -2.53 12.35
CA PHE B 798 58.35 -1.54 11.78
C PHE B 798 58.01 -1.21 10.33
N ARG B 799 57.16 -2.01 9.69
CA ARG B 799 56.64 -1.68 8.38
C ARG B 799 55.53 -0.64 8.50
N GLN B 800 55.48 0.26 7.52
CA GLN B 800 54.46 1.31 7.53
C GLN B 800 53.09 0.69 7.31
N PRO B 801 52.10 1.00 8.14
CA PRO B 801 50.75 0.51 7.89
C PRO B 801 50.14 1.22 6.69
N LEU B 802 49.51 0.44 5.81
CA LEU B 802 48.83 0.98 4.64
C LEU B 802 47.31 0.96 4.79
N LEU B 803 46.81 0.78 6.02
CA LEU B 803 45.40 0.97 6.34
C LEU B 803 45.36 1.77 7.63
N GLU B 804 44.92 3.02 7.55
CA GLU B 804 45.01 3.94 8.68
C GLU B 804 43.76 4.79 8.76
N PHE B 805 43.29 5.00 9.99
CA PHE B 805 42.30 6.04 10.29
C PHE B 805 40.98 5.78 9.58
N SER B 806 40.56 4.51 9.55
CA SER B 806 39.32 4.14 8.89
C SER B 806 38.13 4.59 9.75
N GLY B 807 36.93 4.38 9.21
CA GLY B 807 35.70 4.70 9.90
C GLY B 807 35.15 3.62 10.80
N ALA B 808 35.96 2.60 11.12
CA ALA B 808 35.51 1.53 11.98
C ALA B 808 35.28 2.01 13.41
N CYS B 809 34.56 1.21 14.18
CA CYS B 809 34.27 1.55 15.56
C CYS B 809 35.56 1.60 16.37
N ALA B 810 35.49 2.27 17.52
CA ALA B 810 36.62 2.27 18.43
C ALA B 810 36.87 0.86 18.94
N GLY B 811 38.08 0.35 18.69
CA GLY B 811 38.39 -1.01 19.10
C GLY B 811 37.86 -2.09 18.20
N CYS B 812 37.61 -1.78 16.93
CA CYS B 812 37.04 -2.77 16.01
C CYS B 812 37.99 -3.97 15.87
N GLY B 813 37.41 -5.16 15.81
CA GLY B 813 38.17 -6.39 15.65
C GLY B 813 38.52 -6.78 14.23
N GLU B 814 38.12 -6.00 13.23
CA GLU B 814 38.39 -6.33 11.84
C GLU B 814 39.66 -5.68 11.32
N THR B 815 39.80 -4.37 11.50
CA THR B 815 40.91 -3.64 10.89
C THR B 815 42.30 -4.09 11.33
N PRO B 816 42.55 -4.56 12.56
CA PRO B 816 43.90 -5.04 12.88
C PRO B 816 44.37 -6.16 11.97
N TYR B 817 43.45 -6.99 11.49
CA TYR B 817 43.83 -8.06 10.57
C TYR B 817 44.28 -7.51 9.23
N VAL B 818 43.46 -6.66 8.60
CA VAL B 818 43.83 -6.14 7.29
C VAL B 818 45.08 -5.27 7.39
N LYS B 819 45.21 -4.52 8.48
CA LYS B 819 46.39 -3.67 8.66
C LYS B 819 47.67 -4.48 8.67
N LEU B 820 47.64 -5.64 9.34
CA LEU B 820 48.81 -6.51 9.35
C LEU B 820 49.11 -7.03 7.96
N VAL B 821 48.08 -7.30 7.16
CA VAL B 821 48.28 -7.77 5.80
C VAL B 821 48.96 -6.70 4.95
N THR B 822 48.57 -5.43 5.14
CA THR B 822 49.19 -4.35 4.39
C THR B 822 50.64 -4.14 4.79
N GLN B 823 50.97 -4.40 6.06
CA GLN B 823 52.35 -4.26 6.50
C GLN B 823 53.24 -5.37 5.99
N LEU B 824 52.66 -6.50 5.57
CA LEU B 824 53.42 -7.63 5.04
C LEU B 824 53.49 -7.62 3.52
N PHE B 825 52.34 -7.45 2.85
CA PHE B 825 52.28 -7.53 1.38
C PHE B 825 51.59 -6.32 0.75
N GLY B 826 51.34 -5.26 1.52
CA GLY B 826 50.67 -4.09 0.97
C GLY B 826 51.39 -3.44 -0.18
N ASP B 827 52.71 -3.66 -0.28
CA ASP B 827 53.50 -3.08 -1.36
C ASP B 827 53.02 -3.53 -2.73
N ARG B 828 52.36 -4.69 -2.82
CA ARG B 828 52.08 -5.31 -4.11
C ARG B 828 50.78 -6.11 -4.13
N MET B 829 49.76 -5.64 -3.41
CA MET B 829 48.51 -6.38 -3.31
C MET B 829 47.35 -5.58 -3.90
N ILE B 830 46.35 -6.32 -4.40
CA ILE B 830 45.10 -5.78 -4.92
C ILE B 830 43.96 -6.41 -4.15
N ILE B 831 43.02 -5.58 -3.69
CA ILE B 831 41.97 -6.01 -2.77
C ILE B 831 40.64 -6.00 -3.50
N ALA B 832 39.92 -7.13 -3.45
CA ALA B 832 38.53 -7.21 -3.86
C ALA B 832 37.68 -7.41 -2.60
N ASN B 833 36.99 -6.35 -2.19
CA ASN B 833 36.32 -6.31 -0.90
C ASN B 833 34.81 -6.45 -1.08
N ALA B 834 34.21 -7.37 -0.32
CA ALA B 834 32.77 -7.58 -0.34
C ALA B 834 32.06 -6.45 0.40
N THR B 835 30.78 -6.30 0.10
CA THR B 835 29.95 -5.36 0.83
C THR B 835 29.80 -5.80 2.28
N GLY B 836 29.85 -4.85 3.18
CA GLY B 836 29.80 -5.13 4.60
C GLY B 836 30.50 -4.01 5.34
N CYS B 837 30.76 -4.25 6.62
CA CYS B 837 31.53 -3.28 7.39
C CYS B 837 32.87 -3.02 6.73
N SER B 838 33.54 -4.09 6.31
CA SER B 838 34.84 -3.98 5.66
C SER B 838 34.81 -3.13 4.40
N SER B 839 33.65 -2.98 3.77
CA SER B 839 33.50 -2.07 2.64
C SER B 839 33.04 -0.67 3.05
N ILE B 840 32.42 -0.52 4.23
CA ILE B 840 31.95 0.78 4.66
C ILE B 840 33.07 1.57 5.32
N TRP B 841 33.82 0.95 6.23
CA TRP B 841 34.99 1.65 6.75
C TRP B 841 36.16 1.59 5.79
N GLY B 842 36.12 0.71 4.79
CA GLY B 842 37.21 0.59 3.84
C GLY B 842 37.05 1.43 2.59
N GLY B 843 35.81 1.76 2.24
CA GLY B 843 35.58 2.48 1.00
C GLY B 843 34.31 3.30 0.97
N SER B 844 34.15 4.23 1.91
CA SER B 844 33.07 5.21 1.88
C SER B 844 33.64 6.55 1.43
N ALA B 845 33.13 7.06 0.31
CA ALA B 845 33.58 8.33 -0.21
C ALA B 845 33.33 9.44 0.82
N PRO B 846 34.18 10.47 0.87
CA PRO B 846 35.35 10.65 0.00
C PRO B 846 36.66 10.18 0.63
N ALA B 847 36.59 9.48 1.75
CA ALA B 847 37.77 9.11 2.51
C ALA B 847 38.20 7.68 2.16
N CYS B 848 39.49 7.51 1.89
CA CYS B 848 40.07 6.19 1.64
C CYS B 848 41.08 5.87 2.72
N PRO B 849 40.87 4.82 3.53
CA PRO B 849 41.83 4.52 4.59
C PRO B 849 43.08 3.80 4.10
N TYR B 850 43.03 3.15 2.94
CA TYR B 850 44.20 2.49 2.39
C TYR B 850 45.11 3.53 1.76
N THR B 851 46.39 3.51 2.12
CA THR B 851 47.35 4.53 1.71
C THR B 851 48.57 3.85 1.08
N VAL B 852 49.55 4.66 0.71
CA VAL B 852 50.74 4.20 0.01
C VAL B 852 51.97 4.46 0.88
N ASN B 853 53.09 3.88 0.45
CA ASN B 853 54.37 4.08 1.12
C ASN B 853 55.09 5.28 0.53
N ARG B 854 56.37 5.46 0.88
CA ARG B 854 57.13 6.59 0.37
C ARG B 854 57.38 6.47 -1.14
N GLN B 855 57.41 5.24 -1.65
CA GLN B 855 57.59 5.00 -3.08
C GLN B 855 56.27 5.10 -3.86
N GLY B 856 55.17 5.41 -3.18
CA GLY B 856 53.89 5.57 -3.85
C GLY B 856 53.11 4.31 -4.08
N HIS B 857 53.57 3.17 -3.55
CA HIS B 857 52.90 1.89 -3.75
C HIS B 857 52.01 1.58 -2.56
N GLY B 858 50.85 0.99 -2.85
CA GLY B 858 49.88 0.65 -1.83
C GLY B 858 48.78 -0.24 -2.38
N PRO B 859 47.92 -0.74 -1.50
CA PRO B 859 46.86 -1.66 -1.95
C PRO B 859 45.91 -0.97 -2.91
N ALA B 860 45.58 -1.65 -4.00
CA ALA B 860 44.50 -1.23 -4.88
C ALA B 860 43.21 -1.88 -4.41
N TRP B 861 42.16 -1.08 -4.27
CA TRP B 861 40.95 -1.51 -3.59
C TRP B 861 39.74 -1.35 -4.50
N ALA B 862 38.89 -2.37 -4.50
CA ALA B 862 37.69 -2.38 -5.33
C ALA B 862 36.62 -3.21 -4.65
N SER B 863 35.38 -2.74 -4.72
CA SER B 863 34.25 -3.48 -4.19
C SER B 863 33.18 -3.59 -5.26
N SER B 864 32.81 -4.81 -5.63
CA SER B 864 31.79 -5.01 -6.66
C SER B 864 30.41 -5.10 -6.04
N LEU B 865 30.02 -6.31 -5.60
CA LEU B 865 28.72 -6.54 -4.99
C LEU B 865 28.90 -7.35 -3.71
N PHE B 866 27.77 -7.61 -3.05
CA PHE B 866 27.78 -8.42 -1.83
C PHE B 866 27.90 -9.90 -2.14
N GLU B 867 27.32 -10.35 -3.26
CA GLU B 867 27.21 -11.76 -3.56
C GLU B 867 28.28 -12.29 -4.51
N ASP B 868 29.06 -11.42 -5.16
CA ASP B 868 29.97 -11.87 -6.21
C ASP B 868 31.44 -11.63 -5.87
N ASN B 869 31.76 -11.38 -4.59
CA ASN B 869 33.09 -10.88 -4.27
C ASN B 869 34.18 -11.91 -4.57
N ALA B 870 33.89 -13.19 -4.35
CA ALA B 870 34.88 -14.22 -4.64
C ALA B 870 35.20 -14.27 -6.13
N GLU B 871 34.16 -14.32 -6.97
CA GLU B 871 34.37 -14.29 -8.41
C GLU B 871 34.94 -12.95 -8.87
N PHE B 872 34.62 -11.88 -8.14
CA PHE B 872 35.19 -10.56 -8.45
C PHE B 872 36.71 -10.59 -8.35
N GLY B 873 37.23 -11.13 -7.24
CA GLY B 873 38.67 -11.24 -7.09
C GLY B 873 39.27 -12.30 -7.99
N TYR B 874 38.50 -13.36 -8.27
CA TYR B 874 38.96 -14.38 -9.22
C TYR B 874 39.18 -13.77 -10.60
N GLY B 875 38.27 -12.90 -11.04
CA GLY B 875 38.47 -12.24 -12.32
C GLY B 875 39.71 -11.38 -12.34
N MET B 876 40.02 -10.73 -11.20
CA MET B 876 41.25 -9.95 -11.10
C MET B 876 42.47 -10.84 -11.24
N ALA B 877 42.44 -12.03 -10.63
CA ALA B 877 43.57 -12.93 -10.71
C ALA B 877 43.83 -13.35 -12.15
N LEU B 878 42.78 -13.58 -12.93
CA LEU B 878 42.94 -13.89 -14.34
C LEU B 878 43.61 -12.75 -15.09
N ALA B 879 43.16 -11.52 -14.84
CA ALA B 879 43.69 -10.36 -15.57
C ALA B 879 45.14 -10.08 -15.21
N VAL B 880 45.47 -10.15 -13.92
CA VAL B 880 46.86 -9.91 -13.50
C VAL B 880 47.78 -10.94 -14.15
N ALA B 881 47.34 -12.19 -14.23
CA ALA B 881 48.10 -13.21 -14.94
C ALA B 881 48.19 -12.89 -16.43
N LYS B 882 47.11 -12.36 -17.01
CA LYS B 882 47.11 -11.99 -18.42
C LYS B 882 48.08 -10.84 -18.70
N ARG B 883 48.18 -9.88 -17.77
CA ARG B 883 49.12 -8.77 -17.93
C ARG B 883 50.56 -9.25 -17.82
N GLN B 884 50.84 -10.20 -16.93
CA GLN B 884 52.18 -10.74 -16.81
C GLN B 884 52.57 -11.54 -18.04
N ASP B 885 51.60 -12.20 -18.69
CA ASP B 885 51.90 -12.96 -19.90
C ASP B 885 52.30 -12.02 -21.03
N GLU B 886 51.67 -10.85 -21.13
CA GLU B 886 52.06 -9.88 -22.15
C GLU B 886 53.46 -9.34 -21.90
N LEU B 887 53.81 -9.12 -20.64
CA LEU B 887 55.14 -8.63 -20.32
C LEU B 887 56.20 -9.70 -20.54
N ALA B 888 55.92 -10.94 -20.12
CA ALA B 888 56.89 -12.02 -20.30
C ALA B 888 57.16 -12.29 -21.77
N THR B 889 56.16 -12.12 -22.63
CA THR B 889 56.38 -12.29 -24.07
C THR B 889 57.26 -11.19 -24.64
N ALA B 890 57.02 -9.95 -24.22
CA ALA B 890 57.83 -8.83 -24.69
C ALA B 890 59.26 -8.91 -24.17
N ILE B 891 59.48 -9.54 -23.01
CA ILE B 891 60.83 -9.69 -22.49
C ILE B 891 61.59 -10.74 -23.28
N SER B 892 60.90 -11.82 -23.70
CA SER B 892 61.55 -12.84 -24.52
C SER B 892 62.01 -12.30 -25.86
N LYS B 893 61.26 -11.36 -26.45
CA LYS B 893 61.71 -10.73 -27.68
C LYS B 893 62.92 -9.84 -27.45
N ALA B 894 63.06 -9.27 -26.25
CA ALA B 894 64.19 -8.41 -25.95
C ALA B 894 65.50 -9.20 -25.90
N LEU B 895 65.43 -10.50 -25.58
CA LEU B 895 66.63 -11.32 -25.56
C LEU B 895 67.26 -11.43 -26.95
N GLU B 896 66.44 -11.43 -28.00
CA GLU B 896 66.91 -11.54 -29.37
C GLU B 896 67.29 -10.20 -30.00
N ALA B 897 67.20 -9.11 -29.25
CA ALA B 897 67.50 -7.80 -29.80
C ALA B 897 68.90 -7.36 -29.40
N PRO B 898 69.56 -6.54 -30.22
CA PRO B 898 70.89 -6.06 -29.86
C PRO B 898 70.87 -5.08 -28.70
N VAL B 899 70.85 -5.60 -27.47
CA VAL B 899 70.88 -4.78 -26.27
C VAL B 899 72.04 -5.25 -25.40
N SER B 900 72.32 -4.47 -24.35
CA SER B 900 73.47 -4.75 -23.49
C SER B 900 73.32 -6.08 -22.79
N ALA B 901 74.48 -6.68 -22.45
CA ALA B 901 74.47 -7.96 -21.75
C ALA B 901 73.91 -7.84 -20.34
N ALA B 902 74.15 -6.71 -19.67
CA ALA B 902 73.60 -6.51 -18.33
C ALA B 902 72.08 -6.46 -18.34
N PHE B 903 71.50 -5.91 -19.41
CA PHE B 903 70.05 -5.91 -19.56
C PHE B 903 69.52 -7.32 -19.74
N LYS B 904 70.20 -8.13 -20.56
CA LYS B 904 69.78 -9.51 -20.76
C LYS B 904 69.94 -10.36 -19.51
N ALA B 905 70.94 -10.06 -18.68
CA ALA B 905 71.15 -10.84 -17.47
C ALA B 905 69.97 -10.71 -16.51
N ALA B 906 69.45 -9.50 -16.35
CA ALA B 906 68.30 -9.29 -15.48
C ALA B 906 67.03 -9.87 -16.07
N CYS B 907 66.92 -9.90 -17.40
CA CYS B 907 65.71 -10.42 -18.04
C CYS B 907 65.56 -11.92 -17.84
N GLU B 908 66.66 -12.67 -18.02
CA GLU B 908 66.61 -14.12 -17.81
C GLU B 908 66.32 -14.45 -16.35
N GLY B 909 66.87 -13.66 -15.43
CA GLY B 909 66.60 -13.88 -14.02
C GLY B 909 65.15 -13.60 -13.67
N TRP B 910 64.53 -12.61 -14.32
CA TRP B 910 63.13 -12.31 -14.07
C TRP B 910 62.23 -13.39 -14.63
N LEU B 911 62.51 -13.87 -15.85
CA LEU B 911 61.68 -14.90 -16.47
C LEU B 911 61.68 -16.19 -15.64
N ALA B 912 62.79 -16.49 -14.97
CA ALA B 912 62.87 -17.71 -14.17
C ALA B 912 62.13 -17.60 -12.84
N GLY B 913 61.95 -16.39 -12.32
CA GLY B 913 61.31 -16.21 -11.03
C GLY B 913 60.15 -15.23 -11.06
N LYS B 914 59.48 -15.12 -12.21
CA LYS B 914 58.35 -14.20 -12.32
C LYS B 914 57.18 -14.60 -11.42
N ASP B 915 57.09 -15.87 -11.03
CA ASP B 915 56.03 -16.34 -10.15
C ASP B 915 56.48 -16.49 -8.70
N ASP B 916 57.67 -15.99 -8.36
CA ASP B 916 58.13 -15.95 -6.98
C ASP B 916 58.10 -14.50 -6.50
N ALA B 917 57.55 -14.27 -5.32
CA ALA B 917 57.37 -12.91 -4.82
C ALA B 917 58.70 -12.21 -4.65
N ASP B 918 59.67 -12.89 -4.03
CA ASP B 918 60.96 -12.26 -3.76
C ASP B 918 61.78 -12.10 -5.04
N ARG B 919 61.82 -13.15 -5.87
CA ARG B 919 62.67 -13.12 -7.05
C ARG B 919 62.13 -12.15 -8.09
N SER B 920 60.81 -12.08 -8.25
CA SER B 920 60.23 -11.16 -9.23
C SER B 920 60.46 -9.71 -8.86
N ARG B 921 60.51 -9.40 -7.57
CA ARG B 921 60.83 -8.04 -7.15
C ARG B 921 62.30 -7.72 -7.40
N GLU B 922 63.19 -8.70 -7.17
CA GLU B 922 64.62 -8.47 -7.32
C GLU B 922 65.00 -8.17 -8.77
N TYR B 923 64.73 -9.10 -9.67
CA TYR B 923 65.11 -8.89 -11.07
C TYR B 923 64.23 -7.86 -11.75
N GLY B 924 62.99 -7.68 -11.29
CA GLY B 924 62.15 -6.65 -11.86
C GLY B 924 62.67 -5.25 -11.60
N ASP B 925 63.13 -4.99 -10.37
CA ASP B 925 63.67 -3.68 -10.02
C ASP B 925 64.97 -3.38 -10.75
N ARG B 926 65.78 -4.42 -11.03
CA ARG B 926 66.99 -4.20 -11.82
C ARG B 926 66.66 -3.76 -13.23
N ILE B 927 65.60 -4.33 -13.82
CA ILE B 927 65.15 -3.91 -15.14
C ILE B 927 64.70 -2.45 -15.10
N LYS B 928 63.98 -2.07 -14.05
CA LYS B 928 63.52 -0.69 -13.92
C LYS B 928 64.69 0.29 -13.84
N ALA B 929 65.81 -0.13 -13.23
CA ALA B 929 66.96 0.76 -13.10
C ALA B 929 67.73 0.91 -14.40
N LEU B 930 67.76 -0.13 -15.23
CA LEU B 930 68.53 -0.09 -16.47
C LEU B 930 67.74 0.42 -17.66
N LEU B 931 66.40 0.47 -17.56
CA LEU B 931 65.58 0.85 -18.70
C LEU B 931 65.88 2.25 -19.24
N PRO B 932 65.94 3.31 -18.43
CA PRO B 932 66.16 4.65 -19.01
C PRO B 932 67.46 4.77 -19.78
N GLY B 933 68.55 4.18 -19.27
CA GLY B 933 69.80 4.20 -20.01
C GLY B 933 69.79 3.30 -21.22
N GLU B 934 69.08 2.17 -21.14
CA GLU B 934 69.04 1.24 -22.27
C GLU B 934 68.21 1.82 -23.42
N ILE B 935 67.08 2.46 -23.11
CA ILE B 935 66.26 3.06 -24.15
C ILE B 935 67.00 4.21 -24.82
N SER B 936 67.79 4.96 -24.03
CA SER B 936 68.55 6.08 -24.59
C SER B 936 69.57 5.62 -25.63
N GLN B 937 70.10 4.41 -25.48
CA GLN B 937 71.13 3.91 -26.38
C GLN B 937 70.57 3.11 -27.55
N ALA B 938 69.25 3.06 -27.70
CA ALA B 938 68.61 2.29 -28.77
C ALA B 938 67.93 3.24 -29.76
N SER B 939 67.57 2.66 -30.91
CA SER B 939 66.92 3.42 -31.97
C SER B 939 66.19 2.44 -32.87
N GLY B 940 65.20 2.95 -33.60
CA GLY B 940 64.47 2.13 -34.55
C GLY B 940 63.49 1.16 -33.91
N GLU B 941 63.38 -0.05 -34.47
CA GLU B 941 62.41 -1.01 -33.96
C GLU B 941 62.82 -1.54 -32.59
N VAL B 942 64.12 -1.60 -32.30
CA VAL B 942 64.57 -2.01 -30.98
C VAL B 942 64.14 -0.99 -29.93
N LYS B 943 64.21 0.30 -30.26
CA LYS B 943 63.77 1.34 -29.34
C LYS B 943 62.27 1.23 -29.08
N ASP B 944 61.49 0.88 -30.10
CA ASP B 944 60.05 0.69 -29.91
C ASP B 944 59.76 -0.51 -29.02
N LEU B 945 60.57 -1.57 -29.13
CA LEU B 945 60.39 -2.76 -28.30
C LEU B 945 60.69 -2.45 -26.84
N LEU B 946 61.71 -1.64 -26.57
CA LEU B 946 62.05 -1.29 -25.19
C LEU B 946 60.97 -0.40 -24.57
N LEU B 947 60.35 0.48 -25.36
CA LEU B 947 59.27 1.31 -24.83
C LEU B 947 58.07 0.46 -24.44
N ASP B 948 57.88 -0.69 -25.11
CA ASP B 948 56.80 -1.58 -24.73
C ASP B 948 57.09 -2.24 -23.39
N ILE B 949 58.36 -2.51 -23.08
CA ILE B 949 58.71 -3.04 -21.77
C ILE B 949 58.48 -2.00 -20.69
N ASP B 950 58.88 -0.75 -20.95
CA ASP B 950 58.70 0.31 -19.97
C ASP B 950 57.23 0.62 -19.71
N ARG B 951 56.38 0.45 -20.73
CA ARG B 951 54.95 0.71 -20.56
C ARG B 951 54.30 -0.30 -19.63
N GLN B 952 54.88 -1.49 -19.50
CA GLN B 952 54.33 -2.56 -18.69
C GLN B 952 55.18 -2.85 -17.45
N LYS B 953 56.08 -1.94 -17.08
CA LYS B 953 57.00 -2.20 -15.97
C LYS B 953 56.29 -2.31 -14.63
N ASP B 954 55.02 -1.91 -14.55
CA ASP B 954 54.25 -2.06 -13.32
C ASP B 954 53.78 -3.49 -13.10
N TYR B 955 54.12 -4.44 -13.98
CA TYR B 955 53.75 -5.83 -13.81
C TYR B 955 54.96 -6.75 -13.69
N LEU B 956 56.15 -6.20 -13.44
CA LEU B 956 57.31 -7.04 -13.15
C LEU B 956 57.14 -7.75 -11.82
N THR B 957 56.86 -7.00 -10.76
CA THR B 957 56.66 -7.60 -9.45
C THR B 957 55.36 -8.38 -9.41
N LYS B 958 55.42 -9.61 -8.94
CA LYS B 958 54.20 -10.42 -8.87
C LYS B 958 53.22 -9.83 -7.87
N LYS B 959 51.96 -9.77 -8.28
CA LYS B 959 50.92 -9.16 -7.45
C LYS B 959 50.28 -10.21 -6.53
N SER B 960 49.55 -9.72 -5.54
CA SER B 960 48.90 -10.56 -4.54
C SER B 960 47.42 -10.20 -4.46
N ILE B 961 46.55 -11.07 -4.97
CA ILE B 961 45.12 -10.82 -4.96
C ILE B 961 44.56 -11.22 -3.61
N TRP B 962 43.87 -10.28 -2.95
CA TRP B 962 43.28 -10.51 -1.63
C TRP B 962 41.79 -10.26 -1.67
N ILE B 963 41.01 -11.23 -1.22
CA ILE B 963 39.56 -11.17 -1.21
C ILE B 963 39.11 -11.05 0.24
N ILE B 964 38.67 -9.86 0.64
CA ILE B 964 38.30 -9.56 2.02
C ILE B 964 36.78 -9.45 2.11
N GLY B 965 36.21 -10.04 3.17
CA GLY B 965 34.78 -9.98 3.35
C GLY B 965 34.40 -10.43 4.74
N GLY B 966 33.13 -10.18 5.10
CA GLY B 966 32.61 -10.55 6.39
C GLY B 966 32.11 -11.98 6.41
N ASP B 967 31.63 -12.41 7.58
CA ASP B 967 31.15 -13.78 7.71
C ASP B 967 29.87 -14.00 6.93
N GLY B 968 29.02 -12.98 6.83
CA GLY B 968 27.80 -13.12 6.05
C GLY B 968 28.06 -13.39 4.59
N TRP B 969 29.09 -12.75 4.02
CA TRP B 969 29.43 -12.99 2.63
C TRP B 969 29.97 -14.39 2.43
N ALA B 970 30.90 -14.83 3.29
CA ALA B 970 31.55 -16.11 3.08
C ALA B 970 30.64 -17.28 3.43
N TYR B 971 29.80 -17.12 4.46
CA TYR B 971 28.96 -18.21 4.91
C TYR B 971 27.61 -18.28 4.20
N ASP B 972 27.13 -17.16 3.66
CA ASP B 972 25.75 -17.13 3.16
C ASP B 972 25.64 -16.74 1.68
N ILE B 973 25.52 -15.45 1.40
CA ILE B 973 25.10 -15.01 0.07
C ILE B 973 26.16 -15.30 -0.99
N GLY B 974 27.44 -15.19 -0.63
CA GLY B 974 28.53 -15.44 -1.55
C GLY B 974 29.22 -16.77 -1.37
N TYR B 975 28.66 -17.67 -0.56
CA TYR B 975 29.33 -18.95 -0.30
C TYR B 975 29.41 -19.79 -1.57
N GLY B 976 28.35 -19.76 -2.39
CA GLY B 976 28.41 -20.46 -3.66
C GLY B 976 29.55 -20.00 -4.53
N GLY B 977 29.80 -18.69 -4.55
CA GLY B 977 30.93 -18.17 -5.31
C GLY B 977 32.27 -18.50 -4.67
N LEU B 978 32.34 -18.44 -3.34
CA LEU B 978 33.60 -18.76 -2.66
C LEU B 978 33.99 -20.21 -2.86
N ASP B 979 33.02 -21.13 -2.77
CA ASP B 979 33.30 -22.54 -3.00
C ASP B 979 33.82 -22.76 -4.41
N HIS B 980 33.24 -22.07 -5.40
CA HIS B 980 33.65 -22.27 -6.78
C HIS B 980 35.05 -21.71 -7.04
N VAL B 981 35.34 -20.54 -6.49
CA VAL B 981 36.66 -19.95 -6.67
C VAL B 981 37.72 -20.76 -5.95
N LEU B 982 37.41 -21.23 -4.73
CA LEU B 982 38.37 -22.05 -3.99
C LEU B 982 38.65 -23.37 -4.69
N ALA B 983 37.61 -23.97 -5.28
CA ALA B 983 37.78 -25.23 -6.00
C ALA B 983 38.61 -25.08 -7.28
N SER B 984 38.64 -23.88 -7.86
CA SER B 984 39.35 -23.68 -9.12
C SER B 984 40.86 -23.81 -8.93
N GLY B 985 41.37 -23.54 -7.74
CA GLY B 985 42.79 -23.65 -7.48
C GLY B 985 43.60 -22.39 -7.74
N ALA B 986 42.95 -21.28 -8.07
CA ALA B 986 43.66 -20.03 -8.35
C ALA B 986 44.48 -19.59 -7.14
N ASN B 987 45.53 -18.81 -7.40
CA ASN B 987 46.37 -18.27 -6.33
C ASN B 987 45.73 -16.99 -5.81
N VAL B 988 44.72 -17.17 -4.94
CA VAL B 988 44.05 -16.07 -4.29
C VAL B 988 44.07 -16.31 -2.79
N ASN B 989 43.99 -15.22 -2.01
CA ASN B 989 43.98 -15.28 -0.55
C ASN B 989 42.68 -14.68 -0.07
N VAL B 990 41.80 -15.52 0.46
CA VAL B 990 40.49 -15.09 0.95
C VAL B 990 40.57 -14.94 2.46
N LEU B 991 40.24 -13.74 2.95
CA LEU B 991 40.26 -13.42 4.37
C LEU B 991 38.83 -13.16 4.81
N VAL B 992 38.30 -14.04 5.66
CA VAL B 992 36.94 -13.93 6.16
C VAL B 992 37.01 -13.32 7.56
N LEU B 993 36.51 -12.10 7.70
CA LEU B 993 36.44 -11.43 9.00
C LEU B 993 35.15 -11.86 9.67
N ASP B 994 35.24 -12.87 10.54
CA ASP B 994 34.07 -13.50 11.15
C ASP B 994 33.71 -12.78 12.45
N THR B 995 32.62 -12.02 12.41
CA THR B 995 32.00 -11.47 13.62
C THR B 995 30.75 -12.23 14.03
N GLU B 996 30.42 -13.32 13.33
CA GLU B 996 29.28 -14.19 13.60
C GLU B 996 27.94 -13.47 13.47
N VAL B 997 27.91 -12.27 12.87
CA VAL B 997 26.68 -11.53 12.60
C VAL B 997 26.88 -10.68 11.35
N TYR B 998 25.79 -10.07 10.88
CA TYR B 998 25.85 -9.05 9.83
C TYR B 998 26.07 -7.72 10.53
N SER B 999 27.35 -7.40 10.79
CA SER B 999 27.65 -6.29 11.69
C SER B 999 27.20 -4.96 11.11
N ASN B 1000 27.40 -4.75 9.81
CA ASN B 1000 27.07 -3.48 9.20
C ASN B 1000 25.58 -3.17 9.31
N THR B 1001 24.75 -4.15 8.98
CA THR B 1001 23.31 -3.94 8.89
C THR B 1001 22.60 -4.04 10.23
N GLY B 1002 23.34 -4.07 11.34
CA GLY B 1002 22.76 -4.03 12.66
C GLY B 1002 22.98 -5.27 13.50
N GLY B 1003 23.49 -6.37 12.93
CA GLY B 1003 23.76 -7.56 13.71
C GLY B 1003 22.69 -8.63 13.55
N GLN B 1004 22.51 -9.11 12.32
CA GLN B 1004 21.49 -10.11 12.04
C GLN B 1004 22.10 -11.52 12.05
N SER B 1005 21.20 -12.50 12.06
CA SER B 1005 21.61 -13.89 12.17
C SER B 1005 22.35 -14.34 10.91
N SER B 1006 23.29 -15.27 11.10
CA SER B 1006 24.11 -15.78 10.02
C SER B 1006 24.35 -17.27 10.25
N LYS B 1007 24.81 -17.96 9.20
CA LYS B 1007 25.24 -19.34 9.39
C LYS B 1007 26.49 -19.41 10.25
N ALA B 1008 27.24 -18.31 10.36
CA ALA B 1008 28.39 -18.24 11.24
C ALA B 1008 28.01 -17.98 12.70
N THR B 1009 26.75 -17.65 12.96
CA THR B 1009 26.30 -17.48 14.34
C THR B 1009 26.30 -18.81 15.07
N GLN B 1010 26.81 -18.80 16.30
CA GLN B 1010 26.95 -20.02 17.10
C GLN B 1010 25.63 -20.38 17.76
N THR B 1011 25.63 -21.52 18.45
CA THR B 1011 24.46 -21.99 19.17
C THR B 1011 24.12 -21.05 20.32
N GLY B 1012 22.84 -20.74 20.48
CA GLY B 1012 22.36 -19.95 21.59
C GLY B 1012 22.54 -18.45 21.45
N ALA B 1013 23.39 -17.99 20.52
CA ALA B 1013 23.61 -16.56 20.36
C ALA B 1013 22.34 -15.89 19.85
N VAL B 1014 22.05 -14.71 20.40
CA VAL B 1014 20.87 -13.94 20.04
C VAL B 1014 21.28 -12.81 19.11
N ALA B 1015 20.65 -12.74 17.95
CA ALA B 1015 20.81 -11.64 17.01
C ALA B 1015 19.47 -11.41 16.34
N ARG B 1016 19.39 -10.36 15.52
CA ARG B 1016 18.15 -10.09 14.82
C ARG B 1016 17.84 -11.22 13.83
N PHE B 1017 16.56 -11.54 13.70
CA PHE B 1017 16.02 -12.71 13.00
C PHE B 1017 16.31 -14.01 13.72
N ALA B 1018 16.80 -13.94 14.97
CA ALA B 1018 16.97 -15.10 15.82
C ALA B 1018 16.68 -14.66 17.26
N ALA B 1019 15.45 -14.19 17.47
CA ALA B 1019 15.10 -13.58 18.76
C ALA B 1019 15.18 -14.58 19.89
N GLY B 1020 14.74 -15.81 19.65
CA GLY B 1020 14.81 -16.85 20.66
C GLY B 1020 16.12 -17.61 20.69
N GLY B 1021 17.13 -17.12 20.00
CA GLY B 1021 18.40 -17.83 19.91
C GLY B 1021 18.45 -18.78 18.74
N LYS B 1022 19.64 -18.93 18.18
CA LYS B 1022 19.85 -19.82 17.03
C LYS B 1022 19.95 -21.25 17.52
N PHE B 1023 19.07 -22.12 17.02
CA PHE B 1023 19.06 -23.50 17.46
C PHE B 1023 20.18 -24.31 16.81
N THR B 1024 20.30 -24.23 15.48
CA THR B 1024 21.32 -24.95 14.76
C THR B 1024 22.72 -24.42 15.10
N LYS B 1025 23.70 -25.31 15.09
CA LYS B 1025 25.05 -24.92 15.46
C LYS B 1025 25.71 -24.13 14.33
N LYS B 1026 26.89 -23.60 14.63
CA LYS B 1026 27.63 -22.78 13.66
C LYS B 1026 28.06 -23.63 12.46
N LYS B 1027 27.84 -23.10 11.27
CA LYS B 1027 28.34 -23.75 10.06
C LYS B 1027 29.86 -23.73 10.03
N ASP B 1028 30.47 -24.88 9.79
CA ASP B 1028 31.94 -24.98 9.78
C ASP B 1028 32.43 -24.72 8.37
N LEU B 1029 32.69 -23.45 8.07
CA LEU B 1029 33.20 -23.08 6.75
C LEU B 1029 34.58 -23.66 6.51
N GLY B 1030 35.46 -23.60 7.52
CA GLY B 1030 36.81 -24.11 7.35
C GLY B 1030 36.85 -25.60 7.07
N LEU B 1031 35.93 -26.35 7.67
CA LEU B 1031 35.92 -27.79 7.48
C LEU B 1031 35.53 -28.17 6.07
N MET B 1032 34.56 -27.44 5.50
CA MET B 1032 34.13 -27.73 4.14
C MET B 1032 35.21 -27.39 3.12
N ALA B 1033 35.94 -26.31 3.35
CA ALA B 1033 37.03 -25.94 2.44
C ALA B 1033 38.16 -26.95 2.50
N MET B 1034 38.30 -27.67 3.62
CA MET B 1034 39.31 -28.70 3.71
C MET B 1034 38.94 -29.94 2.90
N SER B 1035 37.66 -30.08 2.52
CA SER B 1035 37.23 -31.28 1.81
C SER B 1035 37.88 -31.38 0.43
N TYR B 1036 38.28 -30.25 -0.16
CA TYR B 1036 38.98 -30.33 -1.44
C TYR B 1036 40.40 -30.86 -1.27
N GLY B 1037 41.04 -30.55 -0.15
CA GLY B 1037 42.37 -31.03 0.15
C GLY B 1037 43.48 -30.14 -0.36
N TYR B 1038 43.27 -29.43 -1.47
CA TYR B 1038 44.30 -28.59 -2.05
C TYR B 1038 44.10 -27.11 -1.73
N VAL B 1039 43.23 -26.79 -0.78
CA VAL B 1039 42.97 -25.43 -0.37
C VAL B 1039 43.56 -25.23 1.02
N TYR B 1040 44.45 -24.25 1.15
CA TYR B 1040 45.01 -23.91 2.45
C TYR B 1040 43.93 -23.24 3.30
N VAL B 1041 43.65 -23.81 4.47
CA VAL B 1041 42.63 -23.30 5.38
C VAL B 1041 43.28 -23.08 6.74
N ALA B 1042 42.97 -21.94 7.36
CA ALA B 1042 43.48 -21.65 8.68
C ALA B 1042 42.45 -20.82 9.44
N SER B 1043 42.26 -21.16 10.72
CA SER B 1043 41.38 -20.42 11.61
C SER B 1043 42.26 -19.73 12.64
N VAL B 1044 42.17 -18.41 12.71
CA VAL B 1044 43.08 -17.61 13.51
C VAL B 1044 42.29 -16.69 14.43
N ALA B 1045 43.00 -16.13 15.41
CA ALA B 1045 42.45 -15.13 16.31
C ALA B 1045 43.62 -14.34 16.88
N MET B 1046 43.69 -13.05 16.52
CA MET B 1046 44.86 -12.25 16.89
C MET B 1046 44.99 -12.12 18.41
N GLY B 1047 43.88 -11.91 19.11
CA GLY B 1047 43.91 -11.75 20.54
C GLY B 1047 44.41 -12.96 21.29
N ALA B 1048 44.31 -14.15 20.69
CA ALA B 1048 44.73 -15.37 21.38
C ALA B 1048 46.23 -15.60 21.24
N SER B 1049 46.75 -15.46 20.03
CA SER B 1049 48.15 -15.73 19.77
C SER B 1049 48.61 -14.86 18.61
N HIS B 1050 49.56 -13.94 18.89
CA HIS B 1050 50.13 -13.14 17.82
C HIS B 1050 50.97 -13.99 16.87
N SER B 1051 51.76 -14.91 17.42
CA SER B 1051 52.63 -15.73 16.58
C SER B 1051 51.84 -16.69 15.69
N GLN B 1052 50.70 -17.20 16.18
CA GLN B 1052 49.92 -18.14 15.40
C GLN B 1052 49.29 -17.47 14.20
N LEU B 1053 48.88 -16.21 14.34
CA LEU B 1053 48.33 -15.47 13.21
C LEU B 1053 49.40 -15.21 12.16
N MET B 1054 50.61 -14.87 12.60
CA MET B 1054 51.70 -14.60 11.67
C MET B 1054 52.00 -15.80 10.79
N LYS B 1055 52.07 -16.99 11.40
CA LYS B 1055 52.43 -18.19 10.64
C LYS B 1055 51.38 -18.52 9.60
N ALA B 1056 50.10 -18.40 9.96
CA ALA B 1056 49.03 -18.72 9.02
C ALA B 1056 48.99 -17.74 7.85
N LEU B 1057 49.26 -16.46 8.11
CA LEU B 1057 49.21 -15.46 7.05
C LEU B 1057 50.30 -15.67 6.01
N ILE B 1058 51.53 -15.95 6.46
CA ILE B 1058 52.63 -16.09 5.52
C ILE B 1058 52.53 -17.40 4.75
N GLU B 1059 52.15 -18.48 5.45
CA GLU B 1059 51.99 -19.77 4.76
C GLU B 1059 50.88 -19.71 3.72
N ALA B 1060 49.78 -19.02 4.03
CA ALA B 1060 48.68 -18.92 3.08
C ALA B 1060 49.07 -18.08 1.87
N GLU B 1061 49.84 -17.02 2.09
CA GLU B 1061 50.22 -16.16 0.99
C GLU B 1061 51.26 -16.83 0.10
N LYS B 1062 52.22 -17.54 0.71
CA LYS B 1062 53.24 -18.22 -0.07
C LYS B 1062 52.71 -19.44 -0.80
N TYR B 1063 51.57 -19.99 -0.38
CA TYR B 1063 51.00 -21.16 -1.04
C TYR B 1063 50.59 -20.79 -2.45
N ASP B 1064 51.10 -21.54 -3.44
CA ASP B 1064 50.78 -21.30 -4.84
C ASP B 1064 49.43 -21.95 -5.17
N GLY B 1065 48.37 -21.35 -4.62
CA GLY B 1065 47.04 -21.86 -4.77
C GLY B 1065 46.04 -21.13 -3.89
N PRO B 1066 44.82 -21.66 -3.78
CA PRO B 1066 43.79 -20.99 -2.99
C PRO B 1066 44.08 -21.13 -1.50
N SER B 1067 43.93 -20.02 -0.78
CA SER B 1067 44.16 -19.96 0.65
C SER B 1067 42.96 -19.31 1.32
N LEU B 1068 42.53 -19.88 2.45
CA LEU B 1068 41.37 -19.39 3.18
C LEU B 1068 41.77 -19.14 4.62
N ILE B 1069 41.64 -17.89 5.07
CA ILE B 1069 41.95 -17.49 6.44
C ILE B 1069 40.68 -16.96 7.08
N ILE B 1070 40.18 -17.67 8.08
CA ILE B 1070 38.99 -17.27 8.82
C ILE B 1070 39.45 -16.69 10.15
N ALA B 1071 39.33 -15.38 10.31
CA ALA B 1071 39.79 -14.67 11.50
C ALA B 1071 38.59 -14.28 12.36
N TYR B 1072 38.70 -14.51 13.67
CA TYR B 1072 37.67 -14.10 14.60
C TYR B 1072 37.81 -12.60 14.89
N ALA B 1073 36.73 -11.86 14.67
CA ALA B 1073 36.73 -10.41 14.82
C ALA B 1073 35.70 -9.98 15.87
N PRO B 1074 36.13 -9.58 17.07
CA PRO B 1074 35.17 -9.09 18.06
C PRO B 1074 34.45 -7.84 17.58
N CYS B 1075 33.18 -7.72 17.95
CA CYS B 1075 32.31 -6.68 17.40
C CYS B 1075 31.41 -6.12 18.51
N ILE B 1076 30.94 -4.89 18.30
CA ILE B 1076 30.05 -4.26 19.26
C ILE B 1076 28.70 -4.98 19.31
N ASN B 1077 28.32 -5.64 18.22
CA ASN B 1077 27.07 -6.40 18.20
C ASN B 1077 27.11 -7.61 19.12
N HIS B 1078 28.27 -7.96 19.65
CA HIS B 1078 28.34 -9.01 20.66
C HIS B 1078 27.90 -8.50 22.02
N GLY B 1079 28.04 -7.20 22.28
CA GLY B 1079 27.71 -6.64 23.57
C GLY B 1079 28.83 -6.81 24.58
N ILE B 1080 30.01 -6.26 24.27
CA ILE B 1080 31.17 -6.33 25.14
C ILE B 1080 31.84 -4.97 25.20
N ASN B 1081 32.71 -4.82 26.19
CA ASN B 1081 33.54 -3.61 26.32
C ASN B 1081 34.65 -3.70 25.30
N MET B 1082 34.58 -2.86 24.26
CA MET B 1082 35.54 -2.92 23.16
C MET B 1082 36.95 -2.53 23.57
N THR B 1083 37.12 -1.95 24.77
CA THR B 1083 38.46 -1.65 25.27
C THR B 1083 39.29 -2.92 25.39
N TYR B 1084 38.66 -4.03 25.79
CA TYR B 1084 39.36 -5.30 25.89
C TYR B 1084 38.95 -6.23 24.76
N SER B 1085 38.92 -5.69 23.53
CA SER B 1085 38.53 -6.49 22.38
C SER B 1085 39.54 -7.60 22.12
N GLN B 1086 40.84 -7.29 22.22
CA GLN B 1086 41.85 -8.31 22.04
C GLN B 1086 41.77 -9.39 23.12
N ARG B 1087 41.51 -8.99 24.36
CA ARG B 1087 41.42 -9.95 25.45
C ARG B 1087 40.21 -10.87 25.30
N GLU B 1088 39.13 -10.38 24.71
CA GLU B 1088 37.95 -11.22 24.54
C GLU B 1088 38.20 -12.36 23.56
N ALA B 1089 39.03 -12.10 22.54
CA ALA B 1089 39.39 -13.16 21.61
C ALA B 1089 40.32 -14.18 22.26
N LYS B 1090 41.18 -13.73 23.17
CA LYS B 1090 42.04 -14.67 23.89
C LYS B 1090 41.22 -15.56 24.80
N LYS B 1091 40.24 -14.98 25.50
CA LYS B 1091 39.34 -15.79 26.32
C LYS B 1091 38.46 -16.68 25.45
N ALA B 1092 38.21 -16.27 24.20
CA ALA B 1092 37.39 -17.08 23.31
C ALA B 1092 38.09 -18.36 22.91
N VAL B 1093 39.38 -18.30 22.60
CA VAL B 1093 40.12 -19.50 22.22
C VAL B 1093 40.42 -20.36 23.43
N GLU B 1094 40.71 -19.73 24.58
CA GLU B 1094 41.01 -20.49 25.78
C GLU B 1094 39.80 -21.26 26.30
N ALA B 1095 38.59 -20.87 25.91
CA ALA B 1095 37.38 -21.54 26.35
C ALA B 1095 36.85 -22.53 25.33
N GLY B 1096 37.59 -22.79 24.25
CA GLY B 1096 37.13 -23.70 23.23
C GLY B 1096 36.03 -23.16 22.34
N TYR B 1097 35.79 -21.85 22.37
CA TYR B 1097 34.71 -21.25 21.57
C TYR B 1097 35.15 -21.04 20.12
N TRP B 1098 36.42 -20.70 19.91
CA TRP B 1098 36.94 -20.48 18.58
C TRP B 1098 38.23 -21.28 18.41
N PRO B 1099 38.33 -22.13 17.41
CA PRO B 1099 39.53 -22.96 17.23
C PRO B 1099 40.64 -22.23 16.49
N LEU B 1100 41.86 -22.70 16.74
CA LEU B 1100 43.05 -22.23 16.03
C LEU B 1100 43.70 -23.44 15.38
N TYR B 1101 43.62 -23.51 14.05
CA TYR B 1101 44.21 -24.60 13.30
C TYR B 1101 44.74 -24.08 11.97
N ARG B 1102 45.51 -24.92 11.30
CA ARG B 1102 46.08 -24.61 10.00
C ARG B 1102 46.14 -25.87 9.17
N TYR B 1103 45.55 -25.84 7.98
CA TYR B 1103 45.55 -26.96 7.04
C TYR B 1103 46.45 -26.57 5.87
N ASN B 1104 47.59 -27.23 5.75
CA ASN B 1104 48.55 -26.91 4.71
C ASN B 1104 48.63 -28.04 3.70
N PRO B 1105 48.12 -27.87 2.48
CA PRO B 1105 48.25 -28.95 1.47
C PRO B 1105 49.68 -29.23 1.09
N GLN B 1106 50.58 -28.26 1.24
CA GLN B 1106 51.98 -28.50 0.90
C GLN B 1106 52.62 -29.49 1.88
N LEU B 1107 52.15 -29.53 3.12
CA LEU B 1107 52.63 -30.54 4.06
C LEU B 1107 52.21 -31.94 3.64
N ALA B 1108 51.07 -32.06 2.95
CA ALA B 1108 50.64 -33.36 2.45
C ALA B 1108 51.54 -33.84 1.31
N GLN B 1109 52.05 -32.92 0.49
CA GLN B 1109 52.94 -33.30 -0.61
C GLN B 1109 54.26 -33.87 -0.11
N GLU B 1110 54.64 -33.57 1.14
CA GLU B 1110 55.85 -34.11 1.75
C GLU B 1110 55.58 -35.41 2.50
N GLY B 1111 54.41 -36.02 2.31
CA GLY B 1111 54.07 -37.23 3.02
C GLY B 1111 53.65 -37.04 4.46
N LYS B 1112 53.49 -35.79 4.91
CA LYS B 1112 53.15 -35.49 6.30
C LYS B 1112 51.66 -35.18 6.41
N ASN B 1113 51.22 -34.99 7.65
CA ASN B 1113 49.83 -34.66 7.89
C ASN B 1113 49.58 -33.18 7.60
N PRO B 1114 48.61 -32.84 6.77
CA PRO B 1114 48.39 -31.42 6.44
C PRO B 1114 47.78 -30.61 7.57
N PHE B 1115 47.03 -31.25 8.47
CA PHE B 1115 46.28 -30.54 9.49
C PHE B 1115 47.09 -30.39 10.76
N ILE B 1116 47.22 -29.17 11.24
CA ILE B 1116 47.91 -28.87 12.49
C ILE B 1116 46.92 -28.18 13.43
N LEU B 1117 46.71 -28.77 14.59
CA LEU B 1117 45.85 -28.17 15.63
C LEU B 1117 46.73 -27.35 16.55
N ASP B 1118 46.64 -26.04 16.44
CA ASP B 1118 47.52 -25.13 17.17
C ASP B 1118 47.08 -24.89 18.61
N TYR B 1119 45.86 -25.26 18.96
CA TYR B 1119 45.38 -25.18 20.33
C TYR B 1119 44.61 -26.46 20.63
N LYS B 1120 45.18 -27.34 21.45
CA LYS B 1120 44.64 -28.67 21.66
C LYS B 1120 43.74 -28.79 22.88
N THR B 1121 44.18 -28.26 24.02
CA THR B 1121 43.44 -28.43 25.28
C THR B 1121 42.99 -27.07 25.80
N PRO B 1122 41.68 -26.78 25.80
CA PRO B 1122 41.21 -25.52 26.39
C PRO B 1122 41.28 -25.56 27.91
N THR B 1123 41.50 -24.37 28.50
CA THR B 1123 41.67 -24.24 29.94
C THR B 1123 40.58 -23.45 30.63
N ALA B 1124 39.76 -22.70 29.89
CA ALA B 1124 38.73 -21.86 30.48
C ALA B 1124 37.35 -22.50 30.37
N SER B 1125 36.43 -21.99 31.16
CA SER B 1125 35.06 -22.50 31.17
C SER B 1125 34.26 -21.91 30.01
N PHE B 1126 33.50 -22.78 29.34
CA PHE B 1126 32.71 -22.33 28.19
C PHE B 1126 31.51 -21.50 28.63
N ARG B 1127 30.86 -21.88 29.72
CA ARG B 1127 29.69 -21.14 30.18
C ARG B 1127 30.07 -19.76 30.70
N ASP B 1128 31.26 -19.63 31.29
CA ASP B 1128 31.70 -18.33 31.78
C ASP B 1128 31.99 -17.38 30.63
N PHE B 1129 32.43 -17.91 29.48
CA PHE B 1129 32.67 -17.05 28.33
C PHE B 1129 31.36 -16.53 27.73
N LEU B 1130 30.32 -17.37 27.72
CA LEU B 1130 29.04 -16.93 27.15
C LEU B 1130 28.44 -15.78 27.94
N MET B 1131 28.57 -15.82 29.26
CA MET B 1131 28.01 -14.76 30.10
C MET B 1131 28.78 -13.45 30.01
N GLY B 1132 29.91 -13.42 29.32
CA GLY B 1132 30.65 -12.20 29.13
C GLY B 1132 30.23 -11.36 27.94
N GLU B 1133 29.22 -11.79 27.19
CA GLU B 1133 28.72 -11.06 26.03
C GLU B 1133 27.21 -10.92 26.13
N ILE B 1134 26.70 -9.73 25.80
CA ILE B 1134 25.27 -9.46 25.97
C ILE B 1134 24.44 -10.35 25.06
N ARG B 1135 24.97 -10.69 23.88
CA ARG B 1135 24.21 -11.49 22.92
C ARG B 1135 23.88 -12.88 23.45
N TYR B 1136 24.48 -13.30 24.56
CA TYR B 1136 24.12 -14.55 25.22
C TYR B 1136 23.42 -14.35 26.55
N THR B 1137 23.71 -13.26 27.27
CA THR B 1137 23.04 -13.02 28.53
C THR B 1137 21.60 -12.57 28.32
N SER B 1138 21.33 -11.89 27.20
CA SER B 1138 19.96 -11.47 26.91
C SER B 1138 19.03 -12.65 26.62
N LEU B 1139 19.59 -13.81 26.29
CA LEU B 1139 18.75 -15.00 26.13
C LEU B 1139 18.21 -15.49 27.47
N LYS B 1140 19.05 -15.43 28.52
CA LYS B 1140 18.59 -15.83 29.85
C LYS B 1140 17.61 -14.82 30.42
N LYS B 1141 17.71 -13.55 30.03
CA LYS B 1141 16.82 -12.53 30.56
C LYS B 1141 15.49 -12.51 29.82
N GLN B 1142 15.45 -12.98 28.58
CA GLN B 1142 14.21 -13.02 27.80
C GLN B 1142 13.48 -14.35 27.99
N PHE B 1143 14.12 -15.46 27.59
CA PHE B 1143 13.54 -16.79 27.68
C PHE B 1143 14.36 -17.64 28.65
N PRO B 1144 13.99 -17.64 29.95
CA PRO B 1144 14.81 -18.38 30.93
C PRO B 1144 14.75 -19.90 30.76
N GLU B 1145 13.60 -20.45 30.37
CA GLU B 1145 13.49 -21.90 30.24
C GLU B 1145 14.28 -22.42 29.05
N LYS B 1146 14.28 -21.67 27.94
CA LYS B 1146 15.00 -22.11 26.75
C LYS B 1146 16.48 -21.80 26.83
N ALA B 1147 16.90 -20.89 27.72
CA ALA B 1147 18.30 -20.48 27.76
C ALA B 1147 19.20 -21.60 28.25
N GLU B 1148 18.79 -22.28 29.32
CA GLU B 1148 19.62 -23.34 29.87
C GLU B 1148 19.70 -24.52 28.91
N GLN B 1149 18.66 -24.74 28.12
CA GLN B 1149 18.70 -25.80 27.11
C GLN B 1149 19.69 -25.46 26.00
N LEU B 1150 19.69 -24.21 25.54
CA LEU B 1150 20.58 -23.82 24.45
C LEU B 1150 22.02 -23.65 24.92
N PHE B 1151 22.22 -23.22 26.16
CA PHE B 1151 23.58 -23.11 26.70
C PHE B 1151 24.23 -24.48 26.80
N ALA B 1152 23.45 -25.51 27.14
CA ALA B 1152 24.00 -26.86 27.21
C ALA B 1152 24.36 -27.38 25.81
N LYS B 1153 23.56 -27.03 24.81
CA LYS B 1153 23.84 -27.45 23.44
C LYS B 1153 25.08 -26.74 22.89
N ALA B 1154 25.27 -25.46 23.25
CA ALA B 1154 26.42 -24.73 22.74
C ALA B 1154 27.72 -25.31 23.27
N GLU B 1155 27.74 -25.73 24.54
CA GLU B 1155 28.96 -26.33 25.09
C GLU B 1155 29.18 -27.73 24.53
N ALA B 1156 28.11 -28.48 24.29
CA ALA B 1156 28.26 -29.81 23.73
C ALA B 1156 28.73 -29.75 22.28
N ASP B 1157 28.28 -28.75 21.52
CA ASP B 1157 28.72 -28.60 20.15
C ASP B 1157 30.19 -28.18 20.07
N ALA B 1158 30.66 -27.40 21.04
CA ALA B 1158 32.06 -26.99 21.05
C ALA B 1158 32.96 -28.13 21.46
N LYS B 1159 32.50 -29.02 22.35
CA LYS B 1159 33.32 -30.17 22.72
C LYS B 1159 33.38 -31.20 21.61
N ALA B 1160 32.25 -31.44 20.93
CA ALA B 1160 32.24 -32.40 19.83
C ALA B 1160 33.05 -31.89 18.63
N ARG B 1161 33.08 -30.58 18.41
CA ARG B 1161 33.86 -30.04 17.30
C ARG B 1161 35.36 -30.16 17.57
N LEU B 1162 35.77 -29.94 18.81
CA LEU B 1162 37.20 -30.02 19.13
C LEU B 1162 37.74 -31.44 18.97
N GLU B 1163 36.97 -32.43 19.42
CA GLU B 1163 37.40 -33.81 19.26
C GLU B 1163 37.43 -34.21 17.80
N GLN B 1164 36.60 -33.57 16.96
CA GLN B 1164 36.63 -33.84 15.53
C GLN B 1164 37.91 -33.31 14.91
N TYR B 1165 38.40 -32.17 15.40
CA TYR B 1165 39.69 -31.66 14.95
C TYR B 1165 40.85 -32.46 15.53
N LYS B 1166 40.65 -33.09 16.70
CA LYS B 1166 41.71 -33.90 17.29
C LYS B 1166 41.91 -35.20 16.52
N LYS B 1167 40.82 -35.79 16.01
CA LYS B 1167 40.95 -37.01 15.22
C LYS B 1167 41.67 -36.73 13.91
N LEU B 1168 41.45 -35.56 13.32
CA LEU B 1168 42.13 -35.18 12.09
C LEU B 1168 43.63 -35.01 12.31
N ALA B 1169 44.04 -34.66 13.54
CA ALA B 1169 45.45 -34.51 13.85
C ALA B 1169 46.11 -35.83 14.20
N GLU B 1170 45.37 -36.75 14.83
CA GLU B 1170 45.91 -38.05 15.20
C GLU B 1170 45.98 -38.97 14.00
N PRO C 2 37.15 -14.65 -46.84
CA PRO C 2 36.59 -15.82 -47.50
C PRO C 2 35.11 -16.04 -47.16
N LYS C 3 34.43 -16.87 -47.93
CA LYS C 3 33.02 -17.20 -47.69
C LYS C 3 32.92 -18.54 -46.99
N GLN C 4 32.23 -18.57 -45.85
CA GLN C 4 32.02 -19.80 -45.09
C GLN C 4 30.56 -19.92 -44.72
N THR C 5 30.10 -21.16 -44.59
CA THR C 5 28.73 -21.43 -44.17
C THR C 5 28.72 -21.64 -42.65
N LEU C 6 28.21 -20.65 -41.93
CA LEU C 6 28.20 -20.66 -40.47
C LEU C 6 26.78 -20.41 -39.97
N ASP C 7 26.63 -20.50 -38.66
CA ASP C 7 25.43 -20.07 -37.96
C ASP C 7 25.71 -18.79 -37.18
N GLY C 8 24.64 -18.20 -36.64
CA GLY C 8 24.80 -16.96 -35.89
C GLY C 8 25.75 -17.11 -34.71
N ASN C 9 25.65 -18.24 -34.00
CA ASN C 9 26.51 -18.47 -32.84
C ASN C 9 27.98 -18.48 -33.22
N THR C 10 28.33 -19.21 -34.28
CA THR C 10 29.73 -19.29 -34.68
C THR C 10 30.24 -17.95 -35.18
N ALA C 11 29.40 -17.22 -35.93
CA ALA C 11 29.80 -15.91 -36.42
C ALA C 11 30.11 -14.96 -35.27
N ALA C 12 29.34 -15.04 -34.18
CA ALA C 12 29.62 -14.17 -33.03
C ALA C 12 30.92 -14.58 -32.36
N ALA C 13 31.09 -15.88 -32.10
CA ALA C 13 32.32 -16.35 -31.45
C ALA C 13 33.55 -16.02 -32.27
N HIS C 14 33.43 -16.05 -33.60
CA HIS C 14 34.54 -15.65 -34.46
C HIS C 14 35.03 -14.25 -34.10
N VAL C 15 34.11 -13.29 -34.03
CA VAL C 15 34.50 -11.92 -33.72
C VAL C 15 34.91 -11.78 -32.26
N ALA C 16 34.14 -12.41 -31.35
CA ALA C 16 34.44 -12.28 -29.93
C ALA C 16 35.81 -12.84 -29.59
N TYR C 17 36.19 -13.96 -30.21
CA TYR C 17 37.48 -14.58 -29.90
C TYR C 17 38.63 -13.65 -30.28
N ALA C 18 38.53 -12.98 -31.43
CA ALA C 18 39.62 -12.13 -31.89
C ALA C 18 39.85 -10.94 -30.98
N MET C 19 38.78 -10.39 -30.41
CA MET C 19 38.86 -9.12 -29.72
C MET C 19 38.98 -9.25 -28.21
N SER C 20 39.00 -10.46 -27.67
CA SER C 20 38.93 -10.66 -26.23
C SER C 20 40.12 -11.47 -25.73
N GLU C 21 40.54 -11.18 -24.50
CA GLU C 21 41.58 -11.94 -23.82
C GLU C 21 41.01 -12.97 -22.87
N VAL C 22 39.92 -12.65 -22.17
CA VAL C 22 39.26 -13.55 -21.24
C VAL C 22 37.80 -13.65 -21.62
N ALA C 23 37.22 -14.84 -21.43
CA ALA C 23 35.78 -15.05 -21.64
C ALA C 23 35.29 -15.98 -20.54
N THR C 24 34.57 -15.42 -19.56
CA THR C 24 33.97 -16.22 -18.52
C THR C 24 32.57 -16.62 -18.96
N ILE C 25 32.30 -17.93 -18.93
CA ILE C 25 31.10 -18.45 -19.57
C ILE C 25 30.40 -19.42 -18.63
N TYR C 26 29.13 -19.66 -18.93
CA TYR C 26 28.27 -20.59 -18.25
C TYR C 26 27.24 -21.01 -19.28
N PRO C 27 26.92 -22.29 -19.38
CA PRO C 27 26.08 -22.76 -20.48
C PRO C 27 24.61 -22.44 -20.30
N ILE C 28 23.97 -21.99 -21.39
CA ILE C 28 22.52 -21.90 -21.47
C ILE C 28 22.12 -21.87 -22.94
N THR C 29 21.19 -22.73 -23.32
CA THR C 29 20.68 -22.74 -24.68
C THR C 29 19.93 -21.44 -24.96
N PRO C 30 20.07 -20.84 -26.16
CA PRO C 30 20.89 -21.25 -27.31
C PRO C 30 22.21 -20.50 -27.43
N SER C 31 22.73 -19.99 -26.31
CA SER C 31 23.98 -19.25 -26.35
C SER C 31 25.20 -20.12 -26.08
N SER C 32 25.00 -21.29 -25.47
CA SER C 32 26.14 -22.14 -25.12
C SER C 32 26.99 -22.57 -26.32
N PRO C 33 26.46 -22.79 -27.53
CA PRO C 33 27.35 -23.05 -28.68
C PRO C 33 28.42 -21.98 -28.89
N MET C 34 28.16 -20.72 -28.53
CA MET C 34 29.20 -19.69 -28.63
C MET C 34 30.38 -20.03 -27.73
N ALA C 35 30.10 -20.48 -26.50
CA ALA C 35 31.16 -20.81 -25.56
C ALA C 35 31.83 -22.14 -25.87
N GLU C 36 31.10 -23.09 -26.48
CA GLU C 36 31.69 -24.39 -26.81
C GLU C 36 32.78 -24.25 -27.88
N ILE C 37 32.48 -23.50 -28.95
CA ILE C 37 33.44 -23.36 -30.05
C ILE C 37 34.58 -22.44 -29.67
N ALA C 38 34.36 -21.50 -28.75
CA ALA C 38 35.46 -20.66 -28.29
C ALA C 38 36.44 -21.47 -27.45
N ASP C 39 35.95 -22.43 -26.67
CA ASP C 39 36.82 -23.30 -25.88
C ASP C 39 37.64 -24.23 -26.78
N GLU C 40 37.02 -24.78 -27.82
CA GLU C 40 37.74 -25.67 -28.71
C GLU C 40 38.87 -24.93 -29.43
N TRP C 41 38.59 -23.71 -29.89
CA TRP C 41 39.62 -22.92 -30.54
C TRP C 41 40.78 -22.64 -29.59
N ALA C 42 40.47 -22.32 -28.33
CA ALA C 42 41.53 -22.11 -27.35
C ALA C 42 42.33 -23.38 -27.11
N ALA C 43 41.64 -24.52 -27.05
CA ALA C 43 42.34 -25.79 -26.84
C ALA C 43 43.26 -26.12 -28.01
N HIS C 44 42.90 -25.68 -29.21
CA HIS C 44 43.72 -25.90 -30.40
C HIS C 44 44.58 -24.69 -30.75
N GLY C 45 44.59 -23.66 -29.91
CA GLY C 45 45.58 -22.60 -30.04
C GLY C 45 45.29 -21.52 -31.04
N ARG C 46 44.02 -21.22 -31.31
CA ARG C 46 43.69 -20.09 -32.18
C ARG C 46 44.13 -18.79 -31.52
N LYS C 47 44.74 -17.91 -32.30
CA LYS C 47 45.26 -16.65 -31.80
C LYS C 47 44.24 -15.54 -32.01
N ASN C 48 44.09 -14.67 -31.01
CA ASN C 48 43.26 -13.48 -31.13
C ASN C 48 44.10 -12.35 -31.72
N ILE C 49 43.54 -11.14 -31.80
CA ILE C 49 44.28 -10.01 -32.37
C ILE C 49 45.48 -9.59 -31.53
N PHE C 50 45.64 -10.15 -30.33
CA PHE C 50 46.80 -9.86 -29.50
C PHE C 50 47.84 -10.97 -29.53
N GLY C 51 47.67 -11.97 -30.40
CA GLY C 51 48.64 -13.03 -30.55
C GLY C 51 48.63 -14.12 -29.50
N LYS C 52 47.62 -14.15 -28.63
CA LYS C 52 47.52 -15.15 -27.58
C LYS C 52 46.20 -15.90 -27.72
N THR C 53 46.07 -16.98 -26.95
CA THR C 53 44.84 -17.75 -26.93
C THR C 53 43.87 -17.16 -25.91
N LEU C 54 42.58 -17.25 -26.23
CA LEU C 54 41.55 -16.77 -25.31
C LEU C 54 41.49 -17.66 -24.09
N GLN C 55 41.41 -17.05 -22.90
CA GLN C 55 41.28 -17.80 -21.65
C GLN C 55 39.81 -17.91 -21.32
N VAL C 56 39.29 -19.14 -21.34
CA VAL C 56 37.88 -19.41 -21.08
C VAL C 56 37.76 -19.98 -19.67
N ALA C 57 36.95 -19.34 -18.83
CA ALA C 57 36.75 -19.74 -17.45
C ALA C 57 35.27 -20.00 -17.20
N GLU C 58 34.94 -21.21 -16.77
CA GLU C 58 33.57 -21.56 -16.43
C GLU C 58 33.33 -21.28 -14.95
N MET C 59 32.23 -20.57 -14.65
CA MET C 59 31.90 -20.22 -13.29
C MET C 59 30.76 -21.11 -12.79
N GLN C 60 30.32 -20.86 -11.56
CA GLN C 60 29.24 -21.67 -11.00
C GLN C 60 27.88 -21.17 -11.45
N SER C 61 27.81 -19.99 -12.06
CA SER C 61 26.57 -19.44 -12.59
C SER C 61 26.95 -18.24 -13.46
N GLU C 62 25.95 -17.69 -14.14
CA GLU C 62 26.19 -16.47 -14.91
C GLU C 62 26.49 -15.30 -14.00
N ALA C 63 25.95 -15.33 -12.77
CA ALA C 63 26.29 -14.31 -11.78
C ALA C 63 27.77 -14.35 -11.45
N GLY C 64 28.32 -15.55 -11.27
CA GLY C 64 29.76 -15.67 -11.08
C GLY C 64 30.53 -15.25 -12.30
N ALA C 65 30.00 -15.55 -13.49
CA ALA C 65 30.64 -15.09 -14.72
C ALA C 65 30.63 -13.57 -14.79
N ALA C 66 29.50 -12.95 -14.45
CA ALA C 66 29.40 -11.50 -14.51
C ALA C 66 30.36 -10.84 -13.53
N GLY C 67 30.47 -11.39 -12.31
CA GLY C 67 31.42 -10.86 -11.35
C GLY C 67 32.85 -11.01 -11.80
N ALA C 68 33.17 -12.16 -12.41
CA ALA C 68 34.53 -12.37 -12.89
C ALA C 68 34.88 -11.43 -14.05
N VAL C 69 33.90 -11.14 -14.91
CA VAL C 69 34.12 -10.14 -15.96
C VAL C 69 34.47 -8.80 -15.34
N HIS C 70 33.69 -8.38 -14.34
CA HIS C 70 33.92 -7.08 -13.70
C HIS C 70 35.31 -7.02 -13.08
N GLY C 71 35.70 -8.07 -12.37
CA GLY C 71 37.04 -8.09 -11.79
C GLY C 71 38.12 -8.11 -12.85
N SER C 72 37.95 -8.93 -13.89
CA SER C 72 38.94 -9.01 -14.94
C SER C 72 39.06 -7.68 -15.69
N LEU C 73 37.93 -7.00 -15.92
CA LEU C 73 37.98 -5.70 -16.58
C LEU C 73 38.71 -4.68 -15.74
N ALA C 74 38.38 -4.60 -14.45
CA ALA C 74 39.00 -3.60 -13.58
C ALA C 74 40.49 -3.81 -13.42
N ALA C 75 40.99 -5.03 -13.64
CA ALA C 75 42.40 -5.31 -13.47
C ALA C 75 43.20 -5.20 -14.76
N GLY C 76 42.54 -5.00 -15.89
CA GLY C 76 43.19 -4.67 -17.14
C GLY C 76 43.19 -5.69 -18.26
N ALA C 77 42.23 -6.62 -18.29
CA ALA C 77 42.12 -7.59 -19.36
C ALA C 77 40.78 -7.44 -20.06
N LEU C 78 40.82 -7.33 -21.38
CA LEU C 78 39.60 -7.26 -22.17
C LEU C 78 38.85 -8.58 -22.09
N THR C 79 37.61 -8.53 -21.61
CA THR C 79 36.85 -9.73 -21.28
C THR C 79 35.48 -9.66 -21.95
N THR C 80 35.00 -10.83 -22.35
CA THR C 80 33.68 -10.96 -22.96
C THR C 80 32.95 -12.13 -22.31
N THR C 81 31.69 -12.33 -22.72
CA THR C 81 30.91 -13.46 -22.25
C THR C 81 29.77 -13.69 -23.23
N PHE C 82 29.15 -14.86 -23.11
CA PHE C 82 28.01 -15.26 -23.91
C PHE C 82 26.95 -15.81 -22.99
N THR C 83 25.69 -15.40 -23.19
CA THR C 83 24.63 -15.82 -22.29
C THR C 83 23.28 -15.57 -22.97
N ALA C 84 22.20 -15.82 -22.21
CA ALA C 84 20.83 -15.66 -22.68
C ALA C 84 19.88 -15.85 -21.51
N SER C 85 18.66 -15.30 -21.68
CA SER C 85 17.46 -15.68 -20.91
C SER C 85 17.77 -15.59 -19.40
N GLN C 86 17.52 -16.65 -18.62
CA GLN C 86 17.74 -16.60 -17.18
C GLN C 86 19.17 -16.20 -16.85
N GLY C 87 20.12 -16.56 -17.70
CA GLY C 87 21.50 -16.20 -17.44
C GLY C 87 21.74 -14.70 -17.51
N LEU C 88 21.15 -14.02 -18.50
CA LEU C 88 21.33 -12.58 -18.58
C LEU C 88 20.75 -11.88 -17.36
N LEU C 89 19.62 -12.38 -16.84
CA LEU C 89 19.05 -11.79 -15.64
C LEU C 89 20.04 -11.83 -14.48
N LEU C 90 20.70 -12.96 -14.28
CA LEU C 90 21.65 -13.10 -13.18
C LEU C 90 22.89 -12.21 -13.35
N MET C 91 23.12 -11.68 -14.55
CA MET C 91 24.22 -10.76 -14.77
C MET C 91 23.81 -9.31 -14.57
N ILE C 92 22.50 -9.04 -14.46
CA ILE C 92 22.03 -7.65 -14.39
C ILE C 92 22.65 -6.88 -13.23
N PRO C 93 22.80 -7.45 -12.02
CA PRO C 93 23.44 -6.66 -10.96
C PRO C 93 24.85 -6.21 -11.31
N ASN C 94 25.64 -7.09 -11.93
CA ASN C 94 26.99 -6.69 -12.33
C ASN C 94 26.97 -5.77 -13.53
N MET C 95 25.92 -5.83 -14.35
CA MET C 95 25.84 -4.93 -15.51
C MET C 95 25.73 -3.49 -15.06
N TYR C 96 24.99 -3.23 -13.97
CA TYR C 96 24.94 -1.88 -13.42
C TYR C 96 26.33 -1.42 -12.97
N LYS C 97 27.11 -2.33 -12.38
CA LYS C 97 28.44 -1.96 -11.93
C LYS C 97 29.36 -1.70 -13.12
N ILE C 98 29.33 -2.59 -14.12
CA ILE C 98 30.20 -2.46 -15.29
C ILE C 98 29.87 -1.20 -16.07
N ALA C 99 28.56 -0.93 -16.27
CA ALA C 99 28.18 0.27 -16.99
C ALA C 99 28.52 1.52 -16.19
N GLY C 100 28.27 1.50 -14.88
CA GLY C 100 28.58 2.66 -14.06
C GLY C 100 30.05 3.00 -14.00
N GLU C 101 30.90 1.98 -14.11
CA GLU C 101 32.35 2.19 -14.09
C GLU C 101 32.93 2.40 -15.48
N LEU C 102 32.09 2.46 -16.52
CA LEU C 102 32.49 2.80 -17.88
C LEU C 102 33.65 1.91 -18.36
N LEU C 103 33.39 0.61 -18.33
CA LEU C 103 34.36 -0.38 -18.76
C LEU C 103 34.01 -0.89 -20.14
N PRO C 104 34.97 -0.97 -21.06
CA PRO C 104 34.68 -1.52 -22.39
C PRO C 104 34.41 -3.01 -22.31
N CYS C 105 33.30 -3.44 -22.92
CA CYS C 105 32.87 -4.82 -22.74
C CYS C 105 31.79 -5.13 -23.75
N VAL C 106 31.68 -6.41 -24.12
CA VAL C 106 30.65 -6.89 -25.04
C VAL C 106 30.06 -8.17 -24.47
N PHE C 107 28.75 -8.15 -24.19
CA PHE C 107 28.00 -9.35 -23.90
C PHE C 107 27.30 -9.80 -25.18
N HIS C 108 27.59 -11.01 -25.63
CA HIS C 108 26.93 -11.58 -26.79
C HIS C 108 25.78 -12.45 -26.30
N VAL C 109 24.56 -12.10 -26.70
CA VAL C 109 23.35 -12.71 -26.17
C VAL C 109 22.58 -13.36 -27.30
N ALA C 110 22.29 -14.65 -27.16
CA ALA C 110 21.37 -15.35 -28.04
C ALA C 110 19.98 -15.21 -27.43
N ALA C 111 19.30 -14.12 -27.79
CA ALA C 111 18.08 -13.69 -27.12
C ALA C 111 17.06 -14.83 -27.01
N ARG C 112 16.67 -15.13 -25.76
CA ARG C 112 15.77 -16.23 -25.47
C ARG C 112 14.74 -15.78 -24.43
N ALA C 113 13.53 -16.34 -24.52
CA ALA C 113 12.44 -16.01 -23.62
C ALA C 113 12.79 -16.30 -22.16
N LEU C 114 12.12 -15.59 -21.27
CA LEU C 114 12.28 -15.80 -19.85
C LEU C 114 11.22 -16.78 -19.33
N SER C 115 11.57 -17.50 -18.28
CA SER C 115 10.67 -18.47 -17.69
C SER C 115 9.60 -17.74 -16.90
N THR C 116 8.34 -17.83 -17.37
CA THR C 116 7.23 -17.13 -16.77
C THR C 116 6.16 -18.09 -16.29
N HIS C 117 5.05 -18.18 -17.03
CA HIS C 117 4.08 -19.22 -16.73
C HIS C 117 4.65 -20.61 -17.03
N ALA C 118 5.70 -20.66 -17.84
CA ALA C 118 6.33 -21.92 -18.23
C ALA C 118 7.73 -21.59 -18.75
N LEU C 119 8.58 -22.61 -18.80
CA LEU C 119 9.91 -22.46 -19.36
C LEU C 119 9.85 -22.47 -20.89
N SER C 120 10.72 -21.66 -21.51
CA SER C 120 10.86 -21.65 -22.96
C SER C 120 12.33 -21.41 -23.30
N ILE C 121 12.95 -22.37 -23.97
CA ILE C 121 14.33 -22.22 -24.41
C ILE C 121 14.46 -21.46 -25.71
N PHE C 122 13.35 -20.99 -26.27
CA PHE C 122 13.35 -20.43 -27.61
C PHE C 122 13.43 -18.91 -27.57
N GLY C 123 13.51 -18.30 -28.75
CA GLY C 123 14.05 -16.96 -28.87
C GLY C 123 13.01 -15.86 -28.85
N ASP C 124 13.27 -14.84 -28.05
CA ASP C 124 12.65 -13.52 -28.17
C ASP C 124 13.49 -12.53 -27.36
N HIS C 125 13.01 -11.28 -27.30
CA HIS C 125 13.80 -10.20 -26.74
C HIS C 125 13.47 -9.91 -25.27
N ALA C 126 12.78 -10.83 -24.58
CA ALA C 126 12.43 -10.60 -23.19
C ALA C 126 13.67 -10.40 -22.33
N ASP C 127 14.71 -11.20 -22.57
CA ASP C 127 15.91 -11.10 -21.74
C ASP C 127 16.65 -9.78 -21.98
N VAL C 128 16.81 -9.39 -23.25
CA VAL C 128 17.53 -8.16 -23.56
C VAL C 128 16.77 -6.96 -23.02
N MET C 129 15.44 -6.95 -23.14
CA MET C 129 14.66 -5.83 -22.64
C MET C 129 14.74 -5.70 -21.13
N ALA C 130 14.91 -6.81 -20.42
CA ALA C 130 14.99 -6.79 -18.96
C ALA C 130 16.26 -6.14 -18.44
N ALA C 131 17.24 -5.87 -19.31
CA ALA C 131 18.47 -5.20 -18.91
C ALA C 131 18.63 -3.84 -19.60
N ARG C 132 17.58 -3.32 -20.24
CA ARG C 132 17.72 -2.11 -21.04
C ARG C 132 17.98 -0.86 -20.21
N GLN C 133 17.81 -0.92 -18.89
CA GLN C 133 18.02 0.21 -18.02
C GLN C 133 19.33 0.10 -17.23
N THR C 134 20.17 -0.87 -17.56
CA THR C 134 21.43 -1.07 -16.86
C THR C 134 22.49 -0.06 -17.25
N GLY C 135 22.31 0.62 -18.37
CA GLY C 135 23.33 1.49 -18.91
C GLY C 135 24.20 0.85 -19.97
N PHE C 136 23.99 -0.42 -20.27
CA PHE C 136 24.66 -1.02 -21.41
C PHE C 136 24.08 -0.47 -22.71
N ALA C 137 24.94 -0.33 -23.71
CA ALA C 137 24.47 -0.10 -25.06
C ALA C 137 23.87 -1.38 -25.62
N MET C 138 23.01 -1.24 -26.63
CA MET C 138 22.34 -2.40 -27.22
C MET C 138 22.33 -2.29 -28.74
N LEU C 139 22.93 -3.28 -29.40
CA LEU C 139 23.09 -3.33 -30.84
C LEU C 139 22.51 -4.64 -31.35
N SER C 140 21.61 -4.57 -32.31
CA SER C 140 20.84 -5.74 -32.74
C SER C 140 21.25 -6.16 -34.15
N SER C 141 21.52 -7.46 -34.32
CA SER C 141 21.79 -8.07 -35.61
C SER C 141 20.60 -8.92 -36.03
N ALA C 142 20.23 -8.80 -37.32
CA ALA C 142 19.04 -9.48 -37.83
C ALA C 142 19.35 -10.72 -38.65
N SER C 143 20.58 -10.89 -39.12
CA SER C 143 20.94 -12.03 -39.95
C SER C 143 22.34 -12.51 -39.56
N VAL C 144 22.69 -13.70 -40.04
CA VAL C 144 23.99 -14.28 -39.70
C VAL C 144 25.10 -13.41 -40.24
N GLN C 145 24.89 -12.80 -41.41
CA GLN C 145 25.87 -11.85 -41.93
C GLN C 145 26.01 -10.65 -40.99
N GLU C 146 24.89 -10.18 -40.44
CA GLU C 146 24.96 -9.01 -39.57
C GLU C 146 25.57 -9.35 -38.21
N VAL C 147 25.40 -10.59 -37.75
CA VAL C 147 26.08 -11.03 -36.53
C VAL C 147 27.59 -10.88 -36.69
N MET C 148 28.11 -11.27 -37.86
CA MET C 148 29.54 -11.10 -38.13
C MET C 148 29.93 -9.63 -38.14
N ASP C 149 29.18 -8.81 -38.87
CA ASP C 149 29.57 -7.41 -39.05
C ASP C 149 29.37 -6.61 -37.77
N LEU C 150 28.19 -6.69 -37.17
CA LEU C 150 27.85 -5.84 -36.04
C LEU C 150 28.54 -6.26 -34.74
N ALA C 151 28.94 -7.52 -34.61
CA ALA C 151 29.79 -7.91 -33.48
C ALA C 151 31.11 -7.15 -33.54
N LEU C 152 31.69 -7.06 -34.75
CA LEU C 152 32.89 -6.25 -34.93
C LEU C 152 32.61 -4.78 -34.62
N VAL C 153 31.42 -4.30 -34.99
CA VAL C 153 31.05 -2.92 -34.67
C VAL C 153 30.98 -2.73 -33.16
N ALA C 154 30.39 -3.70 -32.45
CA ALA C 154 30.24 -3.58 -31.00
C ALA C 154 31.59 -3.58 -30.29
N HIS C 155 32.49 -4.49 -30.68
CA HIS C 155 33.79 -4.56 -30.03
C HIS C 155 34.62 -3.30 -30.31
N LEU C 156 34.51 -2.75 -31.51
CA LEU C 156 35.26 -1.54 -31.84
C LEU C 156 34.68 -0.31 -31.15
N ALA C 157 33.34 -0.23 -31.05
CA ALA C 157 32.72 0.96 -30.49
C ALA C 157 32.90 1.03 -28.97
N THR C 158 32.81 -0.12 -28.29
CA THR C 158 32.92 -0.09 -26.83
C THR C 158 34.30 0.34 -26.37
N LEU C 159 35.34 0.07 -27.18
CA LEU C 159 36.67 0.57 -26.85
C LEU C 159 36.73 2.09 -26.92
N LYS C 160 36.06 2.66 -27.93
CA LYS C 160 36.09 4.11 -28.11
C LYS C 160 35.17 4.82 -27.14
N ALA C 161 33.98 4.26 -26.89
CA ALA C 161 32.93 4.95 -26.13
C ALA C 161 32.99 4.70 -24.64
N ARG C 162 33.73 3.68 -24.19
CA ARG C 162 33.77 3.24 -22.80
C ARG C 162 32.42 2.78 -22.27
N VAL C 163 31.42 2.63 -23.13
CA VAL C 163 30.10 2.17 -22.74
C VAL C 163 29.99 0.69 -23.10
N PRO C 164 29.63 -0.18 -22.16
CA PRO C 164 29.57 -1.61 -22.47
C PRO C 164 28.42 -1.93 -23.40
N PHE C 165 28.60 -2.97 -24.22
CA PHE C 165 27.65 -3.32 -25.27
C PHE C 165 27.03 -4.69 -25.01
N VAL C 166 25.73 -4.79 -25.26
CA VAL C 166 25.04 -6.06 -25.43
C VAL C 166 24.76 -6.21 -26.91
N HIS C 167 25.45 -7.13 -27.57
CA HIS C 167 25.20 -7.46 -28.98
C HIS C 167 24.33 -8.71 -29.03
N PHE C 168 23.08 -8.57 -29.46
CA PHE C 168 22.12 -9.65 -29.38
C PHE C 168 21.53 -9.96 -30.75
N PHE C 169 21.26 -11.25 -30.96
CA PHE C 169 20.59 -11.74 -32.15
C PHE C 169 19.60 -12.81 -31.73
N ASP C 170 18.57 -13.00 -32.56
CA ASP C 170 17.45 -13.84 -32.20
C ASP C 170 17.88 -15.29 -31.97
N GLY C 171 17.49 -15.84 -30.82
CA GLY C 171 17.84 -17.21 -30.50
C GLY C 171 17.20 -18.18 -31.47
N PHE C 172 17.98 -19.18 -31.89
CA PHE C 172 17.58 -20.20 -32.86
C PHE C 172 17.32 -19.61 -34.23
N ARG C 173 16.40 -18.63 -34.31
CA ARG C 173 16.06 -18.05 -35.59
C ARG C 173 17.28 -17.45 -36.28
N THR C 174 18.26 -16.96 -35.52
CA THR C 174 19.53 -16.47 -36.04
C THR C 174 20.73 -17.22 -35.48
N SER C 175 20.69 -17.59 -34.19
CA SER C 175 21.83 -18.28 -33.59
C SER C 175 22.04 -19.67 -34.19
N HIS C 176 20.98 -20.31 -34.67
CA HIS C 176 21.07 -21.65 -35.24
C HIS C 176 20.75 -21.69 -36.74
N GLU C 177 20.50 -20.55 -37.36
CA GLU C 177 20.33 -20.50 -38.81
C GLU C 177 21.71 -20.53 -39.45
N VAL C 178 21.94 -21.53 -40.30
CA VAL C 178 23.21 -21.66 -41.00
C VAL C 178 23.11 -20.96 -42.34
N GLN C 179 24.08 -20.08 -42.63
CA GLN C 179 24.07 -19.31 -43.85
C GLN C 179 25.50 -19.14 -44.36
N LYS C 180 25.64 -19.06 -45.68
CA LYS C 180 26.92 -18.77 -46.30
C LYS C 180 27.15 -17.27 -46.25
N ILE C 181 28.16 -16.83 -45.49
CA ILE C 181 28.41 -15.43 -45.23
C ILE C 181 29.87 -15.10 -45.52
N ASP C 182 30.16 -13.81 -45.63
CA ASP C 182 31.54 -13.33 -45.74
C ASP C 182 32.16 -13.24 -44.35
N VAL C 183 33.24 -13.99 -44.14
CA VAL C 183 33.93 -14.02 -42.86
C VAL C 183 35.06 -13.00 -42.88
N ILE C 184 35.18 -12.23 -41.81
CA ILE C 184 36.16 -11.16 -41.71
C ILE C 184 37.45 -11.72 -41.12
N GLU C 185 38.58 -11.47 -41.78
CA GLU C 185 39.86 -11.96 -41.28
C GLU C 185 40.25 -11.23 -40.00
N TYR C 186 40.88 -11.96 -39.07
CA TYR C 186 41.25 -11.36 -37.78
C TYR C 186 42.20 -10.19 -37.94
N GLU C 187 43.18 -10.30 -38.85
CA GLU C 187 44.16 -9.23 -38.96
C GLU C 187 43.55 -7.96 -39.53
N ASP C 188 42.52 -8.08 -40.39
CA ASP C 188 41.86 -6.89 -40.91
C ASP C 188 41.08 -6.17 -39.83
N MET C 189 40.50 -6.91 -38.87
CA MET C 189 39.84 -6.28 -37.74
C MET C 189 40.82 -5.42 -36.94
N ALA C 190 42.02 -5.94 -36.69
CA ALA C 190 43.02 -5.21 -35.93
C ALA C 190 43.45 -3.91 -36.62
N LYS C 191 43.28 -3.80 -37.93
CA LYS C 191 43.59 -2.55 -38.62
C LYS C 191 42.59 -1.44 -38.31
N LEU C 192 41.47 -1.76 -37.68
CA LEU C 192 40.45 -0.78 -37.32
C LEU C 192 40.40 -0.50 -35.82
N VAL C 193 41.09 -1.29 -35.00
CA VAL C 193 41.00 -1.15 -33.55
C VAL C 193 41.66 0.16 -33.11
N ASP C 194 41.03 0.85 -32.16
CA ASP C 194 41.62 2.03 -31.55
C ASP C 194 42.62 1.55 -30.50
N TRP C 195 43.88 1.42 -30.92
CA TRP C 195 44.90 0.91 -30.02
C TRP C 195 45.25 1.91 -28.93
N ASP C 196 45.12 3.21 -29.22
CA ASP C 196 45.29 4.22 -28.18
C ASP C 196 44.29 4.02 -27.05
N ALA C 197 43.04 3.68 -27.40
CA ALA C 197 42.03 3.46 -26.37
C ALA C 197 42.35 2.25 -25.52
N ILE C 198 42.96 1.22 -26.10
CA ILE C 198 43.33 0.04 -25.34
C ILE C 198 44.43 0.37 -24.34
N ARG C 199 45.44 1.14 -24.78
CA ARG C 199 46.53 1.51 -23.87
C ARG C 199 46.02 2.39 -22.73
N ALA C 200 45.08 3.29 -23.02
CA ALA C 200 44.50 4.10 -21.96
C ALA C 200 43.69 3.25 -20.99
N PHE C 201 43.04 2.21 -21.50
CA PHE C 201 42.28 1.31 -20.63
C PHE C 201 43.19 0.54 -19.68
N ARG C 202 44.43 0.26 -20.09
CA ARG C 202 45.36 -0.42 -19.21
C ARG C 202 45.79 0.46 -18.04
N GLN C 203 45.93 1.77 -18.27
CA GLN C 203 46.42 2.64 -17.21
C GLN C 203 45.40 2.80 -16.08
N ARG C 204 44.12 2.67 -16.38
CA ARG C 204 43.09 2.79 -15.35
C ARG C 204 42.89 1.51 -14.54
N ALA C 205 43.69 0.49 -14.80
CA ALA C 205 43.54 -0.80 -14.13
C ALA C 205 44.05 -0.74 -12.69
N LEU C 206 43.50 -1.60 -11.85
CA LEU C 206 43.96 -1.75 -10.48
C LEU C 206 45.38 -2.31 -10.46
N ASN C 207 46.31 -1.55 -9.87
CA ASN C 207 47.69 -1.96 -9.82
C ASN C 207 48.33 -1.34 -8.58
N PRO C 208 49.04 -2.13 -7.76
CA PRO C 208 49.59 -1.57 -6.51
C PRO C 208 50.64 -0.50 -6.72
N GLU C 209 51.25 -0.42 -7.91
CA GLU C 209 52.28 0.57 -8.18
C GLU C 209 51.71 1.90 -8.63
N HIS C 210 50.42 1.97 -8.93
CA HIS C 210 49.71 3.24 -9.12
C HIS C 210 48.27 3.04 -8.68
N PRO C 211 48.03 2.98 -7.37
CA PRO C 211 46.74 2.52 -6.86
C PRO C 211 45.65 3.57 -6.92
N HIS C 212 44.42 3.07 -6.87
CA HIS C 212 43.22 3.89 -6.78
C HIS C 212 42.14 3.08 -6.09
N GLN C 213 41.02 3.74 -5.79
CA GLN C 213 39.89 3.10 -5.14
C GLN C 213 38.67 3.26 -6.02
N ARG C 214 37.92 2.17 -6.21
CA ARG C 214 36.72 2.20 -7.04
C ARG C 214 35.62 1.43 -6.32
N GLY C 215 34.38 1.78 -6.67
CA GLY C 215 33.22 1.12 -6.09
C GLY C 215 32.95 1.51 -4.66
N THR C 216 33.08 2.80 -4.33
CA THR C 216 32.88 3.28 -2.97
C THR C 216 31.40 3.34 -2.62
N ALA C 217 31.12 3.63 -1.35
CA ALA C 217 29.77 3.90 -0.88
C ALA C 217 29.63 5.40 -0.67
N GLN C 218 28.53 5.97 -1.19
CA GLN C 218 28.37 7.41 -1.24
C GLN C 218 27.10 7.84 -0.52
N ASN C 219 27.16 9.04 0.06
CA ASN C 219 26.04 9.64 0.77
C ASN C 219 25.12 10.36 -0.22
N PRO C 220 23.96 10.83 0.23
CA PRO C 220 23.07 11.58 -0.69
C PRO C 220 23.66 12.87 -1.21
N ASP C 221 24.77 13.35 -0.63
CA ASP C 221 25.29 14.66 -1.03
C ASP C 221 25.93 14.63 -2.41
N ILE C 222 26.53 13.51 -2.82
CA ILE C 222 27.30 13.52 -4.06
C ILE C 222 26.89 12.40 -5.02
N TYR C 223 25.99 11.51 -4.57
CA TYR C 223 25.65 10.38 -5.43
C TYR C 223 24.94 10.83 -6.71
N PHE C 224 23.99 11.75 -6.58
CA PHE C 224 23.25 12.23 -7.76
C PHE C 224 24.19 12.85 -8.79
N GLN C 225 25.05 13.78 -8.36
CA GLN C 225 25.96 14.43 -9.28
C GLN C 225 26.87 13.42 -9.96
N SER C 226 27.45 12.51 -9.18
CA SER C 226 28.36 11.51 -9.76
C SER C 226 27.64 10.61 -10.77
N ARG C 227 26.34 10.39 -10.57
CA ARG C 227 25.57 9.56 -11.48
C ARG C 227 25.31 10.28 -12.80
N GLU C 228 25.17 11.60 -12.77
CA GLU C 228 24.98 12.36 -13.99
C GLU C 228 26.29 12.70 -14.70
N ALA C 229 27.44 12.41 -14.07
CA ALA C 229 28.72 12.79 -14.65
C ALA C 229 29.09 11.95 -15.87
N ALA C 230 28.43 10.81 -16.06
CA ALA C 230 28.71 9.96 -17.21
C ALA C 230 27.89 10.30 -18.43
N ASN C 231 27.03 11.32 -18.34
CA ASN C 231 26.18 11.69 -19.48
C ASN C 231 26.94 11.98 -20.77
N PRO C 232 28.08 12.69 -20.77
CA PRO C 232 28.77 12.91 -22.05
C PRO C 232 29.16 11.62 -22.75
N TYR C 233 29.48 10.57 -21.99
CA TYR C 233 29.86 9.31 -22.62
C TYR C 233 28.68 8.68 -23.34
N TYR C 234 27.48 8.81 -22.77
CA TYR C 234 26.30 8.25 -23.41
C TYR C 234 25.79 9.12 -24.55
N LEU C 235 26.02 10.43 -24.48
CA LEU C 235 25.64 11.30 -25.60
C LEU C 235 26.51 11.05 -26.83
N ALA C 236 27.78 10.71 -26.64
CA ALA C 236 28.71 10.55 -27.75
C ALA C 236 28.67 9.17 -28.37
N THR C 237 28.06 8.19 -27.69
CA THR C 237 28.06 6.82 -28.20
C THR C 237 27.38 6.69 -29.57
N PRO C 238 26.19 7.28 -29.82
CA PRO C 238 25.61 7.14 -31.17
C PRO C 238 26.53 7.61 -32.28
N GLY C 239 27.20 8.74 -32.09
CA GLY C 239 28.16 9.18 -33.09
C GLY C 239 29.35 8.25 -33.21
N ILE C 240 29.75 7.61 -32.11
CA ILE C 240 30.87 6.68 -32.16
C ILE C 240 30.48 5.41 -32.90
N VAL C 241 29.28 4.88 -32.62
CA VAL C 241 28.82 3.67 -33.32
C VAL C 241 28.69 3.92 -34.81
N ALA C 242 28.23 5.12 -35.19
CA ALA C 242 28.03 5.43 -36.61
C ALA C 242 29.35 5.40 -37.38
N GLN C 243 30.41 5.98 -36.82
CA GLN C 243 31.69 5.98 -37.51
C GLN C 243 32.31 4.58 -37.53
N VAL C 244 32.10 3.81 -36.47
CA VAL C 244 32.58 2.42 -36.47
C VAL C 244 31.85 1.61 -37.53
N MET C 245 30.56 1.88 -37.72
CA MET C 245 29.81 1.19 -38.76
C MET C 245 30.31 1.55 -40.17
N GLU C 246 30.85 2.76 -40.34
CA GLU C 246 31.43 3.14 -41.62
C GLU C 246 32.80 2.52 -41.83
N GLN C 247 33.59 2.36 -40.77
CA GLN C 247 34.85 1.64 -40.89
C GLN C 247 34.61 0.22 -41.35
N VAL C 248 33.63 -0.45 -40.73
CA VAL C 248 33.26 -1.81 -41.14
C VAL C 248 32.72 -1.80 -42.56
N ALA C 249 31.95 -0.75 -42.91
CA ALA C 249 31.45 -0.63 -44.27
C ALA C 249 32.61 -0.44 -45.25
N GLY C 250 33.58 0.40 -44.90
CA GLY C 250 34.74 0.57 -45.74
C GLY C 250 35.56 -0.70 -45.86
N LEU C 251 35.54 -1.55 -44.85
CA LEU C 251 36.30 -2.79 -44.90
C LEU C 251 35.53 -3.90 -45.63
N THR C 252 34.24 -4.03 -45.37
CA THR C 252 33.43 -5.13 -45.90
C THR C 252 32.57 -4.75 -47.09
N GLY C 253 32.32 -3.46 -47.31
CA GLY C 253 31.41 -3.04 -48.33
C GLY C 253 29.95 -3.07 -47.95
N ARG C 254 29.63 -3.54 -46.75
CA ARG C 254 28.25 -3.60 -46.27
C ARG C 254 28.02 -2.41 -45.35
N HIS C 255 27.04 -1.57 -45.69
CA HIS C 255 26.81 -0.32 -44.99
C HIS C 255 25.69 -0.48 -43.98
N TYR C 256 26.01 -0.25 -42.71
CA TYR C 256 25.04 -0.22 -41.64
C TYR C 256 24.92 1.19 -41.07
N HIS C 257 23.74 1.49 -40.52
CA HIS C 257 23.48 2.74 -39.81
C HIS C 257 22.81 2.41 -38.49
N LEU C 258 22.71 3.43 -37.63
CA LEU C 258 22.01 3.23 -36.36
C LEU C 258 20.59 2.75 -36.60
N PHE C 259 19.92 3.36 -37.58
CA PHE C 259 18.62 2.92 -38.07
C PHE C 259 18.69 2.89 -39.59
N ASP C 260 18.35 1.77 -40.19
CA ASP C 260 18.40 1.59 -41.63
C ASP C 260 16.98 1.54 -42.19
N TYR C 261 16.78 2.12 -43.37
CA TYR C 261 15.48 2.16 -44.02
C TYR C 261 15.51 1.38 -45.31
N ALA C 262 14.39 0.71 -45.61
CA ALA C 262 14.23 -0.04 -46.84
C ALA C 262 12.77 0.01 -47.27
N GLY C 263 12.53 0.30 -48.54
CA GLY C 263 11.19 0.36 -49.07
C GLY C 263 11.02 1.58 -49.95
N ALA C 264 9.76 1.92 -50.20
CA ALA C 264 9.44 3.02 -51.09
C ALA C 264 9.93 4.34 -50.49
N PRO C 265 10.56 5.21 -51.27
CA PRO C 265 10.97 6.51 -50.74
C PRO C 265 9.80 7.41 -50.39
N ASP C 266 8.64 7.20 -51.01
CA ASP C 266 7.42 7.96 -50.71
C ASP C 266 6.40 7.10 -49.96
N ALA C 267 6.88 6.20 -49.12
CA ALA C 267 6.01 5.29 -48.38
C ALA C 267 5.13 6.05 -47.40
N GLU C 268 3.94 5.52 -47.18
CA GLU C 268 3.00 6.08 -46.22
C GLU C 268 2.80 5.22 -44.99
N ARG C 269 3.07 3.91 -45.09
CA ARG C 269 2.96 2.98 -43.98
C ARG C 269 4.32 2.34 -43.74
N VAL C 270 4.85 2.48 -42.53
CA VAL C 270 6.19 2.00 -42.20
C VAL C 270 6.10 1.13 -40.95
N ILE C 271 6.84 0.01 -40.97
CA ILE C 271 6.97 -0.86 -39.82
C ILE C 271 8.32 -0.62 -39.17
N VAL C 272 8.32 -0.44 -37.84
CA VAL C 272 9.55 -0.36 -37.07
C VAL C 272 9.72 -1.69 -36.34
N SER C 273 10.89 -2.30 -36.49
CA SER C 273 11.14 -3.61 -35.90
C SER C 273 12.62 -3.77 -35.61
N MET C 274 12.95 -4.92 -35.00
CA MET C 274 14.27 -5.17 -34.47
C MET C 274 14.53 -6.66 -34.53
N GLY C 275 15.76 -7.04 -34.88
CA GLY C 275 16.09 -8.45 -34.97
C GLY C 275 15.72 -9.06 -36.32
N SER C 276 15.62 -10.39 -36.32
CA SER C 276 15.46 -11.14 -37.56
C SER C 276 14.17 -10.81 -38.28
N SER C 277 13.16 -10.27 -37.59
CA SER C 277 11.93 -9.90 -38.27
C SER C 277 12.17 -8.89 -39.37
N CYS C 278 13.22 -8.08 -39.25
CA CYS C 278 13.54 -7.10 -40.29
C CYS C 278 13.83 -7.78 -41.62
N GLU C 279 14.45 -8.96 -41.57
CA GLU C 279 14.71 -9.70 -42.80
C GLU C 279 13.41 -10.15 -43.45
N VAL C 280 12.49 -10.70 -42.66
CA VAL C 280 11.21 -11.13 -43.22
C VAL C 280 10.44 -9.95 -43.78
N ILE C 281 10.52 -8.80 -43.09
CA ILE C 281 9.75 -7.63 -43.52
C ILE C 281 10.33 -7.04 -44.80
N GLU C 282 11.66 -6.98 -44.90
CA GLU C 282 12.26 -6.44 -46.11
C GLU C 282 11.89 -7.27 -47.33
N GLU C 283 11.86 -8.60 -47.17
CA GLU C 283 11.36 -9.45 -48.24
C GLU C 283 9.91 -9.15 -48.56
N THR C 284 9.10 -8.91 -47.53
CA THR C 284 7.69 -8.56 -47.77
C THR C 284 7.56 -7.17 -48.36
N VAL C 285 8.38 -6.22 -47.90
CA VAL C 285 8.30 -4.86 -48.40
C VAL C 285 8.62 -4.82 -49.89
N ASN C 286 9.70 -5.52 -50.29
CA ASN C 286 10.06 -5.61 -51.71
C ASN C 286 8.90 -6.15 -52.53
N TYR C 287 8.23 -7.20 -52.04
CA TYR C 287 7.11 -7.77 -52.77
C TYR C 287 5.96 -6.77 -52.90
N LEU C 288 5.70 -6.02 -51.83
CA LEU C 288 4.60 -5.07 -51.84
C LEU C 288 4.95 -3.80 -52.63
N VAL C 289 6.21 -3.36 -52.57
CA VAL C 289 6.61 -2.15 -53.30
C VAL C 289 6.50 -2.35 -54.80
N GLU C 290 6.95 -3.50 -55.30
CA GLU C 290 6.80 -3.75 -56.73
C GLU C 290 5.35 -3.88 -57.15
N LYS C 291 4.48 -4.30 -56.23
CA LYS C 291 3.05 -4.37 -56.51
C LYS C 291 2.37 -3.01 -56.37
N GLY C 292 3.10 -1.95 -56.07
CA GLY C 292 2.57 -0.60 -56.05
C GLY C 292 2.28 -0.03 -54.67
N GLU C 293 2.38 -0.84 -53.61
CA GLU C 293 2.06 -0.34 -52.28
C GLU C 293 3.12 0.63 -51.78
N LYS C 294 2.67 1.65 -51.06
CA LYS C 294 3.56 2.66 -50.50
C LYS C 294 3.87 2.24 -49.06
N VAL C 295 4.78 1.27 -48.94
CA VAL C 295 5.15 0.70 -47.66
C VAL C 295 6.67 0.74 -47.50
N GLY C 296 7.13 0.69 -46.25
CA GLY C 296 8.54 0.76 -45.94
C GLY C 296 8.82 0.05 -44.63
N LEU C 297 10.10 0.01 -44.28
CA LEU C 297 10.58 -0.68 -43.10
C LEU C 297 11.75 0.10 -42.51
N ILE C 298 11.75 0.25 -41.19
CA ILE C 298 12.85 0.86 -40.46
C ILE C 298 13.47 -0.23 -39.58
N LYS C 299 14.72 -0.57 -39.86
CA LYS C 299 15.47 -1.54 -39.06
C LYS C 299 16.15 -0.81 -37.90
N VAL C 300 15.88 -1.25 -36.68
CA VAL C 300 16.51 -0.70 -35.49
C VAL C 300 17.75 -1.51 -35.19
N ARG C 301 18.93 -0.91 -35.37
CA ARG C 301 20.19 -1.55 -35.01
C ARG C 301 20.64 -1.14 -33.61
N LEU C 302 20.83 0.15 -33.37
CA LEU C 302 21.27 0.66 -32.07
C LEU C 302 20.04 0.97 -31.23
N PHE C 303 19.66 0.02 -30.37
CA PHE C 303 18.49 0.21 -29.51
C PHE C 303 18.82 1.11 -28.31
N ARG C 304 20.04 0.99 -27.78
CA ARG C 304 20.51 1.82 -26.67
C ARG C 304 21.95 2.23 -26.94
N PRO C 305 22.32 3.51 -26.80
CA PRO C 305 21.43 4.65 -26.51
C PRO C 305 20.50 4.95 -27.68
N PHE C 306 19.26 5.35 -27.39
CA PHE C 306 18.30 5.63 -28.45
C PHE C 306 18.53 7.06 -28.96
N SER C 307 19.08 7.17 -30.17
CA SER C 307 19.41 8.47 -30.75
C SER C 307 18.24 8.95 -31.59
N ALA C 308 17.52 9.97 -31.09
CA ALA C 308 16.37 10.49 -31.80
C ALA C 308 16.76 11.02 -33.17
N GLU C 309 17.95 11.61 -33.28
CA GLU C 309 18.39 12.20 -34.55
C GLU C 309 18.48 11.15 -35.64
N HIS C 310 19.14 10.03 -35.36
CA HIS C 310 19.34 9.01 -36.38
C HIS C 310 18.06 8.26 -36.71
N PHE C 311 17.06 8.28 -35.83
CA PHE C 311 15.78 7.66 -36.17
C PHE C 311 15.01 8.52 -37.15
N LEU C 312 14.85 9.81 -36.86
CA LEU C 312 14.16 10.72 -37.77
C LEU C 312 14.94 10.95 -39.05
N LYS C 313 16.26 10.72 -39.04
CA LYS C 313 17.09 10.91 -40.22
C LYS C 313 16.69 9.98 -41.34
N VAL C 314 16.17 8.79 -41.01
CA VAL C 314 15.81 7.79 -42.00
C VAL C 314 14.30 7.64 -42.15
N LEU C 315 13.52 8.55 -41.54
CA LEU C 315 12.08 8.48 -41.64
C LEU C 315 11.62 9.32 -42.82
N PRO C 316 11.05 8.71 -43.87
CA PRO C 316 10.60 9.51 -45.02
C PRO C 316 9.56 10.54 -44.61
N ALA C 317 9.62 11.70 -45.26
CA ALA C 317 8.66 12.76 -44.95
C ALA C 317 7.24 12.41 -45.33
N SER C 318 7.04 11.37 -46.13
CA SER C 318 5.73 10.95 -46.59
C SER C 318 5.04 9.99 -45.63
N VAL C 319 5.70 9.59 -44.55
CA VAL C 319 5.16 8.59 -43.65
C VAL C 319 3.97 9.18 -42.90
N LYS C 320 2.85 8.48 -42.93
CA LYS C 320 1.63 8.89 -42.23
C LYS C 320 1.24 7.97 -41.08
N ARG C 321 1.59 6.68 -41.16
CA ARG C 321 1.25 5.70 -40.15
C ARG C 321 2.43 4.76 -39.93
N ILE C 322 2.68 4.41 -38.68
CA ILE C 322 3.79 3.56 -38.30
C ILE C 322 3.27 2.42 -37.42
N ALA C 323 3.74 1.21 -37.68
CA ALA C 323 3.46 0.05 -36.86
C ALA C 323 4.77 -0.42 -36.22
N VAL C 324 4.80 -0.49 -34.89
CA VAL C 324 5.98 -0.94 -34.16
C VAL C 324 5.77 -2.37 -33.67
N LEU C 325 6.75 -3.24 -33.93
CA LEU C 325 6.70 -4.64 -33.56
C LEU C 325 7.71 -4.92 -32.44
N ASP C 326 7.24 -5.48 -31.34
CA ASP C 326 8.08 -5.84 -30.20
C ASP C 326 8.06 -7.34 -30.03
N ARG C 327 9.24 -7.95 -29.95
CA ARG C 327 9.34 -9.40 -29.71
C ARG C 327 9.42 -9.69 -28.22
N THR C 328 8.50 -9.10 -27.46
CA THR C 328 8.44 -9.28 -26.01
C THR C 328 7.03 -8.97 -25.56
N LYS C 329 6.77 -9.30 -24.30
CA LYS C 329 5.49 -8.97 -23.67
C LYS C 329 5.81 -8.49 -22.27
N GLU C 330 5.35 -7.28 -21.93
CA GLU C 330 5.46 -6.75 -20.58
C GLU C 330 4.05 -6.60 -20.03
N PRO C 331 3.53 -7.63 -19.35
CA PRO C 331 2.12 -7.60 -18.95
C PRO C 331 1.82 -6.40 -18.07
N GLY C 332 0.66 -5.80 -18.30
CA GLY C 332 0.23 -4.64 -17.55
C GLY C 332 0.85 -3.34 -18.00
N SER C 333 1.93 -3.38 -18.76
CA SER C 333 2.53 -2.15 -19.24
C SER C 333 1.58 -1.46 -20.22
N LEU C 334 1.75 -0.15 -20.34
CA LEU C 334 0.97 0.61 -21.30
C LEU C 334 1.33 0.20 -22.72
N GLY C 335 2.59 -0.17 -22.94
CA GLY C 335 3.03 -0.70 -24.22
C GLY C 335 4.40 -1.31 -24.06
N GLU C 336 4.81 -2.02 -25.11
CA GLU C 336 6.11 -2.67 -25.12
C GLU C 336 7.23 -1.67 -25.43
N PRO C 337 8.48 -2.01 -25.08
CA PRO C 337 9.53 -0.97 -25.03
C PRO C 337 9.74 -0.21 -26.32
N LEU C 338 9.93 -0.90 -27.45
CA LEU C 338 10.19 -0.20 -28.70
C LEU C 338 9.02 0.69 -29.11
N TYR C 339 7.79 0.21 -28.87
CA TYR C 339 6.62 1.02 -29.22
C TYR C 339 6.58 2.32 -28.42
N GLU C 340 6.89 2.26 -27.12
CA GLU C 340 6.90 3.47 -26.31
C GLU C 340 8.05 4.39 -26.67
N ASP C 341 9.16 3.83 -27.17
CA ASP C 341 10.27 4.65 -27.62
C ASP C 341 9.91 5.40 -28.90
N VAL C 342 9.34 4.69 -29.88
CA VAL C 342 8.92 5.32 -31.12
C VAL C 342 7.84 6.36 -30.83
N GLN C 343 6.90 6.03 -29.95
CA GLN C 343 5.81 6.96 -29.63
C GLN C 343 6.37 8.23 -28.97
N THR C 344 7.41 8.10 -28.16
CA THR C 344 7.97 9.25 -27.45
C THR C 344 8.75 10.16 -28.40
N VAL C 345 9.67 9.60 -29.17
CA VAL C 345 10.52 10.42 -30.04
C VAL C 345 9.67 11.19 -31.05
N LEU C 346 8.61 10.56 -31.57
CA LEU C 346 7.72 11.26 -32.48
C LEU C 346 6.93 12.34 -31.76
N ALA C 347 6.61 12.13 -30.48
CA ALA C 347 5.91 13.17 -29.74
C ALA C 347 6.84 14.34 -29.42
N GLU C 348 8.09 14.06 -29.09
CA GLU C 348 9.02 15.14 -28.77
C GLU C 348 9.27 16.05 -29.95
N HIS C 349 8.97 15.60 -31.17
CA HIS C 349 9.22 16.39 -32.38
C HIS C 349 7.96 16.75 -33.14
N GLY C 350 6.79 16.61 -32.52
CA GLY C 350 5.56 17.11 -33.11
C GLY C 350 5.14 16.45 -34.40
N LYS C 351 5.55 15.21 -34.62
CA LYS C 351 5.16 14.47 -35.83
C LYS C 351 3.72 13.98 -35.70
N ASN C 352 2.89 14.32 -36.68
CA ASN C 352 1.50 13.86 -36.69
C ASN C 352 1.44 12.55 -37.46
N ILE C 353 1.89 11.49 -36.78
CA ILE C 353 1.96 10.16 -37.37
C ILE C 353 1.21 9.19 -36.47
N LEU C 354 0.30 8.43 -37.04
CA LEU C 354 -0.45 7.43 -36.29
C LEU C 354 0.47 6.24 -35.99
N VAL C 355 0.69 5.95 -34.70
CA VAL C 355 1.58 4.88 -34.28
C VAL C 355 0.78 3.81 -33.55
N VAL C 356 1.07 2.54 -33.85
CA VAL C 356 0.44 1.39 -33.22
C VAL C 356 1.52 0.35 -32.94
N GLY C 357 1.39 -0.34 -31.81
CA GLY C 357 2.38 -1.32 -31.37
C GLY C 357 1.78 -2.71 -31.37
N GLY C 358 2.62 -3.71 -31.63
CA GLY C 358 2.16 -5.08 -31.64
C GLY C 358 3.23 -6.03 -31.13
N ARG C 359 2.82 -7.25 -30.85
CA ARG C 359 3.72 -8.29 -30.37
C ARG C 359 3.75 -9.45 -31.34
N TYR C 360 4.92 -10.08 -31.46
CA TYR C 360 5.12 -11.16 -32.41
C TYR C 360 6.19 -12.11 -31.91
N GLY C 361 6.23 -13.28 -32.51
CA GLY C 361 7.37 -14.18 -32.41
C GLY C 361 7.79 -14.56 -31.01
N LEU C 362 6.87 -14.58 -30.05
CA LEU C 362 7.21 -14.94 -28.68
C LEU C 362 7.54 -16.44 -28.59
N GLY C 363 8.67 -16.75 -27.94
CA GLY C 363 9.10 -18.13 -27.83
C GLY C 363 9.32 -18.78 -29.18
N SER C 364 9.92 -18.06 -30.12
CA SER C 364 10.19 -18.54 -31.47
C SER C 364 8.92 -18.88 -32.24
N LYS C 365 7.84 -18.13 -31.98
CA LYS C 365 6.65 -18.24 -32.82
C LYS C 365 6.99 -17.85 -34.25
N GLU C 366 6.41 -18.55 -35.21
CA GLU C 366 6.71 -18.29 -36.62
C GLU C 366 6.27 -16.88 -37.01
N PHE C 367 7.08 -16.23 -37.83
CA PHE C 367 6.79 -14.87 -38.32
C PHE C 367 7.15 -14.84 -39.81
N ASN C 368 6.15 -15.03 -40.66
CA ASN C 368 6.30 -15.20 -42.10
C ASN C 368 5.71 -14.01 -42.85
N PRO C 369 5.96 -13.89 -44.16
CA PRO C 369 5.48 -12.71 -44.89
C PRO C 369 3.98 -12.51 -44.85
N SER C 370 3.19 -13.59 -44.78
CA SER C 370 1.74 -13.44 -44.68
C SER C 370 1.37 -12.63 -43.44
N MET C 371 2.13 -12.79 -42.36
CA MET C 371 1.89 -12.02 -41.15
C MET C 371 2.31 -10.56 -41.33
N VAL C 372 3.43 -10.33 -42.02
CA VAL C 372 3.91 -8.96 -42.23
C VAL C 372 2.88 -8.17 -43.03
N LYS C 373 2.22 -8.82 -44.00
CA LYS C 373 1.17 -8.14 -44.76
C LYS C 373 -0.01 -7.81 -43.87
N ALA C 374 -0.34 -8.68 -42.92
CA ALA C 374 -1.43 -8.38 -41.98
C ALA C 374 -1.14 -7.13 -41.17
N VAL C 375 0.14 -6.89 -40.84
CA VAL C 375 0.50 -5.67 -40.11
C VAL C 375 0.35 -4.45 -41.01
N PHE C 376 0.84 -4.54 -42.25
CA PHE C 376 0.67 -3.43 -43.19
C PHE C 376 -0.79 -3.19 -43.50
N ASP C 377 -1.57 -4.26 -43.64
CA ASP C 377 -3.00 -4.12 -43.91
C ASP C 377 -3.73 -3.52 -42.72
N ASN C 378 -3.25 -3.79 -41.50
CA ASN C 378 -3.85 -3.17 -40.33
C ASN C 378 -3.65 -1.66 -40.33
N LEU C 379 -2.48 -1.20 -40.80
CA LEU C 379 -2.25 0.24 -40.93
C LEU C 379 -3.16 0.85 -42.00
N ALA C 380 -3.57 0.05 -42.98
CA ALA C 380 -4.42 0.57 -44.05
C ALA C 380 -5.89 0.56 -43.68
N ALA C 381 -6.26 -0.02 -42.55
CA ALA C 381 -7.66 -0.08 -42.15
C ALA C 381 -8.17 1.32 -41.80
N THR C 382 -9.50 1.44 -41.75
CA THR C 382 -10.11 2.71 -41.37
C THR C 382 -9.66 3.14 -39.99
N THR C 383 -9.70 2.22 -39.03
CA THR C 383 -9.19 2.46 -37.68
C THR C 383 -8.23 1.33 -37.32
N PRO C 384 -6.92 1.56 -37.41
CA PRO C 384 -5.96 0.50 -37.10
C PRO C 384 -6.12 0.03 -35.65
N LYS C 385 -6.11 -1.28 -35.47
CA LYS C 385 -6.15 -1.85 -34.14
C LYS C 385 -4.81 -1.67 -33.46
N ASN C 386 -4.83 -1.20 -32.21
CA ASN C 386 -3.60 -0.99 -31.46
C ASN C 386 -3.41 -2.11 -30.42
N LYS C 387 -2.17 -2.23 -29.95
CA LYS C 387 -1.80 -3.21 -28.93
C LYS C 387 -2.19 -4.62 -29.37
N PHE C 388 -1.71 -5.01 -30.56
CA PHE C 388 -2.12 -6.26 -31.19
C PHE C 388 -1.04 -7.33 -31.07
N THR C 389 -1.40 -8.53 -31.51
CA THR C 389 -0.49 -9.66 -31.61
C THR C 389 -0.63 -10.29 -32.99
N VAL C 390 0.45 -10.91 -33.47
CA VAL C 390 0.48 -11.54 -34.78
C VAL C 390 1.04 -12.95 -34.64
N GLY C 391 0.38 -13.91 -35.27
CA GLY C 391 0.82 -15.30 -35.27
C GLY C 391 0.00 -16.22 -34.39
N ILE C 392 -0.99 -15.69 -33.67
CA ILE C 392 -1.85 -16.47 -32.80
C ILE C 392 -3.30 -16.09 -33.09
N THR C 393 -4.22 -16.89 -32.53
CA THR C 393 -5.65 -16.62 -32.61
C THR C 393 -6.12 -16.33 -31.18
N ASP C 394 -6.21 -15.04 -30.84
CA ASP C 394 -6.58 -14.63 -29.50
C ASP C 394 -8.09 -14.42 -29.45
N ASP C 395 -8.82 -15.50 -29.16
CA ASP C 395 -10.27 -15.42 -29.07
C ASP C 395 -10.75 -15.04 -27.68
N VAL C 396 -9.82 -14.65 -26.80
CA VAL C 396 -10.18 -14.24 -25.45
C VAL C 396 -10.18 -12.72 -25.36
N THR C 397 -9.02 -12.10 -25.58
CA THR C 397 -8.89 -10.66 -25.51
C THR C 397 -8.88 -9.99 -26.88
N HIS C 398 -8.87 -10.77 -27.96
CA HIS C 398 -9.06 -10.27 -29.32
C HIS C 398 -7.99 -9.25 -29.72
N THR C 399 -6.72 -9.61 -29.47
CA THR C 399 -5.61 -8.79 -29.88
C THR C 399 -4.99 -9.24 -31.20
N SER C 400 -5.34 -10.44 -31.66
CA SER C 400 -4.71 -11.02 -32.84
C SER C 400 -5.28 -10.40 -34.12
N LEU C 401 -4.39 -10.15 -35.08
CA LEU C 401 -4.78 -9.68 -36.40
C LEU C 401 -5.27 -10.83 -37.26
N GLU C 402 -6.15 -10.50 -38.21
CA GLU C 402 -6.71 -11.48 -39.13
C GLU C 402 -5.73 -11.71 -40.28
N ILE C 403 -5.31 -12.96 -40.48
CA ILE C 403 -4.52 -13.35 -41.64
C ILE C 403 -5.50 -13.62 -42.78
N LYS C 404 -5.66 -12.64 -43.67
CA LYS C 404 -6.69 -12.74 -44.72
C LYS C 404 -6.27 -13.74 -45.80
N GLU C 405 -5.11 -13.52 -46.40
CA GLU C 405 -4.63 -14.35 -47.50
C GLU C 405 -3.20 -14.79 -47.23
N HIS C 406 -2.81 -15.88 -47.89
CA HIS C 406 -1.45 -16.39 -47.83
C HIS C 406 -0.70 -15.92 -49.06
N ILE C 407 0.45 -15.29 -48.85
CA ILE C 407 1.27 -14.81 -49.95
C ILE C 407 2.64 -15.48 -49.92
N ASP C 408 3.25 -15.58 -51.09
CA ASP C 408 4.59 -16.13 -51.27
C ASP C 408 5.48 -15.00 -51.80
N THR C 409 6.33 -14.46 -50.92
CA THR C 409 7.23 -13.38 -51.29
C THR C 409 8.65 -13.87 -51.49
N SER C 410 8.88 -15.17 -51.48
CA SER C 410 10.22 -15.71 -51.66
C SER C 410 10.73 -15.41 -53.08
N PRO C 411 11.98 -14.98 -53.20
CA PRO C 411 12.54 -14.73 -54.54
C PRO C 411 12.54 -16.00 -55.38
N LYS C 412 12.19 -15.85 -56.65
CA LYS C 412 12.13 -16.99 -57.56
C LYS C 412 13.53 -17.56 -57.78
N GLY C 413 13.59 -18.89 -57.89
CA GLY C 413 14.84 -19.59 -58.05
C GLY C 413 15.42 -20.17 -56.79
N THR C 414 14.75 -20.02 -55.65
CA THR C 414 15.21 -20.58 -54.40
C THR C 414 14.59 -21.97 -54.20
N PHE C 415 15.43 -22.99 -54.14
CA PHE C 415 15.00 -24.36 -53.93
C PHE C 415 14.79 -24.64 -52.44
N ARG C 416 13.81 -25.50 -52.13
CA ARG C 416 13.35 -25.69 -50.75
C ARG C 416 13.31 -27.17 -50.40
N CYS C 417 13.81 -27.52 -49.21
CA CYS C 417 13.97 -28.91 -48.79
C CYS C 417 13.60 -29.09 -47.32
N LYS C 418 12.87 -30.17 -47.01
CA LYS C 418 12.52 -30.52 -45.63
C LYS C 418 12.98 -31.93 -45.26
N PHE C 419 13.37 -32.10 -43.98
CA PHE C 419 13.85 -33.36 -43.44
C PHE C 419 13.18 -33.63 -42.10
N PHE C 420 12.44 -34.74 -41.99
CA PHE C 420 11.76 -35.14 -40.76
C PHE C 420 12.54 -36.26 -40.05
N GLY C 421 13.00 -35.99 -38.82
CA GLY C 421 13.73 -36.98 -38.06
C GLY C 421 13.36 -36.98 -36.59
N LEU C 422 13.72 -38.07 -35.92
CA LEU C 422 13.56 -38.23 -34.48
C LEU C 422 14.77 -37.70 -33.72
N GLY C 423 14.64 -37.64 -32.40
CA GLY C 423 15.76 -37.33 -31.54
C GLY C 423 16.72 -38.49 -31.40
N SER C 424 18.02 -38.16 -31.27
CA SER C 424 19.13 -39.08 -31.07
C SER C 424 19.39 -40.00 -32.25
N ASP C 425 18.88 -39.69 -33.43
CA ASP C 425 19.23 -40.43 -34.64
C ASP C 425 20.26 -39.71 -35.50
N GLY C 426 20.55 -38.44 -35.21
CA GLY C 426 21.55 -37.68 -35.92
C GLY C 426 21.04 -36.86 -37.08
N THR C 427 19.72 -36.82 -37.29
CA THR C 427 19.15 -36.19 -38.49
C THR C 427 19.60 -34.74 -38.64
N VAL C 428 19.55 -33.98 -37.56
CA VAL C 428 19.93 -32.57 -37.63
C VAL C 428 21.41 -32.42 -37.95
N GLY C 429 22.25 -33.24 -37.30
CA GLY C 429 23.69 -33.16 -37.54
C GLY C 429 24.07 -33.47 -38.97
N ALA C 430 23.38 -34.43 -39.59
CA ALA C 430 23.68 -34.78 -40.98
C ALA C 430 23.34 -33.63 -41.92
N ASN C 431 22.21 -32.96 -41.68
CA ASN C 431 21.76 -31.87 -42.53
C ASN C 431 22.50 -30.57 -42.29
N LYS C 432 23.07 -30.37 -41.10
CA LYS C 432 23.91 -29.19 -40.86
C LYS C 432 25.10 -29.18 -41.79
N ASN C 433 25.73 -30.34 -42.00
CA ASN C 433 26.87 -30.46 -42.91
C ASN C 433 26.45 -30.52 -44.37
N SER C 434 25.22 -30.95 -44.66
CA SER C 434 24.74 -30.97 -46.04
C SER C 434 24.73 -29.55 -46.64
N ILE C 435 24.39 -28.54 -45.84
CA ILE C 435 24.40 -27.16 -46.32
C ILE C 435 25.83 -26.67 -46.51
N LYS C 436 26.73 -27.04 -45.58
CA LYS C 436 28.13 -26.61 -45.71
C LYS C 436 28.74 -27.12 -47.02
N ILE C 437 28.27 -28.26 -47.52
CA ILE C 437 28.70 -28.72 -48.84
C ILE C 437 28.23 -27.75 -49.91
N ILE C 438 26.98 -27.28 -49.79
CA ILE C 438 26.39 -26.48 -50.86
C ILE C 438 27.10 -25.13 -50.98
N GLY C 439 27.30 -24.44 -49.86
CA GLY C 439 27.89 -23.12 -49.90
C GLY C 439 29.35 -23.09 -50.28
N ASP C 440 30.11 -24.11 -49.87
CA ASP C 440 31.56 -24.12 -50.07
C ASP C 440 31.98 -24.45 -51.50
N HIS C 441 31.06 -24.88 -52.37
CA HIS C 441 31.47 -25.35 -53.68
C HIS C 441 30.69 -24.73 -54.82
N THR C 442 29.83 -23.75 -54.57
CA THR C 442 29.10 -23.04 -55.61
C THR C 442 29.11 -21.55 -55.31
N ASP C 443 28.70 -20.76 -56.29
CA ASP C 443 28.48 -19.33 -56.11
C ASP C 443 27.13 -19.04 -55.46
N MET C 444 26.36 -20.08 -55.12
CA MET C 444 25.01 -19.91 -54.61
C MET C 444 25.00 -19.61 -53.12
N TYR C 445 24.01 -18.82 -52.71
CA TYR C 445 23.72 -18.62 -51.29
C TYR C 445 23.00 -19.83 -50.72
N ALA C 446 23.30 -20.13 -49.44
CA ALA C 446 22.72 -21.27 -48.76
C ALA C 446 22.17 -20.86 -47.40
N GLN C 447 21.11 -21.55 -46.97
CA GLN C 447 20.49 -21.30 -45.69
C GLN C 447 19.94 -22.59 -45.13
N GLY C 448 20.14 -22.80 -43.83
CA GLY C 448 19.62 -23.99 -43.18
C GLY C 448 19.14 -23.72 -41.77
N TYR C 449 17.89 -24.05 -41.48
CA TYR C 449 17.29 -23.90 -40.16
C TYR C 449 16.77 -25.25 -39.69
N PHE C 450 16.91 -25.49 -38.38
CA PHE C 450 16.65 -26.79 -37.77
C PHE C 450 15.72 -26.63 -36.58
N VAL C 451 14.82 -27.60 -36.42
CA VAL C 451 13.77 -27.58 -35.41
C VAL C 451 14.05 -28.68 -34.40
N TYR C 452 14.20 -28.31 -33.13
CA TYR C 452 14.40 -29.28 -32.06
C TYR C 452 13.20 -29.31 -31.13
N ASP C 453 13.07 -30.44 -30.43
CA ASP C 453 12.21 -30.57 -29.28
C ASP C 453 12.98 -30.09 -28.05
N SER C 454 12.25 -29.84 -26.96
CA SER C 454 12.94 -29.53 -25.72
C SER C 454 13.64 -30.76 -25.14
N LYS C 455 13.20 -31.96 -25.51
CA LYS C 455 13.80 -33.20 -25.04
C LYS C 455 15.17 -33.42 -25.63
N LYS C 456 16.00 -34.18 -24.89
CA LYS C 456 17.37 -34.44 -25.34
C LYS C 456 17.39 -35.54 -26.39
N SER C 457 16.47 -36.50 -26.29
CA SER C 457 16.35 -37.59 -27.25
C SER C 457 14.88 -38.00 -27.33
N GLY C 458 14.48 -38.50 -28.49
CA GLY C 458 13.12 -38.95 -28.68
C GLY C 458 12.12 -37.89 -29.07
N GLY C 459 12.57 -36.68 -29.43
CA GLY C 459 11.66 -35.65 -29.89
C GLY C 459 11.65 -35.59 -31.41
N VAL C 460 10.58 -35.01 -31.97
CA VAL C 460 10.48 -34.85 -33.41
C VAL C 460 11.37 -33.70 -33.85
N THR C 461 12.03 -33.86 -34.99
CA THR C 461 12.87 -32.81 -35.55
C THR C 461 12.54 -32.62 -37.03
N ILE C 462 12.48 -31.35 -37.45
CA ILE C 462 12.23 -30.98 -38.84
C ILE C 462 13.35 -30.05 -39.30
N SER C 463 13.97 -30.37 -40.44
CA SER C 463 15.07 -29.58 -40.98
C SER C 463 14.60 -28.86 -42.24
N HIS C 464 14.79 -27.54 -42.29
CA HIS C 464 14.41 -26.70 -43.42
C HIS C 464 15.66 -26.14 -44.08
N LEU C 465 15.89 -26.49 -45.35
CA LEU C 465 17.05 -26.05 -46.10
C LEU C 465 16.61 -25.27 -47.33
N ARG C 466 17.46 -24.31 -47.75
CA ARG C 466 17.19 -23.50 -48.92
C ARG C 466 18.52 -23.19 -49.62
N PHE C 467 18.47 -23.11 -50.95
CA PHE C 467 19.62 -22.66 -51.73
C PHE C 467 19.13 -22.16 -53.08
N GLY C 468 19.62 -20.98 -53.46
CA GLY C 468 19.26 -20.40 -54.75
C GLY C 468 20.31 -19.40 -55.17
N LYS C 469 20.15 -18.90 -56.41
CA LYS C 469 21.06 -17.89 -56.91
C LYS C 469 20.81 -16.53 -56.25
N GLN C 470 19.59 -16.33 -55.67
CA GLN C 470 19.20 -15.10 -55.00
C GLN C 470 19.61 -15.15 -53.53
N PRO C 471 19.91 -14.00 -52.94
CA PRO C 471 20.21 -13.97 -51.50
C PRO C 471 19.01 -14.44 -50.68
N ILE C 472 19.29 -15.14 -49.59
CA ILE C 472 18.26 -15.80 -48.79
C ILE C 472 18.01 -14.93 -47.55
N GLN C 473 16.92 -14.18 -47.58
CA GLN C 473 16.45 -13.45 -46.41
C GLN C 473 15.26 -14.10 -45.73
N SER C 474 14.82 -15.26 -46.22
CA SER C 474 13.64 -15.94 -45.69
C SER C 474 13.94 -16.51 -44.30
N ALA C 475 13.81 -15.65 -43.29
CA ALA C 475 13.97 -16.06 -41.90
C ALA C 475 12.65 -16.59 -41.35
N TYR C 476 12.11 -17.58 -42.06
CA TYR C 476 10.86 -18.22 -41.70
C TYR C 476 10.87 -19.64 -42.26
N LEU C 477 9.89 -20.44 -41.83
CA LEU C 477 9.82 -21.82 -42.26
C LEU C 477 9.45 -21.92 -43.73
N ILE C 478 9.67 -23.10 -44.30
CA ILE C 478 9.51 -23.32 -45.73
C ILE C 478 8.03 -23.31 -46.09
N ASP C 479 7.68 -22.51 -47.11
CA ASP C 479 6.31 -22.41 -47.58
C ASP C 479 5.91 -23.67 -48.33
N GLN C 480 6.48 -23.90 -49.51
CA GLN C 480 6.23 -25.11 -50.31
C GLN C 480 7.56 -25.78 -50.59
N ALA C 481 7.73 -27.01 -50.08
CA ALA C 481 9.03 -27.67 -50.12
C ALA C 481 9.15 -28.55 -51.36
N ASP C 482 10.28 -28.41 -52.05
CA ASP C 482 10.56 -29.24 -53.23
C ASP C 482 10.91 -30.67 -52.87
N LEU C 483 11.35 -30.94 -51.64
CA LEU C 483 11.75 -32.27 -51.22
C LEU C 483 11.35 -32.49 -49.76
N ILE C 484 10.92 -33.71 -49.45
CA ILE C 484 10.58 -34.12 -48.10
C ILE C 484 11.12 -35.53 -47.86
N ALA C 485 11.81 -35.72 -46.74
CA ALA C 485 12.38 -37.01 -46.36
C ALA C 485 11.87 -37.40 -44.98
N CYS C 486 11.54 -38.67 -44.80
CA CYS C 486 11.03 -39.20 -43.53
C CYS C 486 11.98 -40.25 -42.99
N HIS C 487 12.59 -39.96 -41.84
CA HIS C 487 13.63 -40.82 -41.26
C HIS C 487 13.10 -41.80 -40.20
N ASN C 488 11.79 -41.83 -39.95
CA ASN C 488 11.28 -42.76 -38.95
C ASN C 488 9.94 -43.35 -39.38
N PRO C 489 9.83 -44.68 -39.50
CA PRO C 489 8.58 -45.28 -40.01
C PRO C 489 7.37 -45.09 -39.10
N SER C 490 7.58 -44.80 -37.81
CA SER C 490 6.44 -44.56 -36.92
C SER C 490 5.68 -43.29 -37.29
N TYR C 491 6.32 -42.36 -38.01
CA TYR C 491 5.65 -41.13 -38.43
C TYR C 491 4.64 -41.36 -39.54
N VAL C 492 4.74 -42.46 -40.28
CA VAL C 492 3.80 -42.73 -41.36
C VAL C 492 2.43 -43.03 -40.77
N GLY C 493 1.45 -42.18 -41.10
CA GLY C 493 0.12 -42.28 -40.56
C GLY C 493 -0.14 -41.40 -39.35
N ARG C 494 0.93 -40.86 -38.74
CA ARG C 494 0.79 -39.97 -37.59
C ARG C 494 0.70 -38.50 -38.01
N TYR C 495 1.63 -38.04 -38.84
CA TYR C 495 1.71 -36.63 -39.20
C TYR C 495 1.41 -36.45 -40.68
N ASN C 496 0.74 -35.34 -41.00
CA ASN C 496 0.43 -34.98 -42.38
C ASN C 496 1.71 -34.45 -43.02
N LEU C 497 2.56 -35.39 -43.45
CA LEU C 497 3.87 -35.02 -43.98
C LEU C 497 3.74 -34.34 -45.34
N LEU C 498 2.78 -34.77 -46.16
CA LEU C 498 2.59 -34.22 -47.49
C LEU C 498 1.61 -33.05 -47.52
N GLU C 499 1.52 -32.28 -46.45
CA GLU C 499 0.56 -31.18 -46.40
C GLU C 499 0.98 -30.03 -47.30
N GLY C 500 2.28 -29.73 -47.35
CA GLY C 500 2.78 -28.65 -48.17
C GLY C 500 3.71 -29.11 -49.27
N ILE C 501 3.68 -30.40 -49.60
CA ILE C 501 4.57 -30.93 -50.62
C ILE C 501 4.29 -30.28 -51.97
N LYS C 502 5.36 -29.87 -52.65
CA LYS C 502 5.24 -29.25 -53.96
C LYS C 502 4.91 -30.31 -55.00
N PRO C 503 4.20 -29.93 -56.07
CA PRO C 503 3.89 -30.91 -57.13
C PRO C 503 5.17 -31.39 -57.81
N GLY C 504 5.26 -32.71 -58.00
CA GLY C 504 6.46 -33.28 -58.57
C GLY C 504 7.68 -33.33 -57.67
N GLY C 505 7.49 -33.24 -56.34
CA GLY C 505 8.62 -33.33 -55.43
C GLY C 505 8.94 -34.75 -55.02
N ILE C 506 10.11 -34.93 -54.43
CA ILE C 506 10.64 -36.25 -54.08
C ILE C 506 10.32 -36.54 -52.61
N PHE C 507 9.95 -37.78 -52.31
CA PHE C 507 9.74 -38.22 -50.93
C PHE C 507 10.56 -39.47 -50.66
N LEU C 508 11.41 -39.42 -49.63
CA LEU C 508 12.28 -40.50 -49.23
C LEU C 508 11.86 -40.98 -47.84
N LEU C 509 11.71 -42.29 -47.67
CA LEU C 509 11.20 -42.88 -46.45
C LEU C 509 12.11 -44.00 -45.97
N ASN C 510 12.19 -44.14 -44.64
CA ASN C 510 12.91 -45.21 -43.99
C ASN C 510 11.91 -46.15 -43.31
N SER C 511 11.93 -47.42 -43.70
CA SER C 511 11.04 -48.43 -43.14
C SER C 511 11.51 -49.80 -43.61
N THR C 512 10.98 -50.84 -42.96
CA THR C 512 11.20 -52.22 -43.37
C THR C 512 10.04 -52.80 -44.17
N TRP C 513 9.18 -51.95 -44.72
CA TRP C 513 7.99 -52.40 -45.43
C TRP C 513 8.35 -52.79 -46.85
N SER C 514 7.77 -53.90 -47.32
CA SER C 514 8.06 -54.33 -48.68
C SER C 514 7.35 -53.42 -49.69
N ALA C 515 7.88 -53.42 -50.91
CA ALA C 515 7.32 -52.58 -51.96
C ALA C 515 5.89 -52.98 -52.33
N GLU C 516 5.55 -54.26 -52.18
CA GLU C 516 4.20 -54.71 -52.50
C GLU C 516 3.24 -54.45 -51.34
N GLU C 517 3.62 -54.85 -50.13
CA GLU C 517 2.77 -54.65 -48.96
C GLU C 517 2.69 -53.20 -48.53
N MET C 518 3.50 -52.31 -49.10
CA MET C 518 3.41 -50.90 -48.76
C MET C 518 2.04 -50.34 -49.14
N ASP C 519 1.40 -50.90 -50.16
CA ASP C 519 0.04 -50.51 -50.49
C ASP C 519 -0.87 -50.74 -49.30
N SER C 520 -0.57 -51.74 -48.47
CA SER C 520 -1.33 -52.03 -47.26
C SER C 520 -0.84 -51.22 -46.07
N ARG C 521 0.48 -51.00 -45.96
CA ARG C 521 1.03 -50.29 -44.82
C ARG C 521 0.87 -48.78 -44.91
N LEU C 522 0.62 -48.23 -46.11
CA LEU C 522 0.48 -46.78 -46.18
C LEU C 522 -0.98 -46.38 -45.95
N PRO C 523 -1.20 -45.26 -45.26
CA PRO C 523 -2.57 -44.78 -45.04
C PRO C 523 -3.26 -44.44 -46.35
N ALA C 524 -4.59 -44.49 -46.31
CA ALA C 524 -5.38 -44.28 -47.53
C ALA C 524 -5.27 -42.83 -48.02
N ASP C 525 -5.37 -41.86 -47.11
CA ASP C 525 -5.28 -40.47 -47.52
C ASP C 525 -3.88 -40.10 -48.02
N MET C 526 -2.85 -40.77 -47.49
CA MET C 526 -1.49 -40.50 -47.94
C MET C 526 -1.28 -40.95 -49.38
N LYS C 527 -1.76 -42.14 -49.72
CA LYS C 527 -1.65 -42.62 -51.09
C LYS C 527 -2.41 -41.74 -52.07
N ARG C 528 -3.49 -41.10 -51.62
CA ARG C 528 -4.20 -40.17 -52.50
C ARG C 528 -3.33 -38.96 -52.82
N THR C 529 -2.70 -38.38 -51.80
CA THR C 529 -1.80 -37.25 -52.03
C THR C 529 -0.56 -37.69 -52.82
N ILE C 530 -0.07 -38.91 -52.56
CA ILE C 530 1.10 -39.41 -53.27
C ILE C 530 0.83 -39.49 -54.77
N ALA C 531 -0.33 -40.03 -55.15
CA ALA C 531 -0.61 -40.22 -56.57
C ALA C 531 -0.96 -38.90 -57.24
N THR C 532 -1.65 -38.02 -56.54
CA THR C 532 -2.08 -36.76 -57.15
C THR C 532 -0.89 -35.89 -57.51
N LYS C 533 0.05 -35.72 -56.57
CA LYS C 533 1.23 -34.90 -56.82
C LYS C 533 2.30 -35.59 -57.64
N LYS C 534 2.10 -36.88 -57.98
CA LYS C 534 3.03 -37.65 -58.82
C LYS C 534 4.46 -37.58 -58.28
N LEU C 535 4.61 -37.89 -56.99
CA LEU C 535 5.89 -37.75 -56.33
C LEU C 535 6.78 -38.97 -56.56
N LYS C 536 8.08 -38.72 -56.63
CA LYS C 536 9.08 -39.78 -56.73
C LYS C 536 9.33 -40.36 -55.34
N PHE C 537 8.86 -41.58 -55.11
CA PHE C 537 8.86 -42.20 -53.78
C PHE C 537 9.96 -43.23 -53.68
N TYR C 538 10.85 -43.05 -52.70
CA TYR C 538 11.92 -43.99 -52.40
C TYR C 538 11.76 -44.52 -50.98
N ASN C 539 12.41 -45.65 -50.71
CA ASN C 539 12.35 -46.29 -49.40
C ASN C 539 13.65 -47.04 -49.21
N ILE C 540 14.15 -47.03 -47.97
CA ILE C 540 15.43 -47.64 -47.62
C ILE C 540 15.28 -48.39 -46.32
N ASP C 541 15.89 -49.58 -46.24
CA ASP C 541 15.93 -50.31 -44.97
C ASP C 541 17.06 -49.73 -44.11
N ALA C 542 16.91 -48.43 -43.80
CA ALA C 542 17.94 -47.74 -43.04
C ALA C 542 18.04 -48.26 -41.62
N VAL C 543 16.93 -48.70 -41.04
CA VAL C 543 16.95 -49.23 -39.68
C VAL C 543 17.63 -50.59 -39.66
N LYS C 544 17.35 -51.43 -40.66
CA LYS C 544 17.98 -52.75 -40.70
C LYS C 544 19.48 -52.63 -40.95
N ILE C 545 19.89 -51.71 -41.83
CA ILE C 545 21.31 -51.48 -42.06
C ILE C 545 21.96 -50.92 -40.80
N ALA C 546 21.25 -50.07 -40.05
CA ALA C 546 21.84 -49.46 -38.86
C ALA C 546 22.06 -50.49 -37.76
N GLN C 547 21.15 -51.48 -37.64
CA GLN C 547 21.32 -52.52 -36.64
C GLN C 547 22.36 -53.57 -37.06
N GLU C 548 22.54 -53.78 -38.36
CA GLU C 548 23.51 -54.76 -38.83
C GLU C 548 24.95 -54.25 -38.70
N ILE C 549 25.16 -52.93 -38.85
CA ILE C 549 26.51 -52.37 -38.73
C ILE C 549 26.82 -51.96 -37.30
N GLY C 550 25.83 -51.91 -36.41
CA GLY C 550 26.06 -51.58 -35.03
C GLY C 550 25.95 -50.12 -34.68
N LEU C 551 25.44 -49.28 -35.59
CA LEU C 551 25.30 -47.86 -35.28
C LEU C 551 24.24 -47.60 -34.21
N GLY C 552 23.30 -48.52 -34.02
CA GLY C 552 22.25 -48.30 -33.05
C GLY C 552 21.14 -47.46 -33.64
N SER C 553 20.78 -46.37 -32.96
CA SER C 553 19.72 -45.50 -33.44
C SER C 553 20.20 -44.41 -34.37
N ARG C 554 21.52 -44.21 -34.51
CA ARG C 554 22.05 -43.19 -35.40
C ARG C 554 21.98 -43.70 -36.85
N ILE C 555 21.10 -43.12 -37.65
CA ILE C 555 20.91 -43.50 -39.04
C ILE C 555 21.19 -42.33 -39.98
N ASN C 556 21.71 -41.21 -39.44
CA ASN C 556 21.90 -40.01 -40.25
C ASN C 556 22.82 -40.27 -41.43
N VAL C 557 23.94 -40.98 -41.20
CA VAL C 557 24.91 -41.23 -42.26
C VAL C 557 24.28 -42.07 -43.37
N ILE C 558 23.40 -43.01 -43.02
CA ILE C 558 22.72 -43.80 -44.02
C ILE C 558 21.77 -42.93 -44.84
N MET C 559 21.00 -42.08 -44.17
CA MET C 559 20.04 -41.24 -44.88
C MET C 559 20.71 -40.05 -45.56
N GLN C 560 21.79 -39.52 -44.99
CA GLN C 560 22.50 -38.40 -45.61
C GLN C 560 23.08 -38.82 -46.96
N THR C 561 23.72 -39.99 -47.01
CA THR C 561 24.28 -40.48 -48.27
C THR C 561 23.19 -40.73 -49.30
N ALA C 562 22.10 -41.39 -48.88
CA ALA C 562 21.00 -41.66 -49.80
C ALA C 562 20.35 -40.37 -50.31
N PHE C 563 20.40 -39.30 -49.52
CA PHE C 563 19.81 -38.03 -49.94
C PHE C 563 20.55 -37.42 -51.12
N PHE C 564 21.87 -37.25 -50.99
CA PHE C 564 22.65 -36.57 -52.03
C PHE C 564 22.55 -37.26 -53.39
N LYS C 565 22.31 -38.57 -53.41
CA LYS C 565 22.16 -39.25 -54.69
C LYS C 565 20.88 -38.81 -55.38
N ILE C 566 19.87 -38.44 -54.60
CA ILE C 566 18.57 -38.06 -55.14
C ILE C 566 18.47 -36.56 -55.41
N ALA C 567 19.24 -35.75 -54.70
CA ALA C 567 19.14 -34.30 -54.80
C ALA C 567 19.68 -33.76 -56.13
N ASN C 568 20.55 -34.53 -56.81
CA ASN C 568 21.22 -34.10 -58.05
C ASN C 568 21.86 -32.73 -57.90
N VAL C 569 22.33 -32.41 -56.70
CA VAL C 569 23.00 -31.12 -56.49
C VAL C 569 24.41 -31.15 -57.07
N ILE C 570 25.20 -32.14 -56.67
CA ILE C 570 26.56 -32.31 -57.16
C ILE C 570 26.74 -33.77 -57.57
N PRO C 571 27.55 -34.08 -58.59
CA PRO C 571 27.87 -35.48 -58.88
C PRO C 571 28.29 -36.23 -57.64
N VAL C 572 27.87 -37.50 -57.55
CA VAL C 572 27.99 -38.29 -56.32
C VAL C 572 29.45 -38.46 -55.90
N ASP C 573 30.39 -38.40 -56.85
CA ASP C 573 31.80 -38.56 -56.50
C ASP C 573 32.23 -37.54 -55.45
N GLU C 574 31.83 -36.28 -55.61
CA GLU C 574 32.20 -35.28 -54.62
C GLU C 574 31.37 -35.42 -53.34
N ALA C 575 30.10 -35.83 -53.45
CA ALA C 575 29.24 -35.87 -52.27
C ALA C 575 29.73 -36.90 -51.26
N ILE C 576 30.09 -38.10 -51.72
CA ILE C 576 30.58 -39.13 -50.81
C ILE C 576 31.94 -38.75 -50.25
N LYS C 577 32.79 -38.12 -51.06
CA LYS C 577 34.07 -37.62 -50.56
C LYS C 577 33.86 -36.60 -49.45
N TYR C 578 32.93 -35.67 -49.65
CA TYR C 578 32.66 -34.64 -48.64
C TYR C 578 31.99 -35.23 -47.40
N ILE C 579 31.22 -36.32 -47.56
CA ILE C 579 30.56 -36.94 -46.42
C ILE C 579 31.55 -37.71 -45.56
N LYS C 580 32.49 -38.42 -46.17
CA LYS C 580 33.41 -39.25 -45.42
C LYS C 580 34.31 -38.41 -44.50
N ASP C 581 34.82 -37.28 -44.99
CA ASP C 581 35.66 -36.45 -44.13
C ASP C 581 34.82 -35.71 -43.09
N SER C 582 33.59 -35.31 -43.43
CA SER C 582 32.74 -34.62 -42.46
C SER C 582 32.36 -35.54 -41.31
N ILE C 583 32.32 -36.85 -41.54
CA ILE C 583 32.14 -37.79 -40.44
C ILE C 583 33.33 -37.70 -39.49
N VAL C 584 34.53 -37.56 -40.03
CA VAL C 584 35.72 -37.39 -39.21
C VAL C 584 35.68 -36.05 -38.48
N LYS C 585 35.21 -35.00 -39.17
CA LYS C 585 35.16 -33.67 -38.58
C LYS C 585 34.14 -33.59 -37.46
N THR C 586 33.15 -34.47 -37.44
CA THR C 586 32.09 -34.50 -36.43
C THR C 586 32.30 -35.61 -35.41
N TYR C 587 32.53 -36.84 -35.88
CA TYR C 587 32.60 -38.02 -35.02
C TYR C 587 34.02 -38.51 -34.81
N GLY C 588 35.03 -37.63 -34.98
CA GLY C 588 36.41 -38.06 -34.86
C GLY C 588 36.79 -38.52 -33.46
N LYS C 589 36.34 -37.79 -32.45
CA LYS C 589 36.61 -38.16 -31.06
C LYS C 589 35.85 -39.43 -30.65
N LYS C 590 34.71 -39.71 -31.28
CA LYS C 590 33.91 -40.90 -30.97
C LYS C 590 34.73 -42.18 -30.96
N GLY C 591 35.91 -42.21 -31.56
CA GLY C 591 36.71 -43.41 -31.63
C GLY C 591 36.99 -43.83 -33.05
N ASP C 592 38.03 -44.65 -33.29
CA ASP C 592 38.27 -45.11 -34.65
C ASP C 592 37.33 -46.24 -35.02
N LYS C 593 36.89 -47.03 -34.03
CA LYS C 593 35.92 -48.09 -34.32
C LYS C 593 34.54 -47.53 -34.62
N ILE C 594 34.14 -46.46 -33.91
CA ILE C 594 32.85 -45.84 -34.19
C ILE C 594 32.91 -45.02 -35.48
N LEU C 595 34.08 -44.47 -35.81
CA LEU C 595 34.22 -43.68 -37.03
C LEU C 595 34.25 -44.56 -38.28
N ASN C 596 35.05 -45.63 -38.26
CA ASN C 596 35.06 -46.58 -39.38
C ASN C 596 33.72 -47.28 -39.53
N MET C 597 32.95 -47.38 -38.44
CA MET C 597 31.60 -47.94 -38.51
C MET C 597 30.66 -47.03 -39.28
N ASN C 598 30.90 -45.72 -39.26
CA ASN C 598 30.14 -44.80 -40.09
C ASN C 598 30.64 -44.82 -41.53
N PHE C 599 31.91 -45.15 -41.74
CA PHE C 599 32.42 -45.31 -43.10
C PHE C 599 31.72 -46.45 -43.80
N ALA C 600 31.52 -47.58 -43.11
CA ALA C 600 30.74 -48.66 -43.68
C ALA C 600 29.30 -48.23 -43.97
N ALA C 601 28.80 -47.20 -43.28
CA ALA C 601 27.45 -46.73 -43.54
C ALA C 601 27.35 -45.97 -44.86
N VAL C 602 28.38 -45.19 -45.21
CA VAL C 602 28.31 -44.42 -46.46
C VAL C 602 28.36 -45.36 -47.67
N ASP C 603 29.20 -46.39 -47.61
CA ASP C 603 29.40 -47.27 -48.76
C ASP C 603 28.20 -48.20 -48.95
N ARG C 604 27.67 -48.75 -47.87
CA ARG C 604 26.51 -49.64 -47.94
C ARG C 604 25.22 -48.92 -48.34
N ALA C 605 25.22 -47.59 -48.33
CA ALA C 605 23.99 -46.88 -48.70
C ALA C 605 23.76 -46.88 -50.21
N LEU C 606 24.83 -46.73 -51.01
CA LEU C 606 24.64 -46.70 -52.47
C LEU C 606 24.13 -48.04 -52.98
N GLU C 607 24.58 -49.15 -52.39
CA GLU C 607 24.18 -50.48 -52.84
C GLU C 607 22.80 -50.89 -52.33
N ALA C 608 22.29 -50.23 -51.29
CA ALA C 608 21.05 -50.63 -50.62
C ALA C 608 19.87 -49.70 -50.90
N LEU C 609 19.97 -48.81 -51.88
CA LEU C 609 18.86 -47.90 -52.20
C LEU C 609 17.81 -48.58 -53.08
N GLU C 610 16.53 -48.34 -52.76
CA GLU C 610 15.40 -48.97 -53.45
C GLU C 610 14.43 -47.90 -53.92
N GLU C 611 14.21 -47.84 -55.24
CA GLU C 611 13.20 -46.96 -55.84
C GLU C 611 11.85 -47.67 -55.97
N ILE C 612 10.79 -47.05 -55.45
CA ILE C 612 9.46 -47.64 -55.40
C ILE C 612 8.59 -47.10 -56.52
N LYS C 613 8.12 -47.97 -57.41
CA LYS C 613 7.11 -47.64 -58.40
C LYS C 613 5.75 -48.16 -57.94
N TYR C 614 4.78 -47.23 -57.67
CA TYR C 614 3.47 -47.47 -57.07
C TYR C 614 2.36 -47.44 -58.12
N PRO C 615 1.28 -48.20 -57.89
CA PRO C 615 0.14 -48.15 -58.81
C PRO C 615 -0.54 -46.79 -58.82
N ALA C 616 -0.87 -46.31 -60.03
CA ALA C 616 -1.55 -45.03 -60.19
C ALA C 616 -2.97 -45.01 -59.63
N SER C 617 -3.57 -46.18 -59.37
CA SER C 617 -4.90 -46.25 -58.78
C SER C 617 -4.94 -45.74 -57.34
N TRP C 618 -3.79 -45.44 -56.73
CA TRP C 618 -3.74 -44.93 -55.37
C TRP C 618 -4.48 -43.61 -55.20
N ALA C 619 -4.75 -42.87 -56.29
CA ALA C 619 -5.35 -41.56 -56.17
C ALA C 619 -6.75 -41.61 -55.55
N ASP C 620 -7.48 -42.71 -55.72
CA ASP C 620 -8.82 -42.81 -55.17
C ASP C 620 -8.94 -43.84 -54.04
N ALA C 621 -7.81 -44.29 -53.46
CA ALA C 621 -7.89 -45.24 -52.37
C ALA C 621 -8.37 -44.55 -51.10
N VAL C 622 -9.28 -45.21 -50.37
CA VAL C 622 -9.87 -44.66 -49.16
C VAL C 622 -10.22 -45.80 -48.20
N GLU C 631 -13.98 -42.18 -27.52
CA GLU C 631 -14.32 -41.19 -26.51
C GLU C 631 -13.17 -40.98 -25.52
N GLU C 632 -12.25 -40.08 -25.87
CA GLU C 632 -11.11 -39.71 -25.05
C GLU C 632 -11.43 -38.50 -24.20
N PRO C 633 -10.69 -38.29 -23.10
CA PRO C 633 -10.93 -37.10 -22.26
C PRO C 633 -10.80 -35.81 -23.05
N GLU C 634 -11.45 -34.77 -22.50
CA GLU C 634 -11.50 -33.48 -23.20
C GLU C 634 -10.11 -32.89 -23.40
N PHE C 635 -9.24 -33.00 -22.39
CA PHE C 635 -7.90 -32.43 -22.53
C PHE C 635 -7.09 -33.17 -23.58
N ILE C 636 -7.14 -34.51 -23.56
CA ILE C 636 -6.42 -35.28 -24.55
C ILE C 636 -6.92 -34.95 -25.95
N GLN C 637 -8.23 -34.80 -26.09
CA GLN C 637 -8.83 -34.58 -27.41
C GLN C 637 -8.57 -33.17 -27.93
N LYS C 638 -8.65 -32.17 -27.05
CA LYS C 638 -8.53 -30.79 -27.48
C LYS C 638 -7.10 -30.25 -27.42
N VAL C 639 -6.23 -30.83 -26.61
CA VAL C 639 -4.90 -30.28 -26.40
C VAL C 639 -3.83 -31.30 -26.79
N LEU C 640 -3.87 -32.48 -26.17
CA LEU C 640 -2.79 -33.45 -26.32
C LEU C 640 -2.69 -33.95 -27.75
N ARG C 641 -3.83 -34.30 -28.37
CA ARG C 641 -3.81 -34.80 -29.75
C ARG C 641 -3.35 -33.75 -30.75
N PRO C 642 -3.90 -32.53 -30.79
CA PRO C 642 -3.46 -31.57 -31.81
C PRO C 642 -1.99 -31.19 -31.70
N ILE C 643 -1.43 -31.15 -30.50
CA ILE C 643 -0.03 -30.79 -30.35
C ILE C 643 0.86 -31.90 -30.90
N ASN C 644 0.57 -33.15 -30.53
CA ASN C 644 1.38 -34.26 -31.04
C ASN C 644 1.25 -34.41 -32.55
N ALA C 645 0.10 -34.03 -33.12
CA ALA C 645 -0.10 -34.07 -34.56
C ALA C 645 0.48 -32.84 -35.27
N LEU C 646 1.31 -32.06 -34.56
CA LEU C 646 1.96 -30.87 -35.13
C LEU C 646 0.95 -29.82 -35.58
N LYS C 647 -0.11 -29.63 -34.78
CA LYS C 647 -1.10 -28.59 -35.04
C LYS C 647 -1.29 -27.70 -33.83
N GLY C 648 -0.30 -27.63 -32.93
CA GLY C 648 -0.46 -26.82 -31.73
C GLY C 648 -0.64 -25.36 -32.03
N ASP C 649 -0.07 -24.89 -33.14
CA ASP C 649 -0.22 -23.49 -33.51
C ASP C 649 -1.65 -23.15 -33.90
N GLU C 650 -2.47 -24.16 -34.21
CA GLU C 650 -3.87 -23.95 -34.53
C GLU C 650 -4.73 -23.73 -33.30
N LEU C 651 -4.22 -24.06 -32.12
CA LEU C 651 -5.00 -23.93 -30.91
C LEU C 651 -5.15 -22.45 -30.54
N PRO C 652 -6.36 -21.99 -30.23
CA PRO C 652 -6.55 -20.60 -29.85
C PRO C 652 -6.16 -20.37 -28.39
N VAL C 653 -6.19 -19.09 -27.99
CA VAL C 653 -5.79 -18.72 -26.64
C VAL C 653 -6.71 -19.34 -25.61
N SER C 654 -7.99 -19.50 -25.96
CA SER C 654 -8.96 -20.06 -25.02
C SER C 654 -8.66 -21.51 -24.65
N THR C 655 -7.71 -22.15 -25.32
CA THR C 655 -7.40 -23.55 -25.02
C THR C 655 -6.63 -23.71 -23.73
N PHE C 656 -5.87 -22.69 -23.32
CA PHE C 656 -4.85 -22.84 -22.30
C PHE C 656 -5.23 -22.13 -21.01
N THR C 657 -4.75 -22.69 -19.89
CA THR C 657 -4.93 -22.06 -18.60
C THR C 657 -3.99 -20.85 -18.47
N PRO C 658 -4.38 -19.84 -17.69
CA PRO C 658 -3.55 -18.62 -17.58
C PRO C 658 -2.33 -18.77 -16.69
N ASP C 659 -2.17 -19.89 -15.97
CA ASP C 659 -1.05 -20.06 -15.05
C ASP C 659 -0.20 -21.29 -15.35
N GLY C 660 -0.33 -21.87 -16.53
CA GLY C 660 0.51 -22.98 -16.92
C GLY C 660 0.33 -24.25 -16.10
N VAL C 661 -0.88 -24.49 -15.60
CA VAL C 661 -1.16 -25.70 -14.83
C VAL C 661 -1.72 -26.74 -15.78
N PHE C 662 -1.20 -27.97 -15.68
CA PHE C 662 -1.55 -29.08 -16.54
C PHE C 662 -1.99 -30.27 -15.71
N PRO C 663 -2.82 -31.15 -16.30
CA PRO C 663 -3.20 -32.38 -15.60
C PRO C 663 -2.05 -33.38 -15.57
N VAL C 664 -2.19 -34.36 -14.69
CA VAL C 664 -1.20 -35.41 -14.54
C VAL C 664 -1.68 -36.67 -15.24
N GLY C 665 -0.74 -37.60 -15.44
CA GLY C 665 -1.04 -38.89 -16.04
C GLY C 665 -1.53 -38.81 -17.47
N THR C 666 -0.78 -38.13 -18.33
CA THR C 666 -1.14 -37.97 -19.73
C THR C 666 -0.18 -38.66 -20.70
N THR C 667 0.96 -39.16 -20.22
CA THR C 667 1.88 -39.86 -21.12
C THR C 667 1.36 -41.22 -21.55
N LYS C 668 0.42 -41.80 -20.80
CA LYS C 668 -0.15 -43.08 -21.19
C LYS C 668 -0.96 -43.00 -22.47
N TYR C 669 -1.32 -41.79 -22.92
CA TYR C 669 -2.09 -41.61 -24.15
C TYR C 669 -1.21 -41.44 -25.39
N GLU C 670 0.10 -41.43 -25.24
CA GLU C 670 0.97 -41.21 -26.40
C GLU C 670 1.16 -42.49 -27.21
N LYS C 671 1.68 -43.55 -26.58
CA LYS C 671 1.91 -44.84 -27.23
C LYS C 671 2.65 -44.66 -28.55
N ARG C 672 3.87 -44.12 -28.45
CA ARG C 672 4.61 -43.72 -29.64
C ARG C 672 5.06 -44.93 -30.46
N GLY C 673 5.47 -46.01 -29.80
CA GLY C 673 5.92 -47.20 -30.49
C GLY C 673 7.16 -47.01 -31.33
N ILE C 674 8.20 -46.44 -30.73
CA ILE C 674 9.44 -46.10 -31.41
C ILE C 674 10.51 -47.15 -31.21
N ALA C 675 10.21 -48.24 -30.51
CA ALA C 675 11.22 -49.24 -30.20
C ALA C 675 11.51 -50.12 -31.41
N VAL C 676 12.77 -50.47 -31.59
CA VAL C 676 13.14 -51.42 -32.64
C VAL C 676 12.92 -52.85 -32.16
N ASN C 677 13.26 -53.14 -30.90
CA ASN C 677 13.05 -54.43 -30.28
C ASN C 677 12.36 -54.25 -28.94
N ILE C 678 11.57 -55.25 -28.55
CA ILE C 678 10.88 -55.22 -27.26
C ILE C 678 11.15 -56.54 -26.55
N PRO C 679 11.14 -56.56 -25.21
CA PRO C 679 11.41 -57.82 -24.50
C PRO C 679 10.26 -58.80 -24.63
N GLN C 680 10.61 -60.07 -24.84
CA GLN C 680 9.65 -61.17 -24.85
C GLN C 680 9.85 -62.03 -23.61
N TRP C 681 8.77 -62.23 -22.86
CA TRP C 681 8.85 -62.89 -21.56
C TRP C 681 8.76 -64.40 -21.74
N GLN C 682 9.66 -65.13 -21.09
CA GLN C 682 9.65 -66.58 -21.08
C GLN C 682 9.14 -67.06 -19.71
N PRO C 683 7.88 -67.47 -19.60
CA PRO C 683 7.33 -67.79 -18.26
C PRO C 683 8.01 -68.94 -17.56
N GLU C 684 8.60 -69.88 -18.30
CA GLU C 684 9.21 -71.05 -17.69
C GLU C 684 10.55 -70.78 -17.02
N ASN C 685 11.24 -69.71 -17.42
CA ASN C 685 12.54 -69.39 -16.87
C ASN C 685 12.50 -68.31 -15.80
N CYS C 686 11.32 -67.74 -15.54
CA CYS C 686 11.19 -66.60 -14.65
C CYS C 686 11.06 -67.03 -13.20
N ILE C 687 11.90 -66.47 -12.33
CA ILE C 687 11.85 -66.76 -10.90
C ILE C 687 11.01 -65.76 -10.12
N GLN C 688 10.38 -64.81 -10.81
CA GLN C 688 9.51 -63.81 -10.19
C GLN C 688 10.27 -62.98 -9.15
N CYS C 689 11.26 -62.24 -9.64
CA CYS C 689 12.07 -61.38 -8.80
C CYS C 689 11.84 -59.90 -9.04
N ASN C 690 11.20 -59.53 -10.15
CA ASN C 690 10.81 -58.15 -10.47
C ASN C 690 11.98 -57.20 -10.67
N GLN C 691 13.19 -57.71 -10.91
CA GLN C 691 14.30 -56.82 -11.21
C GLN C 691 14.12 -56.13 -12.56
N CYS C 692 13.41 -56.77 -13.49
CA CYS C 692 13.16 -56.15 -14.79
C CYS C 692 12.26 -54.94 -14.65
N SER C 693 11.26 -55.02 -13.76
CA SER C 693 10.39 -53.87 -13.52
C SER C 693 11.14 -52.74 -12.84
N LEU C 694 12.15 -53.07 -12.04
CA LEU C 694 12.87 -52.06 -11.27
C LEU C 694 13.74 -51.19 -12.17
N VAL C 695 14.40 -51.78 -13.16
CA VAL C 695 15.39 -51.07 -13.95
C VAL C 695 14.82 -50.41 -15.20
N CYS C 696 13.54 -50.62 -15.49
CA CYS C 696 12.97 -50.06 -16.72
C CYS C 696 12.95 -48.54 -16.66
N PRO C 697 13.65 -47.84 -17.55
CA PRO C 697 13.66 -46.37 -17.50
C PRO C 697 12.38 -45.72 -17.99
N HIS C 698 11.37 -46.50 -18.39
CA HIS C 698 10.12 -45.91 -18.87
C HIS C 698 8.89 -46.56 -18.27
N ALA C 699 9.05 -47.45 -17.28
CA ALA C 699 7.94 -48.15 -16.64
C ALA C 699 7.10 -48.90 -17.67
N ALA C 700 7.75 -49.43 -18.71
CA ALA C 700 7.07 -50.14 -19.78
C ALA C 700 6.92 -51.63 -19.52
N ILE C 701 7.55 -52.15 -18.48
CA ILE C 701 7.47 -53.57 -18.15
C ILE C 701 7.24 -53.70 -16.65
N ARG C 702 6.18 -54.39 -16.26
CA ARG C 702 5.72 -54.47 -14.89
C ARG C 702 5.21 -55.87 -14.61
N PRO C 703 5.24 -56.31 -13.36
CA PRO C 703 4.59 -57.57 -13.00
C PRO C 703 3.12 -57.38 -12.66
N TYR C 704 2.34 -58.41 -12.99
CA TYR C 704 0.89 -58.39 -12.80
C TYR C 704 0.45 -59.64 -12.05
N LEU C 705 -0.34 -59.43 -10.99
CA LEU C 705 -0.98 -60.50 -10.25
C LEU C 705 -2.48 -60.46 -10.52
N ALA C 706 -3.10 -61.63 -10.58
CA ALA C 706 -4.52 -61.70 -10.91
C ALA C 706 -5.12 -62.96 -10.32
N LYS C 707 -6.32 -62.82 -9.76
CA LYS C 707 -7.08 -63.97 -9.32
C LYS C 707 -7.45 -64.83 -10.53
N PRO C 708 -7.57 -66.14 -10.37
CA PRO C 708 -7.88 -67.00 -11.52
C PRO C 708 -9.22 -66.66 -12.16
N ALA C 709 -10.15 -66.08 -11.40
CA ALA C 709 -11.44 -65.71 -11.98
C ALA C 709 -11.31 -64.49 -12.89
N ASP C 710 -10.38 -63.58 -12.57
CA ASP C 710 -10.20 -62.35 -13.34
C ASP C 710 -9.54 -62.59 -14.68
N LEU C 711 -9.09 -63.81 -14.97
CA LEU C 711 -8.51 -64.16 -16.26
C LEU C 711 -9.56 -64.73 -17.22
N ALA C 712 -10.81 -64.29 -17.10
CA ALA C 712 -11.90 -64.83 -17.92
C ALA C 712 -11.71 -64.45 -19.39
N GLY C 713 -11.76 -63.15 -19.69
CA GLY C 713 -11.64 -62.69 -21.06
C GLY C 713 -10.20 -62.52 -21.53
N ALA C 714 -9.27 -63.22 -20.88
CA ALA C 714 -7.87 -63.07 -21.24
C ALA C 714 -7.62 -63.69 -22.62
N PRO C 715 -6.75 -63.08 -23.43
CA PRO C 715 -6.40 -63.69 -24.71
C PRO C 715 -5.62 -64.99 -24.51
N GLU C 716 -5.59 -65.80 -25.57
CA GLU C 716 -4.87 -67.07 -25.49
C GLU C 716 -3.37 -66.89 -25.33
N THR C 717 -2.83 -65.74 -25.74
CA THR C 717 -1.40 -65.46 -25.61
C THR C 717 -1.03 -64.87 -24.25
N PHE C 718 -2.01 -64.62 -23.38
CA PHE C 718 -1.77 -64.08 -22.05
C PHE C 718 -1.42 -65.22 -21.07
N VAL C 719 -0.33 -65.92 -21.38
CA VAL C 719 0.07 -67.07 -20.58
C VAL C 719 0.55 -66.58 -19.22
N THR C 720 0.07 -67.22 -18.16
CA THR C 720 0.39 -66.86 -16.78
C THR C 720 1.09 -68.02 -16.09
N LYS C 721 1.62 -67.74 -14.91
CA LYS C 721 2.24 -68.75 -14.08
C LYS C 721 1.80 -68.54 -12.63
N ASP C 722 1.82 -69.61 -11.85
CA ASP C 722 1.45 -69.53 -10.45
C ASP C 722 2.41 -68.61 -9.70
N ALA C 723 1.85 -67.82 -8.78
CA ALA C 723 2.62 -66.79 -8.08
C ALA C 723 3.41 -67.41 -6.93
N ILE C 724 4.70 -67.06 -6.87
CA ILE C 724 5.59 -67.53 -5.82
C ILE C 724 5.49 -66.59 -4.62
N GLY C 725 5.41 -67.16 -3.43
CA GLY C 725 5.35 -66.36 -2.23
C GLY C 725 4.08 -66.56 -1.42
N LYS C 726 4.21 -66.58 -0.09
CA LYS C 726 3.05 -66.77 0.77
C LYS C 726 2.08 -65.60 0.68
N GLU C 727 2.56 -64.42 0.27
CA GLU C 727 1.71 -63.25 0.15
C GLU C 727 0.76 -63.37 -1.04
N ALA C 728 1.25 -63.92 -2.16
CA ALA C 728 0.46 -64.03 -3.38
C ALA C 728 0.02 -65.47 -3.65
N ALA C 729 -0.25 -66.23 -2.59
CA ALA C 729 -0.71 -67.60 -2.77
C ALA C 729 -2.08 -67.61 -3.43
N GLY C 730 -2.29 -68.57 -4.33
CA GLY C 730 -3.54 -68.67 -5.03
C GLY C 730 -3.75 -67.63 -6.12
N LEU C 731 -2.69 -66.92 -6.50
CA LEU C 731 -2.77 -65.89 -7.53
C LEU C 731 -1.92 -66.29 -8.73
N LYS C 732 -2.20 -65.65 -9.86
CA LYS C 732 -1.45 -65.86 -11.09
C LYS C 732 -0.47 -64.71 -11.31
N PHE C 733 0.63 -65.02 -11.99
CA PHE C 733 1.73 -64.07 -12.18
C PHE C 733 2.08 -63.98 -13.66
N ARG C 734 2.40 -62.76 -14.10
CA ARG C 734 2.82 -62.54 -15.48
C ARG C 734 3.62 -61.25 -15.56
N ILE C 735 4.70 -61.29 -16.33
CA ILE C 735 5.47 -60.09 -16.67
C ILE C 735 4.96 -59.60 -18.01
N GLN C 736 4.33 -58.43 -18.03
CA GLN C 736 3.74 -57.88 -19.24
C GLN C 736 4.43 -56.58 -19.62
N VAL C 737 4.71 -56.43 -20.91
CA VAL C 737 5.38 -55.24 -21.42
C VAL C 737 4.38 -54.42 -22.23
N SER C 738 4.55 -53.10 -22.20
CA SER C 738 3.78 -52.21 -23.05
C SER C 738 4.57 -52.00 -24.34
N PRO C 739 4.16 -52.60 -25.46
CA PRO C 739 4.99 -52.49 -26.66
C PRO C 739 5.09 -51.06 -27.19
N LEU C 740 4.00 -50.30 -27.14
CA LEU C 740 4.01 -48.98 -27.74
C LEU C 740 4.75 -47.94 -26.90
N ASP C 741 4.94 -48.21 -25.60
CA ASP C 741 5.66 -47.26 -24.73
C ASP C 741 7.10 -47.69 -24.46
N CYS C 742 7.46 -48.91 -24.81
CA CYS C 742 8.83 -49.37 -24.63
C CYS C 742 9.78 -48.67 -25.61
N THR C 743 11.03 -48.51 -25.18
CA THR C 743 12.07 -47.85 -25.96
C THR C 743 13.09 -48.81 -26.53
N GLY C 744 13.02 -50.10 -26.19
CA GLY C 744 13.96 -51.04 -26.76
C GLY C 744 15.37 -50.94 -26.22
N CYS C 745 15.54 -50.40 -25.01
CA CYS C 745 16.88 -50.18 -24.48
C CYS C 745 17.57 -51.49 -24.11
N GLY C 746 16.81 -52.46 -23.61
CA GLY C 746 17.37 -53.74 -23.24
C GLY C 746 17.89 -53.84 -21.83
N ASN C 747 17.55 -52.88 -20.95
CA ASN C 747 18.02 -52.96 -19.57
C ASN C 747 17.35 -54.09 -18.81
N CYS C 748 16.07 -54.35 -19.10
CA CYS C 748 15.36 -55.40 -18.36
C CYS C 748 15.91 -56.77 -18.70
N ALA C 749 16.30 -56.99 -19.95
CA ALA C 749 16.88 -58.28 -20.32
C ALA C 749 18.29 -58.45 -19.77
N ASP C 750 19.04 -57.36 -19.65
CA ASP C 750 20.42 -57.47 -19.17
C ASP C 750 20.48 -57.73 -17.66
N VAL C 751 19.50 -57.24 -16.90
CA VAL C 751 19.54 -57.41 -15.45
C VAL C 751 18.99 -58.77 -15.02
N CYS C 752 18.18 -59.43 -15.86
CA CYS C 752 17.51 -60.69 -15.56
C CYS C 752 18.52 -61.72 -15.10
N PRO C 753 18.46 -62.13 -13.83
CA PRO C 753 19.50 -63.02 -13.27
C PRO C 753 19.20 -64.51 -13.38
N ALA C 754 18.17 -64.92 -14.11
CA ALA C 754 17.83 -66.33 -14.21
C ALA C 754 18.92 -67.07 -14.98
N LYS C 755 18.97 -68.40 -14.76
CA LYS C 755 19.92 -69.23 -15.48
C LYS C 755 19.73 -69.08 -16.99
N VAL C 756 18.52 -69.34 -17.47
CA VAL C 756 18.12 -69.02 -18.83
C VAL C 756 17.36 -67.71 -18.77
N LYS C 757 17.70 -66.78 -19.66
CA LYS C 757 17.06 -65.46 -19.66
C LYS C 757 15.56 -65.56 -19.86
N ALA C 758 14.80 -65.03 -18.92
CA ALA C 758 13.35 -65.00 -19.05
C ALA C 758 12.87 -63.86 -19.94
N LEU C 759 13.78 -63.00 -20.39
CA LEU C 759 13.47 -61.90 -21.29
C LEU C 759 14.43 -61.94 -22.47
N THR C 760 13.88 -61.96 -23.67
CA THR C 760 14.66 -61.92 -24.89
C THR C 760 14.14 -60.81 -25.79
N MET C 761 15.07 -60.08 -26.41
CA MET C 761 14.73 -58.98 -27.30
C MET C 761 14.31 -59.51 -28.66
N VAL C 762 13.07 -59.24 -29.05
CA VAL C 762 12.52 -59.65 -30.35
C VAL C 762 12.11 -58.40 -31.12
N PRO C 763 12.11 -58.44 -32.46
CA PRO C 763 11.68 -57.26 -33.21
C PRO C 763 10.24 -56.90 -32.90
N LEU C 764 9.96 -55.59 -32.89
CA LEU C 764 8.64 -55.11 -32.50
C LEU C 764 7.56 -55.59 -33.46
N GLU C 765 7.82 -55.49 -34.76
CA GLU C 765 6.78 -55.74 -35.76
C GLU C 765 6.24 -57.16 -35.71
N GLU C 766 7.01 -58.12 -35.22
CA GLU C 766 6.54 -59.49 -35.21
C GLU C 766 5.49 -59.72 -34.12
N VAL C 767 5.65 -59.08 -32.97
CA VAL C 767 4.82 -59.36 -31.80
C VAL C 767 4.05 -58.14 -31.33
N THR C 768 4.01 -57.07 -32.12
CA THR C 768 3.33 -55.85 -31.68
C THR C 768 1.82 -56.08 -31.58
N ALA C 769 1.24 -56.78 -32.54
CA ALA C 769 -0.19 -57.05 -32.49
C ALA C 769 -0.55 -57.93 -31.31
N VAL C 770 0.33 -58.86 -30.94
CA VAL C 770 0.06 -59.75 -29.82
C VAL C 770 0.18 -59.01 -28.50
N GLU C 771 1.33 -58.37 -28.26
CA GLU C 771 1.57 -57.74 -26.97
C GLU C 771 0.67 -56.53 -26.75
N GLU C 772 0.12 -55.94 -27.81
CA GLU C 772 -0.89 -54.90 -27.61
C GLU C 772 -2.14 -55.47 -26.97
N ALA C 773 -2.62 -56.61 -27.47
CA ALA C 773 -3.76 -57.26 -26.85
C ALA C 773 -3.42 -57.77 -25.45
N ASN C 774 -2.17 -58.22 -25.24
CA ASN C 774 -1.77 -58.68 -23.92
C ASN C 774 -1.70 -57.53 -22.93
N TYR C 775 -1.06 -56.42 -23.31
CA TYR C 775 -0.95 -55.28 -22.40
C TYR C 775 -2.30 -54.66 -22.11
N ASN C 776 -3.16 -54.52 -23.13
CA ASN C 776 -4.45 -53.90 -22.91
C ASN C 776 -5.30 -54.69 -21.92
N PHE C 777 -5.11 -56.02 -21.88
CA PHE C 777 -5.80 -56.80 -20.87
C PHE C 777 -5.12 -56.66 -19.50
N ALA C 778 -3.79 -56.67 -19.48
CA ALA C 778 -3.07 -56.55 -18.21
C ALA C 778 -3.28 -55.21 -17.55
N GLU C 779 -3.42 -54.14 -18.34
CA GLU C 779 -3.63 -52.82 -17.74
C GLU C 779 -5.00 -52.72 -17.08
N GLN C 780 -5.98 -53.48 -17.57
CA GLN C 780 -7.33 -53.46 -17.04
C GLN C 780 -7.56 -54.51 -15.95
N LEU C 781 -6.50 -55.18 -15.52
CA LEU C 781 -6.64 -56.15 -14.44
C LEU C 781 -6.96 -55.44 -13.13
N PRO C 782 -7.81 -56.02 -12.29
CA PRO C 782 -8.16 -55.36 -11.03
C PRO C 782 -6.97 -55.34 -10.08
N GLU C 783 -7.08 -54.44 -9.10
CA GLU C 783 -6.04 -54.31 -8.09
C GLU C 783 -6.04 -55.54 -7.19
N VAL C 784 -4.84 -55.96 -6.79
CA VAL C 784 -4.63 -57.15 -5.97
C VAL C 784 -3.89 -56.72 -4.71
N LYS C 785 -4.58 -56.81 -3.56
CA LYS C 785 -3.95 -56.52 -2.28
C LYS C 785 -2.92 -57.60 -1.94
N VAL C 786 -1.67 -57.21 -1.77
CA VAL C 786 -0.59 -58.14 -1.46
C VAL C 786 0.22 -57.58 -0.29
N ASN C 787 0.73 -58.49 0.55
CA ASN C 787 1.50 -58.12 1.73
C ASN C 787 3.00 -58.32 1.54
N PHE C 788 3.49 -58.19 0.31
CA PHE C 788 4.94 -58.21 0.10
C PHE C 788 5.56 -56.96 0.72
N ASN C 789 6.72 -57.15 1.35
CA ASN C 789 7.40 -56.06 2.03
C ASN C 789 7.88 -55.02 1.01
N PRO C 790 7.39 -53.78 1.06
CA PRO C 790 7.84 -52.78 0.08
C PRO C 790 9.30 -52.36 0.25
N ALA C 791 9.93 -52.70 1.38
CA ALA C 791 11.33 -52.36 1.58
C ALA C 791 12.28 -53.25 0.77
N THR C 792 11.76 -54.28 0.12
CA THR C 792 12.54 -55.13 -0.76
C THR C 792 12.29 -54.76 -2.22
N VAL C 793 13.20 -55.21 -3.10
CA VAL C 793 13.09 -54.92 -4.52
C VAL C 793 11.87 -55.63 -5.11
N LYS C 794 11.71 -56.92 -4.81
CA LYS C 794 10.57 -57.67 -5.35
C LYS C 794 9.25 -57.08 -4.87
N GLY C 795 9.17 -56.69 -3.60
CA GLY C 795 7.94 -56.14 -3.08
C GLY C 795 7.64 -54.75 -3.61
N SER C 796 8.69 -53.95 -3.86
CA SER C 796 8.47 -52.58 -4.29
C SER C 796 7.87 -52.50 -5.68
N GLN C 797 8.16 -53.47 -6.54
CA GLN C 797 7.66 -53.41 -7.91
C GLN C 797 6.21 -53.83 -8.03
N PHE C 798 5.64 -54.48 -7.01
CA PHE C 798 4.21 -54.74 -7.03
C PHE C 798 3.40 -53.48 -6.74
N ARG C 799 4.03 -52.41 -6.27
CA ARG C 799 3.38 -51.12 -6.16
C ARG C 799 3.35 -50.45 -7.51
N GLN C 800 2.27 -49.74 -7.78
CA GLN C 800 2.11 -49.11 -9.09
C GLN C 800 3.13 -48.00 -9.28
N PRO C 801 3.86 -47.98 -10.39
CA PRO C 801 4.76 -46.85 -10.65
C PRO C 801 3.95 -45.61 -10.97
N LEU C 802 4.34 -44.49 -10.38
CA LEU C 802 3.68 -43.22 -10.61
C LEU C 802 4.52 -42.28 -11.48
N LEU C 803 5.53 -42.81 -12.16
CA LEU C 803 6.26 -42.09 -13.19
C LEU C 803 6.41 -43.05 -14.36
N GLU C 804 5.72 -42.75 -15.47
CA GLU C 804 5.63 -43.69 -16.57
C GLU C 804 5.77 -42.98 -17.90
N PHE C 805 6.53 -43.61 -18.81
CA PHE C 805 6.52 -43.25 -20.22
C PHE C 805 7.03 -41.83 -20.45
N SER C 806 8.06 -41.43 -19.72
CA SER C 806 8.61 -40.09 -19.87
C SER C 806 9.43 -40.01 -21.16
N GLY C 807 9.92 -38.80 -21.45
CA GLY C 807 10.72 -38.54 -22.62
C GLY C 807 12.21 -38.72 -22.44
N ALA C 808 12.64 -39.37 -21.36
CA ALA C 808 14.06 -39.59 -21.14
C ALA C 808 14.62 -40.51 -22.23
N CYS C 809 15.94 -40.53 -22.34
CA CYS C 809 16.57 -41.37 -23.33
C CYS C 809 16.32 -42.84 -23.06
N ALA C 810 16.47 -43.66 -24.09
CA ALA C 810 16.39 -45.10 -23.92
C ALA C 810 17.52 -45.54 -23.01
N GLY C 811 17.15 -46.17 -21.89
CA GLY C 811 18.15 -46.60 -20.93
C GLY C 811 18.70 -45.51 -20.05
N CYS C 812 17.95 -44.43 -19.86
CA CYS C 812 18.42 -43.31 -19.04
C CYS C 812 18.69 -43.75 -17.62
N GLY C 813 19.75 -43.22 -17.04
CA GLY C 813 20.12 -43.54 -15.67
C GLY C 813 19.43 -42.71 -14.60
N GLU C 814 18.56 -41.78 -14.96
CA GLU C 814 17.90 -40.94 -13.97
C GLU C 814 16.54 -41.49 -13.55
N THR C 815 15.68 -41.78 -14.52
CA THR C 815 14.29 -42.13 -14.19
C THR C 815 14.11 -43.38 -13.32
N PRO C 816 14.97 -44.41 -13.38
CA PRO C 816 14.77 -45.54 -12.46
C PRO C 816 14.77 -45.14 -11.00
N TYR C 817 15.52 -44.10 -10.63
CA TYR C 817 15.52 -43.65 -9.24
C TYR C 817 14.17 -43.07 -8.85
N VAL C 818 13.68 -42.11 -9.63
CA VAL C 818 12.44 -41.43 -9.28
C VAL C 818 11.26 -42.40 -9.32
N LYS C 819 11.26 -43.34 -10.27
CA LYS C 819 10.18 -44.32 -10.32
C LYS C 819 10.13 -45.14 -9.04
N LEU C 820 11.27 -45.51 -8.49
CA LEU C 820 11.28 -46.26 -7.24
C LEU C 820 10.74 -45.40 -6.10
N VAL C 821 11.05 -44.11 -6.11
CA VAL C 821 10.56 -43.22 -5.07
C VAL C 821 9.04 -43.11 -5.14
N THR C 822 8.48 -43.07 -6.34
CA THR C 822 7.03 -43.01 -6.47
C THR C 822 6.36 -44.30 -6.00
N GLN C 823 7.03 -45.44 -6.16
CA GLN C 823 6.45 -46.70 -5.70
C GLN C 823 6.49 -46.83 -4.19
N LEU C 824 7.34 -46.06 -3.51
CA LEU C 824 7.46 -46.07 -2.06
C LEU C 824 6.63 -44.97 -1.39
N PHE C 825 6.74 -43.73 -1.88
CA PHE C 825 6.09 -42.59 -1.24
C PHE C 825 5.23 -41.77 -2.19
N GLY C 826 4.99 -42.24 -3.42
CA GLY C 826 4.25 -41.45 -4.38
C GLY C 826 2.85 -41.08 -3.96
N ASP C 827 2.27 -41.84 -3.02
CA ASP C 827 0.91 -41.56 -2.55
C ASP C 827 0.81 -40.18 -1.90
N ARG C 828 1.92 -39.65 -1.38
CA ARG C 828 1.84 -38.48 -0.53
C ARG C 828 3.06 -37.57 -0.67
N MET C 829 3.65 -37.47 -1.85
CA MET C 829 4.85 -36.67 -2.01
C MET C 829 4.61 -35.51 -2.96
N ILE C 830 5.34 -34.42 -2.74
CA ILE C 830 5.33 -33.24 -3.59
C ILE C 830 6.75 -33.01 -4.06
N ILE C 831 6.93 -32.77 -5.35
CA ILE C 831 8.25 -32.70 -5.97
C ILE C 831 8.54 -31.25 -6.36
N ALA C 832 9.69 -30.75 -5.93
CA ALA C 832 10.26 -29.50 -6.44
C ALA C 832 11.47 -29.88 -7.28
N ASN C 833 11.33 -29.80 -8.61
CA ASN C 833 12.32 -30.31 -9.54
C ASN C 833 13.07 -29.14 -10.17
N ALA C 834 14.39 -29.20 -10.14
CA ALA C 834 15.21 -28.17 -10.76
C ALA C 834 15.17 -28.32 -12.26
N THR C 835 15.47 -27.22 -12.95
CA THR C 835 15.57 -27.29 -14.40
C THR C 835 16.74 -28.17 -14.80
N GLY C 836 16.54 -28.96 -15.82
CA GLY C 836 17.52 -29.93 -16.26
C GLY C 836 16.81 -31.07 -16.96
N CYS C 837 17.55 -32.14 -17.19
CA CYS C 837 16.94 -33.32 -17.79
C CYS C 837 15.75 -33.78 -16.95
N SER C 838 15.95 -33.85 -15.63
CA SER C 838 14.90 -34.28 -14.73
C SER C 838 13.65 -33.41 -14.82
N SER C 839 13.78 -32.16 -15.28
CA SER C 839 12.61 -31.31 -15.51
C SER C 839 12.07 -31.39 -16.94
N ILE C 840 12.88 -31.81 -17.90
CA ILE C 840 12.43 -31.85 -19.29
C ILE C 840 11.69 -33.14 -19.60
N TRP C 841 12.23 -34.29 -19.16
CA TRP C 841 11.44 -35.51 -19.30
C TRP C 841 10.34 -35.61 -18.26
N GLY C 842 10.40 -34.78 -17.22
CA GLY C 842 9.41 -34.79 -16.16
C GLY C 842 8.28 -33.80 -16.36
N GLY C 843 8.53 -32.74 -17.12
CA GLY C 843 7.54 -31.70 -17.28
C GLY C 843 7.62 -30.89 -18.56
N SER C 844 7.54 -31.57 -19.70
CA SER C 844 7.42 -30.89 -20.99
C SER C 844 5.97 -31.00 -21.43
N ALA C 845 5.32 -29.85 -21.60
CA ALA C 845 3.94 -29.83 -22.05
C ALA C 845 3.82 -30.50 -23.42
N PRO C 846 2.67 -31.14 -23.70
CA PRO C 846 1.50 -31.28 -22.85
C PRO C 846 1.41 -32.62 -22.11
N ALA C 847 2.46 -33.43 -22.19
CA ALA C 847 2.44 -34.77 -21.62
C ALA C 847 3.08 -34.74 -20.24
N CYS C 848 2.41 -35.36 -19.26
CA CYS C 848 2.93 -35.43 -17.91
C CYS C 848 3.23 -36.89 -17.57
N PRO C 849 4.49 -37.23 -17.29
CA PRO C 849 4.82 -38.63 -17.00
C PRO C 849 4.45 -39.09 -15.60
N TYR C 850 4.27 -38.17 -14.65
CA TYR C 850 3.83 -38.56 -13.33
C TYR C 850 2.33 -38.83 -13.35
N THR C 851 1.93 -39.98 -12.82
CA THR C 851 0.55 -40.42 -12.87
C THR C 851 0.07 -40.75 -11.46
N VAL C 852 -1.18 -41.17 -11.35
CA VAL C 852 -1.83 -41.42 -10.07
C VAL C 852 -2.20 -42.90 -9.98
N ASN C 853 -2.59 -43.30 -8.78
CA ASN C 853 -3.04 -44.67 -8.55
C ASN C 853 -4.56 -44.74 -8.77
N ARG C 854 -5.15 -45.88 -8.40
CA ARG C 854 -6.59 -46.06 -8.58
C ARG C 854 -7.39 -45.14 -7.67
N GLN C 855 -6.80 -44.73 -6.55
CA GLN C 855 -7.46 -43.81 -5.64
C GLN C 855 -7.34 -42.36 -6.08
N GLY C 856 -6.68 -42.09 -7.21
CA GLY C 856 -6.57 -40.75 -7.73
C GLY C 856 -5.46 -39.93 -7.13
N HIS C 857 -4.61 -40.51 -6.30
CA HIS C 857 -3.54 -39.79 -5.64
C HIS C 857 -2.23 -40.02 -6.39
N GLY C 858 -1.41 -38.98 -6.44
CA GLY C 858 -0.12 -39.05 -7.10
C GLY C 858 0.73 -37.83 -6.79
N PRO C 859 2.00 -37.88 -7.18
CA PRO C 859 2.90 -36.76 -6.90
C PRO C 859 2.48 -35.49 -7.63
N ALA C 860 2.50 -34.37 -6.91
CA ALA C 860 2.33 -33.06 -7.50
C ALA C 860 3.70 -32.50 -7.87
N TRP C 861 3.83 -31.96 -9.07
CA TRP C 861 5.11 -31.63 -9.64
C TRP C 861 5.18 -30.14 -9.99
N ALA C 862 6.30 -29.51 -9.66
CA ALA C 862 6.50 -28.10 -9.90
C ALA C 862 7.98 -27.81 -10.12
N SER C 863 8.28 -26.93 -11.07
CA SER C 863 9.64 -26.48 -11.34
C SER C 863 9.65 -24.95 -11.36
N SER C 864 10.47 -24.35 -10.50
CA SER C 864 10.57 -22.89 -10.46
C SER C 864 11.67 -22.41 -11.40
N LEU C 865 12.91 -22.40 -10.92
CA LEU C 865 14.06 -21.98 -11.71
C LEU C 865 15.17 -23.02 -11.55
N PHE C 866 16.27 -22.77 -12.24
CA PHE C 866 17.43 -23.65 -12.16
C PHE C 866 18.20 -23.45 -10.85
N GLU C 867 18.26 -22.21 -10.36
CA GLU C 867 19.13 -21.85 -9.25
C GLU C 867 18.44 -21.86 -7.89
N ASP C 868 17.12 -21.95 -7.84
CA ASP C 868 16.39 -21.75 -6.60
C ASP C 868 15.69 -23.01 -6.10
N ASN C 869 16.06 -24.18 -6.64
CA ASN C 869 15.25 -25.37 -6.42
C ASN C 869 15.24 -25.81 -4.95
N ALA C 870 16.38 -25.67 -4.26
CA ALA C 870 16.40 -26.04 -2.85
C ALA C 870 15.47 -25.14 -2.03
N GLU C 871 15.62 -23.82 -2.20
CA GLU C 871 14.72 -22.90 -1.52
C GLU C 871 13.29 -22.98 -2.04
N PHE C 872 13.13 -23.37 -3.31
CA PHE C 872 11.81 -23.62 -3.86
C PHE C 872 11.10 -24.74 -3.10
N GLY C 873 11.77 -25.86 -2.90
CA GLY C 873 11.17 -26.94 -2.13
C GLY C 873 11.11 -26.67 -0.64
N TYR C 874 12.09 -25.94 -0.11
CA TYR C 874 12.06 -25.55 1.29
C TYR C 874 10.82 -24.70 1.60
N GLY C 875 10.48 -23.78 0.70
CA GLY C 875 9.29 -22.98 0.91
C GLY C 875 8.02 -23.82 0.95
N MET C 876 7.97 -24.88 0.15
CA MET C 876 6.83 -25.79 0.18
C MET C 876 6.71 -26.46 1.54
N ALA C 877 7.84 -26.87 2.11
CA ALA C 877 7.82 -27.54 3.41
C ALA C 877 7.26 -26.61 4.49
N LEU C 878 7.63 -25.33 4.44
CA LEU C 878 7.08 -24.36 5.39
C LEU C 878 5.56 -24.26 5.22
N ALA C 879 5.10 -24.17 3.97
CA ALA C 879 3.67 -23.98 3.71
C ALA C 879 2.87 -25.21 4.10
N VAL C 880 3.36 -26.40 3.72
CA VAL C 880 2.63 -27.62 4.05
C VAL C 880 2.49 -27.78 5.55
N ALA C 881 3.54 -27.38 6.30
CA ALA C 881 3.44 -27.40 7.76
C ALA C 881 2.36 -26.44 8.25
N LYS C 882 2.23 -25.27 7.60
CA LYS C 882 1.19 -24.34 7.99
C LYS C 882 -0.20 -24.90 7.73
N ARG C 883 -0.38 -25.63 6.62
CA ARG C 883 -1.69 -26.21 6.33
C ARG C 883 -2.03 -27.30 7.33
N GLN C 884 -1.04 -28.08 7.74
CA GLN C 884 -1.28 -29.10 8.76
C GLN C 884 -1.59 -28.48 10.10
N ASP C 885 -0.97 -27.34 10.41
CA ASP C 885 -1.22 -26.66 11.68
C ASP C 885 -2.65 -26.13 11.76
N GLU C 886 -3.18 -25.63 10.64
CA GLU C 886 -4.56 -25.16 10.62
C GLU C 886 -5.54 -26.32 10.80
N LEU C 887 -5.24 -27.48 10.21
CA LEU C 887 -6.10 -28.64 10.37
C LEU C 887 -6.01 -29.20 11.79
N ALA C 888 -4.79 -29.27 12.33
CA ALA C 888 -4.60 -29.76 13.68
C ALA C 888 -5.32 -28.89 14.70
N THR C 889 -5.44 -27.59 14.42
CA THR C 889 -6.19 -26.70 15.31
C THR C 889 -7.68 -27.00 15.27
N ALA C 890 -8.23 -27.24 14.07
CA ALA C 890 -9.64 -27.57 13.96
C ALA C 890 -9.95 -28.93 14.58
N ILE C 891 -8.97 -29.84 14.58
CA ILE C 891 -9.19 -31.15 15.18
C ILE C 891 -9.17 -31.06 16.71
N SER C 892 -8.28 -30.23 17.26
CA SER C 892 -8.23 -30.06 18.72
C SER C 892 -9.52 -29.45 19.25
N LYS C 893 -10.16 -28.57 18.47
CA LYS C 893 -11.44 -28.02 18.87
C LYS C 893 -12.53 -29.08 18.83
N ALA C 894 -12.38 -30.10 17.97
CA ALA C 894 -13.39 -31.14 17.90
C ALA C 894 -13.43 -31.99 19.17
N LEU C 895 -12.32 -32.07 19.91
CA LEU C 895 -12.30 -32.82 21.15
C LEU C 895 -13.26 -32.23 22.18
N GLU C 896 -13.43 -30.91 22.17
CA GLU C 896 -14.28 -30.21 23.12
C GLU C 896 -15.73 -30.13 22.68
N ALA C 897 -16.08 -30.71 21.50
CA ALA C 897 -17.44 -30.64 20.97
C ALA C 897 -18.21 -31.92 21.23
N PRO C 898 -19.53 -31.84 21.37
CA PRO C 898 -20.33 -33.06 21.56
C PRO C 898 -20.43 -33.90 20.30
N VAL C 899 -19.42 -34.74 20.05
CA VAL C 899 -19.42 -35.65 18.91
C VAL C 899 -19.21 -37.07 19.44
N SER C 900 -19.38 -38.04 18.56
CA SER C 900 -19.29 -39.44 18.95
C SER C 900 -17.89 -39.77 19.46
N ALA C 901 -17.82 -40.78 20.34
CA ALA C 901 -16.53 -41.18 20.89
C ALA C 901 -15.61 -41.75 19.83
N ALA C 902 -16.16 -42.43 18.82
CA ALA C 902 -15.34 -42.97 17.75
C ALA C 902 -14.65 -41.87 16.96
N PHE C 903 -15.33 -40.73 16.79
CA PHE C 903 -14.70 -39.59 16.13
C PHE C 903 -13.59 -39.01 16.99
N LYS C 904 -13.82 -38.87 18.30
CA LYS C 904 -12.80 -38.36 19.20
C LYS C 904 -11.62 -39.31 19.33
N ALA C 905 -11.87 -40.62 19.24
CA ALA C 905 -10.78 -41.57 19.36
C ALA C 905 -9.80 -41.43 18.20
N ALA C 906 -10.34 -41.26 16.98
CA ALA C 906 -9.47 -41.12 15.83
C ALA C 906 -8.73 -39.79 15.85
N CYS C 907 -9.34 -38.74 16.41
CA CYS C 907 -8.70 -37.43 16.43
C CYS C 907 -7.50 -37.41 17.37
N GLU C 908 -7.65 -37.96 18.58
CA GLU C 908 -6.52 -37.99 19.50
C GLU C 908 -5.39 -38.86 18.95
N GLY C 909 -5.75 -39.95 18.27
CA GLY C 909 -4.72 -40.78 17.65
C GLY C 909 -4.02 -40.07 16.51
N TRP C 910 -4.74 -39.23 15.77
CA TRP C 910 -4.14 -38.47 14.68
C TRP C 910 -3.25 -37.35 15.22
N LEU C 911 -3.73 -36.64 16.25
CA LEU C 911 -2.94 -35.55 16.83
C LEU C 911 -1.63 -36.06 17.39
N ALA C 912 -1.61 -37.30 17.87
CA ALA C 912 -0.39 -37.88 18.42
C ALA C 912 0.58 -38.32 17.33
N GLY C 913 0.08 -38.58 16.12
CA GLY C 913 0.94 -39.04 15.05
C GLY C 913 0.85 -38.25 13.75
N LYS C 914 0.54 -36.96 13.84
CA LYS C 914 0.41 -36.14 12.63
C LYS C 914 1.74 -36.02 11.88
N ASP C 915 2.87 -36.22 12.56
CA ASP C 915 4.18 -36.17 11.94
C ASP C 915 4.74 -37.56 11.67
N ASP C 916 3.93 -38.60 11.84
CA ASP C 916 4.30 -39.97 11.54
C ASP C 916 3.56 -40.41 10.28
N ALA C 917 4.30 -41.00 9.34
CA ALA C 917 3.72 -41.35 8.05
C ALA C 917 2.60 -42.38 8.21
N ASP C 918 2.86 -43.44 8.98
CA ASP C 918 1.89 -44.53 9.09
C ASP C 918 0.69 -44.14 9.95
N ARG C 919 0.93 -43.56 11.13
CA ARG C 919 -0.19 -43.30 12.05
C ARG C 919 -1.09 -42.20 11.53
N SER C 920 -0.52 -41.17 10.89
CA SER C 920 -1.35 -40.09 10.37
C SER C 920 -2.29 -40.58 9.27
N ARG C 921 -1.83 -41.56 8.47
CA ARG C 921 -2.72 -42.18 7.49
C ARG C 921 -3.71 -43.10 8.17
N GLU C 922 -3.28 -43.82 9.20
CA GLU C 922 -4.16 -44.77 9.88
C GLU C 922 -5.35 -44.03 10.51
N TYR C 923 -5.05 -43.11 11.43
CA TYR C 923 -6.13 -42.37 12.08
C TYR C 923 -6.74 -41.34 11.14
N GLY C 924 -5.97 -40.88 10.15
CA GLY C 924 -6.52 -39.95 9.17
C GLY C 924 -7.63 -40.58 8.34
N ASP C 925 -7.42 -41.82 7.90
CA ASP C 925 -8.46 -42.49 7.13
C ASP C 925 -9.68 -42.78 8.00
N ARG C 926 -9.48 -43.02 9.29
CA ARG C 926 -10.60 -43.19 10.19
C ARG C 926 -11.40 -41.90 10.31
N ILE C 927 -10.72 -40.77 10.37
CA ILE C 927 -11.40 -39.48 10.39
C ILE C 927 -12.17 -39.27 9.08
N LYS C 928 -11.53 -39.61 7.95
CA LYS C 928 -12.20 -39.50 6.65
C LYS C 928 -13.41 -40.40 6.56
N ALA C 929 -13.37 -41.56 7.23
CA ALA C 929 -14.48 -42.49 7.16
C ALA C 929 -15.66 -42.04 8.01
N LEU C 930 -15.41 -41.36 9.13
CA LEU C 930 -16.48 -40.94 10.02
C LEU C 930 -17.04 -39.56 9.70
N LEU C 931 -16.30 -38.75 8.92
CA LEU C 931 -16.74 -37.38 8.67
C LEU C 931 -18.10 -37.29 7.97
N PRO C 932 -18.36 -38.00 6.87
CA PRO C 932 -19.67 -37.81 6.21
C PRO C 932 -20.86 -38.17 7.10
N GLY C 933 -20.73 -39.24 7.89
CA GLY C 933 -21.79 -39.58 8.83
C GLY C 933 -21.87 -38.64 10.02
N GLU C 934 -20.72 -38.13 10.47
CA GLU C 934 -20.70 -37.23 11.62
C GLU C 934 -21.29 -35.88 11.28
N ILE C 935 -20.99 -35.37 10.08
CA ILE C 935 -21.55 -34.08 9.67
C ILE C 935 -23.07 -34.18 9.55
N SER C 936 -23.56 -35.32 9.08
CA SER C 936 -25.01 -35.52 8.97
C SER C 936 -25.68 -35.50 10.35
N GLN C 937 -24.97 -35.93 11.38
CA GLN C 937 -25.52 -36.01 12.73
C GLN C 937 -25.26 -34.74 13.55
N ALA C 938 -24.68 -33.72 12.95
CA ALA C 938 -24.35 -32.48 13.65
C ALA C 938 -25.21 -31.34 13.13
N SER C 939 -25.19 -30.23 13.88
CA SER C 939 -25.99 -29.07 13.52
C SER C 939 -25.42 -27.84 14.21
N GLY C 940 -25.74 -26.68 13.65
CA GLY C 940 -25.34 -25.42 14.25
C GLY C 940 -23.85 -25.13 14.09
N GLU C 941 -23.28 -24.53 15.14
CA GLU C 941 -21.88 -24.14 15.09
C GLU C 941 -20.96 -25.34 15.15
N VAL C 942 -21.41 -26.42 15.80
CA VAL C 942 -20.62 -27.65 15.84
C VAL C 942 -20.51 -28.26 14.43
N LYS C 943 -21.60 -28.23 13.68
CA LYS C 943 -21.58 -28.75 12.31
C LYS C 943 -20.60 -27.99 11.44
N ASP C 944 -20.46 -26.69 11.66
CA ASP C 944 -19.51 -25.90 10.88
C ASP C 944 -18.07 -26.33 11.16
N LEU C 945 -17.77 -26.75 12.39
CA LEU C 945 -16.42 -27.20 12.70
C LEU C 945 -16.06 -28.48 11.97
N LEU C 946 -16.99 -29.43 11.88
CA LEU C 946 -16.72 -30.66 11.13
C LEU C 946 -16.59 -30.36 9.63
N LEU C 947 -17.37 -29.41 9.13
CA LEU C 947 -17.24 -29.03 7.73
C LEU C 947 -15.91 -28.36 7.46
N ASP C 948 -15.34 -27.67 8.46
CA ASP C 948 -14.02 -27.07 8.28
C ASP C 948 -12.92 -28.13 8.30
N ILE C 949 -13.09 -29.19 9.09
CA ILE C 949 -12.12 -30.29 9.09
C ILE C 949 -12.19 -31.05 7.77
N ASP C 950 -13.41 -31.25 7.25
CA ASP C 950 -13.56 -31.95 5.97
C ASP C 950 -12.93 -31.17 4.83
N ARG C 951 -12.95 -29.82 4.91
CA ARG C 951 -12.35 -29.02 3.84
C ARG C 951 -10.83 -29.16 3.79
N GLN C 952 -10.20 -29.52 4.90
CA GLN C 952 -8.75 -29.63 4.95
C GLN C 952 -8.28 -31.07 5.12
N LYS C 953 -9.15 -32.05 4.87
CA LYS C 953 -8.81 -33.45 5.09
C LYS C 953 -7.68 -33.93 4.19
N ASP C 954 -7.32 -33.16 3.16
CA ASP C 954 -6.19 -33.52 2.32
C ASP C 954 -4.85 -33.24 2.98
N TYR C 955 -4.85 -32.75 4.22
CA TYR C 955 -3.63 -32.54 5.00
C TYR C 955 -3.60 -33.41 6.25
N LEU C 956 -4.44 -34.44 6.30
CA LEU C 956 -4.35 -35.43 7.37
C LEU C 956 -3.10 -36.28 7.23
N THR C 957 -2.91 -36.90 6.06
CA THR C 957 -1.74 -37.73 5.82
C THR C 957 -0.49 -36.86 5.65
N LYS C 958 0.58 -37.20 6.37
CA LYS C 958 1.81 -36.43 6.27
C LYS C 958 2.40 -36.53 4.87
N LYS C 959 2.85 -35.39 4.35
CA LYS C 959 3.42 -35.30 3.02
C LYS C 959 4.93 -35.55 3.05
N SER C 960 5.50 -35.77 1.88
CA SER C 960 6.92 -36.04 1.72
C SER C 960 7.48 -35.09 0.67
N ILE C 961 8.25 -34.10 1.13
CA ILE C 961 8.82 -33.09 0.23
C ILE C 961 10.07 -33.66 -0.42
N TRP C 962 10.11 -33.65 -1.76
CA TRP C 962 11.24 -34.16 -2.50
C TRP C 962 11.80 -33.07 -3.40
N ILE C 963 13.09 -32.84 -3.31
CA ILE C 963 13.79 -31.84 -4.11
C ILE C 963 14.68 -32.61 -5.07
N ILE C 964 14.29 -32.68 -6.34
CA ILE C 964 14.97 -33.48 -7.35
C ILE C 964 15.73 -32.56 -8.28
N GLY C 965 16.97 -32.91 -8.59
CA GLY C 965 17.76 -32.09 -9.49
C GLY C 965 19.01 -32.80 -9.94
N GLY C 966 19.66 -32.20 -10.93
CA GLY C 966 20.89 -32.75 -11.49
C GLY C 966 22.12 -32.32 -10.69
N ASP C 967 23.27 -32.83 -11.13
CA ASP C 967 24.51 -32.50 -10.44
C ASP C 967 24.92 -31.05 -10.67
N GLY C 968 24.58 -30.49 -11.83
CA GLY C 968 24.89 -29.08 -12.05
C GLY C 968 24.17 -28.17 -11.10
N TRP C 969 22.90 -28.48 -10.80
CA TRP C 969 22.15 -27.68 -9.84
C TRP C 969 22.73 -27.84 -8.43
N ALA C 970 22.98 -29.09 -8.02
CA ALA C 970 23.36 -29.34 -6.63
C ALA C 970 24.80 -28.93 -6.34
N TYR C 971 25.71 -29.09 -7.29
CA TYR C 971 27.11 -28.78 -7.06
C TYR C 971 27.48 -27.35 -7.38
N ASP C 972 26.71 -26.67 -8.23
CA ASP C 972 27.13 -25.38 -8.74
C ASP C 972 26.12 -24.27 -8.45
N ILE C 973 25.18 -24.06 -9.37
CA ILE C 973 24.38 -22.83 -9.33
C ILE C 973 23.44 -22.83 -8.13
N GLY C 974 22.96 -23.99 -7.72
CA GLY C 974 22.08 -24.11 -6.58
C GLY C 974 22.73 -24.61 -5.30
N TYR C 975 24.05 -24.73 -5.26
CA TYR C 975 24.71 -25.27 -4.07
C TYR C 975 24.54 -24.33 -2.88
N GLY C 976 24.62 -23.02 -3.12
CA GLY C 976 24.38 -22.07 -2.04
C GLY C 976 22.99 -22.23 -1.44
N GLY C 977 21.98 -22.45 -2.29
CA GLY C 977 20.65 -22.70 -1.78
C GLY C 977 20.51 -24.06 -1.13
N LEU C 978 21.15 -25.08 -1.71
CA LEU C 978 21.09 -26.42 -1.11
C LEU C 978 21.78 -26.46 0.23
N ASP C 979 22.96 -25.83 0.34
CA ASP C 979 23.67 -25.80 1.61
C ASP C 979 22.84 -25.10 2.69
N HIS C 980 22.14 -24.04 2.32
CA HIS C 980 21.35 -23.30 3.31
C HIS C 980 20.15 -24.12 3.79
N VAL C 981 19.46 -24.80 2.87
CA VAL C 981 18.30 -25.59 3.27
C VAL C 981 18.74 -26.77 4.13
N LEU C 982 19.84 -27.43 3.77
CA LEU C 982 20.33 -28.55 4.56
C LEU C 982 20.76 -28.09 5.95
N ALA C 983 21.40 -26.92 6.04
CA ALA C 983 21.79 -26.41 7.35
C ALA C 983 20.58 -26.03 8.20
N SER C 984 19.45 -25.71 7.56
CA SER C 984 18.26 -25.30 8.30
C SER C 984 17.66 -26.46 9.09
N GLY C 985 17.85 -27.70 8.63
CA GLY C 985 17.33 -28.85 9.33
C GLY C 985 15.93 -29.27 8.95
N ALA C 986 15.34 -28.66 7.93
CA ALA C 986 13.97 -28.98 7.54
C ALA C 986 13.83 -30.45 7.17
N ASN C 987 12.61 -30.97 7.29
CA ASN C 987 12.32 -32.35 6.91
C ASN C 987 12.01 -32.38 5.42
N VAL C 988 13.08 -32.32 4.62
CA VAL C 988 12.99 -32.42 3.18
C VAL C 988 13.96 -33.50 2.71
N ASN C 989 13.68 -34.05 1.53
CA ASN C 989 14.50 -35.11 0.94
C ASN C 989 15.04 -34.60 -0.40
N VAL C 990 16.34 -34.36 -0.45
CA VAL C 990 17.00 -33.88 -1.67
C VAL C 990 17.64 -35.06 -2.37
N LEU C 991 17.24 -35.27 -3.62
CA LEU C 991 17.75 -36.36 -4.47
C LEU C 991 18.54 -35.72 -5.60
N VAL C 992 19.84 -35.95 -5.62
CA VAL C 992 20.72 -35.38 -6.63
C VAL C 992 20.99 -36.47 -7.68
N LEU C 993 20.48 -36.27 -8.89
CA LEU C 993 20.74 -37.18 -10.00
C LEU C 993 22.06 -36.77 -10.64
N ASP C 994 23.14 -37.42 -10.22
CA ASP C 994 24.49 -37.05 -10.63
C ASP C 994 24.84 -37.78 -11.93
N THR C 995 24.87 -37.04 -13.03
CA THR C 995 25.40 -37.53 -14.29
C THR C 995 26.80 -37.00 -14.55
N GLU C 996 27.38 -36.27 -13.59
CA GLU C 996 28.74 -35.73 -13.65
C GLU C 996 28.95 -34.77 -14.82
N VAL C 997 27.86 -34.32 -15.46
CA VAL C 997 27.89 -33.33 -16.54
C VAL C 997 26.56 -32.57 -16.53
N TYR C 998 26.49 -31.52 -17.36
CA TYR C 998 25.22 -30.84 -17.64
C TYR C 998 24.58 -31.60 -18.80
N SER C 999 23.84 -32.66 -18.48
CA SER C 999 23.41 -33.59 -19.51
C SER C 999 22.40 -32.95 -20.45
N ASN C 1000 21.45 -32.18 -19.92
CA ASN C 1000 20.41 -31.61 -20.78
C ASN C 1000 21.00 -30.64 -21.79
N THR C 1001 21.92 -29.77 -21.36
CA THR C 1001 22.44 -28.72 -22.22
C THR C 1001 23.56 -29.18 -23.14
N GLY C 1002 23.78 -30.48 -23.25
CA GLY C 1002 24.75 -31.04 -24.19
C GLY C 1002 25.93 -31.74 -23.56
N GLY C 1003 26.13 -31.65 -22.25
CA GLY C 1003 27.21 -32.35 -21.59
C GLY C 1003 28.40 -31.46 -21.33
N GLN C 1004 28.19 -30.39 -20.58
CA GLN C 1004 29.25 -29.42 -20.29
C GLN C 1004 29.89 -29.73 -18.94
N SER C 1005 31.03 -29.07 -18.70
CA SER C 1005 31.81 -29.33 -17.50
C SER C 1005 31.05 -28.90 -16.24
N SER C 1006 31.31 -29.61 -15.15
CA SER C 1006 30.67 -29.37 -13.87
C SER C 1006 31.67 -29.62 -12.76
N LYS C 1007 31.36 -29.13 -11.56
CA LYS C 1007 32.18 -29.51 -10.42
C LYS C 1007 32.03 -30.98 -10.07
N ALA C 1008 30.96 -31.62 -10.52
CA ALA C 1008 30.79 -33.05 -10.33
C ALA C 1008 31.58 -33.88 -11.35
N THR C 1009 32.12 -33.24 -12.38
CA THR C 1009 32.96 -33.94 -13.34
C THR C 1009 34.25 -34.37 -12.67
N GLN C 1010 34.66 -35.60 -12.94
CA GLN C 1010 35.82 -36.22 -12.33
C GLN C 1010 37.11 -35.77 -13.03
N THR C 1011 38.24 -36.18 -12.47
CA THR C 1011 39.54 -35.86 -13.06
C THR C 1011 39.72 -36.58 -14.40
N GLY C 1012 40.26 -35.85 -15.37
CA GLY C 1012 40.58 -36.42 -16.67
C GLY C 1012 39.41 -36.55 -17.62
N ALA C 1013 38.18 -36.45 -17.12
CA ALA C 1013 37.01 -36.57 -17.99
C ALA C 1013 36.95 -35.40 -18.95
N VAL C 1014 36.58 -35.68 -20.20
CA VAL C 1014 36.47 -34.68 -21.25
C VAL C 1014 35.00 -34.34 -21.42
N ALA C 1015 34.69 -33.05 -21.30
CA ALA C 1015 33.34 -32.56 -21.58
C ALA C 1015 33.47 -31.18 -22.19
N ARG C 1016 32.34 -30.65 -22.62
CA ARG C 1016 32.33 -29.29 -23.18
C ARG C 1016 32.70 -28.28 -22.09
N PHE C 1017 33.45 -27.26 -22.50
CA PHE C 1017 34.12 -26.28 -21.65
C PHE C 1017 35.29 -26.89 -20.90
N ALA C 1018 35.66 -28.14 -21.22
CA ALA C 1018 36.84 -28.80 -20.69
C ALA C 1018 37.43 -29.68 -21.80
N ALA C 1019 37.83 -29.02 -22.89
CA ALA C 1019 38.26 -29.76 -24.08
C ALA C 1019 39.51 -30.58 -23.79
N GLY C 1020 40.44 -30.04 -23.02
CA GLY C 1020 41.64 -30.74 -22.65
C GLY C 1020 41.53 -31.63 -21.42
N GLY C 1021 40.32 -31.86 -20.94
CA GLY C 1021 40.11 -32.64 -19.73
C GLY C 1021 40.12 -31.79 -18.48
N LYS C 1022 39.30 -32.20 -17.51
CA LYS C 1022 39.19 -31.48 -16.24
C LYS C 1022 40.37 -31.86 -15.34
N PHE C 1023 41.15 -30.86 -14.94
CA PHE C 1023 42.32 -31.11 -14.11
C PHE C 1023 41.94 -31.34 -12.65
N THR C 1024 41.14 -30.44 -12.08
CA THR C 1024 40.76 -30.54 -10.68
C THR C 1024 39.89 -31.77 -10.43
N LYS C 1025 40.04 -32.33 -9.23
CA LYS C 1025 39.30 -33.53 -8.88
C LYS C 1025 37.84 -33.23 -8.60
N LYS C 1026 37.05 -34.28 -8.46
CA LYS C 1026 35.61 -34.10 -8.24
C LYS C 1026 35.36 -33.48 -6.87
N LYS C 1027 34.50 -32.47 -6.83
CA LYS C 1027 34.06 -31.89 -5.58
C LYS C 1027 33.25 -32.91 -4.78
N ASP C 1028 33.60 -33.10 -3.52
CA ASP C 1028 32.92 -34.08 -2.69
C ASP C 1028 31.74 -33.39 -2.01
N LEU C 1029 30.59 -33.40 -2.69
CA LEU C 1029 29.40 -32.77 -2.13
C LEU C 1029 28.91 -33.52 -0.89
N GLY C 1030 28.96 -34.84 -0.91
CA GLY C 1030 28.50 -35.61 0.23
C GLY C 1030 29.31 -35.35 1.48
N LEU C 1031 30.63 -35.14 1.32
CA LEU C 1031 31.48 -34.91 2.48
C LEU C 1031 31.19 -33.56 3.12
N MET C 1032 30.91 -32.54 2.32
CA MET C 1032 30.63 -31.23 2.90
C MET C 1032 29.32 -31.22 3.66
N ALA C 1033 28.31 -31.92 3.14
CA ALA C 1033 27.03 -32.00 3.83
C ALA C 1033 27.12 -32.78 5.14
N MET C 1034 28.11 -33.67 5.26
CA MET C 1034 28.29 -34.41 6.50
C MET C 1034 28.90 -33.55 7.60
N SER C 1035 29.49 -32.40 7.27
CA SER C 1035 30.12 -31.57 8.29
C SER C 1035 29.10 -31.00 9.28
N TYR C 1036 27.83 -30.89 8.87
CA TYR C 1036 26.81 -30.37 9.77
C TYR C 1036 26.48 -31.36 10.89
N GLY C 1037 26.55 -32.66 10.61
CA GLY C 1037 26.30 -33.68 11.61
C GLY C 1037 24.84 -34.10 11.72
N TYR C 1038 23.90 -33.21 11.44
CA TYR C 1038 22.48 -33.52 11.54
C TYR C 1038 21.82 -33.75 10.19
N VAL C 1039 22.59 -33.93 9.12
CA VAL C 1039 22.06 -34.16 7.78
C VAL C 1039 22.34 -35.60 7.39
N TYR C 1040 21.28 -36.33 7.04
CA TYR C 1040 21.44 -37.68 6.52
C TYR C 1040 22.01 -37.61 5.11
N VAL C 1041 23.14 -38.27 4.89
CA VAL C 1041 23.82 -38.27 3.60
C VAL C 1041 24.03 -39.72 3.17
N ALA C 1042 23.75 -40.01 1.90
CA ALA C 1042 23.97 -41.34 1.35
C ALA C 1042 24.33 -41.23 -0.13
N SER C 1043 25.31 -42.02 -0.55
CA SER C 1043 25.74 -42.09 -1.94
C SER C 1043 25.33 -43.45 -2.50
N VAL C 1044 24.51 -43.45 -3.55
CA VAL C 1044 23.91 -44.67 -4.06
C VAL C 1044 24.18 -44.82 -5.56
N ALA C 1045 23.98 -46.04 -6.05
CA ALA C 1045 24.07 -46.36 -7.47
C ALA C 1045 23.28 -47.64 -7.68
N MET C 1046 22.18 -47.57 -8.44
CA MET C 1046 21.26 -48.70 -8.52
C MET C 1046 21.93 -49.91 -9.17
N GLY C 1047 22.70 -49.69 -10.23
CA GLY C 1047 23.35 -50.82 -10.89
C GLY C 1047 24.31 -51.57 -10.01
N ALA C 1048 24.82 -50.93 -8.96
CA ALA C 1048 25.80 -51.56 -8.09
C ALA C 1048 25.13 -52.42 -7.02
N SER C 1049 24.11 -51.88 -6.35
CA SER C 1049 23.47 -52.61 -5.25
C SER C 1049 22.00 -52.21 -5.15
N HIS C 1050 21.11 -53.16 -5.38
CA HIS C 1050 19.68 -52.91 -5.16
C HIS C 1050 19.38 -52.73 -3.69
N SER C 1051 19.97 -53.57 -2.83
CA SER C 1051 19.68 -53.50 -1.40
C SER C 1051 20.20 -52.22 -0.78
N GLN C 1052 21.34 -51.72 -1.25
CA GLN C 1052 21.88 -50.49 -0.67
C GLN C 1052 21.04 -49.27 -1.05
N LEU C 1053 20.46 -49.25 -2.25
CA LEU C 1053 19.60 -48.13 -2.63
C LEU C 1053 18.30 -48.15 -1.82
N MET C 1054 17.72 -49.34 -1.62
CA MET C 1054 16.48 -49.43 -0.85
C MET C 1054 16.68 -48.88 0.56
N LYS C 1055 17.78 -49.26 1.20
CA LYS C 1055 18.02 -48.84 2.58
C LYS C 1055 18.19 -47.33 2.68
N ALA C 1056 18.95 -46.74 1.76
CA ALA C 1056 19.21 -45.30 1.81
C ALA C 1056 17.94 -44.50 1.57
N LEU C 1057 17.07 -44.97 0.67
CA LEU C 1057 15.84 -44.23 0.37
C LEU C 1057 14.89 -44.23 1.56
N ILE C 1058 14.71 -45.39 2.21
CA ILE C 1058 13.77 -45.45 3.31
C ILE C 1058 14.33 -44.76 4.54
N GLU C 1059 15.64 -44.94 4.80
CA GLU C 1059 16.25 -44.30 5.96
C GLU C 1059 16.26 -42.78 5.81
N ALA C 1060 16.53 -42.27 4.60
CA ALA C 1060 16.54 -40.84 4.39
C ALA C 1060 15.14 -40.26 4.51
N GLU C 1061 14.14 -40.99 4.03
CA GLU C 1061 12.77 -40.48 4.07
C GLU C 1061 12.23 -40.49 5.49
N LYS C 1062 12.53 -41.54 6.26
CA LYS C 1062 12.06 -41.61 7.64
C LYS C 1062 12.79 -40.65 8.57
N TYR C 1063 13.97 -40.18 8.19
CA TYR C 1063 14.71 -39.26 9.05
C TYR C 1063 13.95 -37.94 9.17
N ASP C 1064 13.67 -37.54 10.41
CA ASP C 1064 12.97 -36.28 10.68
C ASP C 1064 13.98 -35.13 10.60
N GLY C 1065 14.39 -34.84 9.37
CA GLY C 1065 15.36 -33.80 9.13
C GLY C 1065 15.84 -33.81 7.69
N PRO C 1066 16.89 -33.04 7.41
CA PRO C 1066 17.38 -32.93 6.03
C PRO C 1066 18.09 -34.20 5.60
N SER C 1067 17.78 -34.65 4.39
CA SER C 1067 18.38 -35.84 3.81
C SER C 1067 18.90 -35.52 2.42
N LEU C 1068 20.09 -36.01 2.11
CA LEU C 1068 20.75 -35.77 0.83
C LEU C 1068 21.10 -37.12 0.22
N ILE C 1069 20.57 -37.40 -0.97
CA ILE C 1069 20.83 -38.65 -1.67
C ILE C 1069 21.54 -38.30 -2.97
N ILE C 1070 22.80 -38.71 -3.09
CA ILE C 1070 23.58 -38.48 -4.30
C ILE C 1070 23.63 -39.79 -5.06
N ALA C 1071 22.92 -39.85 -6.19
CA ALA C 1071 22.80 -41.06 -6.98
C ALA C 1071 23.64 -40.94 -8.24
N TYR C 1072 24.40 -41.98 -8.55
CA TYR C 1072 25.15 -42.03 -9.79
C TYR C 1072 24.21 -42.38 -10.93
N ALA C 1073 24.17 -41.53 -11.96
CA ALA C 1073 23.27 -41.72 -13.09
C ALA C 1073 24.06 -41.82 -14.38
N PRO C 1074 24.21 -43.00 -14.97
CA PRO C 1074 24.86 -43.10 -16.27
C PRO C 1074 24.06 -42.35 -17.32
N CYS C 1075 24.78 -41.74 -18.27
CA CYS C 1075 24.18 -40.83 -19.23
C CYS C 1075 24.80 -41.06 -20.61
N ILE C 1076 24.07 -40.66 -21.64
CA ILE C 1076 24.59 -40.79 -22.99
C ILE C 1076 25.79 -39.88 -23.20
N ASN C 1077 25.87 -38.78 -22.44
CA ASN C 1077 27.01 -37.89 -22.55
C ASN C 1077 28.31 -38.51 -22.07
N HIS C 1078 28.25 -39.70 -21.45
CA HIS C 1078 29.46 -40.43 -21.12
C HIS C 1078 30.08 -41.11 -22.33
N GLY C 1079 29.27 -41.47 -23.32
CA GLY C 1079 29.78 -42.21 -24.47
C GLY C 1079 29.91 -43.69 -24.17
N ILE C 1080 28.79 -44.32 -23.81
CA ILE C 1080 28.75 -45.74 -23.47
C ILE C 1080 27.53 -46.36 -24.15
N ASN C 1081 27.53 -47.68 -24.20
CA ASN C 1081 26.38 -48.42 -24.70
C ASN C 1081 25.32 -48.41 -23.62
N MET C 1082 24.23 -47.65 -23.83
CA MET C 1082 23.21 -47.51 -22.81
C MET C 1082 22.42 -48.79 -22.58
N THR C 1083 22.54 -49.79 -23.47
CA THR C 1083 21.91 -51.08 -23.22
C THR C 1083 22.43 -51.72 -21.93
N TYR C 1084 23.71 -51.51 -21.62
CA TYR C 1084 24.32 -51.97 -20.39
C TYR C 1084 24.55 -50.82 -19.42
N SER C 1085 23.53 -49.95 -19.30
CA SER C 1085 23.62 -48.79 -18.42
C SER C 1085 23.74 -49.20 -16.96
N GLN C 1086 22.94 -50.18 -16.53
CA GLN C 1086 23.04 -50.67 -15.17
C GLN C 1086 24.42 -51.28 -14.92
N ARG C 1087 24.97 -51.95 -15.93
CA ARG C 1087 26.28 -52.56 -15.81
C ARG C 1087 27.36 -51.51 -15.63
N GLU C 1088 27.20 -50.34 -16.25
CA GLU C 1088 28.20 -49.29 -16.14
C GLU C 1088 28.25 -48.72 -14.73
N ALA C 1089 27.11 -48.66 -14.04
CA ALA C 1089 27.13 -48.20 -12.66
C ALA C 1089 27.77 -49.23 -11.73
N LYS C 1090 27.59 -50.52 -12.04
CA LYS C 1090 28.23 -51.57 -11.24
C LYS C 1090 29.74 -51.55 -11.43
N LYS C 1091 30.21 -51.34 -12.67
CA LYS C 1091 31.64 -51.23 -12.89
C LYS C 1091 32.22 -49.99 -12.22
N ALA C 1092 31.40 -48.94 -12.06
CA ALA C 1092 31.88 -47.72 -11.43
C ALA C 1092 32.19 -47.92 -9.95
N VAL C 1093 31.30 -48.64 -9.25
CA VAL C 1093 31.54 -48.86 -7.83
C VAL C 1093 32.64 -49.89 -7.62
N GLU C 1094 32.66 -50.94 -8.47
CA GLU C 1094 33.67 -51.98 -8.33
C GLU C 1094 35.07 -51.50 -8.67
N ALA C 1095 35.20 -50.41 -9.42
CA ALA C 1095 36.51 -49.87 -9.78
C ALA C 1095 36.92 -48.70 -8.90
N GLY C 1096 36.16 -48.39 -7.85
CA GLY C 1096 36.45 -47.25 -7.00
C GLY C 1096 36.10 -45.91 -7.59
N TYR C 1097 35.31 -45.87 -8.66
CA TYR C 1097 34.96 -44.60 -9.29
C TYR C 1097 33.83 -43.90 -8.53
N TRP C 1098 32.90 -44.67 -7.97
CA TRP C 1098 31.78 -44.11 -7.23
C TRP C 1098 31.68 -44.82 -5.88
N PRO C 1099 31.65 -44.08 -4.77
CA PRO C 1099 31.55 -44.72 -3.45
C PRO C 1099 30.10 -44.99 -3.06
N LEU C 1100 29.94 -45.98 -2.19
CA LEU C 1100 28.65 -46.31 -1.58
C LEU C 1100 28.79 -46.21 -0.07
N TYR C 1101 28.15 -45.20 0.52
CA TYR C 1101 28.18 -45.00 1.96
C TYR C 1101 26.84 -44.46 2.42
N ARG C 1102 26.65 -44.44 3.74
CA ARG C 1102 25.45 -43.89 4.36
C ARG C 1102 25.85 -43.21 5.66
N TYR C 1103 25.46 -41.94 5.80
CA TYR C 1103 25.69 -41.15 7.01
C TYR C 1103 24.35 -40.92 7.69
N ASN C 1104 24.16 -41.54 8.86
CA ASN C 1104 22.90 -41.43 9.59
C ASN C 1104 23.12 -40.65 10.89
N PRO C 1105 22.58 -39.44 11.01
CA PRO C 1105 22.74 -38.70 12.27
C PRO C 1105 22.08 -39.38 13.46
N GLN C 1106 21.04 -40.20 13.23
CA GLN C 1106 20.38 -40.87 14.33
C GLN C 1106 21.27 -41.91 14.99
N LEU C 1107 22.18 -42.53 14.23
CA LEU C 1107 23.13 -43.46 14.83
C LEU C 1107 24.12 -42.73 15.75
N ALA C 1108 24.42 -41.47 15.46
CA ALA C 1108 25.30 -40.71 16.35
C ALA C 1108 24.62 -40.43 17.68
N GLN C 1109 23.31 -40.20 17.64
CA GLN C 1109 22.53 -39.98 18.86
C GLN C 1109 22.47 -41.22 19.73
N GLU C 1110 22.69 -42.40 19.16
CA GLU C 1110 22.74 -43.65 19.90
C GLU C 1110 24.15 -44.00 20.37
N GLY C 1111 25.09 -43.06 20.29
CA GLY C 1111 26.46 -43.32 20.68
C GLY C 1111 27.26 -44.13 19.69
N LYS C 1112 26.71 -44.40 18.50
CA LYS C 1112 27.33 -45.23 17.49
C LYS C 1112 27.95 -44.35 16.40
N ASN C 1113 28.62 -45.00 15.46
CA ASN C 1113 29.25 -44.30 14.35
C ASN C 1113 28.18 -43.96 13.31
N PRO C 1114 28.05 -42.69 12.91
CA PRO C 1114 27.03 -42.34 11.91
C PRO C 1114 27.39 -42.81 10.50
N PHE C 1115 28.68 -42.96 10.21
CA PHE C 1115 29.14 -43.24 8.85
C PHE C 1115 29.30 -44.74 8.64
N ILE C 1116 28.64 -45.26 7.60
CA ILE C 1116 28.77 -46.66 7.20
C ILE C 1116 29.24 -46.67 5.75
N LEU C 1117 30.39 -47.30 5.50
CA LEU C 1117 30.92 -47.47 4.15
C LEU C 1117 30.42 -48.79 3.60
N ASP C 1118 29.47 -48.72 2.67
CA ASP C 1118 28.79 -49.91 2.19
C ASP C 1118 29.58 -50.69 1.15
N TYR C 1119 30.63 -50.11 0.58
CA TYR C 1119 31.48 -50.83 -0.36
C TYR C 1119 32.92 -50.48 0.00
N LYS C 1120 33.63 -51.45 0.56
CA LYS C 1120 34.95 -51.23 1.15
C LYS C 1120 36.10 -51.56 0.20
N THR C 1121 36.03 -52.71 -0.46
CA THR C 1121 37.15 -53.18 -1.28
C THR C 1121 36.77 -53.27 -2.76
N PRO C 1122 37.32 -52.42 -3.62
CA PRO C 1122 37.05 -52.53 -5.05
C PRO C 1122 37.81 -53.72 -5.66
N THR C 1123 37.20 -54.31 -6.68
CA THR C 1123 37.77 -55.49 -7.32
C THR C 1123 38.15 -55.29 -8.78
N ALA C 1124 37.72 -54.22 -9.42
CA ALA C 1124 37.96 -54.00 -10.83
C ALA C 1124 39.08 -52.98 -11.05
N SER C 1125 39.60 -52.96 -12.27
CA SER C 1125 40.66 -52.03 -12.64
C SER C 1125 40.09 -50.65 -12.90
N PHE C 1126 40.77 -49.64 -12.38
CA PHE C 1126 40.27 -48.26 -12.52
C PHE C 1126 40.45 -47.74 -13.93
N ARG C 1127 41.62 -47.99 -14.54
CA ARG C 1127 41.85 -47.49 -15.89
C ARG C 1127 41.02 -48.27 -16.92
N ASP C 1128 40.73 -49.54 -16.66
CA ASP C 1128 39.91 -50.29 -17.59
C ASP C 1128 38.49 -49.76 -17.62
N PHE C 1129 38.00 -49.20 -16.51
CA PHE C 1129 36.69 -48.58 -16.48
C PHE C 1129 36.67 -47.28 -17.28
N LEU C 1130 37.74 -46.49 -17.17
CA LEU C 1130 37.81 -45.23 -17.90
C LEU C 1130 37.84 -45.47 -19.40
N MET C 1131 38.54 -46.51 -19.84
CA MET C 1131 38.64 -46.80 -21.27
C MET C 1131 37.36 -47.35 -21.85
N GLY C 1132 36.37 -47.68 -21.02
CA GLY C 1132 35.09 -48.13 -21.50
C GLY C 1132 34.10 -47.04 -21.82
N GLU C 1133 34.50 -45.78 -21.64
CA GLU C 1133 33.64 -44.63 -21.87
C GLU C 1133 34.34 -43.64 -22.77
N ILE C 1134 33.62 -43.08 -23.74
CA ILE C 1134 34.22 -42.20 -24.73
C ILE C 1134 34.76 -40.93 -24.08
N ARG C 1135 34.10 -40.44 -23.02
CA ARG C 1135 34.49 -39.21 -22.37
C ARG C 1135 35.89 -39.28 -21.76
N TYR C 1136 36.49 -40.47 -21.67
CA TYR C 1136 37.86 -40.62 -21.24
C TYR C 1136 38.79 -41.08 -22.34
N THR C 1137 38.29 -41.88 -23.31
CA THR C 1137 39.13 -42.30 -24.42
C THR C 1137 39.36 -41.15 -25.39
N SER C 1138 38.43 -40.20 -25.45
CA SER C 1138 38.59 -39.01 -26.28
C SER C 1138 39.69 -38.10 -25.75
N LEU C 1139 40.10 -38.27 -24.49
CA LEU C 1139 41.21 -37.49 -23.97
C LEU C 1139 42.52 -37.88 -24.66
N LYS C 1140 42.69 -39.16 -24.97
CA LYS C 1140 43.87 -39.61 -25.72
C LYS C 1140 43.89 -39.08 -27.13
N LYS C 1141 42.73 -38.76 -27.70
CA LYS C 1141 42.67 -38.26 -29.07
C LYS C 1141 43.03 -36.79 -29.17
N GLN C 1142 42.81 -36.02 -28.11
CA GLN C 1142 43.14 -34.60 -28.10
C GLN C 1142 44.55 -34.37 -27.57
N PHE C 1143 44.78 -34.71 -26.30
CA PHE C 1143 46.07 -34.52 -25.62
C PHE C 1143 46.60 -35.88 -25.19
N PRO C 1144 47.41 -36.54 -26.02
CA PRO C 1144 47.90 -37.88 -25.62
C PRO C 1144 48.88 -37.82 -24.46
N GLU C 1145 49.69 -36.76 -24.38
CA GLU C 1145 50.66 -36.65 -23.29
C GLU C 1145 49.96 -36.33 -21.98
N LYS C 1146 48.89 -35.55 -22.01
CA LYS C 1146 48.15 -35.20 -20.81
C LYS C 1146 47.22 -36.31 -20.35
N ALA C 1147 46.91 -37.27 -21.22
CA ALA C 1147 45.94 -38.31 -20.86
C ALA C 1147 46.50 -39.23 -19.79
N GLU C 1148 47.74 -39.69 -19.95
CA GLU C 1148 48.31 -40.57 -18.94
C GLU C 1148 48.58 -39.83 -17.64
N GLN C 1149 48.88 -38.53 -17.71
CA GLN C 1149 49.06 -37.76 -16.50
C GLN C 1149 47.74 -37.59 -15.75
N LEU C 1150 46.65 -37.34 -16.50
CA LEU C 1150 45.35 -37.17 -15.85
C LEU C 1150 44.74 -38.50 -15.42
N PHE C 1151 44.98 -39.57 -16.17
CA PHE C 1151 44.48 -40.89 -15.76
C PHE C 1151 45.14 -41.33 -14.46
N ALA C 1152 46.45 -41.05 -14.31
CA ALA C 1152 47.14 -41.40 -13.08
C ALA C 1152 46.64 -40.56 -11.91
N LYS C 1153 46.31 -39.30 -12.17
CA LYS C 1153 45.75 -38.44 -11.11
C LYS C 1153 44.36 -38.92 -10.73
N ALA C 1154 43.58 -39.37 -11.71
CA ALA C 1154 42.22 -39.84 -11.42
C ALA C 1154 42.24 -41.10 -10.56
N GLU C 1155 43.20 -42.00 -10.81
CA GLU C 1155 43.27 -43.22 -10.01
C GLU C 1155 43.78 -42.91 -8.61
N ALA C 1156 44.71 -41.96 -8.48
CA ALA C 1156 45.20 -41.57 -7.16
C ALA C 1156 44.13 -40.83 -6.37
N ASP C 1157 43.30 -40.04 -7.05
CA ASP C 1157 42.22 -39.34 -6.37
C ASP C 1157 41.16 -40.30 -5.87
N ALA C 1158 40.91 -41.39 -6.59
CA ALA C 1158 39.92 -42.36 -6.15
C ALA C 1158 40.42 -43.19 -4.97
N LYS C 1159 41.73 -43.47 -4.92
CA LYS C 1159 42.26 -44.21 -3.77
C LYS C 1159 42.32 -43.33 -2.54
N ALA C 1160 42.70 -42.06 -2.69
CA ALA C 1160 42.74 -41.16 -1.54
C ALA C 1160 41.36 -40.91 -0.98
N ARG C 1161 40.34 -40.90 -1.84
CA ARG C 1161 38.97 -40.75 -1.36
C ARG C 1161 38.50 -41.99 -0.62
N LEU C 1162 38.87 -43.17 -1.11
CA LEU C 1162 38.43 -44.41 -0.46
C LEU C 1162 39.05 -44.56 0.93
N GLU C 1163 40.34 -44.26 1.05
CA GLU C 1163 41.01 -44.35 2.34
C GLU C 1163 40.47 -43.33 3.34
N GLN C 1164 39.98 -42.19 2.85
CA GLN C 1164 39.40 -41.19 3.74
C GLN C 1164 38.06 -41.65 4.30
N TYR C 1165 37.27 -42.37 3.50
CA TYR C 1165 36.02 -42.94 4.00
C TYR C 1165 36.28 -44.12 4.93
N LYS C 1166 37.41 -44.81 4.78
CA LYS C 1166 37.72 -45.92 5.67
C LYS C 1166 38.08 -45.43 7.06
N LYS C 1167 38.80 -44.31 7.17
CA LYS C 1167 39.13 -43.77 8.48
C LYS C 1167 37.88 -43.24 9.18
N LEU C 1168 36.97 -42.62 8.43
CA LEU C 1168 35.73 -42.12 9.01
C LEU C 1168 34.83 -43.26 9.49
N ALA C 1169 34.96 -44.44 8.89
CA ALA C 1169 34.18 -45.58 9.33
C ALA C 1169 34.83 -46.31 10.50
N GLU C 1170 36.17 -46.33 10.55
CA GLU C 1170 36.90 -46.99 11.62
C GLU C 1170 36.91 -46.14 12.88
FE1 SF4 D . -71.94 32.87 -1.66
FE2 SF4 D . -72.22 31.07 0.39
FE3 SF4 D . -69.80 32.25 -0.06
FE4 SF4 D . -70.77 30.39 -1.83
S1 SF4 D . -70.19 30.04 0.35
S2 SF4 D . -69.80 32.40 -2.34
S3 SF4 D . -73.00 30.85 -1.74
S4 SF4 D . -71.72 33.29 0.58
FE1 SF4 E . -59.42 31.68 2.73
FE2 SF4 E . -57.96 31.70 0.41
FE3 SF4 E . -58.38 29.34 1.75
FE4 SF4 E . -60.46 30.57 0.45
S1 SF4 E . -58.58 29.70 -0.50
S2 SF4 E . -60.49 29.68 2.55
S3 SF4 E . -59.94 32.76 0.80
S4 SF4 E . -57.22 31.16 2.50
FE1 SF4 F . -50.16 23.76 10.65
FE2 SF4 F . -52.48 24.22 12.04
FE3 SF4 F . -50.13 23.84 13.39
FE4 SF4 F . -51.31 21.74 12.10
S1 SF4 F . -52.15 22.91 13.87
S2 SF4 F . -49.10 22.30 12.05
S3 SF4 F . -52.18 22.79 10.27
S4 SF4 F . -50.63 25.56 11.99
N1' TPP G . -42.52 21.48 27.80
C2' TPP G . -42.60 22.69 28.32
CM2 TPP G . -42.70 22.83 29.84
N3' TPP G . -42.61 23.78 27.56
C4' TPP G . -42.52 23.69 26.22
N4' TPP G . -42.52 24.86 25.40
C5' TPP G . -42.43 22.43 25.62
C6' TPP G . -42.42 21.29 26.48
C7' TPP G . -42.32 22.29 24.06
N3 TPP G . -43.55 22.40 23.36
C2 TPP G . -44.05 23.53 22.72
S1 TPP G . -45.49 23.35 21.95
C5 TPP G . -45.50 21.79 22.40
C4 TPP G . -44.40 21.38 23.16
CM4 TPP G . -44.21 19.95 23.69
C6 TPP G . -46.64 20.86 22.03
C7 TPP G . -47.84 21.54 21.29
O7 TPP G . -48.83 20.51 21.08
PA TPP G . -50.34 20.89 21.34
O1A TPP G . -50.53 21.20 22.81
O2A TPP G . -51.24 19.76 20.96
O3A TPP G . -50.67 22.19 20.48
PB TPP G . -50.67 22.22 18.89
O1B TPP G . -51.73 23.20 18.43
O2B TPP G . -49.32 22.64 18.36
O3B TPP G . -51.00 20.85 18.34
MG MG H . -52.22 19.43 19.07
N1A COA I . -39.70 14.25 -4.37
C2A COA I . -40.37 13.83 -3.27
N3A COA I . -40.58 14.65 -2.24
C4A COA I . -40.11 15.93 -2.31
C5A COA I . -39.42 16.37 -3.41
C6A COA I . -39.21 15.50 -4.46
N6A COA I . -38.53 15.91 -5.56
N7A COA I . -39.07 17.67 -3.18
C8A COA I . -39.52 18.06 -1.96
N9A COA I . -40.21 16.93 -1.36
C1B COA I . -41.34 17.18 -0.46
C2B COA I . -41.53 16.05 0.55
O2B COA I . -42.91 15.70 0.71
C3B COA I . -40.89 16.54 1.83
O3B COA I . -41.87 16.46 2.87
P3B COA I . -42.09 15.19 3.82
O7A COA I . -43.48 14.70 3.48
O8A COA I . -41.95 15.72 5.23
O9A COA I . -40.99 14.21 3.43
C4B COA I . -40.58 18.01 1.58
O4B COA I . -41.26 18.32 0.36
C5B COA I . -39.10 18.26 1.38
O5B COA I . -38.81 19.52 1.97
P1A COA I . -37.58 19.74 2.97
O1A COA I . -38.16 19.90 4.35
O2A COA I . -36.56 18.67 2.75
O3A COA I . -36.92 21.15 2.55
P2A COA I . -37.48 22.66 2.53
O4A COA I . -38.83 22.68 1.87
O5A COA I . -36.42 23.61 2.05
O6A COA I . -37.70 22.90 4.21
CBP COA I . -38.83 23.21 6.29
CCP COA I . -39.00 23.04 4.78
CDP COA I . -37.99 22.03 6.77
CEP COA I . -38.07 24.51 6.52
CAP COA I . -40.22 23.22 6.99
OAP COA I . -40.97 22.02 6.68
C9P COA I . -40.14 23.52 8.48
O9P COA I . -40.11 24.69 8.85
N8P COA I . -40.12 22.48 9.30
C7P COA I . -40.04 22.50 10.77
C6P COA I . -38.69 23.08 11.20
C5P COA I . -38.37 22.88 12.67
O5P COA I . -37.42 22.17 13.01
N4P COA I . -39.12 23.49 13.60
C3P COA I . -38.97 23.42 15.05
C2P COA I . -40.33 23.20 15.72
S1P COA I . -40.98 24.69 16.55
FE1 SF4 J . 56.50 -0.75 24.53
FE2 SF4 J . 55.39 -3.16 23.85
FE3 SF4 J . 54.14 -0.83 23.14
FE4 SF4 J . 54.22 -1.60 25.77
S1 SF4 J . 53.17 -2.67 24.05
S2 SF4 J . 54.63 0.48 24.95
S3 SF4 J . 56.27 -2.58 25.87
S4 SF4 J . 56.18 -1.56 22.43
FE1 SF4 K . 44.85 2.98 18.84
FE2 SF4 K . 44.01 5.05 20.44
FE3 SF4 K . 42.85 2.58 20.66
FE4 SF4 K . 45.43 2.96 21.52
S1 SF4 K . 43.55 3.92 22.37
S2 SF4 K . 44.65 1.23 20.27
S3 SF4 K . 46.18 4.47 19.98
S4 SF4 K . 42.79 3.96 18.86
FE1 SF4 L . 31.86 -1.70 14.37
FE2 SF4 L . 33.86 -3.36 13.48
FE3 SF4 L . 31.54 -3.11 12.03
FE4 SF4 L . 31.51 -4.42 14.43
S1 SF4 L . 32.64 -5.04 12.54
S2 SF4 L . 30.01 -2.87 13.71
S3 SF4 L . 33.04 -3.21 15.60
S4 SF4 L . 33.08 -1.48 12.45
N1' TPP M . 21.90 -8.07 -0.25
C2' TPP M . 22.62 -7.69 -1.29
CM2 TPP M . 22.49 -8.47 -2.61
N3' TPP M . 23.46 -6.67 -1.22
C4' TPP M . 23.60 -5.97 -0.09
N4' TPP M . 24.51 -4.86 -0.03
C5' TPP M . 22.86 -6.34 1.04
C6' TPP M . 21.98 -7.44 0.92
C7' TPP M . 22.97 -5.55 2.40
N3 TPP M . 24.11 -5.89 3.18
C2 TPP M . 25.31 -5.20 3.23
S1 TPP M . 26.46 -5.78 4.23
C5 TPP M . 25.43 -6.96 4.68
C4 TPP M . 24.18 -6.92 4.07
CM4 TPP M . 23.07 -7.93 4.35
C6 TPP M . 25.86 -7.98 5.71
C7 TPP M . 27.35 -7.82 6.12
O7 TPP M . 27.68 -8.87 7.04
PA TPP M . 29.12 -9.52 6.99
O1A TPP M . 29.28 -10.22 5.67
O2A TPP M . 29.27 -10.50 8.10
O3A TPP M . 30.22 -8.38 7.09
PB TPP M . 30.37 -7.41 8.36
O1B TPP M . 29.58 -6.13 8.14
O2B TPP M . 31.83 -7.07 8.55
O3B TPP M . 29.83 -8.09 9.59
MG MG N . 29.82 -10.24 10.17
N1A COA O . 20.52 5.20 28.62
C2A COA O . 21.09 4.04 28.23
N3A COA O . 21.81 3.95 27.10
C4A COA O . 21.96 5.08 26.34
C5A COA O . 21.39 6.28 26.72
C6A COA O . 20.65 6.33 27.88
N6A COA O . 20.08 7.49 28.28
N7A COA O . 21.71 7.19 25.77
C8A COA O . 22.47 6.62 24.80
N9A COA O . 22.65 5.23 25.15
C1B COA O . 22.70 4.26 24.05
C2B COA O . 21.34 3.61 23.84
O2B COA O . 21.12 2.48 24.68
C3B COA O . 21.35 3.25 22.39
O3B COA O . 22.19 2.12 22.22
P3B COA O . 21.82 0.85 21.32
O7A COA O . 20.32 0.70 21.45
O8A COA O . 22.59 -0.30 21.93
O9A COA O . 22.28 1.20 19.93
C4B COA O . 22.09 4.43 21.79
O4B COA O . 23.07 4.77 22.78
C5B COA O . 21.21 5.62 21.50
O5B COA O . 22.05 6.68 21.06
P1A COA O . 21.67 7.58 19.79
O1A COA O . 20.17 7.76 19.80
O2A COA O . 22.51 8.82 19.79
O3A COA O . 22.06 6.72 18.48
P2A COA O . 22.80 7.13 17.09
O4A COA O . 24.27 7.32 17.33
O5A COA O . 22.02 8.21 16.40
O6A COA O . 22.59 5.71 16.19
CBP COA O . 22.89 3.44 15.54
CCP COA O . 23.26 4.51 16.57
CDP COA O . 23.77 2.22 15.77
CEP COA O . 21.41 3.07 15.74
CAP COA O . 23.15 4.12 14.18
OAP COA O . 24.53 4.56 14.11
C9P COA O . 22.73 3.38 12.93
O9P COA O . 21.58 3.46 12.53
N8P COA O . 23.67 2.68 12.30
C7P COA O . 23.50 1.89 11.07
C6P COA O . 23.30 2.77 9.83
C5P COA O . 22.87 1.91 8.66
O5P COA O . 21.69 1.60 8.50
N4P COA O . 23.80 1.49 7.82
C3P COA O . 23.67 0.63 6.64
C2P COA O . 25.06 0.34 6.10
S1P COA O . 25.03 -0.62 4.56
FE1 SF4 P . 11.45 -62.84 -14.15
FE2 SF4 P . 13.21 -61.49 -12.55
FE3 SF4 P . 11.95 -60.18 -14.60
FE4 SF4 P . 13.88 -62.06 -15.14
S1 SF4 P . 14.16 -60.08 -14.06
S2 SF4 P . 11.85 -61.85 -16.16
S3 SF4 P . 13.50 -63.56 -13.46
S4 SF4 P . 10.98 -61.09 -12.75
FE1 SF4 Q . 11.83 -50.97 -20.33
FE2 SF4 Q . 11.76 -51.63 -22.97
FE3 SF4 Q . 14.14 -50.97 -21.81
FE4 SF4 Q . 12.91 -53.32 -21.16
S1 SF4 Q . 13.74 -52.73 -23.20
S2 SF4 Q . 13.85 -51.84 -19.72
S3 SF4 Q . 10.72 -52.71 -21.26
S4 SF4 Q . 12.33 -49.61 -22.10
FE1 SF4 R . 19.38 -38.63 -21.80
FE2 SF4 R . 18.99 -39.18 -19.15
FE3 SF4 R . 19.24 -36.58 -19.99
FE4 SF4 R . 21.41 -38.24 -20.03
S1 SF4 R . 20.25 -37.55 -18.18
S2 SF4 R . 20.75 -36.82 -21.67
S3 SF4 R . 20.43 -40.23 -20.57
S4 SF4 R . 17.58 -38.03 -20.53
N1' TPP S . 21.15 -20.76 -16.02
C2' TPP S . 19.96 -20.46 -15.53
CM2 TPP S . 19.85 -19.39 -14.43
N3' TPP S . 18.86 -21.07 -15.95
C4' TPP S . 18.91 -22.02 -16.91
N4' TPP S . 17.74 -22.69 -17.39
C5' TPP S . 20.16 -22.37 -17.45
C6' TPP S . 21.30 -21.68 -16.97
C7' TPP S . 20.27 -23.45 -18.58
N3 TPP S . 20.23 -24.80 -18.16
C2 TPP S . 19.13 -25.67 -18.19
S1 TPP S . 19.38 -27.20 -17.66
C5 TPP S . 20.92 -26.79 -17.35
C4 TPP S . 21.28 -25.47 -17.65
CM4 TPP S . 22.68 -24.86 -17.46
C6 TPP S . 21.90 -27.78 -16.75
C7 TPP S . 21.30 -29.15 -16.29
O7 TPP S . 22.38 -29.88 -15.69
PA TPP S . 22.14 -30.76 -14.39
O1A TPP S . 21.76 -29.90 -13.21
O2A TPP S . 23.43 -31.48 -14.09
O3A TPP S . 20.98 -31.81 -14.63
PB TPP S . 20.98 -32.88 -15.82
O1B TPP S . 20.19 -32.36 -17.00
O2B TPP S . 20.31 -34.13 -15.31
O3B TPP S . 22.40 -33.15 -16.26
MG MG T . 23.97 -33.54 -14.81
N1A COA U . 28.06 -41.35 -35.42
C2A COA U . 28.35 -41.30 -34.10
N3A COA U . 27.51 -40.75 -33.21
C4A COA U . 26.34 -40.23 -33.68
C5A COA U . 26.00 -40.26 -35.01
C6A COA U . 26.90 -40.84 -35.90
N6A COA U . 26.61 -40.89 -37.22
N7A COA U . 24.79 -39.68 -35.16
C8A COA U . 24.32 -39.27 -33.95
N9A COA U . 25.33 -39.62 -32.95
C1B COA U . 25.48 -38.79 -31.75
C2B COA U . 25.87 -37.37 -32.11
O2B COA U . 27.28 -37.16 -32.24
C3B COA U . 25.29 -36.57 -30.98
O3B COA U . 26.11 -36.80 -29.83
P3B COA U . 26.66 -35.64 -28.84
O7A COA U . 28.05 -35.33 -29.35
O8A COA U . 26.64 -36.26 -27.47
O9A COA U . 25.68 -34.51 -28.99
C4B COA U . 23.99 -37.31 -30.75
O4B COA U . 24.34 -38.68 -30.91
C5B COA U . 22.91 -36.95 -31.76
O5B COA U . 22.68 -35.54 -31.74
P1A COA U . 22.56 -34.70 -33.10
O1A COA U . 22.47 -33.25 -32.75
O2A COA U . 23.64 -35.11 -34.05
O3A COA U . 21.15 -35.15 -33.76
P2A COA U . 19.61 -35.18 -33.23
O4A COA U . 18.67 -34.92 -34.38
O5A COA U . 19.39 -36.37 -32.36
O6A COA U . 19.66 -33.82 -32.23
CBP COA U . 19.40 -32.58 -30.21
CCP COA U . 19.25 -33.94 -30.87
CDP COA U . 20.90 -32.26 -30.09
CEP COA U . 18.73 -31.57 -31.13
CAP COA U . 18.74 -32.65 -28.83
OAP COA U . 19.34 -33.71 -28.06
C9P COA U . 18.61 -31.34 -28.08
O9P COA U . 17.66 -30.59 -28.31
N8P COA U . 19.54 -31.04 -27.19
C7P COA U . 19.60 -29.82 -26.38
C6P COA U . 18.41 -29.71 -25.42
C5P COA U . 18.37 -28.34 -24.80
O5P COA U . 19.07 -27.43 -25.23
N4P COA U . 17.55 -28.14 -23.77
C3P COA U . 17.35 -26.90 -23.03
C2P COA U . 18.54 -26.70 -22.10
S1P COA U . 18.69 -25.01 -21.47
#